data_2QEE
#
_entry.id   2QEE
#
_cell.length_a   121.995
_cell.length_b   122.208
_cell.length_c   127.582
_cell.angle_alpha   78.85
_cell.angle_beta   78.95
_cell.angle_gamma   80.92
#
_symmetry.space_group_name_H-M   'P 1'
#
loop_
_entity.id
_entity.type
_entity.pdbx_description
1 polymer 'BH0493 protein'
2 non-polymer 'CHLORIDE ION'
3 non-polymer 'MAGNESIUM ION'
4 non-polymer 'ZINC ION'
5 water water
#
_entity_poly.entity_id   1
_entity_poly.type   'polypeptide(L)'
_entity_poly.pdbx_seq_one_letter_code
;MSLSINSREVLAEKVKNAVNNQPVTDMHTHLFSPNFGEILLWDIDELLTYHYLVAEVMRWTDVSIEAFWAMSKREQADLI
WEELFIKRSPVSEACRGVLTCLQGLGLDPATRDLQVYREYFAKKTSEEQVDTVLQLANVSDVVMTNDPFDDNERISWLEG
KQPDSRFHAALRLDPLLNEYEQTKHRLRDWGYKVNDEWNEGSIQEVKRFLTDWIERMDPVYMAVSLPPTFSFPEESNRGR
IIRDCLLPVAEKHNIPFAMMIGVKKRVHPALGDAGDFVGKASMDGVEHLLREYPNNKFLVTMLSRENQHELVVLARKFSN
LMIFGCWWFMNNPEIINEMTRMRMEMLGTSFIPQHSDARVLEQLIYKWHHSKSIIAEVLIDKYDDILQAGWEVTEEEIKR
DVADLFSRNFWRFVGRNDHVTSVKVEQQTEGHHHHHH
;
_entity_poly.pdbx_strand_id   A,B,C,D,E,F,G,H,I,J,K,L
#
# COMPACT_ATOMS: atom_id res chain seq x y z
N LEU A 3 20.50 21.43 30.82
CA LEU A 3 19.43 21.29 29.77
C LEU A 3 19.69 22.21 28.56
N SER A 4 20.88 22.79 28.52
CA SER A 4 21.30 23.73 27.48
C SER A 4 21.30 23.07 26.09
N ILE A 5 20.98 23.86 25.07
CA ILE A 5 21.01 23.40 23.68
C ILE A 5 22.44 23.57 23.19
N ASN A 6 23.03 22.45 22.79
CA ASN A 6 24.47 22.32 22.66
C ASN A 6 24.99 21.86 21.27
N SER A 7 24.11 21.47 20.36
CA SER A 7 24.52 21.02 19.02
C SER A 7 23.44 21.40 18.02
N ARG A 8 23.78 21.48 16.74
CA ARG A 8 22.75 21.74 15.71
C ARG A 8 21.64 20.68 15.71
N GLU A 9 22.02 19.41 15.86
CA GLU A 9 21.05 18.30 15.83
C GLU A 9 19.95 18.47 16.88
N VAL A 10 20.35 18.79 18.11
CA VAL A 10 19.39 19.00 19.19
C VAL A 10 18.53 20.26 18.94
N LEU A 11 19.18 21.32 18.49
CA LEU A 11 18.50 22.53 18.14
C LEU A 11 17.42 22.22 17.08
N ALA A 12 17.80 21.47 16.06
CA ALA A 12 16.86 21.20 14.93
C ALA A 12 15.58 20.56 15.43
N GLU A 13 15.71 19.58 16.32
CA GLU A 13 14.51 18.91 16.83
CA GLU A 13 14.54 18.89 16.90
C GLU A 13 13.66 19.86 17.65
N LYS A 14 14.28 20.70 18.50
CA LYS A 14 13.55 21.67 19.29
C LYS A 14 12.81 22.71 18.44
N VAL A 15 13.45 23.16 17.35
CA VAL A 15 12.84 24.21 16.53
C VAL A 15 11.68 23.59 15.74
N LYS A 16 11.92 22.43 15.12
CA LYS A 16 10.84 21.77 14.34
C LYS A 16 9.64 21.50 15.25
N ASN A 17 9.88 20.97 16.45
CA ASN A 17 8.73 20.79 17.39
C ASN A 17 7.98 22.09 17.70
N ALA A 18 8.71 23.17 18.01
CA ALA A 18 8.12 24.47 18.34
C ALA A 18 7.30 24.95 17.15
N VAL A 19 7.92 24.93 15.97
CA VAL A 19 7.19 25.34 14.73
C VAL A 19 5.92 24.51 14.47
N ASN A 20 6.07 23.18 14.52
CA ASN A 20 4.94 22.29 14.29
C ASN A 20 3.84 22.54 15.32
N ASN A 21 4.23 22.76 16.57
CA ASN A 21 3.24 22.86 17.66
C ASN A 21 2.58 24.19 17.80
N GLN A 22 3.18 25.25 17.25
CA GLN A 22 2.65 26.59 17.41
C GLN A 22 1.34 26.79 16.63
N PRO A 23 0.24 27.15 17.32
CA PRO A 23 -0.95 27.47 16.55
C PRO A 23 -0.79 28.71 15.67
N VAL A 24 -1.31 28.63 14.46
CA VAL A 24 -1.12 29.68 13.50
C VAL A 24 -2.30 30.64 13.44
N THR A 25 -2.01 31.93 13.39
CA THR A 25 -2.98 32.84 12.85
C THR A 25 -2.69 33.06 11.38
N ASP A 26 -3.66 32.78 10.53
CA ASP A 26 -3.46 32.93 9.08
C ASP A 26 -4.06 34.23 8.70
N MET A 27 -3.24 35.27 8.45
CA MET A 27 -3.78 36.60 8.49
C MET A 27 -4.33 37.13 7.18
N HIS A 28 -4.33 36.30 6.13
CA HIS A 28 -5.03 36.71 4.90
C HIS A 28 -5.42 35.41 4.15
N THR A 29 -6.74 35.17 4.02
CA THR A 29 -7.27 34.00 3.32
C THR A 29 -8.52 34.43 2.55
N HIS A 30 -9.01 33.50 1.72
CA HIS A 30 -10.29 33.63 1.02
C HIS A 30 -11.24 32.55 1.51
N LEU A 31 -11.14 32.24 2.79
CA LEU A 31 -12.08 31.25 3.41
C LEU A 31 -13.14 32.00 4.14
N PHE A 32 -14.24 31.30 4.47
CA PHE A 32 -15.30 31.98 5.20
C PHE A 32 -15.74 31.08 6.33
N SER A 33 -16.20 31.67 7.43
CA SER A 33 -16.83 30.89 8.50
C SER A 33 -17.90 29.99 7.87
N PRO A 34 -18.02 28.76 8.36
CA PRO A 34 -18.83 27.74 7.70
C PRO A 34 -20.32 28.09 7.73
N ASN A 35 -20.74 28.86 8.74
CA ASN A 35 -22.13 29.36 8.76
C ASN A 35 -22.44 30.36 7.65
N PHE A 36 -21.43 30.80 6.91
CA PHE A 36 -21.69 31.68 5.78
C PHE A 36 -22.14 30.90 4.55
N GLY A 37 -22.11 29.56 4.62
CA GLY A 37 -22.69 28.73 3.58
C GLY A 37 -21.71 28.33 2.50
N GLU A 38 -22.23 28.15 1.27
CA GLU A 38 -21.53 27.54 0.14
C GLU A 38 -20.31 28.32 -0.31
N ILE A 39 -20.22 29.60 0.04
CA ILE A 39 -19.05 30.39 -0.35
C ILE A 39 -17.76 29.90 0.29
N LEU A 40 -17.88 29.17 1.40
CA LEU A 40 -16.74 28.39 1.92
C LEU A 40 -16.54 27.19 0.97
N LEU A 41 -15.46 27.20 0.18
CA LEU A 41 -15.20 26.06 -0.73
C LEU A 41 -14.36 25.00 -0.06
N TRP A 42 -14.67 23.73 -0.30
CA TRP A 42 -13.88 22.64 0.24
C TRP A 42 -14.11 21.38 -0.56
N ASP A 43 -13.14 20.48 -0.47
CA ASP A 43 -13.11 19.13 -1.05
C ASP A 43 -12.09 18.96 -2.18
N ILE A 44 -11.90 17.72 -2.60
CA ILE A 44 -10.84 17.35 -3.54
C ILE A 44 -11.12 17.90 -4.93
N ASP A 45 -12.38 17.95 -5.37
CA ASP A 45 -12.67 18.65 -6.62
C ASP A 45 -12.40 20.15 -6.58
N GLU A 46 -12.69 20.81 -5.46
CA GLU A 46 -12.36 22.21 -5.32
C GLU A 46 -10.81 22.36 -5.31
N LEU A 47 -10.11 21.49 -4.57
CA LEU A 47 -8.61 21.57 -4.53
C LEU A 47 -8.05 21.44 -5.94
N LEU A 48 -8.55 20.46 -6.70
CA LEU A 48 -8.04 20.23 -8.07
C LEU A 48 -8.40 21.33 -9.07
N THR A 49 -9.55 22.00 -8.88
CA THR A 49 -9.95 23.02 -9.83
C THR A 49 -9.58 24.47 -9.39
N TYR A 50 -8.77 24.59 -8.32
CA TYR A 50 -8.10 25.85 -7.90
C TYR A 50 -7.49 26.49 -9.14
N HIS A 51 -7.55 27.82 -9.21
CA HIS A 51 -7.15 28.49 -10.46
C HIS A 51 -5.65 28.25 -10.77
N TYR A 52 -4.83 28.05 -9.74
CA TYR A 52 -3.38 27.76 -9.99
C TYR A 52 -3.25 26.53 -10.89
N LEU A 53 -4.11 25.54 -10.66
CA LEU A 53 -4.07 24.30 -11.43
C LEU A 53 -4.72 24.44 -12.79
N VAL A 54 -5.74 25.29 -12.87
CA VAL A 54 -6.27 25.63 -14.22
C VAL A 54 -5.19 26.19 -15.16
N ALA A 55 -4.39 27.15 -14.67
CA ALA A 55 -3.28 27.70 -15.49
C ALA A 55 -2.37 26.54 -15.91
N GLU A 56 -1.99 25.71 -14.93
CA GLU A 56 -1.04 24.66 -15.25
C GLU A 56 -1.60 23.64 -16.27
N VAL A 57 -2.86 23.22 -16.12
CA VAL A 57 -3.40 22.17 -17.03
C VAL A 57 -3.51 22.71 -18.46
N MET A 58 -3.78 24.02 -18.58
CA MET A 58 -3.90 24.61 -19.93
C MET A 58 -2.56 24.67 -20.65
N ARG A 59 -1.43 24.51 -19.93
CA ARG A 59 -0.16 24.35 -20.65
C ARG A 59 0.02 23.04 -21.32
N TRP A 60 -0.79 22.05 -20.94
CA TRP A 60 -0.61 20.67 -21.45
C TRP A 60 -1.74 20.20 -22.32
N THR A 61 -2.94 20.44 -21.86
CA THR A 61 -4.12 19.78 -22.43
C THR A 61 -4.46 20.28 -23.82
N ASP A 62 -5.06 19.38 -24.61
CA ASP A 62 -5.67 19.74 -25.90
C ASP A 62 -7.10 20.20 -25.80
N VAL A 63 -7.76 19.97 -24.67
CA VAL A 63 -9.07 20.54 -24.39
C VAL A 63 -9.03 22.08 -24.43
N SER A 64 -9.94 22.71 -25.17
CA SER A 64 -9.93 24.16 -25.28
C SER A 64 -10.37 24.78 -23.95
N ILE A 65 -10.01 26.05 -23.72
CA ILE A 65 -10.48 26.72 -22.52
C ILE A 65 -12.02 26.79 -22.45
N GLU A 66 -12.67 27.04 -23.59
CA GLU A 66 -14.16 27.06 -23.66
C GLU A 66 -14.73 25.71 -23.23
N ALA A 67 -14.21 24.65 -23.83
CA ALA A 67 -14.60 23.27 -23.51
C ALA A 67 -14.35 22.94 -22.02
N PHE A 68 -13.19 23.36 -21.52
CA PHE A 68 -12.91 23.23 -20.11
C PHE A 68 -13.98 23.88 -19.21
N TRP A 69 -14.32 25.15 -19.43
CA TRP A 69 -15.28 25.81 -18.57
C TRP A 69 -16.67 25.19 -18.68
N ALA A 70 -16.93 24.51 -19.79
CA ALA A 70 -18.21 23.83 -20.01
C ALA A 70 -18.32 22.48 -19.28
N MET A 71 -17.19 21.92 -18.87
CA MET A 71 -17.19 20.70 -18.07
C MET A 71 -17.75 20.94 -16.67
N SER A 72 -18.29 19.91 -16.05
CA SER A 72 -18.72 19.99 -14.66
C SER A 72 -17.46 20.06 -13.83
N LYS A 73 -17.59 20.47 -12.55
CA LYS A 73 -16.45 20.50 -11.62
C LYS A 73 -15.74 19.13 -11.54
N ARG A 74 -16.50 18.06 -11.38
CA ARG A 74 -15.92 16.72 -11.31
C ARG A 74 -15.12 16.36 -12.56
N GLU A 75 -15.68 16.67 -13.74
CA GLU A 75 -14.95 16.43 -14.98
C GLU A 75 -13.66 17.29 -15.09
N GLN A 76 -13.75 18.52 -14.67
CA GLN A 76 -12.56 19.41 -14.66
C GLN A 76 -11.49 18.80 -13.76
N ALA A 77 -11.91 18.33 -12.59
CA ALA A 77 -10.98 17.74 -11.62
C ALA A 77 -10.35 16.49 -12.22
N ASP A 78 -11.18 15.62 -12.82
CA ASP A 78 -10.67 14.44 -13.51
C ASP A 78 -9.62 14.77 -14.58
N LEU A 79 -9.88 15.80 -15.40
CA LEU A 79 -8.96 16.17 -16.49
C LEU A 79 -7.63 16.64 -15.88
N ILE A 80 -7.74 17.49 -14.87
CA ILE A 80 -6.54 18.03 -14.19
C ILE A 80 -5.74 16.89 -13.54
N TRP A 81 -6.43 15.95 -12.91
CA TRP A 81 -5.74 14.80 -12.36
C TRP A 81 -4.99 14.05 -13.47
N GLU A 82 -5.69 13.72 -14.55
CA GLU A 82 -5.03 12.95 -15.61
C GLU A 82 -3.83 13.71 -16.22
N GLU A 83 -4.00 15.00 -16.50
CA GLU A 83 -3.01 15.74 -17.26
C GLU A 83 -1.82 16.11 -16.38
N LEU A 84 -2.06 16.44 -15.09
CA LEU A 84 -0.95 16.96 -14.24
C LEU A 84 -0.38 15.99 -13.26
N PHE A 85 -1.07 14.87 -13.03
CA PHE A 85 -0.60 13.88 -12.07
C PHE A 85 -0.31 12.53 -12.67
N ILE A 86 -1.12 12.12 -13.66
CA ILE A 86 -0.93 10.80 -14.28
C ILE A 86 0.04 10.86 -15.50
N LYS A 87 -0.20 11.79 -16.44
CA LYS A 87 0.62 11.89 -17.68
C LYS A 87 2.00 12.54 -17.49
N ARG A 88 2.14 13.37 -16.44
CA ARG A 88 3.42 13.92 -16.04
C ARG A 88 3.45 13.85 -14.49
N SER A 89 4.64 13.82 -13.92
CA SER A 89 4.70 13.68 -12.41
C SER A 89 4.25 15.01 -11.83
N PRO A 90 3.45 14.98 -10.73
CA PRO A 90 2.88 16.17 -10.11
C PRO A 90 3.92 16.92 -9.29
N VAL A 91 4.97 17.38 -9.95
CA VAL A 91 6.12 17.98 -9.21
C VAL A 91 5.97 19.48 -8.90
N SER A 92 5.01 20.16 -9.53
CA SER A 92 4.86 21.59 -9.29
C SER A 92 4.41 21.85 -7.84
N GLU A 93 4.66 23.08 -7.35
CA GLU A 93 4.25 23.38 -5.96
C GLU A 93 2.72 23.17 -5.73
N ALA A 94 1.89 23.62 -6.69
CA ALA A 94 0.45 23.50 -6.51
C ALA A 94 -0.01 22.04 -6.59
N CYS A 95 0.62 21.24 -7.46
CA CYS A 95 0.29 19.82 -7.55
C CYS A 95 0.72 19.08 -6.31
N ARG A 96 1.97 19.28 -5.92
CA ARG A 96 2.44 18.75 -4.60
C ARG A 96 1.47 19.08 -3.45
N GLY A 97 0.95 20.30 -3.46
CA GLY A 97 0.06 20.77 -2.37
C GLY A 97 -1.19 19.91 -2.26
N VAL A 98 -1.81 19.58 -3.41
CA VAL A 98 -2.99 18.67 -3.38
C VAL A 98 -2.64 17.35 -2.70
N LEU A 99 -1.44 16.79 -2.96
CA LEU A 99 -1.05 15.50 -2.39
C LEU A 99 -0.84 15.66 -0.89
N THR A 100 -0.21 16.77 -0.49
CA THR A 100 -0.04 17.04 0.97
C THR A 100 -1.39 17.01 1.73
N CYS A 101 -2.41 17.65 1.15
CA CYS A 101 -3.75 17.73 1.77
C CYS A 101 -4.34 16.33 1.87
N LEU A 102 -4.32 15.60 0.76
CA LEU A 102 -4.80 14.23 0.78
C LEU A 102 -4.16 13.42 1.88
N GLN A 103 -2.85 13.41 1.88
CA GLN A 103 -2.14 12.66 2.93
C GLN A 103 -2.53 13.13 4.34
N GLY A 104 -2.69 14.44 4.51
CA GLY A 104 -2.97 15.04 5.84
C GLY A 104 -4.29 14.52 6.37
N LEU A 105 -5.25 14.38 5.45
CA LEU A 105 -6.59 13.86 5.77
C LEU A 105 -6.59 12.32 6.01
N GLY A 106 -5.44 11.65 5.87
CA GLY A 106 -5.37 10.18 6.06
C GLY A 106 -5.74 9.38 4.83
N LEU A 107 -5.91 10.09 3.71
CA LEU A 107 -6.12 9.47 2.40
C LEU A 107 -4.77 9.03 1.86
N ASP A 108 -4.74 8.11 0.91
CA ASP A 108 -3.48 7.55 0.47
C ASP A 108 -3.20 7.92 -0.97
N PRO A 109 -2.31 8.90 -1.21
CA PRO A 109 -2.00 9.21 -2.61
C PRO A 109 -1.37 8.08 -3.41
N ALA A 110 -0.81 7.05 -2.77
CA ALA A 110 -0.24 5.89 -3.49
C ALA A 110 -1.24 5.26 -4.44
N THR A 111 -2.53 5.25 -4.09
CA THR A 111 -3.55 4.58 -4.94
C THR A 111 -3.96 5.42 -6.15
N ARG A 112 -3.74 6.73 -6.07
CA ARG A 112 -4.20 7.67 -7.11
C ARG A 112 -5.71 7.55 -7.36
N ASP A 113 -6.46 7.12 -6.34
CA ASP A 113 -7.87 6.79 -6.54
C ASP A 113 -8.80 7.94 -6.20
N LEU A 114 -9.04 8.83 -7.16
CA LEU A 114 -9.81 10.04 -6.94
C LEU A 114 -11.25 9.69 -6.57
N GLN A 115 -11.75 8.58 -7.10
CA GLN A 115 -13.13 8.16 -6.69
C GLN A 115 -13.23 7.90 -5.18
N VAL A 116 -12.26 7.16 -4.65
CA VAL A 116 -12.19 6.89 -3.21
C VAL A 116 -11.98 8.18 -2.40
N TYR A 117 -11.08 9.07 -2.86
CA TYR A 117 -10.89 10.29 -2.11
C TYR A 117 -12.20 11.10 -1.99
N ARG A 118 -12.93 11.18 -3.09
CA ARG A 118 -14.19 11.87 -3.09
C ARG A 118 -15.15 11.36 -2.01
N GLU A 119 -15.09 10.07 -1.71
CA GLU A 119 -16.04 9.44 -0.74
C GLU A 119 -15.83 10.00 0.65
N TYR A 120 -14.59 10.38 0.94
CA TYR A 120 -14.27 11.00 2.21
C TYR A 120 -15.08 12.24 2.46
N PHE A 121 -15.16 13.10 1.45
CA PHE A 121 -15.76 14.40 1.61
C PHE A 121 -17.27 14.30 1.64
N ALA A 122 -17.80 13.32 0.93
CA ALA A 122 -19.27 13.15 0.82
C ALA A 122 -19.93 12.80 2.17
N LYS A 123 -19.16 12.28 3.13
CA LYS A 123 -19.75 11.93 4.42
C LYS A 123 -19.76 13.04 5.47
N LYS A 124 -19.24 14.22 5.14
CA LYS A 124 -19.03 15.25 6.15
C LYS A 124 -19.82 16.52 5.91
N THR A 125 -20.06 17.26 6.98
CA THR A 125 -20.63 18.60 6.86
C THR A 125 -19.47 19.58 6.77
N SER A 126 -19.76 20.80 6.35
CA SER A 126 -18.77 21.91 6.33
C SER A 126 -18.14 22.14 7.71
N GLU A 127 -18.98 22.13 8.74
CA GLU A 127 -18.54 22.32 10.13
C GLU A 127 -17.55 21.26 10.56
N GLU A 128 -17.86 20.00 10.28
CA GLU A 128 -16.95 18.93 10.61
C GLU A 128 -15.62 19.10 9.89
N GLN A 129 -15.70 19.50 8.62
CA GLN A 129 -14.47 19.63 7.79
C GLN A 129 -13.60 20.78 8.28
N VAL A 130 -14.21 21.90 8.66
CA VAL A 130 -13.48 23.00 9.28
C VAL A 130 -12.80 22.51 10.55
N ASP A 131 -13.54 21.82 11.44
CA ASP A 131 -12.85 21.29 12.62
C ASP A 131 -11.63 20.43 12.29
N THR A 132 -11.80 19.52 11.34
CA THR A 132 -10.75 18.60 10.92
C THR A 132 -9.56 19.36 10.38
N VAL A 133 -9.84 20.26 9.44
CA VAL A 133 -8.79 20.99 8.73
C VAL A 133 -8.04 21.92 9.68
N LEU A 134 -8.75 22.69 10.50
CA LEU A 134 -8.02 23.58 11.43
C LEU A 134 -7.20 22.83 12.46
N GLN A 135 -7.64 21.61 12.81
CA GLN A 135 -6.85 20.75 13.71
C GLN A 135 -5.57 20.29 13.00
N LEU A 136 -5.73 19.71 11.82
CA LEU A 136 -4.60 19.17 11.08
C LEU A 136 -3.62 20.25 10.67
N ALA A 137 -4.10 21.42 10.24
CA ALA A 137 -3.22 22.56 9.89
C ALA A 137 -2.70 23.33 11.12
N ASN A 138 -3.20 22.96 12.32
CA ASN A 138 -2.88 23.72 13.56
C ASN A 138 -3.05 25.26 13.39
N VAL A 139 -4.21 25.68 12.84
CA VAL A 139 -4.54 27.07 12.67
C VAL A 139 -5.65 27.40 13.68
N SER A 140 -5.35 28.36 14.55
CA SER A 140 -6.32 28.80 15.58
C SER A 140 -7.25 29.92 15.07
N ASP A 141 -6.75 30.73 14.14
CA ASP A 141 -7.45 31.90 13.70
C ASP A 141 -7.26 32.14 12.23
N VAL A 142 -8.38 32.40 11.55
CA VAL A 142 -8.40 32.62 10.10
C VAL A 142 -8.91 34.04 9.84
N VAL A 143 -8.14 34.84 9.10
CA VAL A 143 -8.67 36.12 8.66
C VAL A 143 -9.26 35.97 7.25
N MET A 144 -10.55 36.36 7.11
CA MET A 144 -11.27 36.23 5.83
C MET A 144 -11.00 37.43 4.96
N THR A 145 -11.49 37.39 3.70
CA THR A 145 -11.59 38.56 2.84
C THR A 145 -13.09 38.79 2.61
N ASN A 146 -13.60 39.85 3.22
CA ASN A 146 -15.07 40.11 3.17
C ASN A 146 -15.35 41.34 2.34
N ASP A 147 -16.05 41.09 1.24
CA ASP A 147 -16.29 42.07 0.21
C ASP A 147 -17.75 42.52 0.24
N PRO A 148 -18.01 43.71 0.79
CA PRO A 148 -19.37 44.26 0.87
C PRO A 148 -19.97 44.63 -0.50
N PHE A 149 -19.19 44.59 -1.57
CA PHE A 149 -19.70 44.84 -2.91
C PHE A 149 -20.21 43.56 -3.60
N ASP A 150 -19.94 42.39 -3.00
CA ASP A 150 -20.48 41.14 -3.51
C ASP A 150 -21.87 40.91 -2.90
N ASP A 151 -22.88 40.80 -3.77
CA ASP A 151 -24.25 40.74 -3.29
C ASP A 151 -24.45 39.60 -2.33
N ASN A 152 -23.89 38.44 -2.67
CA ASN A 152 -23.99 37.24 -1.85
C ASN A 152 -23.47 37.51 -0.44
N GLU A 153 -22.21 37.92 -0.37
CA GLU A 153 -21.57 38.18 0.90
C GLU A 153 -22.30 39.24 1.71
N ARG A 154 -22.74 40.29 1.03
CA ARG A 154 -23.48 41.43 1.61
CA ARG A 154 -23.39 41.40 1.71
C ARG A 154 -24.68 41.02 2.44
N ILE A 155 -25.52 40.15 1.85
CA ILE A 155 -26.81 39.75 2.48
C ILE A 155 -26.55 39.20 3.86
N SER A 156 -25.59 38.28 3.92
CA SER A 156 -25.25 37.64 5.16
C SER A 156 -24.92 38.67 6.28
N TRP A 157 -24.06 39.64 5.96
CA TRP A 157 -23.73 40.70 6.92
C TRP A 157 -24.96 41.55 7.25
N LEU A 158 -25.74 41.85 6.22
CA LEU A 158 -27.00 42.63 6.39
C LEU A 158 -28.07 41.91 7.25
N GLU A 159 -28.09 40.59 7.19
CA GLU A 159 -28.90 39.81 8.14
C GLU A 159 -28.32 39.67 9.55
N GLY A 160 -27.16 40.28 9.82
CA GLY A 160 -26.53 40.20 11.14
C GLY A 160 -25.84 38.88 11.46
N LYS A 161 -25.53 38.10 10.43
CA LYS A 161 -24.75 36.87 10.60
C LYS A 161 -23.34 37.23 11.06
N GLN A 162 -22.91 36.65 12.17
CA GLN A 162 -21.54 36.84 12.66
C GLN A 162 -20.71 35.56 12.42
N PRO A 163 -19.42 35.72 12.09
CA PRO A 163 -18.60 34.50 11.98
C PRO A 163 -18.38 33.82 13.33
N ASP A 164 -18.12 32.53 13.25
CA ASP A 164 -17.48 31.71 14.23
C ASP A 164 -16.30 32.50 14.84
N SER A 165 -15.91 32.26 16.11
CA SER A 165 -14.93 33.10 16.78
C SER A 165 -13.49 32.83 16.23
N ARG A 166 -13.36 31.76 15.47
CA ARG A 166 -12.07 31.39 14.83
C ARG A 166 -11.83 32.20 13.55
N PHE A 167 -12.88 32.85 13.06
CA PHE A 167 -12.83 33.58 11.80
C PHE A 167 -12.99 35.07 12.01
N HIS A 168 -12.07 35.86 11.46
CA HIS A 168 -12.01 37.27 11.64
C HIS A 168 -12.19 38.00 10.31
N ALA A 169 -12.87 39.14 10.35
CA ALA A 169 -13.22 39.80 9.15
C ALA A 169 -12.11 40.74 8.68
N ALA A 170 -12.07 40.95 7.38
CA ALA A 170 -11.22 42.02 6.86
C ALA A 170 -11.97 42.64 5.72
N LEU A 171 -12.00 43.97 5.70
CA LEU A 171 -12.86 44.71 4.76
C LEU A 171 -12.16 44.93 3.43
N ARG A 172 -12.60 44.21 2.39
CA ARG A 172 -12.03 44.36 1.04
C ARG A 172 -12.60 45.57 0.26
N LEU A 173 -11.72 46.45 -0.22
CA LEU A 173 -12.16 47.74 -0.81
C LEU A 173 -11.82 47.92 -2.30
N ASP A 174 -11.37 46.88 -3.00
CA ASP A 174 -11.00 47.05 -4.41
C ASP A 174 -12.04 47.76 -5.27
N PRO A 175 -13.33 47.36 -5.17
CA PRO A 175 -14.25 48.09 -6.07
C PRO A 175 -14.35 49.60 -5.79
N LEU A 176 -14.23 49.99 -4.53
CA LEU A 176 -14.33 51.38 -4.11
C LEU A 176 -13.12 52.16 -4.55
N LEU A 177 -11.94 51.58 -4.29
CA LEU A 177 -10.68 52.26 -4.58
C LEU A 177 -10.27 52.24 -6.04
N ASN A 178 -10.47 51.10 -6.70
CA ASN A 178 -9.98 50.88 -8.05
C ASN A 178 -11.02 51.07 -9.14
N GLU A 179 -12.30 51.11 -8.74
CA GLU A 179 -13.38 51.16 -9.73
C GLU A 179 -14.47 52.13 -9.31
N TYR A 180 -14.07 53.27 -8.77
CA TYR A 180 -15.01 54.24 -8.24
C TYR A 180 -16.06 54.73 -9.23
N GLU A 181 -15.63 55.10 -10.44
CA GLU A 181 -16.61 55.55 -11.44
C GLU A 181 -17.80 54.60 -11.49
N GLN A 182 -17.52 53.32 -11.61
CA GLN A 182 -18.56 52.29 -11.68
C GLN A 182 -19.22 52.04 -10.32
N THR A 183 -18.45 52.12 -9.24
CA THR A 183 -18.98 51.78 -7.93
C THR A 183 -19.80 52.87 -7.26
N LYS A 184 -19.59 54.13 -7.65
CA LYS A 184 -20.32 55.25 -7.03
C LYS A 184 -21.85 55.16 -7.19
N HIS A 185 -22.29 54.50 -8.26
CA HIS A 185 -23.71 54.33 -8.53
C HIS A 185 -24.35 53.38 -7.51
N ARG A 186 -23.59 52.37 -7.11
CA ARG A 186 -24.06 51.41 -6.10
C ARG A 186 -24.10 52.04 -4.74
N LEU A 187 -23.07 52.84 -4.44
CA LEU A 187 -23.01 53.59 -3.20
C LEU A 187 -24.28 54.43 -3.06
N ARG A 188 -24.66 55.11 -4.14
CA ARG A 188 -25.90 55.91 -4.06
C ARG A 188 -27.19 55.09 -4.00
N ASP A 189 -27.26 53.96 -4.70
CA ASP A 189 -28.32 52.98 -4.44
C ASP A 189 -28.41 52.58 -2.97
N TRP A 190 -27.26 52.52 -2.28
CA TRP A 190 -27.22 52.17 -0.86
C TRP A 190 -27.42 53.37 0.08
N GLY A 191 -27.70 54.54 -0.49
CA GLY A 191 -28.03 55.71 0.32
C GLY A 191 -26.84 56.56 0.70
N TYR A 192 -25.71 56.28 0.06
CA TYR A 192 -24.53 57.13 0.23
C TYR A 192 -24.57 58.17 -0.88
N LYS A 193 -24.86 59.39 -0.49
CA LYS A 193 -25.11 60.47 -1.44
C LYS A 193 -23.81 61.08 -1.89
N VAL A 194 -23.04 60.29 -2.64
CA VAL A 194 -21.82 60.82 -3.22
C VAL A 194 -22.18 61.64 -4.47
N ASN A 195 -21.48 62.77 -4.63
CA ASN A 195 -21.73 63.67 -5.73
C ASN A 195 -20.85 63.36 -6.91
N ASP A 196 -21.19 63.97 -8.04
CA ASP A 196 -20.41 63.81 -9.25
C ASP A 196 -19.05 64.45 -9.08
N GLU A 197 -18.98 65.51 -8.28
CA GLU A 197 -17.68 66.09 -7.98
C GLU A 197 -17.15 65.59 -6.63
N TRP A 198 -15.83 65.57 -6.51
CA TRP A 198 -15.18 65.19 -5.26
C TRP A 198 -15.16 66.37 -4.28
N ASN A 199 -16.27 66.56 -3.56
CA ASN A 199 -16.39 67.66 -2.61
C ASN A 199 -16.57 67.11 -1.21
N GLU A 200 -16.86 67.98 -0.26
CA GLU A 200 -17.01 67.58 1.13
C GLU A 200 -18.16 66.59 1.31
N GLY A 201 -19.20 66.75 0.51
CA GLY A 201 -20.34 65.84 0.56
C GLY A 201 -19.89 64.43 0.26
N SER A 202 -19.26 64.27 -0.90
CA SER A 202 -18.70 63.01 -1.36
C SER A 202 -17.75 62.41 -0.31
N ILE A 203 -16.77 63.19 0.12
CA ILE A 203 -15.83 62.77 1.17
C ILE A 203 -16.53 62.19 2.38
N GLN A 204 -17.53 62.92 2.92
CA GLN A 204 -18.19 62.48 4.14
C GLN A 204 -19.01 61.20 3.96
N GLU A 205 -19.60 61.04 2.78
CA GLU A 205 -20.45 59.86 2.52
C GLU A 205 -19.61 58.60 2.27
N VAL A 206 -18.48 58.76 1.57
CA VAL A 206 -17.50 57.65 1.51
C VAL A 206 -16.98 57.29 2.92
N LYS A 207 -16.63 58.27 3.74
CA LYS A 207 -16.26 57.96 5.13
C LYS A 207 -17.36 57.22 5.88
N ARG A 208 -18.62 57.64 5.66
CA ARG A 208 -19.77 56.99 6.31
C ARG A 208 -19.90 55.54 5.87
N PHE A 209 -19.64 55.30 4.59
CA PHE A 209 -19.68 53.93 4.05
C PHE A 209 -18.63 53.07 4.73
N LEU A 210 -17.42 53.62 4.84
CA LEU A 210 -16.34 52.94 5.54
C LEU A 210 -16.70 52.67 6.99
N THR A 211 -17.15 53.72 7.70
CA THR A 211 -17.48 53.59 9.11
C THR A 211 -18.64 52.60 9.33
N ASP A 212 -19.65 52.64 8.48
CA ASP A 212 -20.75 51.67 8.58
C ASP A 212 -20.26 50.25 8.49
N TRP A 213 -19.40 50.00 7.49
CA TRP A 213 -18.89 48.63 7.32
C TRP A 213 -17.92 48.17 8.43
N ILE A 214 -17.16 49.13 8.97
CA ILE A 214 -16.30 48.87 10.15
C ILE A 214 -17.15 48.42 11.32
N GLU A 215 -18.25 49.14 11.53
CA GLU A 215 -19.22 48.79 12.57
C GLU A 215 -19.77 47.38 12.38
N ARG A 216 -20.19 47.07 11.17
CA ARG A 216 -20.86 45.80 10.93
C ARG A 216 -19.84 44.65 11.05
N MET A 217 -18.68 44.86 10.42
CA MET A 217 -17.68 43.79 10.28
C MET A 217 -16.70 43.63 11.41
N ASP A 218 -16.41 44.73 12.11
CA ASP A 218 -15.32 44.79 13.08
C ASP A 218 -14.05 44.21 12.45
N PRO A 219 -13.63 44.77 11.30
CA PRO A 219 -12.49 44.18 10.56
C PRO A 219 -11.16 44.39 11.25
N VAL A 220 -10.22 43.44 11.06
CA VAL A 220 -8.88 43.59 11.68
C VAL A 220 -8.02 44.53 10.84
N TYR A 221 -8.37 44.68 9.56
CA TYR A 221 -7.76 45.65 8.67
C TYR A 221 -8.68 45.88 7.46
N MET A 222 -8.38 46.94 6.71
CA MET A 222 -9.02 47.21 5.41
C MET A 222 -7.97 46.98 4.33
N ALA A 223 -8.38 46.34 3.23
CA ALA A 223 -7.44 45.82 2.23
C ALA A 223 -7.77 46.18 0.80
N VAL A 224 -6.73 46.29 -0.04
CA VAL A 224 -6.89 46.54 -1.49
C VAL A 224 -5.73 45.89 -2.20
N SER A 225 -6.00 45.35 -3.40
CA SER A 225 -4.88 44.91 -4.24
CA SER A 225 -4.93 44.86 -4.29
C SER A 225 -4.68 45.91 -5.36
N LEU A 226 -3.42 46.08 -5.74
CA LEU A 226 -3.03 47.26 -6.52
C LEU A 226 -2.08 46.87 -7.65
N PRO A 227 -2.10 47.62 -8.76
CA PRO A 227 -1.35 47.28 -9.95
C PRO A 227 0.14 47.70 -9.82
N PRO A 228 1.02 47.16 -10.69
CA PRO A 228 2.44 47.55 -10.64
C PRO A 228 2.64 49.06 -10.78
N THR A 229 1.66 49.71 -11.44
CA THR A 229 1.72 51.14 -11.73
C THR A 229 1.28 52.00 -10.52
N PHE A 230 0.99 51.36 -9.40
CA PHE A 230 0.49 52.05 -8.22
C PHE A 230 1.35 53.26 -7.84
N SER A 231 0.71 54.43 -7.71
CA SER A 231 1.42 55.62 -7.27
C SER A 231 0.58 56.41 -6.28
N PHE A 232 1.27 57.07 -5.35
CA PHE A 232 0.64 57.90 -4.36
C PHE A 232 1.60 58.96 -3.89
N PRO A 233 1.15 60.25 -3.83
CA PRO A 233 -0.16 60.86 -4.17
C PRO A 233 -0.51 60.67 -5.62
N GLU A 234 -1.79 60.76 -5.94
CA GLU A 234 -2.20 60.71 -7.31
C GLU A 234 -3.53 61.43 -7.40
N GLU A 235 -3.72 62.27 -8.41
CA GLU A 235 -5.00 62.92 -8.57
C GLU A 235 -5.86 61.97 -9.39
N SER A 236 -6.38 60.94 -8.72
CA SER A 236 -7.25 59.94 -9.33
C SER A 236 -8.28 59.67 -8.29
N ASN A 237 -9.33 58.92 -8.65
CA ASN A 237 -10.29 58.54 -7.63
C ASN A 237 -9.63 57.75 -6.49
N ARG A 238 -8.75 56.82 -6.86
CA ARG A 238 -8.05 56.05 -5.81
C ARG A 238 -7.26 56.97 -4.91
N GLY A 239 -6.47 57.89 -5.50
CA GLY A 239 -5.60 58.73 -4.72
C GLY A 239 -6.38 59.64 -3.80
N ARG A 240 -7.52 60.14 -4.29
CA ARG A 240 -8.35 61.02 -3.46
C ARG A 240 -9.06 60.29 -2.33
N ILE A 241 -9.62 59.12 -2.61
CA ILE A 241 -10.30 58.31 -1.58
C ILE A 241 -9.34 57.89 -0.45
N ILE A 242 -8.15 57.42 -0.83
CA ILE A 242 -7.17 57.03 0.17
C ILE A 242 -6.79 58.24 1.06
N ARG A 243 -6.48 59.37 0.45
CA ARG A 243 -6.03 60.58 1.16
C ARG A 243 -7.15 61.16 2.05
N ASP A 244 -8.33 61.32 1.46
CA ASP A 244 -9.44 62.06 2.08
C ASP A 244 -10.34 61.22 2.97
N CYS A 245 -10.45 59.93 2.68
CA CYS A 245 -11.38 59.06 3.41
C CYS A 245 -10.72 57.91 4.15
N LEU A 246 -10.00 57.07 3.41
CA LEU A 246 -9.51 55.80 3.98
C LEU A 246 -8.54 56.10 5.12
N LEU A 247 -7.53 56.92 4.85
CA LEU A 247 -6.51 57.13 5.86
C LEU A 247 -7.04 57.76 7.14
N PRO A 248 -7.82 58.85 7.02
CA PRO A 248 -8.39 59.44 8.25
C PRO A 248 -9.25 58.45 9.08
N VAL A 249 -10.10 57.68 8.39
CA VAL A 249 -10.97 56.69 9.04
C VAL A 249 -10.14 55.59 9.72
N ALA A 250 -9.16 55.08 8.97
CA ALA A 250 -8.24 54.08 9.48
C ALA A 250 -7.50 54.52 10.77
N GLU A 251 -7.06 55.78 10.76
CA GLU A 251 -6.34 56.33 11.90
C GLU A 251 -7.28 56.46 13.12
N LYS A 252 -8.49 56.94 12.86
CA LYS A 252 -9.47 57.12 13.95
C LYS A 252 -9.79 55.80 14.64
N HIS A 253 -10.02 54.75 13.84
CA HIS A 253 -10.37 53.44 14.37
C HIS A 253 -9.12 52.61 14.68
N ASN A 254 -7.96 53.15 14.33
CA ASN A 254 -6.70 52.47 14.55
C ASN A 254 -6.67 51.09 13.88
N ILE A 255 -7.14 51.06 12.64
CA ILE A 255 -7.17 49.83 11.84
C ILE A 255 -6.10 50.01 10.74
N PRO A 256 -5.19 49.00 10.57
CA PRO A 256 -4.26 49.06 9.45
C PRO A 256 -4.90 49.01 8.08
N PHE A 257 -4.15 49.51 7.11
CA PHE A 257 -4.50 49.48 5.70
C PHE A 257 -3.57 48.42 5.09
N ALA A 258 -4.15 47.36 4.53
CA ALA A 258 -3.39 46.29 3.87
C ALA A 258 -3.32 46.55 2.38
N MET A 259 -2.12 46.61 1.83
CA MET A 259 -1.96 46.86 0.41
C MET A 259 -1.22 45.67 -0.20
N MET A 260 -1.85 45.05 -1.18
CA MET A 260 -1.25 43.91 -1.84
C MET A 260 -0.92 44.34 -3.25
N ILE A 261 0.36 44.60 -3.48
CA ILE A 261 0.79 45.39 -4.66
C ILE A 261 1.51 44.54 -5.71
N GLY A 262 1.13 44.69 -6.98
CA GLY A 262 1.90 44.05 -8.04
C GLY A 262 1.12 43.24 -9.06
N VAL A 263 -0.21 43.07 -8.88
CA VAL A 263 -1.02 42.22 -9.78
C VAL A 263 -1.45 43.04 -11.00
N LYS A 264 -1.27 42.44 -12.17
CA LYS A 264 -1.71 43.02 -13.43
C LYS A 264 -2.91 42.16 -13.90
N LYS A 265 -4.12 42.71 -13.81
CA LYS A 265 -5.32 41.86 -13.91
C LYS A 265 -5.63 41.49 -15.34
N ARG A 266 -6.13 40.25 -15.53
CA ARG A 266 -6.73 39.81 -16.80
CA ARG A 266 -6.74 39.81 -16.79
C ARG A 266 -5.87 40.04 -18.03
N VAL A 267 -4.60 39.64 -18.00
CA VAL A 267 -3.82 39.66 -19.24
C VAL A 267 -4.26 38.54 -20.19
N HIS A 268 -4.91 37.52 -19.62
CA HIS A 268 -5.48 36.41 -20.41
C HIS A 268 -6.92 36.22 -19.93
N PRO A 269 -7.87 37.05 -20.45
CA PRO A 269 -9.22 37.11 -19.90
C PRO A 269 -9.94 35.75 -19.81
N ALA A 270 -9.80 34.93 -20.85
CA ALA A 270 -10.50 33.62 -20.89
C ALA A 270 -10.11 32.67 -19.73
N LEU A 271 -8.94 32.86 -19.11
CA LEU A 271 -8.55 32.03 -17.96
C LEU A 271 -9.21 32.41 -16.63
N GLY A 272 -9.96 33.50 -16.63
CA GLY A 272 -10.64 34.01 -15.41
C GLY A 272 -9.63 34.30 -14.31
N ASP A 273 -9.87 33.73 -13.13
CA ASP A 273 -8.93 33.89 -11.99
C ASP A 273 -7.48 33.49 -12.34
N ALA A 274 -7.31 32.58 -13.31
CA ALA A 274 -5.95 32.12 -13.74
C ALA A 274 -5.31 33.08 -14.77
N GLY A 275 -5.97 34.23 -14.98
CA GLY A 275 -5.58 35.17 -16.02
C GLY A 275 -4.67 36.33 -15.63
N ASP A 276 -4.28 36.41 -14.34
CA ASP A 276 -3.68 37.64 -13.85
C ASP A 276 -2.17 37.45 -13.87
N PHE A 277 -1.45 38.55 -14.06
CA PHE A 277 0.00 38.54 -14.27
C PHE A 277 0.64 39.44 -13.14
N VAL A 278 1.91 39.74 -13.29
CA VAL A 278 2.67 40.45 -12.25
C VAL A 278 3.56 41.53 -12.90
N GLY A 279 3.88 42.58 -12.13
CA GLY A 279 4.86 43.57 -12.59
C GLY A 279 5.53 44.13 -11.36
N LYS A 280 6.79 44.53 -11.50
CA LYS A 280 7.49 45.27 -10.44
C LYS A 280 6.87 46.66 -10.27
N ALA A 281 6.72 47.06 -9.00
CA ALA A 281 6.13 48.36 -8.70
C ALA A 281 7.25 49.33 -8.24
N SER A 282 6.99 50.63 -8.39
CA SER A 282 7.78 51.63 -7.65
C SER A 282 7.49 51.54 -6.14
N MET A 283 8.52 51.77 -5.32
CA MET A 283 8.38 51.82 -3.88
C MET A 283 7.92 53.24 -3.44
N ASP A 284 7.90 54.21 -4.37
CA ASP A 284 7.75 55.64 -3.98
C ASP A 284 6.45 55.89 -3.23
N GLY A 285 5.37 55.28 -3.74
CA GLY A 285 4.04 55.54 -3.14
C GLY A 285 3.93 54.98 -1.76
N VAL A 286 4.44 53.75 -1.58
CA VAL A 286 4.46 53.17 -0.24
C VAL A 286 5.34 53.97 0.70
N GLU A 287 6.52 54.36 0.23
CA GLU A 287 7.42 55.20 1.03
C GLU A 287 6.71 56.49 1.49
N HIS A 288 6.01 57.13 0.55
CA HIS A 288 5.27 58.37 0.87
C HIS A 288 4.22 58.12 1.94
N LEU A 289 3.37 57.09 1.77
CA LEU A 289 2.34 56.78 2.79
C LEU A 289 2.95 56.58 4.17
N LEU A 290 4.01 55.76 4.27
CA LEU A 290 4.64 55.49 5.57
C LEU A 290 5.20 56.74 6.25
N ARG A 291 5.90 57.57 5.47
CA ARG A 291 6.52 58.76 6.01
C ARG A 291 5.45 59.79 6.39
N GLU A 292 4.49 59.99 5.50
CA GLU A 292 3.60 61.16 5.65
C GLU A 292 2.40 60.88 6.53
N TYR A 293 2.13 59.59 6.78
CA TYR A 293 1.03 59.18 7.64
C TYR A 293 1.56 58.32 8.78
N PRO A 294 2.39 58.91 9.69
CA PRO A 294 3.01 58.13 10.75
C PRO A 294 2.04 57.56 11.74
N ASN A 295 0.81 58.10 11.76
CA ASN A 295 -0.18 57.59 12.72
C ASN A 295 -1.09 56.54 12.10
N ASN A 296 -0.77 56.15 10.85
CA ASN A 296 -1.49 55.08 10.19
C ASN A 296 -0.55 53.88 10.13
N LYS A 297 -1.14 52.70 10.13
CA LYS A 297 -0.36 51.43 10.11
C LYS A 297 -0.69 50.75 8.81
N PHE A 298 0.33 50.12 8.22
CA PHE A 298 0.21 49.60 6.85
C PHE A 298 0.74 48.16 6.83
N LEU A 299 -0.02 47.23 6.29
CA LEU A 299 0.43 45.84 6.08
C LEU A 299 0.69 45.78 4.59
N VAL A 300 1.86 45.29 4.16
CA VAL A 300 2.14 45.22 2.74
C VAL A 300 2.66 43.84 2.38
N THR A 301 2.24 43.34 1.22
CA THR A 301 2.89 42.20 0.58
C THR A 301 2.94 42.60 -0.90
N MET A 302 3.99 42.18 -1.63
CA MET A 302 4.12 42.54 -3.03
C MET A 302 4.35 41.32 -3.88
N LEU A 303 3.94 41.43 -5.15
CA LEU A 303 3.87 40.23 -5.99
C LEU A 303 5.16 39.91 -6.81
N SER A 304 5.91 40.96 -7.14
CA SER A 304 7.15 40.78 -7.95
C SER A 304 8.31 40.28 -7.10
N ARG A 305 9.04 39.26 -7.62
CA ARG A 305 10.30 38.84 -6.97
C ARG A 305 11.21 40.05 -6.73
N GLU A 306 11.26 40.95 -7.72
CA GLU A 306 12.23 42.03 -7.78
C GLU A 306 11.90 43.17 -6.82
N ASN A 307 10.70 43.11 -6.20
CA ASN A 307 10.35 44.06 -5.08
C ASN A 307 10.73 43.63 -3.68
N GLN A 308 11.07 42.34 -3.52
CA GLN A 308 11.10 41.79 -2.16
C GLN A 308 12.23 42.36 -1.31
N HIS A 309 13.44 42.44 -1.88
CA HIS A 309 14.53 42.92 -1.03
C HIS A 309 14.29 44.35 -0.61
N GLU A 310 13.99 45.24 -1.58
CA GLU A 310 13.69 46.65 -1.21
C GLU A 310 12.49 46.82 -0.27
N LEU A 311 11.47 45.95 -0.37
CA LEU A 311 10.40 45.98 0.62
C LEU A 311 10.96 45.71 2.06
N VAL A 312 11.89 44.73 2.19
CA VAL A 312 12.50 44.47 3.49
C VAL A 312 13.26 45.73 3.97
N VAL A 313 14.01 46.39 3.07
CA VAL A 313 14.74 47.59 3.47
C VAL A 313 13.77 48.67 3.93
N LEU A 314 12.62 48.76 3.28
CA LEU A 314 11.72 49.85 3.61
C LEU A 314 11.16 49.57 4.98
N ALA A 315 10.93 48.30 5.30
CA ALA A 315 10.51 47.88 6.70
C ALA A 315 11.56 48.31 7.73
N ARG A 316 12.85 48.22 7.38
CA ARG A 316 13.89 48.74 8.28
C ARG A 316 13.68 50.23 8.58
N LYS A 317 13.11 50.97 7.62
CA LYS A 317 12.98 52.43 7.75
C LYS A 317 11.78 52.87 8.56
N PHE A 318 10.71 52.08 8.51
CA PHE A 318 9.40 52.51 9.01
C PHE A 318 8.74 51.48 9.93
N SER A 319 8.62 51.81 11.22
CA SER A 319 7.96 50.92 12.20
C SER A 319 6.44 50.76 11.99
N ASN A 320 5.83 51.67 11.23
CA ASN A 320 4.39 51.61 10.91
C ASN A 320 4.14 50.74 9.64
N LEU A 321 5.21 50.11 9.15
CA LEU A 321 5.11 49.08 8.14
C LEU A 321 5.27 47.72 8.75
N MET A 322 4.30 46.87 8.47
CA MET A 322 4.44 45.45 8.75
C MET A 322 4.36 44.71 7.40
N ILE A 323 5.41 43.97 7.08
CA ILE A 323 5.34 43.22 5.82
C ILE A 323 4.89 41.79 6.14
N PHE A 324 4.20 41.15 5.19
CA PHE A 324 3.68 39.83 5.48
C PHE A 324 3.72 38.95 4.26
N GLY A 325 4.12 37.70 4.47
CA GLY A 325 3.78 36.58 3.61
C GLY A 325 4.52 36.58 2.29
N CYS A 326 4.35 35.44 1.61
CA CYS A 326 4.85 35.22 0.28
C CYS A 326 3.66 34.95 -0.63
N TRP A 327 3.25 36.02 -1.28
CA TRP A 327 1.99 36.04 -1.98
C TRP A 327 2.08 35.40 -3.35
N TRP A 328 1.22 34.39 -3.60
CA TRP A 328 0.85 33.90 -4.96
C TRP A 328 2.06 33.40 -5.78
N PHE A 329 2.54 34.22 -6.74
CA PHE A 329 3.75 33.83 -7.50
C PHE A 329 5.02 33.81 -6.65
N MET A 330 4.93 34.36 -5.42
CA MET A 330 6.05 34.28 -4.49
C MET A 330 5.92 33.02 -3.60
N ASN A 331 4.82 32.28 -3.75
CA ASN A 331 4.56 31.22 -2.75
C ASN A 331 5.08 29.90 -3.26
N ASN A 332 6.36 29.86 -3.59
CA ASN A 332 7.01 28.68 -4.12
C ASN A 332 8.28 28.51 -3.29
N PRO A 333 8.65 27.28 -2.96
CA PRO A 333 9.83 27.09 -2.05
C PRO A 333 11.12 27.95 -2.33
N GLU A 334 11.54 28.06 -3.60
CA GLU A 334 12.79 28.76 -3.88
C GLU A 334 12.64 30.22 -3.45
N ILE A 335 11.45 30.81 -3.65
CA ILE A 335 11.22 32.20 -3.34
C ILE A 335 10.92 32.34 -1.83
N ILE A 336 10.05 31.48 -1.30
CA ILE A 336 9.80 31.50 0.17
C ILE A 336 11.11 31.50 0.96
N ASN A 337 12.04 30.66 0.54
CA ASN A 337 13.30 30.50 1.27
C ASN A 337 14.13 31.81 1.15
N GLU A 338 14.32 32.32 -0.08
CA GLU A 338 15.12 33.54 -0.22
C GLU A 338 14.45 34.73 0.49
N MET A 339 13.12 34.84 0.38
CA MET A 339 12.47 35.96 1.08
C MET A 339 12.61 35.84 2.62
N THR A 340 12.37 34.66 3.18
CA THR A 340 12.37 34.50 4.64
C THR A 340 13.77 34.79 5.15
N ARG A 341 14.79 34.37 4.39
CA ARG A 341 16.17 34.63 4.85
C ARG A 341 16.51 36.12 4.80
N MET A 342 16.14 36.81 3.71
CA MET A 342 16.43 38.26 3.57
C MET A 342 15.68 38.97 4.73
N ARG A 343 14.43 38.54 4.98
CA ARG A 343 13.61 39.19 5.98
C ARG A 343 14.22 39.01 7.39
N MET A 344 14.57 37.79 7.75
CA MET A 344 15.13 37.54 9.05
C MET A 344 16.49 38.20 9.21
N GLU A 345 17.30 38.22 8.14
CA GLU A 345 18.64 38.83 8.25
C GLU A 345 18.58 40.35 8.55
N MET A 346 17.57 41.04 8.02
CA MET A 346 17.48 42.50 8.12
C MET A 346 16.42 42.93 9.12
N LEU A 347 15.55 42.03 9.55
CA LEU A 347 14.45 42.43 10.48
C LEU A 347 14.38 41.56 11.73
N GLY A 348 15.29 40.60 11.89
CA GLY A 348 15.19 39.68 13.03
C GLY A 348 13.80 39.01 13.02
N THR A 349 13.05 39.09 14.11
CA THR A 349 11.74 38.43 14.10
C THR A 349 10.59 39.44 13.88
N SER A 350 10.91 40.66 13.45
CA SER A 350 9.90 41.73 13.33
C SER A 350 9.12 41.73 12.00
N PHE A 351 8.64 40.55 11.62
CA PHE A 351 7.79 40.42 10.43
C PHE A 351 6.86 39.21 10.52
N ILE A 352 5.94 39.10 9.56
CA ILE A 352 5.03 37.97 9.51
C ILE A 352 5.46 37.15 8.29
N PRO A 353 6.09 35.99 8.53
CA PRO A 353 6.64 35.29 7.39
C PRO A 353 5.66 34.78 6.36
N GLN A 354 4.45 34.41 6.75
CA GLN A 354 3.57 33.70 5.79
C GLN A 354 2.08 33.89 6.11
N HIS A 355 1.28 33.82 5.03
CA HIS A 355 -0.19 33.68 5.08
C HIS A 355 -0.51 32.68 4.01
N SER A 356 -1.70 32.08 4.04
CA SER A 356 -1.98 31.02 3.06
C SER A 356 -2.66 31.51 1.79
N ASP A 357 -3.44 32.60 1.90
CA ASP A 357 -4.30 33.03 0.81
C ASP A 357 -5.24 31.87 0.35
N ALA A 358 -5.57 30.95 1.26
CA ALA A 358 -6.35 29.77 0.88
C ALA A 358 -7.68 30.19 0.26
N ARG A 359 -8.03 29.59 -0.85
CA ARG A 359 -9.38 29.74 -1.45
C ARG A 359 -10.24 28.52 -1.17
N VAL A 360 -9.59 27.40 -0.91
CA VAL A 360 -10.25 26.13 -0.62
C VAL A 360 -9.76 25.69 0.74
N LEU A 361 -10.72 25.33 1.61
CA LEU A 361 -10.44 25.00 3.01
C LEU A 361 -9.24 24.12 3.22
N GLU A 362 -9.14 23.01 2.47
CA GLU A 362 -8.12 22.01 2.78
C GLU A 362 -6.71 22.56 2.44
N GLN A 363 -6.66 23.63 1.67
CA GLN A 363 -5.33 24.21 1.36
C GLN A 363 -4.60 24.64 2.59
N LEU A 364 -5.28 24.95 3.68
CA LEU A 364 -4.56 25.33 4.92
C LEU A 364 -3.57 24.23 5.25
N ILE A 365 -3.91 22.97 4.94
CA ILE A 365 -3.02 21.86 5.31
C ILE A 365 -1.68 22.02 4.57
N TYR A 366 -1.69 22.12 3.24
CA TYR A 366 -0.37 22.16 2.60
C TYR A 366 0.30 23.50 2.70
N LYS A 367 -0.47 24.59 2.67
CA LYS A 367 0.13 25.92 2.68
C LYS A 367 0.96 26.05 3.96
N TRP A 368 0.39 25.58 5.07
CA TRP A 368 1.10 25.67 6.33
C TRP A 368 2.23 24.63 6.48
N HIS A 369 1.97 23.39 6.08
CA HIS A 369 2.96 22.30 6.10
CA HIS A 369 2.97 22.35 6.20
C HIS A 369 4.18 22.72 5.30
N HIS A 370 3.95 23.12 4.05
CA HIS A 370 5.12 23.39 3.17
C HIS A 370 5.90 24.62 3.65
N SER A 371 5.19 25.61 4.16
CA SER A 371 5.87 26.85 4.66
C SER A 371 6.55 26.66 5.98
N LYS A 372 5.93 25.89 6.88
CA LYS A 372 6.57 25.65 8.18
C LYS A 372 7.90 24.91 8.02
N SER A 373 7.97 23.93 7.10
CA SER A 373 9.27 23.21 6.95
C SER A 373 10.40 24.18 6.55
N ILE A 374 10.12 25.09 5.61
CA ILE A 374 11.09 26.10 5.17
C ILE A 374 11.42 27.08 6.27
N ILE A 375 10.41 27.61 6.94
CA ILE A 375 10.64 28.58 8.06
C ILE A 375 11.43 27.94 9.20
N ALA A 376 11.14 26.67 9.48
CA ALA A 376 11.94 25.95 10.50
C ALA A 376 13.44 25.86 10.10
N GLU A 377 13.69 25.54 8.83
CA GLU A 377 15.08 25.44 8.39
CA GLU A 377 15.06 25.46 8.29
C GLU A 377 15.80 26.79 8.49
N VAL A 378 15.12 27.89 8.18
CA VAL A 378 15.71 29.20 8.31
C VAL A 378 16.02 29.49 9.77
N LEU A 379 15.04 29.23 10.64
CA LEU A 379 15.25 29.41 12.09
C LEU A 379 16.41 28.60 12.59
N ILE A 380 16.52 27.35 12.17
CA ILE A 380 17.63 26.49 12.63
C ILE A 380 18.94 27.11 12.24
N ASP A 381 19.08 27.53 10.98
CA ASP A 381 20.33 28.20 10.58
C ASP A 381 20.64 29.45 11.41
N LYS A 382 19.65 30.31 11.57
CA LYS A 382 19.86 31.55 12.31
C LYS A 382 20.17 31.33 13.79
N TYR A 383 19.47 30.39 14.44
CA TYR A 383 19.82 30.07 15.83
C TYR A 383 21.20 29.46 15.89
N ASP A 384 21.48 28.58 14.94
CA ASP A 384 22.79 27.91 14.96
C ASP A 384 23.90 28.94 14.90
N ASP A 385 23.70 29.97 14.06
CA ASP A 385 24.74 31.00 13.89
C ASP A 385 24.98 31.75 15.20
N ILE A 386 23.92 32.05 15.93
CA ILE A 386 24.17 32.74 17.23
C ILE A 386 24.66 31.77 18.32
N LEU A 387 24.24 30.51 18.28
CA LEU A 387 24.87 29.49 19.16
C LEU A 387 26.38 29.42 18.91
N GLN A 388 26.80 29.41 17.65
CA GLN A 388 28.23 29.33 17.35
CA GLN A 388 28.22 29.36 17.31
C GLN A 388 28.95 30.57 17.89
N ALA A 389 28.25 31.70 17.98
CA ALA A 389 28.82 32.95 18.55
C ALA A 389 28.83 32.99 20.08
N GLY A 390 28.36 31.91 20.70
CA GLY A 390 28.37 31.79 22.16
C GLY A 390 27.07 32.07 22.87
N TRP A 391 26.06 32.53 22.14
CA TRP A 391 24.77 32.80 22.76
C TRP A 391 24.09 31.50 23.17
N GLU A 392 23.40 31.55 24.30
CA GLU A 392 22.63 30.37 24.72
C GLU A 392 21.15 30.63 24.48
N VAL A 393 20.56 29.90 23.54
CA VAL A 393 19.12 30.08 23.32
C VAL A 393 18.33 29.01 24.08
N THR A 394 17.25 29.40 24.74
CA THR A 394 16.46 28.43 25.51
C THR A 394 15.28 27.95 24.68
N GLU A 395 14.77 26.76 25.01
CA GLU A 395 13.60 26.26 24.30
C GLU A 395 12.42 27.23 24.49
N GLU A 396 12.33 27.85 25.66
CA GLU A 396 11.26 28.83 25.88
C GLU A 396 11.40 30.07 24.99
N GLU A 397 12.65 30.47 24.71
CA GLU A 397 12.88 31.61 23.82
C GLU A 397 12.49 31.26 22.37
N ILE A 398 12.84 30.06 21.94
CA ILE A 398 12.44 29.56 20.58
C ILE A 398 10.91 29.58 20.50
N LYS A 399 10.25 29.06 21.54
CA LYS A 399 8.78 29.01 21.50
C LYS A 399 8.14 30.41 21.40
N ARG A 400 8.72 31.37 22.09
CA ARG A 400 8.30 32.75 22.05
C ARG A 400 8.49 33.29 20.63
N ASP A 401 9.67 33.10 20.06
CA ASP A 401 9.98 33.76 18.77
C ASP A 401 9.03 33.17 17.70
N VAL A 402 8.83 31.87 17.81
CA VAL A 402 7.95 31.13 16.87
C VAL A 402 6.52 31.63 17.01
N ALA A 403 6.07 31.83 18.26
CA ALA A 403 4.77 32.46 18.49
C ALA A 403 4.64 33.85 17.90
N ASP A 404 5.68 34.71 17.99
CA ASP A 404 5.69 36.05 17.38
C ASP A 404 5.44 35.91 15.88
N LEU A 405 6.22 35.04 15.26
CA LEU A 405 6.20 34.94 13.80
C LEU A 405 4.86 34.45 13.29
N PHE A 406 4.30 33.44 13.97
CA PHE A 406 3.12 32.75 13.43
C PHE A 406 1.81 33.34 13.92
N SER A 407 1.85 34.19 14.94
CA SER A 407 0.56 34.68 15.47
C SER A 407 0.67 36.03 16.19
N ARG A 408 1.60 36.16 17.12
CA ARG A 408 1.58 37.38 17.95
C ARG A 408 1.96 38.65 17.22
N ASN A 409 2.89 38.57 16.24
CA ASN A 409 3.24 39.81 15.58
C ASN A 409 2.05 40.44 14.88
N PHE A 410 1.20 39.60 14.32
CA PHE A 410 0.01 40.11 13.64
C PHE A 410 -0.94 40.83 14.65
N TRP A 411 -1.27 40.16 15.76
CA TRP A 411 -2.27 40.72 16.70
C TRP A 411 -1.71 41.99 17.36
N ARG A 412 -0.41 42.00 17.63
CA ARG A 412 0.22 43.20 18.18
C ARG A 412 0.08 44.35 17.20
N PHE A 413 0.29 44.08 15.91
CA PHE A 413 0.26 45.15 14.95
C PHE A 413 -1.14 45.70 14.73
N VAL A 414 -2.11 44.81 14.58
CA VAL A 414 -3.49 45.23 14.37
C VAL A 414 -4.08 45.79 15.68
N GLY A 415 -3.43 45.52 16.80
CA GLY A 415 -3.85 46.04 18.11
C GLY A 415 -5.06 45.28 18.66
N ARG A 416 -4.99 43.94 18.59
CA ARG A 416 -6.11 43.06 19.02
C ARG A 416 -5.64 41.71 19.61
N ASN A 417 -6.61 40.83 19.90
CA ASN A 417 -6.42 39.36 20.15
C ASN A 417 -4.94 38.92 20.13
N LEU B 3 49.43 12.62 0.61
CA LEU B 3 48.80 13.94 0.88
C LEU B 3 48.31 14.61 -0.41
N SER B 4 48.48 15.93 -0.48
CA SER B 4 48.04 16.76 -1.62
C SER B 4 46.58 16.52 -1.97
N ILE B 5 45.97 17.46 -2.66
CA ILE B 5 44.57 17.66 -2.44
C ILE B 5 43.73 16.86 -3.40
N ASN B 6 43.06 15.82 -2.91
CA ASN B 6 42.33 14.98 -3.87
C ASN B 6 40.89 14.69 -3.45
N SER B 7 40.31 15.52 -2.61
CA SER B 7 38.86 15.34 -2.33
C SER B 7 38.29 16.67 -1.86
N ARG B 8 36.96 16.79 -1.95
CA ARG B 8 36.30 17.99 -1.35
C ARG B 8 36.67 18.14 0.12
N GLU B 9 36.77 17.03 0.87
CA GLU B 9 37.01 17.15 2.32
C GLU B 9 38.38 17.80 2.57
N VAL B 10 39.40 17.34 1.82
CA VAL B 10 40.73 17.93 2.01
C VAL B 10 40.74 19.40 1.53
N LEU B 11 40.07 19.65 0.40
CA LEU B 11 40.03 21.00 -0.15
C LEU B 11 39.44 21.92 0.93
N ALA B 12 38.39 21.46 1.62
CA ALA B 12 37.72 22.28 2.63
C ALA B 12 38.68 22.68 3.75
N GLU B 13 39.49 21.73 4.19
CA GLU B 13 40.51 22.03 5.22
C GLU B 13 41.44 23.10 4.70
N LYS B 14 41.98 22.89 3.47
CA LYS B 14 43.02 23.80 3.00
C LYS B 14 42.46 25.20 2.72
N VAL B 15 41.26 25.25 2.13
CA VAL B 15 40.70 26.55 1.80
C VAL B 15 40.40 27.34 3.08
N LYS B 16 39.80 26.69 4.07
CA LYS B 16 39.45 27.37 5.32
C LYS B 16 40.71 27.90 6.01
N ASN B 17 41.76 27.09 6.03
CA ASN B 17 43.04 27.55 6.59
C ASN B 17 43.56 28.78 5.85
N ALA B 18 43.56 28.69 4.52
CA ALA B 18 44.07 29.80 3.68
C ALA B 18 43.24 31.09 3.93
N VAL B 19 41.90 30.95 3.89
CA VAL B 19 41.04 32.11 4.14
C VAL B 19 41.22 32.68 5.55
N ASN B 20 41.21 31.81 6.55
CA ASN B 20 41.40 32.29 7.92
C ASN B 20 42.76 32.98 8.12
N ASN B 21 43.83 32.46 7.50
CA ASN B 21 45.18 32.98 7.69
C ASN B 21 45.57 34.21 6.85
N GLN B 22 44.83 34.45 5.76
CA GLN B 22 45.15 35.54 4.87
C GLN B 22 44.85 36.89 5.52
N PRO B 23 45.89 37.76 5.68
CA PRO B 23 45.63 39.10 6.18
C PRO B 23 44.76 39.89 5.20
N VAL B 24 43.79 40.59 5.76
CA VAL B 24 42.82 41.34 4.96
C VAL B 24 43.24 42.82 4.78
N THR B 25 43.12 43.30 3.55
CA THR B 25 42.99 44.75 3.28
C THR B 25 41.49 45.00 3.17
N ASP B 26 41.01 45.88 4.05
CA ASP B 26 39.60 46.28 4.11
C ASP B 26 39.51 47.58 3.37
N MET B 27 39.03 47.53 2.13
CA MET B 27 39.18 48.70 1.29
C MET B 27 38.20 49.85 1.32
N HIS B 28 37.20 49.75 2.20
CA HIS B 28 36.30 50.84 2.47
C HIS B 28 35.74 50.69 3.87
N THR B 29 36.12 51.61 4.78
CA THR B 29 35.53 51.64 6.10
C THR B 29 35.24 53.10 6.51
N HIS B 30 34.65 53.26 7.69
CA HIS B 30 34.45 54.57 8.30
C HIS B 30 35.21 54.55 9.63
N LEU B 31 36.35 53.86 9.63
CA LEU B 31 37.27 53.92 10.78
C LEU B 31 38.38 54.93 10.55
N PHE B 32 39.06 55.30 11.65
CA PHE B 32 40.12 56.34 11.56
C PHE B 32 41.34 55.89 12.34
N SER B 33 42.53 56.28 11.87
CA SER B 33 43.78 56.02 12.64
C SER B 33 43.57 56.53 14.11
N PRO B 34 43.97 55.74 15.13
CA PRO B 34 43.62 56.13 16.51
C PRO B 34 44.21 57.50 16.95
N ASN B 35 45.29 57.95 16.31
CA ASN B 35 45.87 59.28 16.58
C ASN B 35 44.98 60.41 16.10
N PHE B 36 43.91 60.06 15.37
CA PHE B 36 42.88 61.05 15.01
C PHE B 36 41.94 61.34 16.16
N GLY B 37 42.03 60.59 17.24
CA GLY B 37 41.21 60.86 18.40
C GLY B 37 39.81 60.29 18.34
N GLU B 38 38.84 61.04 18.89
CA GLU B 38 37.53 60.52 19.26
C GLU B 38 36.65 60.09 18.09
N ILE B 39 36.95 60.58 16.88
CA ILE B 39 36.18 60.12 15.73
C ILE B 39 36.37 58.62 15.49
N LEU B 40 37.44 58.02 16.01
CA LEU B 40 37.49 56.56 16.04
C LEU B 40 36.54 56.03 17.10
N LEU B 41 35.44 55.44 16.63
CA LEU B 41 34.42 54.85 17.50
C LEU B 41 34.79 53.41 17.84
N TRP B 42 34.70 53.07 19.14
CA TRP B 42 34.84 51.68 19.60
C TRP B 42 34.17 51.46 20.94
N ASP B 43 33.96 50.18 21.24
CA ASP B 43 33.38 49.61 22.45
C ASP B 43 31.95 49.07 22.28
N ILE B 44 31.51 48.31 23.26
CA ILE B 44 30.21 47.63 23.20
C ILE B 44 29.00 48.59 23.08
N ASP B 45 29.06 49.74 23.73
CA ASP B 45 27.96 50.69 23.62
C ASP B 45 27.86 51.27 22.21
N GLU B 46 29.02 51.51 21.60
CA GLU B 46 29.09 51.98 20.22
C GLU B 46 28.61 50.85 19.29
N LEU B 47 29.00 49.61 19.58
CA LEU B 47 28.50 48.45 18.79
C LEU B 47 26.98 48.42 18.80
N LEU B 48 26.39 48.54 19.99
CA LEU B 48 24.96 48.42 20.16
C LEU B 48 24.19 49.57 19.57
N THR B 49 24.80 50.75 19.51
CA THR B 49 24.08 51.92 19.02
C THR B 49 24.39 52.25 17.54
N TYR B 50 25.12 51.36 16.87
CA TYR B 50 25.32 51.39 15.40
C TYR B 50 23.95 51.65 14.75
N HIS B 51 23.90 52.43 13.68
CA HIS B 51 22.62 52.81 13.05
C HIS B 51 21.81 51.60 12.53
N TYR B 52 22.48 50.50 12.15
CA TYR B 52 21.76 49.30 11.74
C TYR B 52 20.84 48.85 12.89
N LEU B 53 21.34 48.93 14.13
CA LEU B 53 20.55 48.52 15.29
C LEU B 53 19.53 49.54 15.74
N VAL B 54 19.80 50.83 15.50
CA VAL B 54 18.76 51.83 15.73
C VAL B 54 17.52 51.56 14.85
N ALA B 55 17.74 51.25 13.58
CA ALA B 55 16.56 50.94 12.71
C ALA B 55 15.82 49.74 13.29
N GLU B 56 16.57 48.73 13.72
CA GLU B 56 15.92 47.51 14.17
C GLU B 56 15.16 47.68 15.47
N VAL B 57 15.73 48.43 16.40
CA VAL B 57 15.06 48.60 17.67
C VAL B 57 13.76 49.37 17.50
N MET B 58 13.75 50.33 16.58
CA MET B 58 12.59 51.19 16.38
C MET B 58 11.41 50.39 15.81
N ARG B 59 11.66 49.18 15.27
CA ARG B 59 10.55 48.35 14.80
C ARG B 59 9.84 47.68 15.96
N TRP B 60 10.50 47.66 17.12
CA TRP B 60 9.95 46.98 18.31
C TRP B 60 9.55 47.87 19.49
N THR B 61 10.40 48.84 19.81
CA THR B 61 10.25 49.60 21.07
C THR B 61 9.07 50.54 21.04
N ASP B 62 8.54 50.82 22.24
CA ASP B 62 7.53 51.89 22.43
C ASP B 62 8.16 53.27 22.62
N VAL B 63 9.45 53.31 22.91
CA VAL B 63 10.18 54.57 23.08
C VAL B 63 10.16 55.35 21.78
N SER B 64 9.74 56.61 21.84
CA SER B 64 9.70 57.40 20.62
C SER B 64 11.11 57.71 20.08
N ILE B 65 11.20 58.04 18.81
CA ILE B 65 12.51 58.40 18.24
C ILE B 65 13.17 59.60 18.97
N GLU B 66 12.37 60.64 19.26
CA GLU B 66 12.87 61.80 20.05
C GLU B 66 13.43 61.37 21.40
N ALA B 67 12.65 60.60 22.15
CA ALA B 67 13.11 60.09 23.44
C ALA B 67 14.40 59.26 23.28
N PHE B 68 14.47 58.48 22.20
CA PHE B 68 15.68 57.71 21.94
C PHE B 68 16.89 58.62 21.83
N TRP B 69 16.80 59.64 20.99
CA TRP B 69 17.96 60.48 20.75
C TRP B 69 18.28 61.32 21.99
N ALA B 70 17.30 61.49 22.88
CA ALA B 70 17.51 62.18 24.17
C ALA B 70 18.25 61.36 25.21
N MET B 71 18.24 60.04 25.06
CA MET B 71 18.93 59.15 25.97
C MET B 71 20.43 59.24 25.79
N SER B 72 21.17 58.88 26.85
CA SER B 72 22.62 58.79 26.71
C SER B 72 22.94 57.57 25.86
N LYS B 73 24.17 57.50 25.37
CA LYS B 73 24.64 56.30 24.68
C LYS B 73 24.46 55.02 25.51
N ARG B 74 24.84 55.03 26.78
CA ARG B 74 24.64 53.85 27.63
C ARG B 74 23.17 53.43 27.74
N GLU B 75 22.28 54.42 27.89
CA GLU B 75 20.84 54.21 27.95
C GLU B 75 20.34 53.65 26.62
N GLN B 76 20.77 54.25 25.52
CA GLN B 76 20.47 53.74 24.18
C GLN B 76 20.91 52.30 24.06
N ALA B 77 22.18 52.02 24.36
CA ALA B 77 22.68 50.64 24.36
C ALA B 77 21.92 49.69 25.28
N ASP B 78 21.53 50.12 26.50
CA ASP B 78 20.66 49.29 27.36
C ASP B 78 19.32 48.91 26.71
N LEU B 79 18.66 49.89 26.09
CA LEU B 79 17.36 49.68 25.49
C LEU B 79 17.51 48.69 24.35
N ILE B 80 18.50 48.93 23.49
CA ILE B 80 18.70 48.05 22.32
C ILE B 80 18.99 46.61 22.78
N TRP B 81 19.79 46.45 23.84
CA TRP B 81 20.10 45.11 24.36
C TRP B 81 18.83 44.42 24.82
N GLU B 82 18.03 45.12 25.64
CA GLU B 82 16.78 44.54 26.12
C GLU B 82 15.83 44.16 24.96
N GLU B 83 15.64 45.08 24.01
CA GLU B 83 14.60 44.94 22.99
C GLU B 83 15.00 43.95 21.90
N LEU B 84 16.29 43.88 21.55
CA LEU B 84 16.75 43.03 20.44
C LEU B 84 17.44 41.70 20.81
N PHE B 85 17.87 41.58 22.08
CA PHE B 85 18.61 40.42 22.54
C PHE B 85 17.87 39.64 23.62
N ILE B 86 17.21 40.37 24.51
CA ILE B 86 16.48 39.74 25.62
C ILE B 86 15.01 39.39 25.33
N LYS B 87 14.25 40.35 24.80
CA LYS B 87 12.81 40.19 24.55
C LYS B 87 12.51 39.40 23.26
N ARG B 88 13.48 39.43 22.32
CA ARG B 88 13.49 38.55 21.13
C ARG B 88 14.90 38.00 20.95
N SER B 89 15.02 36.83 20.31
CA SER B 89 16.39 36.28 20.04
C SER B 89 17.09 37.16 19.04
N PRO B 90 18.41 37.44 19.27
CA PRO B 90 19.24 38.32 18.44
C PRO B 90 19.68 37.62 17.15
N VAL B 91 18.70 37.19 16.34
CA VAL B 91 19.00 36.36 15.16
C VAL B 91 19.32 37.19 13.93
N SER B 92 19.05 38.51 13.92
CA SER B 92 19.37 39.34 12.73
C SER B 92 20.87 39.36 12.46
N GLU B 93 21.26 39.67 11.23
CA GLU B 93 22.71 39.73 10.92
C GLU B 93 23.44 40.73 11.86
N ALA B 94 22.85 41.91 12.06
CA ALA B 94 23.54 42.98 12.83
C ALA B 94 23.61 42.55 14.29
N CYS B 95 22.55 41.96 14.84
CA CYS B 95 22.60 41.45 16.21
C CYS B 95 23.56 40.29 16.39
N ARG B 96 23.52 39.32 15.47
CA ARG B 96 24.49 38.24 15.48
C ARG B 96 25.91 38.82 15.50
N GLY B 97 26.13 39.87 14.71
CA GLY B 97 27.46 40.49 14.63
C GLY B 97 27.98 40.99 15.96
N VAL B 98 27.11 41.63 16.72
CA VAL B 98 27.53 42.08 18.11
C VAL B 98 28.06 40.89 18.93
N LEU B 99 27.37 39.77 18.89
CA LEU B 99 27.76 38.56 19.61
C LEU B 99 29.13 38.03 19.12
N THR B 100 29.31 37.97 17.79
CA THR B 100 30.56 37.51 17.27
C THR B 100 31.72 38.41 17.77
N CYS B 101 31.49 39.71 17.86
CA CYS B 101 32.55 40.58 18.40
C CYS B 101 32.85 40.23 19.84
N LEU B 102 31.82 40.16 20.67
CA LEU B 102 32.01 39.82 22.10
C LEU B 102 32.80 38.53 22.26
N GLN B 103 32.41 37.48 21.54
CA GLN B 103 33.08 36.22 21.65
C GLN B 103 34.52 36.34 21.20
N GLY B 104 34.74 37.09 20.13
CA GLY B 104 36.09 37.16 19.54
C GLY B 104 37.07 37.82 20.53
N LEU B 105 36.54 38.73 21.34
CA LEU B 105 37.32 39.47 22.34
C LEU B 105 37.55 38.66 23.62
N GLY B 106 36.98 37.46 23.68
CA GLY B 106 37.10 36.53 24.81
C GLY B 106 36.03 36.74 25.86
N LEU B 107 35.07 37.60 25.56
CA LEU B 107 33.93 37.78 26.45
C LEU B 107 32.93 36.64 26.21
N ASP B 108 32.06 36.36 27.17
CA ASP B 108 31.18 35.21 27.01
C ASP B 108 29.72 35.66 26.81
N PRO B 109 29.20 35.60 25.54
CA PRO B 109 27.79 35.97 25.38
C PRO B 109 26.80 35.13 26.17
N ALA B 110 27.18 33.92 26.56
CA ALA B 110 26.26 33.05 27.31
C ALA B 110 25.75 33.71 28.60
N THR B 111 26.58 34.52 29.26
CA THR B 111 26.18 35.18 30.53
C THR B 111 25.18 36.33 30.33
N ARG B 112 25.15 36.91 29.11
CA ARG B 112 24.38 38.12 28.86
C ARG B 112 24.78 39.31 29.77
N ASP B 113 26.02 39.31 30.23
CA ASP B 113 26.40 40.21 31.33
C ASP B 113 26.97 41.51 30.79
N LEU B 114 26.08 42.41 30.39
CA LEU B 114 26.50 43.61 29.67
C LEU B 114 27.45 44.48 30.51
N GLN B 115 27.19 44.55 31.81
CA GLN B 115 28.08 45.29 32.72
C GLN B 115 29.52 44.73 32.71
N VAL B 116 29.67 43.41 32.78
CA VAL B 116 30.97 42.77 32.60
C VAL B 116 31.60 43.10 31.23
N TYR B 117 30.85 42.92 30.15
CA TYR B 117 31.33 43.35 28.82
C TYR B 117 31.86 44.81 28.83
N ARG B 118 31.14 45.75 29.44
CA ARG B 118 31.56 47.15 29.46
C ARG B 118 32.92 47.31 30.17
N GLU B 119 33.12 46.52 31.23
CA GLU B 119 34.35 46.57 32.05
C GLU B 119 35.57 46.29 31.22
N TYR B 120 35.42 45.36 30.27
CA TYR B 120 36.50 45.02 29.37
C TYR B 120 37.10 46.23 28.66
N PHE B 121 36.24 47.16 28.19
CA PHE B 121 36.73 48.23 27.31
C PHE B 121 37.24 49.40 28.14
N ALA B 122 36.65 49.56 29.32
CA ALA B 122 36.95 50.68 30.21
C ALA B 122 38.43 50.74 30.55
N LYS B 123 39.09 49.60 30.39
CA LYS B 123 40.46 49.39 30.82
C LYS B 123 41.52 49.59 29.73
N LYS B 124 41.12 50.00 28.52
CA LYS B 124 42.03 50.02 27.37
C LYS B 124 42.09 51.39 26.73
N THR B 125 43.20 51.67 26.07
CA THR B 125 43.28 52.86 25.23
C THR B 125 42.80 52.48 23.82
N SER B 126 42.56 53.50 22.99
CA SER B 126 42.20 53.35 21.57
C SER B 126 43.28 52.54 20.86
N GLU B 127 44.54 52.93 21.10
CA GLU B 127 45.66 52.26 20.46
C GLU B 127 45.77 50.77 20.80
N GLU B 128 45.56 50.43 22.06
CA GLU B 128 45.62 49.04 22.45
C GLU B 128 44.47 48.26 21.77
N GLN B 129 43.30 48.86 21.74
CA GLN B 129 42.12 48.17 21.15
C GLN B 129 42.25 48.02 19.63
N VAL B 130 42.88 48.98 18.97
CA VAL B 130 43.21 48.83 17.55
C VAL B 130 44.17 47.66 17.35
N ASP B 131 45.20 47.57 18.18
CA ASP B 131 46.07 46.41 18.06
C ASP B 131 45.32 45.10 18.25
N THR B 132 44.47 45.04 19.26
CA THR B 132 43.75 43.84 19.57
C THR B 132 42.83 43.45 18.40
N VAL B 133 42.04 44.42 17.95
CA VAL B 133 41.01 44.17 16.92
C VAL B 133 41.65 43.77 15.59
N LEU B 134 42.64 44.52 15.10
CA LEU B 134 43.28 44.16 13.84
C LEU B 134 43.92 42.78 13.87
N GLN B 135 44.39 42.38 15.05
CA GLN B 135 44.95 41.05 15.23
C GLN B 135 43.86 40.01 15.21
N LEU B 136 42.80 40.21 16.02
CA LEU B 136 41.69 39.25 16.05
C LEU B 136 41.00 39.07 14.70
N ALA B 137 40.79 40.19 14.00
CA ALA B 137 40.17 40.18 12.67
C ALA B 137 41.14 39.85 11.52
N ASN B 138 42.45 39.73 11.81
CA ASN B 138 43.47 39.52 10.75
C ASN B 138 43.36 40.53 9.61
N VAL B 139 43.27 41.82 10.01
CA VAL B 139 43.22 42.94 9.03
C VAL B 139 44.59 43.64 9.09
N SER B 140 45.27 43.71 7.97
CA SER B 140 46.59 44.37 7.90
C SER B 140 46.43 45.84 7.59
N ASP B 141 45.39 46.17 6.82
CA ASP B 141 45.30 47.52 6.25
C ASP B 141 43.85 47.93 6.18
N VAL B 142 43.57 49.16 6.61
CA VAL B 142 42.23 49.69 6.70
C VAL B 142 42.18 50.94 5.84
N VAL B 143 41.24 51.00 4.89
CA VAL B 143 41.03 52.25 4.14
C VAL B 143 39.96 53.10 4.80
N MET B 144 40.29 54.36 5.09
CA MET B 144 39.36 55.24 5.81
C MET B 144 38.47 55.96 4.80
N THR B 145 37.46 56.68 5.30
CA THR B 145 36.70 57.61 4.50
C THR B 145 37.00 58.99 5.10
N ASN B 146 37.70 59.84 4.34
CA ASN B 146 38.19 61.11 4.86
C ASN B 146 37.50 62.26 4.13
N ASP B 147 36.77 63.06 4.89
CA ASP B 147 35.88 64.08 4.32
C ASP B 147 36.40 65.48 4.70
N PRO B 148 37.02 66.19 3.76
CA PRO B 148 37.62 67.50 4.08
C PRO B 148 36.55 68.58 4.27
N PHE B 149 35.27 68.23 4.09
CA PHE B 149 34.17 69.13 4.37
C PHE B 149 33.75 69.06 5.84
N ASP B 150 34.22 68.03 6.56
CA ASP B 150 33.92 67.91 7.98
C ASP B 150 34.95 68.66 8.80
N ASP B 151 34.49 69.64 9.57
CA ASP B 151 35.39 70.54 10.29
C ASP B 151 36.29 69.85 11.27
N ASN B 152 35.73 68.91 12.04
CA ASN B 152 36.57 68.15 12.92
C ASN B 152 37.65 67.38 12.17
N GLU B 153 37.26 66.61 11.14
CA GLU B 153 38.26 65.85 10.36
C GLU B 153 39.34 66.72 9.74
N ARG B 154 38.90 67.85 9.18
CA ARG B 154 39.74 68.77 8.42
C ARG B 154 40.91 69.21 9.31
N ILE B 155 40.68 69.32 10.63
CA ILE B 155 41.68 69.74 11.64
C ILE B 155 42.92 68.85 11.65
N SER B 156 42.75 67.54 11.90
CA SER B 156 43.91 66.67 11.95
C SER B 156 44.74 66.80 10.66
N TRP B 157 44.06 66.90 9.50
CA TRP B 157 44.77 67.02 8.22
C TRP B 157 45.55 68.33 8.12
N LEU B 158 44.90 69.40 8.54
CA LEU B 158 45.53 70.74 8.48
C LEU B 158 46.67 70.85 9.48
N GLU B 159 46.53 70.20 10.64
CA GLU B 159 47.63 70.11 11.60
C GLU B 159 48.73 69.13 11.22
N GLY B 160 48.75 68.69 9.96
CA GLY B 160 49.78 67.76 9.41
C GLY B 160 49.87 66.35 9.99
N LYS B 161 48.82 65.94 10.71
CA LYS B 161 48.73 64.60 11.30
C LYS B 161 48.66 63.56 10.21
N GLN B 162 49.49 62.52 10.33
CA GLN B 162 49.42 61.43 9.35
C GLN B 162 48.87 60.16 10.00
N PRO B 163 48.10 59.37 9.23
CA PRO B 163 47.64 58.13 9.80
C PRO B 163 48.80 57.17 10.04
N ASP B 164 48.62 56.36 11.05
CA ASP B 164 49.33 55.14 11.31
C ASP B 164 49.46 54.32 10.00
N SER B 165 50.58 53.62 9.79
CA SER B 165 50.86 53.02 8.49
C SER B 165 49.86 51.91 8.08
N ARG B 166 49.05 51.47 9.03
CA ARG B 166 47.98 50.49 8.76
C ARG B 166 46.70 51.13 8.19
N PHE B 167 46.62 52.45 8.23
CA PHE B 167 45.41 53.14 7.78
C PHE B 167 45.71 53.99 6.57
N HIS B 168 44.83 53.94 5.58
CA HIS B 168 45.05 54.61 4.31
C HIS B 168 43.89 55.59 4.06
N ALA B 169 44.19 56.74 3.47
CA ALA B 169 43.14 57.72 3.23
C ALA B 169 42.38 57.45 1.93
N ALA B 170 41.10 57.85 1.91
CA ALA B 170 40.32 57.95 0.68
C ALA B 170 39.55 59.26 0.73
N LEU B 171 39.63 60.02 -0.35
CA LEU B 171 39.05 61.37 -0.36
C LEU B 171 37.55 61.31 -0.73
N ARG B 172 36.71 61.57 0.26
CA ARG B 172 35.26 61.57 0.10
C ARG B 172 34.77 62.89 -0.47
N LEU B 173 34.03 62.81 -1.56
CA LEU B 173 33.65 64.04 -2.26
C LEU B 173 32.18 64.36 -2.34
N ASP B 174 31.33 63.67 -1.58
CA ASP B 174 29.89 63.91 -1.72
C ASP B 174 29.41 65.38 -1.69
N PRO B 175 29.86 66.19 -0.71
CA PRO B 175 29.36 67.60 -0.69
C PRO B 175 29.70 68.36 -1.96
N LEU B 176 30.87 68.10 -2.52
CA LEU B 176 31.28 68.76 -3.75
C LEU B 176 30.47 68.34 -4.97
N LEU B 177 30.29 67.04 -5.15
CA LEU B 177 29.61 66.54 -6.34
C LEU B 177 28.08 66.57 -6.28
N ASN B 178 27.54 66.26 -5.10
CA ASN B 178 26.10 66.15 -4.87
C ASN B 178 25.41 67.44 -4.35
N GLU B 179 26.20 68.31 -3.75
CA GLU B 179 25.72 69.51 -3.06
C GLU B 179 26.50 70.78 -3.47
N TYR B 180 26.91 70.85 -4.74
CA TYR B 180 27.74 71.95 -5.19
C TYR B 180 27.16 73.34 -4.90
N GLU B 181 25.86 73.53 -5.08
CA GLU B 181 25.25 74.87 -4.87
C GLU B 181 25.50 75.36 -3.46
N GLN B 182 25.43 74.45 -2.50
CA GLN B 182 25.64 74.84 -1.12
C GLN B 182 27.12 74.89 -0.82
N THR B 183 27.87 73.97 -1.42
CA THR B 183 29.28 73.85 -1.14
C THR B 183 30.18 74.94 -1.76
N LYS B 184 29.74 75.54 -2.87
CA LYS B 184 30.55 76.56 -3.57
C LYS B 184 30.93 77.75 -2.65
N HIS B 185 30.03 78.09 -1.74
CA HIS B 185 30.23 79.13 -0.77
C HIS B 185 31.36 78.81 0.19
N ARG B 186 31.45 77.54 0.60
CA ARG B 186 32.55 77.10 1.44
C ARG B 186 33.85 77.09 0.67
N LEU B 187 33.81 76.68 -0.60
CA LEU B 187 35.03 76.72 -1.43
C LEU B 187 35.52 78.16 -1.50
N ARG B 188 34.58 79.07 -1.70
CA ARG B 188 34.92 80.49 -1.90
C ARG B 188 35.62 81.00 -0.64
N ASP B 189 35.03 80.67 0.50
CA ASP B 189 35.60 80.97 1.82
CA ASP B 189 35.63 81.01 1.78
C ASP B 189 37.03 80.44 1.95
N TRP B 190 37.28 79.24 1.41
CA TRP B 190 38.59 78.63 1.47
C TRP B 190 39.54 79.16 0.40
N GLY B 191 39.07 80.13 -0.39
CA GLY B 191 39.92 80.77 -1.39
C GLY B 191 39.82 80.14 -2.77
N TYR B 192 38.89 79.18 -2.93
CA TYR B 192 38.64 78.58 -4.25
C TYR B 192 37.55 79.38 -4.92
N LYS B 193 37.97 80.29 -5.79
CA LYS B 193 37.07 81.32 -6.26
C LYS B 193 36.26 80.92 -7.49
N VAL B 194 35.40 79.93 -7.32
CA VAL B 194 34.49 79.55 -8.39
C VAL B 194 33.49 80.65 -8.79
N ASN B 195 33.16 80.69 -10.07
CA ASN B 195 32.21 81.66 -10.60
C ASN B 195 30.80 81.17 -10.51
N ASP B 196 29.85 82.07 -10.78
CA ASP B 196 28.45 81.72 -10.88
C ASP B 196 28.32 80.79 -12.07
N GLU B 197 29.04 81.09 -13.15
CA GLU B 197 28.93 80.25 -14.35
C GLU B 197 30.00 79.17 -14.32
N TRP B 198 29.61 78.00 -14.82
CA TRP B 198 30.54 76.90 -14.97
C TRP B 198 31.36 77.20 -16.20
N ASN B 199 32.55 77.72 -15.95
CA ASN B 199 33.49 78.11 -16.99
C ASN B 199 34.90 77.81 -16.55
N GLU B 200 35.89 78.20 -17.36
CA GLU B 200 37.27 77.74 -17.16
C GLU B 200 37.78 78.14 -15.79
N GLY B 201 37.24 79.27 -15.30
CA GLY B 201 37.60 79.80 -13.99
C GLY B 201 37.20 78.82 -12.90
N SER B 202 35.92 78.46 -12.91
CA SER B 202 35.36 77.52 -11.93
C SER B 202 36.06 76.16 -12.01
N ILE B 203 36.34 75.71 -13.24
CA ILE B 203 36.92 74.40 -13.49
C ILE B 203 38.28 74.34 -12.85
N GLN B 204 39.08 75.40 -13.04
CA GLN B 204 40.46 75.37 -12.49
C GLN B 204 40.52 75.41 -10.98
N GLU B 205 39.60 76.14 -10.36
CA GLU B 205 39.52 76.27 -8.91
C GLU B 205 39.03 74.96 -8.31
N VAL B 206 38.07 74.29 -8.94
CA VAL B 206 37.63 72.97 -8.43
C VAL B 206 38.80 71.94 -8.54
N LYS B 207 39.51 71.97 -9.67
CA LYS B 207 40.68 71.09 -9.87
C LYS B 207 41.75 71.38 -8.82
N ARG B 208 41.93 72.66 -8.50
CA ARG B 208 42.92 73.05 -7.50
C ARG B 208 42.52 72.51 -6.12
N PHE B 209 41.23 72.57 -5.81
CA PHE B 209 40.72 71.98 -4.57
C PHE B 209 41.05 70.49 -4.47
N LEU B 210 40.75 69.77 -5.53
CA LEU B 210 41.03 68.34 -5.59
C LEU B 210 42.53 68.08 -5.47
N THR B 211 43.33 68.77 -6.26
CA THR B 211 44.79 68.61 -6.21
C THR B 211 45.35 68.89 -4.81
N ASP B 212 44.86 69.95 -4.17
CA ASP B 212 45.34 70.23 -2.82
C ASP B 212 45.03 69.12 -1.84
N TRP B 213 43.87 68.50 -1.99
CA TRP B 213 43.48 67.47 -1.04
C TRP B 213 44.15 66.14 -1.35
N ILE B 214 44.40 65.89 -2.62
CA ILE B 214 45.19 64.76 -3.01
C ILE B 214 46.58 64.88 -2.42
N GLU B 215 47.15 66.08 -2.51
CA GLU B 215 48.49 66.33 -1.95
C GLU B 215 48.55 66.07 -0.46
N ARG B 216 47.59 66.59 0.27
CA ARG B 216 47.52 66.44 1.70
C ARG B 216 47.24 65.00 2.13
N MET B 217 46.31 64.33 1.46
CA MET B 217 45.82 63.04 1.98
C MET B 217 46.56 61.84 1.42
N ASP B 218 47.11 61.97 0.21
CA ASP B 218 47.68 60.86 -0.51
C ASP B 218 46.63 59.70 -0.57
N PRO B 219 45.46 60.01 -1.15
CA PRO B 219 44.38 59.02 -1.05
C PRO B 219 44.55 57.89 -2.05
N VAL B 220 44.07 56.72 -1.68
CA VAL B 220 44.11 55.54 -2.58
C VAL B 220 43.05 55.58 -3.68
N TYR B 221 41.95 56.27 -3.40
CA TYR B 221 40.92 56.60 -4.39
C TYR B 221 40.11 57.82 -3.92
N MET B 222 39.35 58.40 -4.82
CA MET B 222 38.39 59.49 -4.51
C MET B 222 37.01 58.82 -4.61
N ALA B 223 36.12 59.17 -3.71
CA ALA B 223 34.85 58.41 -3.58
C ALA B 223 33.64 59.31 -3.54
N VAL B 224 32.52 58.75 -3.99
CA VAL B 224 31.22 59.45 -3.84
C VAL B 224 30.12 58.37 -3.76
N SER B 225 29.09 58.67 -2.97
CA SER B 225 27.88 57.85 -2.98
CA SER B 225 27.86 57.86 -2.94
C SER B 225 26.82 58.58 -3.77
N LEU B 226 26.05 57.81 -4.56
CA LEU B 226 25.16 58.37 -5.56
C LEU B 226 23.76 57.75 -5.48
N PRO B 227 22.73 58.51 -5.93
CA PRO B 227 21.35 58.03 -5.82
C PRO B 227 20.96 57.10 -6.94
N PRO B 228 19.81 56.41 -6.81
CA PRO B 228 19.40 55.46 -7.85
C PRO B 228 19.19 56.14 -9.19
N THR B 229 18.95 57.46 -9.15
CA THR B 229 18.74 58.22 -10.36
C THR B 229 20.01 58.71 -11.03
N PHE B 230 21.15 58.27 -10.53
CA PHE B 230 22.42 58.72 -11.09
C PHE B 230 22.46 58.52 -12.61
N SER B 231 22.82 59.58 -13.33
CA SER B 231 23.00 59.49 -14.76
C SER B 231 24.26 60.26 -15.19
N PHE B 232 24.86 59.84 -16.30
CA PHE B 232 26.08 60.46 -16.84
C PHE B 232 26.20 60.07 -18.30
N PRO B 233 26.48 61.06 -19.16
CA PRO B 233 26.66 62.53 -18.93
C PRO B 233 25.41 63.20 -18.38
N GLU B 234 25.56 64.35 -17.71
CA GLU B 234 24.36 65.08 -17.30
C GLU B 234 24.73 66.56 -17.19
N GLU B 235 23.84 67.43 -17.67
CA GLU B 235 24.05 68.87 -17.52
C GLU B 235 23.54 69.25 -16.12
N SER B 236 24.38 68.97 -15.16
CA SER B 236 24.15 69.33 -13.78
C SER B 236 25.47 69.69 -13.20
N ASN B 237 25.49 70.25 -11.99
CA ASN B 237 26.77 70.50 -11.36
C ASN B 237 27.50 69.19 -11.18
N ARG B 238 26.80 68.13 -10.74
CA ARG B 238 27.51 66.83 -10.64
C ARG B 238 28.10 66.36 -11.96
N GLY B 239 27.30 66.32 -13.02
CA GLY B 239 27.77 65.91 -14.34
C GLY B 239 28.97 66.70 -14.82
N ARG B 240 28.90 68.03 -14.62
CA ARG B 240 29.97 68.90 -15.09
C ARG B 240 31.26 68.76 -14.28
N ILE B 241 31.17 68.66 -12.97
CA ILE B 241 32.37 68.51 -12.14
C ILE B 241 33.07 67.18 -12.42
N ILE B 242 32.26 66.13 -12.55
CA ILE B 242 32.87 64.82 -12.85
C ILE B 242 33.63 64.88 -14.17
N ARG B 243 32.96 65.39 -15.22
CA ARG B 243 33.50 65.48 -16.57
C ARG B 243 34.73 66.41 -16.64
N ASP B 244 34.59 67.62 -16.09
CA ASP B 244 35.61 68.65 -16.34
C ASP B 244 36.74 68.68 -15.31
N CYS B 245 36.48 68.14 -14.11
CA CYS B 245 37.42 68.22 -13.03
C CYS B 245 37.90 66.87 -12.50
N LEU B 246 36.95 66.09 -12.00
CA LEU B 246 37.26 64.83 -11.33
C LEU B 246 37.99 63.85 -12.26
N LEU B 247 37.42 63.57 -13.43
CA LEU B 247 38.04 62.57 -14.32
C LEU B 247 39.44 62.98 -14.78
N PRO B 248 39.61 64.22 -15.31
CA PRO B 248 40.97 64.57 -15.72
C PRO B 248 41.97 64.54 -14.54
N VAL B 249 41.57 65.04 -13.38
CA VAL B 249 42.47 64.99 -12.24
C VAL B 249 42.83 63.55 -11.84
N ALA B 250 41.81 62.69 -11.79
CA ALA B 250 42.01 61.27 -11.47
C ALA B 250 42.97 60.63 -12.47
N GLU B 251 42.81 60.95 -13.76
CA GLU B 251 43.65 60.34 -14.79
C GLU B 251 45.10 60.79 -14.55
N LYS B 252 45.29 62.09 -14.41
CA LYS B 252 46.63 62.66 -14.20
C LYS B 252 47.40 62.02 -13.02
N HIS B 253 46.69 61.80 -11.91
CA HIS B 253 47.28 61.20 -10.72
C HIS B 253 47.15 59.67 -10.67
N ASN B 254 46.55 59.09 -11.70
CA ASN B 254 46.29 57.65 -11.74
C ASN B 254 45.60 57.17 -10.45
N ILE B 255 44.55 57.88 -10.05
CA ILE B 255 43.77 57.57 -8.84
C ILE B 255 42.40 57.08 -9.30
N PRO B 256 41.98 55.91 -8.81
CA PRO B 256 40.64 55.50 -9.18
C PRO B 256 39.50 56.36 -8.57
N PHE B 257 38.35 56.32 -9.21
CA PHE B 257 37.14 56.97 -8.72
C PHE B 257 36.19 55.85 -8.20
N ALA B 258 35.85 55.89 -6.91
CA ALA B 258 34.95 54.88 -6.34
C ALA B 258 33.57 55.47 -6.35
N MET B 259 32.65 54.73 -6.96
CA MET B 259 31.23 55.11 -7.00
C MET B 259 30.36 54.13 -6.22
N MET B 260 29.66 54.61 -5.19
CA MET B 260 28.81 53.74 -4.38
C MET B 260 27.38 54.15 -4.73
N ILE B 261 26.71 53.34 -5.57
CA ILE B 261 25.47 53.80 -6.25
C ILE B 261 24.26 53.11 -5.71
N GLY B 262 23.20 53.86 -5.43
CA GLY B 262 21.89 53.27 -5.14
C GLY B 262 21.26 53.74 -3.82
N VAL B 263 21.91 54.65 -3.09
CA VAL B 263 21.40 55.11 -1.79
C VAL B 263 20.45 56.30 -2.00
N LYS B 264 19.24 56.15 -1.45
CA LYS B 264 18.23 57.21 -1.44
C LYS B 264 18.26 57.82 -0.02
N LYS B 265 18.81 59.04 0.05
CA LYS B 265 19.11 59.67 1.35
C LYS B 265 17.87 60.15 2.10
N ARG B 266 17.83 59.85 3.40
CA ARG B 266 16.89 60.46 4.33
C ARG B 266 15.43 60.33 3.92
N VAL B 267 15.01 59.12 3.57
CA VAL B 267 13.57 58.88 3.39
C VAL B 267 12.80 58.99 4.74
N HIS B 268 13.52 58.73 5.83
CA HIS B 268 12.97 58.88 7.20
C HIS B 268 13.96 59.76 7.98
N PRO B 269 13.84 61.10 7.82
CA PRO B 269 14.84 62.04 8.38
C PRO B 269 15.14 61.84 9.86
N ALA B 270 14.11 61.55 10.64
CA ALA B 270 14.27 61.50 12.10
C ALA B 270 15.20 60.38 12.50
N LEU B 271 15.38 59.40 11.60
CA LEU B 271 16.25 58.28 11.93
C LEU B 271 17.72 58.58 11.74
N GLY B 272 18.02 59.75 11.18
CA GLY B 272 19.40 60.15 10.89
C GLY B 272 20.04 59.14 9.95
N ASP B 273 21.24 58.69 10.32
CA ASP B 273 22.01 57.67 9.58
C ASP B 273 21.19 56.42 9.26
N ALA B 274 20.20 56.08 10.09
CA ALA B 274 19.33 54.92 9.83
C ALA B 274 18.10 55.21 8.93
N GLY B 275 18.02 56.40 8.34
CA GLY B 275 16.84 56.78 7.56
C GLY B 275 17.03 56.69 6.03
N ASP B 276 18.12 56.06 5.59
CA ASP B 276 18.48 56.01 4.15
C ASP B 276 17.93 54.71 3.56
N PHE B 277 17.47 54.82 2.32
CA PHE B 277 16.79 53.74 1.60
C PHE B 277 17.60 53.37 0.38
N VAL B 278 16.98 52.57 -0.51
CA VAL B 278 17.63 52.03 -1.69
C VAL B 278 16.74 52.10 -2.92
N GLY B 279 17.38 52.16 -4.07
CA GLY B 279 16.66 52.01 -5.33
C GLY B 279 17.63 51.42 -6.37
N LYS B 280 17.03 50.70 -7.32
CA LYS B 280 17.75 50.23 -8.50
C LYS B 280 18.15 51.37 -9.41
N ALA B 281 19.37 51.34 -9.91
CA ALA B 281 19.88 52.39 -10.80
C ALA B 281 19.97 51.89 -12.25
N SER B 282 20.01 52.83 -13.21
CA SER B 282 20.40 52.49 -14.59
C SER B 282 21.87 52.20 -14.60
N MET B 283 22.26 51.23 -15.42
CA MET B 283 23.68 50.98 -15.65
C MET B 283 24.29 51.95 -16.69
N ASP B 284 23.45 52.75 -17.36
CA ASP B 284 23.90 53.54 -18.51
C ASP B 284 25.04 54.52 -18.19
N GLY B 285 24.94 55.19 -17.04
CA GLY B 285 25.96 56.17 -16.63
C GLY B 285 27.28 55.48 -16.42
N VAL B 286 27.24 54.31 -15.76
CA VAL B 286 28.48 53.62 -15.41
C VAL B 286 29.10 53.06 -16.70
N GLU B 287 28.25 52.49 -17.58
CA GLU B 287 28.67 52.00 -18.88
C GLU B 287 29.36 53.13 -19.70
N HIS B 288 28.74 54.29 -19.72
CA HIS B 288 29.30 55.42 -20.48
C HIS B 288 30.66 55.79 -19.90
N LEU B 289 30.73 55.90 -18.59
CA LEU B 289 31.98 56.30 -17.96
C LEU B 289 33.11 55.34 -18.28
N LEU B 290 32.88 54.04 -18.09
CA LEU B 290 33.86 53.04 -18.45
C LEU B 290 34.36 53.06 -19.88
N ARG B 291 33.43 53.16 -20.85
CA ARG B 291 33.76 53.11 -22.25
C ARG B 291 34.48 54.39 -22.66
N GLU B 292 33.96 55.52 -22.20
CA GLU B 292 34.41 56.84 -22.75
C GLU B 292 35.65 57.39 -22.05
N TYR B 293 36.00 56.80 -20.91
CA TYR B 293 37.16 57.21 -20.12
C TYR B 293 38.05 56.00 -19.86
N PRO B 294 38.64 55.44 -20.93
CA PRO B 294 39.41 54.20 -20.77
C PRO B 294 40.69 54.34 -19.99
N ASN B 295 41.15 55.58 -19.78
CA ASN B 295 42.34 55.82 -19.02
C ASN B 295 42.05 56.14 -17.56
N ASN B 296 40.77 56.11 -17.21
CA ASN B 296 40.34 56.23 -15.81
C ASN B 296 39.99 54.87 -15.24
N LYS B 297 40.23 54.71 -13.95
CA LYS B 297 39.88 53.47 -13.25
C LYS B 297 38.72 53.73 -12.33
N PHE B 298 37.80 52.75 -12.24
CA PHE B 298 36.57 52.94 -11.50
C PHE B 298 36.38 51.77 -10.54
N LEU B 299 36.14 52.05 -9.26
CA LEU B 299 35.75 51.06 -8.25
C LEU B 299 34.24 51.26 -8.08
N VAL B 300 33.45 50.20 -8.14
CA VAL B 300 31.99 50.37 -8.03
C VAL B 300 31.40 49.32 -7.11
N THR B 301 30.48 49.76 -6.26
CA THR B 301 29.60 48.84 -5.51
C THR B 301 28.21 49.43 -5.60
N MET B 302 27.18 48.57 -5.64
CA MET B 302 25.83 49.07 -5.81
C MET B 302 24.92 48.53 -4.72
N LEU B 303 23.89 49.31 -4.40
CA LEU B 303 23.12 49.00 -3.20
C LEU B 303 21.92 48.10 -3.46
N SER B 304 21.37 48.14 -4.68
CA SER B 304 20.15 47.32 -4.98
C SER B 304 20.49 45.85 -5.29
N ARG B 305 19.72 44.90 -4.73
CA ARG B 305 19.91 43.47 -5.08
C ARG B 305 19.81 43.32 -6.62
N GLU B 306 18.92 44.09 -7.24
CA GLU B 306 18.59 43.89 -8.64
C GLU B 306 19.59 44.48 -9.60
N ASN B 307 20.58 45.20 -9.05
CA ASN B 307 21.73 45.62 -9.87
C ASN B 307 22.90 44.65 -9.91
N GLN B 308 22.91 43.66 -9.04
CA GLN B 308 24.19 42.91 -8.85
C GLN B 308 24.60 42.08 -10.02
N HIS B 309 23.67 41.33 -10.61
CA HIS B 309 24.04 40.45 -11.70
C HIS B 309 24.56 41.30 -12.88
N GLU B 310 23.82 42.36 -13.22
CA GLU B 310 24.23 43.15 -14.38
C GLU B 310 25.52 43.95 -14.11
N LEU B 311 25.75 44.31 -12.87
CA LEU B 311 27.09 44.85 -12.51
C LEU B 311 28.23 43.84 -12.83
N VAL B 312 28.02 42.57 -12.49
CA VAL B 312 29.01 41.55 -12.82
C VAL B 312 29.20 41.44 -14.35
N VAL B 313 28.13 41.51 -15.13
CA VAL B 313 28.25 41.45 -16.59
C VAL B 313 29.02 42.67 -17.07
N LEU B 314 28.78 43.82 -16.42
CA LEU B 314 29.47 45.03 -16.92
C LEU B 314 30.96 44.86 -16.66
N ALA B 315 31.33 44.23 -15.54
CA ALA B 315 32.77 43.99 -15.28
C ALA B 315 33.41 43.04 -16.34
N ARG B 316 32.62 42.10 -16.86
CA ARG B 316 33.12 41.28 -17.97
C ARG B 316 33.54 42.15 -19.17
N LYS B 317 32.89 43.30 -19.35
CA LYS B 317 33.04 44.12 -20.57
C LYS B 317 34.22 45.07 -20.46
N PHE B 318 34.52 45.51 -19.23
CA PHE B 318 35.45 46.63 -18.99
C PHE B 318 36.48 46.33 -17.93
N SER B 319 37.76 46.21 -18.34
CA SER B 319 38.85 45.95 -17.40
C SER B 319 39.21 47.15 -16.51
N ASN B 320 38.70 48.34 -16.88
CA ASN B 320 38.91 49.53 -16.03
C ASN B 320 37.82 49.66 -14.97
N LEU B 321 37.00 48.58 -14.84
CA LEU B 321 36.03 48.45 -13.75
C LEU B 321 36.49 47.40 -12.73
N MET B 322 36.60 47.79 -11.48
CA MET B 322 36.81 46.82 -10.41
C MET B 322 35.58 46.88 -9.56
N ILE B 323 34.89 45.75 -9.39
CA ILE B 323 33.75 45.77 -8.49
C ILE B 323 34.16 45.27 -7.11
N PHE B 324 33.48 45.78 -6.10
CA PHE B 324 33.88 45.42 -4.73
C PHE B 324 32.74 45.29 -3.77
N GLY B 325 32.78 44.27 -2.92
CA GLY B 325 32.02 44.29 -1.68
C GLY B 325 30.52 44.08 -1.83
N CYS B 326 29.89 43.88 -0.68
CA CYS B 326 28.46 43.68 -0.57
C CYS B 326 28.04 44.74 0.42
N TRP B 327 27.60 45.84 -0.13
CA TRP B 327 27.47 47.08 0.59
C TRP B 327 26.13 47.11 1.31
N TRP B 328 26.22 47.26 2.63
CA TRP B 328 25.08 47.69 3.49
C TRP B 328 23.86 46.71 3.49
N PHE B 329 22.80 47.06 2.76
CA PHE B 329 21.63 46.17 2.61
C PHE B 329 21.98 44.87 1.84
N MET B 330 23.15 44.86 1.18
CA MET B 330 23.61 43.67 0.54
C MET B 330 24.45 42.80 1.49
N ASN B 331 24.79 43.35 2.67
CA ASN B 331 25.79 42.69 3.51
C ASN B 331 25.06 41.75 4.44
N ASN B 332 24.30 40.81 3.86
CA ASN B 332 23.57 39.85 4.63
C ASN B 332 23.87 38.48 4.00
N PRO B 333 24.03 37.40 4.82
CA PRO B 333 24.42 36.06 4.26
C PRO B 333 23.74 35.62 2.96
N GLU B 334 22.42 35.75 2.88
CA GLU B 334 21.67 35.31 1.68
C GLU B 334 22.22 36.07 0.45
N ILE B 335 22.50 37.35 0.60
CA ILE B 335 22.88 38.16 -0.53
C ILE B 335 24.39 38.03 -0.78
N ILE B 336 25.20 38.08 0.29
CA ILE B 336 26.61 37.82 0.10
C ILE B 336 26.86 36.51 -0.66
N ASN B 337 26.13 35.47 -0.31
CA ASN B 337 26.34 34.18 -1.00
C ASN B 337 26.01 34.26 -2.50
N GLU B 338 24.80 34.76 -2.82
CA GLU B 338 24.42 34.83 -4.24
C GLU B 338 25.33 35.76 -5.00
N MET B 339 25.70 36.91 -4.41
CA MET B 339 26.63 37.81 -5.12
C MET B 339 27.97 37.17 -5.36
N THR B 340 28.51 36.51 -4.33
CA THR B 340 29.89 36.02 -4.45
C THR B 340 29.93 34.90 -5.51
N ARG B 341 28.86 34.11 -5.54
CA ARG B 341 28.76 33.03 -6.54
C ARG B 341 28.65 33.60 -7.95
N MET B 342 27.77 34.59 -8.13
CA MET B 342 27.57 35.15 -9.48
C MET B 342 28.91 35.75 -9.94
N ARG B 343 29.56 36.46 -9.03
CA ARG B 343 30.82 37.12 -9.34
C ARG B 343 31.92 36.13 -9.72
N MET B 344 32.07 35.04 -8.96
CA MET B 344 33.12 34.10 -9.26
C MET B 344 32.82 33.31 -10.54
N GLU B 345 31.55 32.98 -10.72
CA GLU B 345 31.15 32.25 -11.93
C GLU B 345 31.52 33.02 -13.21
N MET B 346 31.38 34.35 -13.17
CA MET B 346 31.58 35.18 -14.37
C MET B 346 32.90 35.94 -14.44
N LEU B 347 33.61 36.05 -13.32
CA LEU B 347 34.84 36.83 -13.26
C LEU B 347 36.00 36.04 -12.70
N GLY B 348 35.79 34.79 -12.34
CA GLY B 348 36.92 34.04 -11.74
C GLY B 348 37.33 34.73 -10.42
N THR B 349 38.61 35.06 -10.29
CA THR B 349 39.12 35.75 -9.07
C THR B 349 39.35 37.27 -9.31
N SER B 350 38.84 37.80 -10.44
CA SER B 350 39.10 39.21 -10.90
C SER B 350 38.10 40.23 -10.27
N PHE B 351 37.90 40.12 -8.97
CA PHE B 351 37.02 41.05 -8.21
C PHE B 351 37.44 41.08 -6.73
N ILE B 352 36.84 42.02 -5.99
CA ILE B 352 37.09 42.22 -4.54
C ILE B 352 35.79 41.77 -3.84
N PRO B 353 35.78 40.56 -3.26
CA PRO B 353 34.50 40.09 -2.74
C PRO B 353 33.91 40.89 -1.63
N GLN B 354 34.72 41.51 -0.75
CA GLN B 354 34.08 42.12 0.41
C GLN B 354 34.88 43.33 0.97
N HIS B 355 34.15 44.23 1.64
CA HIS B 355 34.72 45.30 2.51
C HIS B 355 33.79 45.36 3.74
N SER B 356 34.21 45.95 4.85
CA SER B 356 33.36 45.94 6.07
C SER B 356 32.44 47.14 6.17
N ASP B 357 32.86 48.29 5.63
CA ASP B 357 32.18 49.58 5.93
C ASP B 357 32.06 49.79 7.45
N ALA B 358 33.01 49.25 8.23
CA ALA B 358 32.94 49.30 9.70
C ALA B 358 32.88 50.76 10.12
N ARG B 359 31.90 51.10 10.95
CA ARG B 359 31.83 52.43 11.59
C ARG B 359 32.40 52.42 13.02
N VAL B 360 32.44 51.22 13.59
CA VAL B 360 32.84 50.98 14.98
C VAL B 360 33.95 49.93 14.89
N LEU B 361 35.08 50.22 15.54
CA LEU B 361 36.28 49.41 15.41
C LEU B 361 36.02 47.91 15.52
N GLU B 362 35.29 47.47 16.54
CA GLU B 362 35.17 46.04 16.82
C GLU B 362 34.43 45.27 15.70
N GLN B 363 33.66 46.01 14.90
CA GLN B 363 32.90 45.41 13.78
C GLN B 363 33.80 44.71 12.79
N LEU B 364 35.08 45.09 12.70
CA LEU B 364 36.00 44.31 11.85
C LEU B 364 35.97 42.82 12.19
N ILE B 365 35.84 42.49 13.48
CA ILE B 365 35.84 41.11 13.90
C ILE B 365 34.65 40.37 13.21
N TYR B 366 33.44 40.88 13.41
CA TYR B 366 32.30 40.11 12.85
C TYR B 366 32.22 40.26 11.35
N LYS B 367 32.52 41.43 10.81
CA LYS B 367 32.31 41.64 9.37
C LYS B 367 33.19 40.66 8.59
N TRP B 368 34.44 40.52 9.02
CA TRP B 368 35.35 39.58 8.37
C TRP B 368 35.07 38.12 8.73
N HIS B 369 34.73 37.82 9.99
CA HIS B 369 34.45 36.42 10.34
C HIS B 369 33.21 35.93 9.55
N HIS B 370 32.15 36.71 9.55
CA HIS B 370 30.92 36.27 8.85
C HIS B 370 31.14 36.15 7.35
N SER B 371 31.85 37.12 6.76
CA SER B 371 32.09 37.07 5.33
C SER B 371 33.07 35.99 4.91
N LYS B 372 34.18 35.83 5.65
CA LYS B 372 35.12 34.78 5.33
C LYS B 372 34.49 33.37 5.28
N SER B 373 33.57 33.07 6.21
CA SER B 373 33.04 31.69 6.22
C SER B 373 32.22 31.44 4.91
N ILE B 374 31.49 32.47 4.46
CA ILE B 374 30.73 32.35 3.21
C ILE B 374 31.67 32.29 2.01
N ILE B 375 32.64 33.21 1.95
CA ILE B 375 33.58 33.23 0.85
C ILE B 375 34.37 31.90 0.76
N ALA B 376 34.78 31.34 1.91
CA ALA B 376 35.46 30.04 1.92
C ALA B 376 34.57 28.96 1.31
N GLU B 377 33.29 28.91 1.70
CA GLU B 377 32.41 27.88 1.15
C GLU B 377 32.25 28.04 -0.37
N VAL B 378 32.15 29.27 -0.84
CA VAL B 378 32.05 29.46 -2.30
C VAL B 378 33.33 28.96 -2.97
N LEU B 379 34.48 29.29 -2.39
CA LEU B 379 35.76 28.80 -2.94
C LEU B 379 35.84 27.27 -2.95
N ILE B 380 35.40 26.65 -1.87
CA ILE B 380 35.48 25.18 -1.81
C ILE B 380 34.65 24.55 -2.94
N ASP B 381 33.43 25.06 -3.12
CA ASP B 381 32.63 24.59 -4.25
C ASP B 381 33.34 24.75 -5.61
N LYS B 382 33.90 25.93 -5.83
CA LYS B 382 34.52 26.25 -7.13
C LYS B 382 35.81 25.44 -7.38
N TYR B 383 36.61 25.25 -6.33
CA TYR B 383 37.82 24.44 -6.47
C TYR B 383 37.42 23.01 -6.63
N ASP B 384 36.34 22.60 -5.94
CA ASP B 384 35.95 21.19 -6.05
C ASP B 384 35.51 20.87 -7.49
N ASP B 385 34.76 21.78 -8.09
CA ASP B 385 34.26 21.58 -9.44
C ASP B 385 35.39 21.36 -10.45
N ILE B 386 36.51 22.09 -10.27
CA ILE B 386 37.64 21.91 -11.20
C ILE B 386 38.48 20.69 -10.80
N LEU B 387 38.55 20.42 -9.48
CA LEU B 387 39.18 19.18 -8.96
C LEU B 387 38.47 17.95 -9.55
N GLN B 388 37.14 17.93 -9.51
CA GLN B 388 36.40 16.79 -10.01
C GLN B 388 36.59 16.64 -11.53
N ALA B 389 36.86 17.78 -12.22
CA ALA B 389 37.07 17.82 -13.66
C ALA B 389 38.53 17.44 -14.01
N GLY B 390 39.34 17.12 -12.99
CA GLY B 390 40.71 16.60 -13.23
C GLY B 390 41.86 17.60 -13.02
N TRP B 391 41.50 18.83 -12.66
CA TRP B 391 42.53 19.82 -12.33
C TRP B 391 43.25 19.55 -11.04
N GLU B 392 44.56 19.76 -11.02
CA GLU B 392 45.33 19.62 -9.79
C GLU B 392 45.38 21.00 -9.15
N VAL B 393 44.69 21.22 -8.05
CA VAL B 393 44.81 22.50 -7.37
C VAL B 393 45.80 22.36 -6.22
N THR B 394 46.79 23.25 -6.16
CA THR B 394 47.82 23.16 -5.10
C THR B 394 47.49 24.09 -3.93
N GLU B 395 48.02 23.81 -2.74
CA GLU B 395 47.77 24.71 -1.62
C GLU B 395 48.35 26.10 -1.89
N GLU B 396 49.48 26.15 -2.56
CA GLU B 396 50.09 27.46 -2.83
C GLU B 396 49.25 28.31 -3.79
N GLU B 397 48.60 27.65 -4.75
CA GLU B 397 47.65 28.32 -5.66
C GLU B 397 46.44 28.80 -4.90
N ILE B 398 45.91 27.98 -4.01
CA ILE B 398 44.81 28.42 -3.15
C ILE B 398 45.25 29.67 -2.39
N LYS B 399 46.46 29.63 -1.79
CA LYS B 399 46.92 30.77 -0.96
C LYS B 399 47.06 32.03 -1.81
N ARG B 400 47.47 31.87 -3.07
CA ARG B 400 47.63 32.97 -3.99
C ARG B 400 46.28 33.59 -4.35
N ASP B 401 45.33 32.73 -4.71
CA ASP B 401 44.02 33.21 -5.09
C ASP B 401 43.35 33.92 -3.93
N VAL B 402 43.44 33.35 -2.74
CA VAL B 402 42.89 33.97 -1.54
C VAL B 402 43.53 35.34 -1.26
N ALA B 403 44.84 35.42 -1.50
CA ALA B 403 45.54 36.72 -1.33
C ALA B 403 45.08 37.74 -2.36
N ASP B 404 44.80 37.31 -3.60
CA ASP B 404 44.25 38.21 -4.62
C ASP B 404 42.90 38.76 -4.16
N LEU B 405 42.02 37.88 -3.68
CA LEU B 405 40.65 38.31 -3.33
C LEU B 405 40.64 39.25 -2.12
N PHE B 406 41.43 38.95 -1.08
CA PHE B 406 41.33 39.68 0.17
C PHE B 406 42.28 40.87 0.26
N SER B 407 43.26 40.95 -0.65
CA SER B 407 44.24 42.04 -0.59
C SER B 407 44.84 42.54 -1.89
N ARG B 408 45.43 41.63 -2.67
CA ARG B 408 46.26 42.02 -3.81
C ARG B 408 45.47 42.64 -4.94
N ASN B 409 44.22 42.18 -5.16
CA ASN B 409 43.51 42.71 -6.29
C ASN B 409 43.31 44.20 -6.10
N PHE B 410 43.06 44.59 -4.85
CA PHE B 410 42.79 46.01 -4.54
C PHE B 410 44.06 46.83 -4.83
N TRP B 411 45.15 46.41 -4.23
CA TRP B 411 46.41 47.20 -4.35
C TRP B 411 46.90 47.26 -5.80
N ARG B 412 46.72 46.16 -6.53
CA ARG B 412 47.06 46.12 -7.93
C ARG B 412 46.24 47.16 -8.71
N PHE B 413 44.94 47.25 -8.43
CA PHE B 413 44.08 48.13 -9.21
C PHE B 413 44.41 49.60 -8.92
N VAL B 414 44.63 49.91 -7.66
CA VAL B 414 44.83 51.30 -7.23
C VAL B 414 46.25 51.73 -7.57
N GLY B 415 47.10 50.77 -7.90
CA GLY B 415 48.48 51.05 -8.32
C GLY B 415 49.36 51.45 -7.16
N ARG B 416 49.20 50.77 -6.00
CA ARG B 416 50.00 51.05 -4.77
C ARG B 416 50.40 49.81 -3.93
N ASN B 417 50.83 50.05 -2.66
CA ASN B 417 51.08 49.01 -1.60
C ASN B 417 50.70 47.56 -1.96
N SER C 2 2.30 -0.99 -8.20
CA SER C 2 2.71 0.00 -7.16
C SER C 2 4.18 -0.12 -6.66
N LEU C 3 4.95 -1.01 -7.28
CA LEU C 3 6.39 -1.04 -7.06
C LEU C 3 6.90 0.36 -7.39
N SER C 4 7.65 0.95 -6.45
CA SER C 4 8.09 2.33 -6.64
C SER C 4 9.32 2.59 -5.79
N ILE C 5 9.76 3.84 -5.82
CA ILE C 5 11.10 4.17 -5.31
C ILE C 5 11.02 4.35 -3.82
N ASN C 6 11.80 3.54 -3.08
CA ASN C 6 11.60 3.41 -1.64
C ASN C 6 12.45 4.34 -0.81
N SER C 7 13.51 4.91 -1.40
CA SER C 7 14.29 5.86 -0.60
C SER C 7 14.82 7.01 -1.44
N ARG C 8 15.16 8.09 -0.76
CA ARG C 8 15.81 9.28 -1.41
C ARG C 8 17.16 8.90 -2.03
N GLU C 9 17.88 7.95 -1.42
CA GLU C 9 19.21 7.60 -1.98
C GLU C 9 19.04 6.85 -3.29
N VAL C 10 18.04 5.97 -3.35
CA VAL C 10 17.78 5.24 -4.61
C VAL C 10 17.19 6.22 -5.65
N LEU C 11 16.29 7.07 -5.20
CA LEU C 11 15.76 8.11 -6.08
C LEU C 11 16.94 8.88 -6.71
N ALA C 12 17.89 9.33 -5.89
CA ALA C 12 19.01 10.14 -6.42
C ALA C 12 19.78 9.33 -7.47
N GLU C 13 20.05 8.05 -7.22
CA GLU C 13 20.77 7.19 -8.16
CA GLU C 13 20.79 7.25 -8.20
C GLU C 13 19.99 7.11 -9.47
N LYS C 14 18.69 6.85 -9.36
CA LYS C 14 17.86 6.59 -10.51
C LYS C 14 17.64 7.85 -11.35
N VAL C 15 17.48 8.97 -10.66
CA VAL C 15 17.32 10.26 -11.38
C VAL C 15 18.60 10.57 -12.11
N LYS C 16 19.74 10.51 -11.41
CA LYS C 16 21.03 10.78 -12.07
C LYS C 16 21.24 9.87 -13.29
N ASN C 17 20.95 8.59 -13.14
CA ASN C 17 21.08 7.69 -14.29
C ASN C 17 20.13 8.06 -15.45
N ALA C 18 18.86 8.33 -15.15
CA ALA C 18 17.90 8.71 -16.18
C ALA C 18 18.39 9.99 -16.93
N VAL C 19 18.84 10.99 -16.16
CA VAL C 19 19.30 12.27 -16.75
C VAL C 19 20.52 12.06 -17.62
N ASN C 20 21.46 11.28 -17.11
CA ASN C 20 22.70 11.00 -17.85
C ASN C 20 22.43 10.22 -19.10
N ASN C 21 21.53 9.25 -19.03
CA ASN C 21 21.22 8.39 -20.17
C ASN C 21 20.26 8.92 -21.23
N GLN C 22 19.53 10.01 -20.92
CA GLN C 22 18.53 10.50 -21.84
C GLN C 22 19.25 11.26 -22.95
N PRO C 23 19.06 10.83 -24.21
CA PRO C 23 19.70 11.61 -25.30
C PRO C 23 19.08 13.00 -25.38
N VAL C 24 19.94 13.98 -25.51
CA VAL C 24 19.52 15.36 -25.53
C VAL C 24 19.23 15.89 -26.92
N THR C 25 18.11 16.61 -27.05
CA THR C 25 17.94 17.55 -28.16
C THR C 25 18.42 18.89 -27.67
N ASP C 26 19.39 19.48 -28.38
CA ASP C 26 19.98 20.76 -27.91
C ASP C 26 19.38 21.78 -28.84
N MET C 27 18.40 22.53 -28.34
CA MET C 27 17.52 23.24 -29.31
C MET C 27 17.95 24.62 -29.74
N HIS C 28 19.13 25.03 -29.32
CA HIS C 28 19.72 26.26 -29.86
C HIS C 28 21.23 26.20 -29.68
N THR C 29 21.98 26.11 -30.80
CA THR C 29 23.43 26.11 -30.76
C THR C 29 23.90 26.98 -31.92
N HIS C 30 25.22 27.18 -31.97
CA HIS C 30 25.88 27.86 -33.10
C HIS C 30 26.81 26.86 -33.76
N LEU C 31 26.44 25.58 -33.74
CA LEU C 31 27.25 24.56 -34.39
C LEU C 31 26.68 24.28 -35.82
N PHE C 32 27.48 23.63 -36.67
CA PHE C 32 26.95 23.26 -38.01
C PHE C 32 27.27 21.79 -38.35
N SER C 33 26.44 21.18 -39.20
CA SER C 33 26.73 19.83 -39.73
C SER C 33 28.13 19.92 -40.32
N PRO C 34 28.96 18.92 -40.07
CA PRO C 34 30.36 18.94 -40.43
C PRO C 34 30.55 19.06 -41.95
N ASN C 35 29.58 18.62 -42.74
CA ASN C 35 29.63 18.81 -44.22
C ASN C 35 29.58 20.28 -44.63
N PHE C 36 29.15 21.18 -43.74
CA PHE C 36 29.20 22.61 -44.06
C PHE C 36 30.61 23.17 -43.97
N GLY C 37 31.55 22.34 -43.54
CA GLY C 37 32.98 22.74 -43.49
C GLY C 37 33.50 23.58 -42.34
N GLU C 38 34.41 24.50 -42.65
CA GLU C 38 35.17 25.28 -41.67
C GLU C 38 34.35 26.12 -40.67
N ILE C 39 33.12 26.44 -41.01
CA ILE C 39 32.26 27.21 -40.08
C ILE C 39 31.91 26.40 -38.83
N LEU C 40 32.00 25.07 -38.90
CA LEU C 40 31.99 24.25 -37.67
C LEU C 40 33.31 24.40 -36.95
N LEU C 41 33.26 25.11 -35.79
CA LEU C 41 34.47 25.36 -35.00
C LEU C 41 34.68 24.25 -34.01
N TRP C 42 35.92 23.77 -33.91
CA TRP C 42 36.30 22.75 -32.94
C TRP C 42 37.77 22.72 -32.63
N ASP C 43 38.07 22.14 -31.48
CA ASP C 43 39.40 21.93 -30.88
C ASP C 43 39.73 22.82 -29.71
N ILE C 44 40.81 22.48 -29.02
CA ILE C 44 41.18 23.21 -27.76
C ILE C 44 41.51 24.69 -27.98
N ASP C 45 42.16 25.04 -29.08
CA ASP C 45 42.40 26.44 -29.39
C ASP C 45 41.12 27.23 -29.59
N GLU C 46 40.10 26.61 -30.21
CA GLU C 46 38.82 27.26 -30.38
C GLU C 46 38.09 27.36 -29.00
N LEU C 47 38.15 26.29 -28.21
CA LEU C 47 37.60 26.33 -26.83
C LEU C 47 38.17 27.49 -26.03
N LEU C 48 39.50 27.62 -26.06
CA LEU C 48 40.17 28.65 -25.31
C LEU C 48 39.94 30.08 -25.82
N THR C 49 39.65 30.23 -27.11
CA THR C 49 39.45 31.58 -27.67
C THR C 49 37.96 31.95 -27.87
N TYR C 50 37.08 31.10 -27.33
CA TYR C 50 35.65 31.37 -27.12
C TYR C 50 35.55 32.80 -26.56
N HIS C 51 34.55 33.58 -26.98
CA HIS C 51 34.51 34.99 -26.60
C HIS C 51 34.29 35.18 -25.09
N TYR C 52 33.64 34.21 -24.45
CA TYR C 52 33.50 34.32 -22.97
C TYR C 52 34.88 34.45 -22.34
N LEU C 53 35.85 33.71 -22.87
CA LEU C 53 37.20 33.70 -22.31
C LEU C 53 38.01 34.90 -22.74
N VAL C 54 37.72 35.42 -23.93
CA VAL C 54 38.30 36.74 -24.32
C VAL C 54 37.93 37.86 -23.31
N ALA C 55 36.65 37.94 -22.96
CA ALA C 55 36.22 38.92 -21.93
C ALA C 55 37.03 38.68 -20.65
N GLU C 56 37.11 37.42 -20.20
CA GLU C 56 37.77 37.16 -18.93
C GLU C 56 39.28 37.49 -18.96
N VAL C 57 39.96 37.15 -20.05
CA VAL C 57 41.43 37.35 -20.08
C VAL C 57 41.71 38.87 -20.09
N MET C 58 40.80 39.60 -20.75
CA MET C 58 41.01 41.06 -20.84
C MET C 58 40.90 41.76 -19.47
N ARG C 59 40.28 41.13 -18.46
CA ARG C 59 40.29 41.69 -17.09
C ARG C 59 41.63 41.54 -16.40
N TRP C 60 42.50 40.63 -16.87
CA TRP C 60 43.78 40.37 -16.21
C TRP C 60 44.99 40.82 -16.97
N THR C 61 44.94 40.68 -18.29
CA THR C 61 46.19 40.72 -19.07
C THR C 61 46.60 42.16 -19.30
N ASP C 62 47.91 42.39 -19.43
CA ASP C 62 48.43 43.70 -19.83
C ASP C 62 48.56 43.81 -21.36
N VAL C 63 48.35 42.70 -22.07
CA VAL C 63 48.33 42.73 -23.52
C VAL C 63 47.14 43.59 -23.98
N SER C 64 47.36 44.50 -24.93
CA SER C 64 46.27 45.34 -25.39
C SER C 64 45.28 44.56 -26.25
N ILE C 65 44.05 45.04 -26.35
CA ILE C 65 43.07 44.38 -27.19
C ILE C 65 43.52 44.27 -28.66
N GLU C 66 44.14 45.35 -29.17
CA GLU C 66 44.70 45.36 -30.53
C GLU C 66 45.76 44.25 -30.68
N ALA C 67 46.66 44.15 -29.71
CA ALA C 67 47.72 43.17 -29.80
C ALA C 67 47.09 41.77 -29.77
N PHE C 68 46.05 41.60 -28.94
CA PHE C 68 45.35 40.31 -28.86
C PHE C 68 44.79 39.86 -30.22
N TRP C 69 44.08 40.75 -30.89
CA TRP C 69 43.43 40.39 -32.14
C TRP C 69 44.45 40.14 -33.24
N ALA C 70 45.64 40.74 -33.06
CA ALA C 70 46.78 40.58 -33.99
C ALA C 70 47.50 39.25 -33.82
N MET C 71 47.31 38.60 -32.65
CA MET C 71 47.90 37.30 -32.44
C MET C 71 47.19 36.22 -33.24
N SER C 72 47.92 35.13 -33.52
CA SER C 72 47.31 33.96 -34.16
C SER C 72 46.39 33.28 -33.16
N LYS C 73 45.46 32.45 -33.66
CA LYS C 73 44.64 31.65 -32.72
C LYS C 73 45.49 30.89 -31.67
N ARG C 74 46.58 30.25 -32.09
CA ARG C 74 47.42 29.53 -31.13
C ARG C 74 47.97 30.46 -30.06
N GLU C 75 48.45 31.63 -30.47
CA GLU C 75 49.03 32.60 -29.51
C GLU C 75 47.98 33.13 -28.53
N GLN C 76 46.78 33.41 -29.05
CA GLN C 76 45.64 33.86 -28.18
C GLN C 76 45.35 32.76 -27.16
N ALA C 77 45.27 31.52 -27.64
CA ALA C 77 44.98 30.39 -26.75
C ALA C 77 46.07 30.21 -25.69
N ASP C 78 47.34 30.32 -26.07
CA ASP C 78 48.42 30.29 -25.15
C ASP C 78 48.30 31.40 -24.05
N LEU C 79 48.00 32.63 -24.47
CA LEU C 79 47.87 33.74 -23.54
C LEU C 79 46.70 33.44 -22.53
N ILE C 80 45.57 33.03 -23.08
CA ILE C 80 44.35 32.70 -22.26
C ILE C 80 44.69 31.60 -21.24
N TRP C 81 45.41 30.58 -21.69
CA TRP C 81 45.82 29.49 -20.82
C TRP C 81 46.69 30.00 -19.66
N GLU C 82 47.75 30.73 -20.00
CA GLU C 82 48.63 31.28 -18.97
C GLU C 82 47.89 32.21 -17.99
N GLU C 83 47.05 33.13 -18.49
CA GLU C 83 46.48 34.18 -17.66
C GLU C 83 45.33 33.66 -16.79
N LEU C 84 44.53 32.75 -17.34
CA LEU C 84 43.28 32.31 -16.61
C LEU C 84 43.39 30.92 -15.97
N PHE C 85 44.38 30.13 -16.37
CA PHE C 85 44.54 28.81 -15.79
C PHE C 85 45.81 28.68 -14.94
N ILE C 86 46.92 29.28 -15.40
CA ILE C 86 48.19 29.13 -14.69
C ILE C 86 48.41 30.21 -13.61
N LYS C 87 48.21 31.48 -13.95
CA LYS C 87 48.48 32.60 -13.04
C LYS C 87 47.35 32.84 -12.04
N ARG C 88 46.12 32.38 -12.37
CA ARG C 88 45.04 32.27 -11.39
C ARG C 88 44.35 30.92 -11.58
N SER C 89 43.70 30.41 -10.53
CA SER C 89 43.01 29.11 -10.71
C SER C 89 41.83 29.28 -11.64
N PRO C 90 41.58 28.30 -12.57
CA PRO C 90 40.52 28.39 -13.56
C PRO C 90 39.15 28.07 -12.93
N VAL C 91 38.75 28.91 -11.97
CA VAL C 91 37.47 28.66 -11.23
C VAL C 91 36.21 29.17 -11.87
N SER C 92 36.30 30.13 -12.81
CA SER C 92 35.07 30.61 -13.49
C SER C 92 34.35 29.48 -14.22
N GLU C 93 33.06 29.70 -14.50
CA GLU C 93 32.30 28.67 -15.20
C GLU C 93 32.90 28.31 -16.59
N ALA C 94 33.25 29.34 -17.38
CA ALA C 94 33.80 29.15 -18.71
C ALA C 94 35.16 28.44 -18.67
N CYS C 95 35.98 28.76 -17.67
CA CYS C 95 37.27 28.08 -17.55
C CYS C 95 37.07 26.63 -17.06
N ARG C 96 36.22 26.43 -16.02
CA ARG C 96 35.87 25.08 -15.61
C ARG C 96 35.41 24.26 -16.82
N GLY C 97 34.55 24.85 -17.63
CA GLY C 97 34.04 24.15 -18.81
C GLY C 97 35.15 23.60 -19.72
N VAL C 98 36.18 24.41 -20.01
CA VAL C 98 37.31 23.89 -20.82
C VAL C 98 37.87 22.62 -20.20
N LEU C 99 38.03 22.58 -18.88
CA LEU C 99 38.58 21.39 -18.23
C LEU C 99 37.61 20.22 -18.34
N THR C 100 36.29 20.46 -18.13
CA THR C 100 35.33 19.35 -18.30
C THR C 100 35.45 18.71 -19.69
N CYS C 101 35.62 19.54 -20.72
CA CYS C 101 35.79 19.06 -22.10
C CYS C 101 37.03 18.18 -22.23
N LEU C 102 38.18 18.69 -21.78
CA LEU C 102 39.43 17.91 -21.88
C LEU C 102 39.28 16.56 -21.19
N GLN C 103 38.74 16.56 -19.97
CA GLN C 103 38.55 15.32 -19.24
C GLN C 103 37.64 14.36 -20.02
N GLY C 104 36.54 14.90 -20.56
CA GLY C 104 35.54 14.09 -21.29
C GLY C 104 36.21 13.36 -22.44
N LEU C 105 37.16 14.03 -23.07
CA LEU C 105 37.82 13.52 -24.27
C LEU C 105 38.90 12.49 -23.94
N GLY C 106 39.11 12.21 -22.67
CA GLY C 106 40.14 11.29 -22.24
C GLY C 106 41.49 11.98 -22.13
N LEU C 107 41.50 13.32 -22.21
CA LEU C 107 42.73 14.04 -21.92
C LEU C 107 42.88 14.25 -20.41
N ASP C 108 44.06 14.68 -19.97
CA ASP C 108 44.30 14.76 -18.56
C ASP C 108 44.61 16.19 -18.13
N PRO C 109 43.61 16.90 -17.55
CA PRO C 109 43.88 18.27 -17.08
C PRO C 109 44.99 18.39 -16.06
N ALA C 110 45.29 17.29 -15.36
CA ALA C 110 46.30 17.30 -14.32
C ALA C 110 47.68 17.68 -14.81
N THR C 111 48.00 17.36 -16.06
CA THR C 111 49.35 17.60 -16.57
C THR C 111 49.53 19.05 -16.98
N ARG C 112 48.41 19.70 -17.30
CA ARG C 112 48.37 21.05 -17.87
C ARG C 112 49.15 21.15 -19.18
N ASP C 113 49.19 20.06 -19.92
CA ASP C 113 50.06 19.97 -21.11
C ASP C 113 49.29 20.32 -22.37
N LEU C 114 49.20 21.62 -22.67
CA LEU C 114 48.43 22.12 -23.77
C LEU C 114 48.96 21.58 -25.12
N GLN C 115 50.28 21.41 -25.23
CA GLN C 115 50.83 20.84 -26.46
CA GLN C 115 50.92 20.80 -26.40
C GLN C 115 50.35 19.41 -26.67
N VAL C 116 50.30 18.62 -25.61
CA VAL C 116 49.71 17.27 -25.73
C VAL C 116 48.21 17.29 -26.07
N TYR C 117 47.47 18.28 -25.53
CA TYR C 117 46.04 18.38 -25.86
C TYR C 117 45.83 18.67 -27.35
N ARG C 118 46.64 19.56 -27.89
CA ARG C 118 46.53 19.94 -29.27
C ARG C 118 46.77 18.74 -30.17
N GLU C 119 47.71 17.88 -29.77
CA GLU C 119 48.02 16.67 -30.59
C GLU C 119 46.80 15.77 -30.82
N TYR C 120 45.91 15.70 -29.83
CA TYR C 120 44.72 14.91 -29.92
C TYR C 120 43.88 15.32 -31.13
N PHE C 121 43.72 16.61 -31.31
CA PHE C 121 42.79 17.13 -32.32
C PHE C 121 43.39 17.12 -33.73
N ALA C 122 44.72 17.26 -33.77
CA ALA C 122 45.50 17.30 -35.02
C ALA C 122 45.31 16.02 -35.80
N LYS C 123 45.03 14.94 -35.10
CA LYS C 123 44.86 13.64 -35.75
C LYS C 123 43.44 13.19 -36.07
N LYS C 124 42.49 14.12 -36.15
CA LYS C 124 41.09 13.73 -36.38
C LYS C 124 40.47 14.55 -37.50
N THR C 125 39.44 14.01 -38.15
CA THR C 125 38.59 14.81 -39.02
C THR C 125 37.44 15.41 -38.24
N SER C 126 36.80 16.40 -38.84
CA SER C 126 35.58 17.03 -38.31
C SER C 126 34.49 15.99 -38.05
N GLU C 127 34.27 15.12 -39.04
CA GLU C 127 33.22 14.09 -38.98
C GLU C 127 33.50 13.16 -37.79
N GLU C 128 34.75 12.79 -37.61
CA GLU C 128 35.14 11.93 -36.47
C GLU C 128 34.90 12.64 -35.14
N GLN C 129 35.26 13.92 -35.07
CA GLN C 129 35.12 14.67 -33.81
C GLN C 129 33.67 14.85 -33.46
N VAL C 130 32.86 15.15 -34.45
CA VAL C 130 31.40 15.21 -34.23
C VAL C 130 30.91 13.87 -33.65
N ASP C 131 31.29 12.76 -34.26
CA ASP C 131 30.89 11.45 -33.71
C ASP C 131 31.30 11.29 -32.24
N THR C 132 32.56 11.55 -31.95
CA THR C 132 33.07 11.46 -30.59
C THR C 132 32.27 12.36 -29.64
N VAL C 133 32.15 13.64 -30.01
CA VAL C 133 31.56 14.62 -29.09
C VAL C 133 30.09 14.36 -28.84
N LEU C 134 29.30 14.03 -29.85
CA LEU C 134 27.88 13.79 -29.64
C LEU C 134 27.64 12.55 -28.77
N GLN C 135 28.53 11.56 -28.92
CA GLN C 135 28.46 10.35 -28.11
C GLN C 135 28.74 10.67 -26.64
N LEU C 136 29.89 11.31 -26.41
CA LEU C 136 30.33 11.73 -25.06
C LEU C 136 29.33 12.63 -24.34
N ALA C 137 28.76 13.59 -25.08
CA ALA C 137 27.76 14.50 -24.51
C ALA C 137 26.35 13.88 -24.54
N ASN C 138 26.20 12.67 -25.12
CA ASN C 138 24.85 12.08 -25.30
C ASN C 138 23.83 13.05 -25.90
N VAL C 139 24.19 13.67 -27.03
CA VAL C 139 23.30 14.57 -27.75
C VAL C 139 22.91 13.91 -29.09
N SER C 140 21.62 13.70 -29.26
CA SER C 140 21.08 13.00 -30.43
C SER C 140 20.76 14.00 -31.54
N ASP C 141 20.44 15.24 -31.18
CA ASP C 141 19.95 16.21 -32.14
C ASP C 141 20.48 17.59 -31.77
N VAL C 142 21.00 18.31 -32.77
CA VAL C 142 21.54 19.64 -32.58
C VAL C 142 20.74 20.60 -33.46
N VAL C 143 20.20 21.68 -32.87
CA VAL C 143 19.59 22.72 -33.70
C VAL C 143 20.64 23.77 -33.95
N MET C 144 20.80 24.10 -35.24
CA MET C 144 21.79 25.08 -35.66
C MET C 144 21.21 26.48 -35.57
N THR C 145 22.06 27.49 -35.85
CA THR C 145 21.63 28.85 -36.12
C THR C 145 22.07 29.20 -37.58
N ASN C 146 21.08 29.29 -38.46
CA ASN C 146 21.35 29.39 -39.91
C ASN C 146 20.96 30.77 -40.43
N ASP C 147 22.00 31.50 -40.85
CA ASP C 147 21.88 32.90 -41.19
C ASP C 147 22.09 33.11 -42.70
N PRO C 148 20.98 33.31 -43.42
CA PRO C 148 21.07 33.42 -44.88
C PRO C 148 21.77 34.70 -45.31
N PHE C 149 22.02 35.60 -44.36
CA PHE C 149 22.73 36.84 -44.66
C PHE C 149 24.21 36.63 -44.55
N ASP C 150 24.63 35.52 -43.95
CA ASP C 150 26.06 35.24 -43.92
C ASP C 150 26.53 34.54 -45.21
N ASP C 151 27.38 35.23 -45.97
CA ASP C 151 27.91 34.71 -47.26
C ASP C 151 28.51 33.32 -47.18
N ASN C 152 29.34 33.08 -46.17
CA ASN C 152 29.95 31.79 -45.98
C ASN C 152 29.01 30.64 -45.52
N GLU C 153 27.83 30.98 -45.05
CA GLU C 153 26.86 29.92 -44.79
C GLU C 153 25.93 29.78 -45.99
N ARG C 154 25.51 30.91 -46.55
CA ARG C 154 24.54 30.93 -47.63
C ARG C 154 24.98 29.98 -48.79
N ILE C 155 26.28 29.94 -49.04
CA ILE C 155 26.88 29.13 -50.15
C ILE C 155 26.49 27.65 -50.13
N SER C 156 26.73 27.01 -48.99
CA SER C 156 26.41 25.61 -48.82
C SER C 156 24.93 25.36 -49.12
N TRP C 157 24.06 26.23 -48.64
CA TRP C 157 22.64 26.10 -48.86
C TRP C 157 22.35 26.19 -50.35
N LEU C 158 22.91 27.22 -50.95
CA LEU C 158 22.70 27.45 -52.39
C LEU C 158 23.33 26.34 -53.23
N GLU C 159 24.39 25.73 -52.74
CA GLU C 159 25.01 24.56 -53.40
C GLU C 159 24.22 23.29 -53.20
N GLY C 160 23.11 23.34 -52.47
CA GLY C 160 22.25 22.17 -52.33
C GLY C 160 22.62 21.26 -51.16
N LYS C 161 23.65 21.63 -50.39
CA LYS C 161 24.05 20.89 -49.20
C LYS C 161 22.88 20.78 -48.23
N GLN C 162 22.78 19.61 -47.62
CA GLN C 162 21.82 19.39 -46.55
C GLN C 162 22.62 18.95 -45.37
N PRO C 163 22.17 19.33 -44.17
CA PRO C 163 22.84 18.85 -42.96
C PRO C 163 22.59 17.34 -42.77
N ASP C 164 23.46 16.64 -42.06
CA ASP C 164 23.06 15.26 -41.70
C ASP C 164 21.89 15.25 -40.73
N SER C 165 21.33 14.05 -40.49
CA SER C 165 20.01 13.88 -39.91
C SER C 165 20.03 14.33 -38.45
N ARG C 166 21.23 14.45 -37.91
CA ARG C 166 21.44 14.83 -36.45
C ARG C 166 21.37 16.34 -36.24
N PHE C 167 21.41 17.09 -37.34
CA PHE C 167 21.50 18.56 -37.33
C PHE C 167 20.27 19.15 -37.97
N HIS C 168 19.67 20.09 -37.26
CA HIS C 168 18.44 20.67 -37.71
C HIS C 168 18.61 22.16 -37.90
N ALA C 169 17.93 22.70 -38.91
CA ALA C 169 18.04 24.15 -39.21
C ALA C 169 17.15 25.01 -38.35
N ALA C 170 17.62 26.24 -38.11
CA ALA C 170 16.75 27.28 -37.57
C ALA C 170 17.11 28.59 -38.28
N LEU C 171 16.10 29.30 -38.74
CA LEU C 171 16.27 30.46 -39.64
C LEU C 171 16.50 31.69 -38.76
N ARG C 172 17.74 32.18 -38.75
CA ARG C 172 18.14 33.36 -37.95
CA ARG C 172 18.11 33.36 -37.97
C ARG C 172 17.83 34.61 -38.76
N LEU C 173 17.07 35.53 -38.17
CA LEU C 173 16.58 36.70 -38.92
C LEU C 173 17.03 38.09 -38.43
N ASP C 174 18.04 38.17 -37.56
CA ASP C 174 18.48 39.45 -36.97
C ASP C 174 18.69 40.55 -38.06
N PRO C 175 19.45 40.25 -39.13
CA PRO C 175 19.76 41.32 -40.11
C PRO C 175 18.52 41.87 -40.75
N LEU C 176 17.56 41.00 -41.03
CA LEU C 176 16.27 41.43 -41.56
C LEU C 176 15.41 42.23 -40.60
N LEU C 177 15.23 41.73 -39.39
CA LEU C 177 14.36 42.46 -38.47
C LEU C 177 15.01 43.68 -37.84
N ASN C 178 16.31 43.59 -37.52
CA ASN C 178 17.01 44.59 -36.71
C ASN C 178 17.79 45.59 -37.55
N GLU C 179 18.10 45.23 -38.79
CA GLU C 179 18.94 46.09 -39.66
C GLU C 179 18.33 46.27 -41.05
N TYR C 180 16.99 46.40 -41.09
CA TYR C 180 16.28 46.40 -42.39
C TYR C 180 16.77 47.55 -43.31
N GLU C 181 17.14 48.69 -42.71
CA GLU C 181 17.50 49.85 -43.53
C GLU C 181 18.70 49.50 -44.41
N GLN C 182 19.59 48.66 -43.89
CA GLN C 182 20.77 48.21 -44.62
C GLN C 182 20.43 46.95 -45.38
N THR C 183 19.70 46.05 -44.73
CA THR C 183 19.48 44.73 -45.32
C THR C 183 18.56 44.74 -46.55
N LYS C 184 17.64 45.69 -46.62
CA LYS C 184 16.72 45.80 -47.73
C LYS C 184 17.45 45.83 -49.09
N HIS C 185 18.62 46.41 -49.10
CA HIS C 185 19.41 46.51 -50.34
C HIS C 185 19.97 45.16 -50.80
N ARG C 186 20.34 44.30 -49.84
CA ARG C 186 20.73 42.91 -50.17
C ARG C 186 19.54 42.12 -50.72
N LEU C 187 18.37 42.24 -50.10
CA LEU C 187 17.17 41.61 -50.63
C LEU C 187 16.95 41.96 -52.12
N ARG C 188 17.02 43.26 -52.44
CA ARG C 188 17.03 43.73 -53.84
C ARG C 188 18.06 43.03 -54.73
N ASP C 189 19.31 43.00 -54.29
CA ASP C 189 20.34 42.24 -55.00
C ASP C 189 19.92 40.79 -55.28
N TRP C 190 19.00 40.24 -54.47
CA TRP C 190 18.65 38.82 -54.53
C TRP C 190 17.31 38.60 -55.24
N GLY C 191 16.74 39.68 -55.80
CA GLY C 191 15.50 39.60 -56.54
C GLY C 191 14.20 39.84 -55.81
N TYR C 192 14.32 40.29 -54.55
CA TYR C 192 13.14 40.62 -53.73
C TYR C 192 12.91 42.12 -53.84
N LYS C 193 11.90 42.48 -54.61
CA LYS C 193 11.73 43.86 -55.06
C LYS C 193 10.99 44.64 -53.99
N VAL C 194 11.69 44.88 -52.90
CA VAL C 194 11.12 45.66 -51.83
C VAL C 194 11.36 47.11 -52.21
N ASN C 195 10.33 47.92 -51.98
CA ASN C 195 10.30 49.31 -52.33
C ASN C 195 10.92 50.22 -51.23
N ASP C 196 11.09 51.50 -51.54
CA ASP C 196 11.46 52.46 -50.49
C ASP C 196 10.36 52.53 -49.47
N GLU C 197 9.12 52.51 -49.96
CA GLU C 197 7.91 52.61 -49.15
C GLU C 197 7.48 51.23 -48.62
N TRP C 198 6.89 51.21 -47.43
CA TRP C 198 6.32 49.97 -46.89
C TRP C 198 4.91 49.76 -47.42
N ASN C 199 4.83 49.23 -48.64
CA ASN C 199 3.53 48.96 -49.27
C ASN C 199 3.32 47.47 -49.48
N GLU C 200 2.21 47.09 -50.12
CA GLU C 200 1.87 45.69 -50.30
C GLU C 200 2.97 44.92 -50.99
N GLY C 201 3.65 45.60 -51.90
CA GLY C 201 4.71 45.01 -52.68
C GLY C 201 5.88 44.67 -51.79
N SER C 202 6.21 45.59 -50.87
CA SER C 202 7.31 45.33 -49.96
C SER C 202 6.96 44.18 -49.01
N ILE C 203 5.75 44.22 -48.47
CA ILE C 203 5.20 43.12 -47.63
C ILE C 203 5.28 41.77 -48.32
N GLN C 204 4.82 41.71 -49.56
CA GLN C 204 4.87 40.45 -50.31
C GLN C 204 6.26 39.92 -50.59
N GLU C 205 7.19 40.79 -50.94
CA GLU C 205 8.51 40.36 -51.28
C GLU C 205 9.27 39.92 -50.05
N VAL C 206 8.98 40.55 -48.91
CA VAL C 206 9.65 40.06 -47.68
C VAL C 206 9.08 38.68 -47.27
N LYS C 207 7.76 38.49 -47.32
CA LYS C 207 7.17 37.14 -47.14
C LYS C 207 7.76 36.11 -48.10
N ARG C 208 8.03 36.51 -49.34
CA ARG C 208 8.62 35.56 -50.26
C ARG C 208 10.05 35.20 -49.89
N PHE C 209 10.80 36.17 -49.33
CA PHE C 209 12.13 35.92 -48.84
C PHE C 209 12.03 34.84 -47.73
N LEU C 210 11.14 35.06 -46.77
CA LEU C 210 10.99 34.08 -45.69
C LEU C 210 10.57 32.69 -46.24
N THR C 211 9.58 32.67 -47.14
CA THR C 211 9.06 31.41 -47.63
C THR C 211 10.14 30.64 -48.39
N ASP C 212 10.98 31.36 -49.14
CA ASP C 212 12.04 30.71 -49.93
C ASP C 212 13.05 30.07 -49.01
N TRP C 213 13.33 30.72 -47.88
CA TRP C 213 14.34 30.14 -46.98
C TRP C 213 13.75 29.02 -46.12
N ILE C 214 12.48 29.12 -45.80
CA ILE C 214 11.74 28.06 -45.13
C ILE C 214 11.78 26.81 -45.99
N GLU C 215 11.47 26.97 -47.29
CA GLU C 215 11.46 25.84 -48.22
CA GLU C 215 11.43 25.79 -48.16
C GLU C 215 12.84 25.20 -48.29
N ARG C 216 13.85 26.04 -48.43
CA ARG C 216 15.21 25.58 -48.53
C ARG C 216 15.75 24.85 -47.26
N MET C 217 15.50 25.43 -46.09
CA MET C 217 16.17 24.99 -44.86
C MET C 217 15.35 24.02 -44.04
N ASP C 218 14.04 24.04 -44.24
CA ASP C 218 13.08 23.34 -43.41
C ASP C 218 13.32 23.62 -41.91
N PRO C 219 13.32 24.90 -41.53
CA PRO C 219 13.74 25.24 -40.16
C PRO C 219 12.70 24.78 -39.16
N VAL C 220 13.16 24.41 -37.95
CA VAL C 220 12.25 24.11 -36.84
C VAL C 220 11.64 25.34 -36.19
N TYR C 221 12.31 26.49 -36.32
CA TYR C 221 11.76 27.76 -35.90
C TYR C 221 12.53 28.87 -36.62
N MET C 222 11.97 30.07 -36.61
CA MET C 222 12.64 31.31 -37.01
C MET C 222 13.02 32.07 -35.74
N ALA C 223 14.19 32.71 -35.72
CA ALA C 223 14.67 33.27 -34.46
C ALA C 223 15.19 34.69 -34.65
N VAL C 224 15.19 35.44 -33.55
CA VAL C 224 15.83 36.78 -33.54
C VAL C 224 16.28 37.06 -32.11
N SER C 225 17.37 37.82 -31.99
CA SER C 225 17.79 38.38 -30.70
CA SER C 225 17.81 38.37 -30.70
C SER C 225 17.44 39.84 -30.66
N LEU C 226 17.03 40.30 -29.48
CA LEU C 226 16.33 41.57 -29.35
C LEU C 226 16.82 42.32 -28.12
N PRO C 227 16.84 43.65 -28.19
CA PRO C 227 17.42 44.52 -27.15
C PRO C 227 16.50 44.63 -25.94
N PRO C 228 17.02 45.17 -24.81
CA PRO C 228 16.20 45.37 -23.62
C PRO C 228 15.00 46.29 -23.85
N THR C 229 15.13 47.15 -24.85
CA THR C 229 14.08 48.11 -25.22
C THR C 229 13.00 47.51 -26.13
N PHE C 230 13.09 46.23 -26.47
CA PHE C 230 12.12 45.60 -27.36
C PHE C 230 10.69 45.95 -27.01
N SER C 231 9.95 46.42 -28.00
CA SER C 231 8.54 46.67 -27.78
CA SER C 231 8.56 46.76 -27.83
C SER C 231 7.73 46.16 -28.97
N PHE C 232 6.49 45.79 -28.70
CA PHE C 232 5.58 45.35 -29.76
C PHE C 232 4.15 45.54 -29.29
N PRO C 233 3.28 46.10 -30.16
CA PRO C 233 3.47 46.65 -31.51
C PRO C 233 4.47 47.80 -31.50
N GLU C 234 5.06 48.07 -32.66
CA GLU C 234 5.91 49.24 -32.75
C GLU C 234 5.86 49.71 -34.22
N GLU C 235 5.77 51.02 -34.39
CA GLU C 235 5.98 51.61 -35.71
C GLU C 235 7.46 51.75 -36.02
N SER C 236 8.03 50.70 -36.62
CA SER C 236 9.44 50.64 -36.96
C SER C 236 9.57 49.57 -38.05
N ASN C 237 10.70 49.48 -38.73
CA ASN C 237 10.85 48.36 -39.66
C ASN C 237 10.65 47.01 -38.96
N ARG C 238 11.11 46.89 -37.72
CA ARG C 238 11.00 45.57 -37.03
C ARG C 238 9.56 45.21 -36.73
N GLY C 239 8.83 46.19 -36.21
CA GLY C 239 7.43 46.04 -35.77
C GLY C 239 6.62 45.72 -37.02
N ARG C 240 6.94 46.39 -38.13
CA ARG C 240 6.16 46.14 -39.37
C ARG C 240 6.44 44.79 -39.99
N ILE C 241 7.72 44.41 -40.05
CA ILE C 241 8.12 43.11 -40.58
C ILE C 241 7.51 41.97 -39.75
N ILE C 242 7.56 42.10 -38.41
CA ILE C 242 6.97 41.05 -37.56
C ILE C 242 5.47 40.94 -37.77
N ARG C 243 4.78 42.09 -37.73
CA ARG C 243 3.32 42.17 -37.89
C ARG C 243 2.87 41.70 -39.28
N ASP C 244 3.48 42.28 -40.31
CA ASP C 244 2.97 42.09 -41.67
C ASP C 244 3.50 40.86 -42.39
N CYS C 245 4.67 40.35 -41.96
CA CYS C 245 5.35 39.30 -42.72
C CYS C 245 5.58 38.07 -41.87
N LEU C 246 6.27 38.24 -40.76
CA LEU C 246 6.83 37.08 -40.06
C LEU C 246 5.69 36.29 -39.42
N LEU C 247 4.82 36.97 -38.67
CA LEU C 247 3.78 36.26 -37.90
C LEU C 247 2.84 35.52 -38.86
N PRO C 248 2.34 36.22 -39.94
CA PRO C 248 1.48 35.44 -40.89
C PRO C 248 2.17 34.23 -41.51
N VAL C 249 3.41 34.37 -41.96
CA VAL C 249 4.19 33.25 -42.52
C VAL C 249 4.37 32.11 -41.51
N ALA C 250 4.72 32.49 -40.28
CA ALA C 250 4.87 31.50 -39.21
C ALA C 250 3.60 30.72 -38.96
N GLU C 251 2.46 31.42 -38.95
CA GLU C 251 1.17 30.80 -38.69
C GLU C 251 0.86 29.82 -39.82
N LYS C 252 1.03 30.29 -41.03
CA LYS C 252 0.74 29.48 -42.20
C LYS C 252 1.55 28.18 -42.23
N HIS C 253 2.86 28.28 -41.96
CA HIS C 253 3.76 27.15 -41.91
C HIS C 253 3.84 26.39 -40.55
N ASN C 254 3.08 26.84 -39.56
CA ASN C 254 3.06 26.31 -38.21
C ASN C 254 4.50 26.22 -37.67
N ILE C 255 5.26 27.32 -37.80
CA ILE C 255 6.65 27.41 -37.38
C ILE C 255 6.69 28.40 -36.18
N PRO C 256 7.23 27.98 -35.02
CA PRO C 256 7.35 28.96 -33.90
C PRO C 256 8.32 30.09 -34.22
N PHE C 257 8.14 31.21 -33.51
CA PHE C 257 9.04 32.35 -33.54
C PHE C 257 9.85 32.38 -32.22
N ALA C 258 11.15 32.28 -32.32
CA ALA C 258 11.99 32.26 -31.13
C ALA C 258 12.51 33.67 -30.91
N MET C 259 12.31 34.19 -29.71
CA MET C 259 12.79 35.52 -29.38
C MET C 259 13.75 35.41 -28.21
N MET C 260 14.97 35.89 -28.41
CA MET C 260 16.00 35.88 -27.37
C MET C 260 16.20 37.34 -26.97
N ILE C 261 15.67 37.72 -25.80
CA ILE C 261 15.47 39.12 -25.53
C ILE C 261 16.43 39.59 -24.41
N GLY C 262 17.08 40.74 -24.61
CA GLY C 262 17.79 41.38 -23.47
C GLY C 262 19.25 41.72 -23.75
N VAL C 263 19.72 41.48 -24.98
CA VAL C 263 21.13 41.71 -25.31
C VAL C 263 21.28 43.16 -25.79
N LYS C 264 22.20 43.86 -25.15
CA LYS C 264 22.56 45.22 -25.59
C LYS C 264 23.89 45.11 -26.39
N LYS C 265 23.81 45.28 -27.71
CA LYS C 265 24.97 45.01 -28.56
C LYS C 265 26.11 46.01 -28.48
N ARG C 266 27.33 45.49 -28.54
CA ARG C 266 28.51 46.33 -28.79
C ARG C 266 28.67 47.51 -27.81
N VAL C 267 28.52 47.23 -26.52
CA VAL C 267 28.83 48.27 -25.51
C VAL C 267 30.34 48.54 -25.44
N HIS C 268 31.15 47.56 -25.85
CA HIS C 268 32.62 47.71 -25.92
C HIS C 268 32.93 47.13 -27.29
N PRO C 269 32.84 47.96 -28.36
CA PRO C 269 33.01 47.42 -29.73
C PRO C 269 34.31 46.68 -29.98
N ALA C 270 35.42 47.10 -29.36
CA ALA C 270 36.73 46.52 -29.66
C ALA C 270 36.78 45.04 -29.25
N LEU C 271 35.91 44.69 -28.28
CA LEU C 271 35.82 43.29 -27.82
C LEU C 271 35.11 42.33 -28.77
N GLY C 272 34.54 42.84 -29.87
CA GLY C 272 33.84 42.00 -30.84
C GLY C 272 32.68 41.27 -30.18
N ASP C 273 32.62 39.95 -30.40
CA ASP C 273 31.58 39.10 -29.81
C ASP C 273 31.54 39.12 -28.28
N ALA C 274 32.67 39.46 -27.63
CA ALA C 274 32.76 39.64 -26.16
C ALA C 274 32.28 41.05 -25.68
N GLY C 275 31.78 41.88 -26.60
CA GLY C 275 31.44 43.27 -26.18
C GLY C 275 29.96 43.55 -25.93
N ASP C 276 29.14 42.49 -25.82
CA ASP C 276 27.69 42.68 -25.67
C ASP C 276 27.29 42.65 -24.21
N PHE C 277 26.29 43.45 -23.84
CA PHE C 277 25.87 43.62 -22.47
C PHE C 277 24.41 43.17 -22.35
N VAL C 278 23.82 43.44 -21.20
CA VAL C 278 22.48 42.98 -20.86
C VAL C 278 21.62 44.11 -20.28
N GLY C 279 20.29 44.04 -20.46
CA GLY C 279 19.38 44.97 -19.77
C GLY C 279 18.08 44.21 -19.51
N LYS C 280 17.38 44.61 -18.45
CA LYS C 280 16.04 44.11 -18.17
C LYS C 280 15.08 44.65 -19.24
N ALA C 281 14.19 43.78 -19.73
CA ALA C 281 13.21 44.19 -20.77
C ALA C 281 11.84 44.35 -20.12
N SER C 282 10.96 45.13 -20.77
CA SER C 282 9.52 45.09 -20.42
C SER C 282 8.94 43.75 -20.91
N MET C 283 7.96 43.22 -20.17
CA MET C 283 7.26 42.02 -20.63
C MET C 283 6.10 42.39 -21.57
N ASP C 284 5.80 43.69 -21.72
CA ASP C 284 4.59 44.08 -22.45
C ASP C 284 4.52 43.53 -23.88
N GLY C 285 5.63 43.58 -24.61
CA GLY C 285 5.59 43.21 -26.05
C GLY C 285 5.34 41.72 -26.16
N VAL C 286 6.00 40.96 -25.28
CA VAL C 286 5.86 39.49 -25.29
C VAL C 286 4.42 39.12 -24.91
N GLU C 287 3.90 39.76 -23.86
CA GLU C 287 2.52 39.60 -23.44
C GLU C 287 1.54 39.86 -24.59
N HIS C 288 1.73 40.99 -25.25
CA HIS C 288 0.88 41.34 -26.39
C HIS C 288 0.92 40.29 -27.51
N LEU C 289 2.12 39.88 -27.88
CA LEU C 289 2.31 38.88 -28.92
C LEU C 289 1.56 37.61 -28.56
N LEU C 290 1.73 37.14 -27.32
CA LEU C 290 1.08 35.88 -26.94
C LEU C 290 -0.46 35.95 -26.92
N ARG C 291 -0.98 37.06 -26.41
CA ARG C 291 -2.41 37.23 -26.31
C ARG C 291 -3.05 37.42 -27.69
N GLU C 292 -2.45 38.32 -28.46
CA GLU C 292 -3.01 38.76 -29.75
C GLU C 292 -2.76 37.82 -30.93
N TYR C 293 -1.81 36.88 -30.79
CA TYR C 293 -1.49 35.92 -31.84
C TYR C 293 -1.60 34.48 -31.29
N PRO C 294 -2.82 34.06 -30.88
CA PRO C 294 -3.03 32.74 -30.22
C PRO C 294 -2.74 31.59 -31.13
N ASN C 295 -2.76 31.85 -32.44
CA ASN C 295 -2.46 30.81 -33.42
C ASN C 295 -1.00 30.75 -33.81
N ASN C 296 -0.16 31.56 -33.15
CA ASN C 296 1.25 31.50 -33.36
C ASN C 296 1.88 30.93 -32.09
N LYS C 297 2.99 30.24 -32.29
CA LYS C 297 3.80 29.69 -31.14
C LYS C 297 5.10 30.48 -30.96
N PHE C 298 5.49 30.72 -29.69
CA PHE C 298 6.65 31.54 -29.43
C PHE C 298 7.57 30.81 -28.44
N LEU C 299 8.84 30.74 -28.80
CA LEU C 299 9.86 30.20 -27.89
C LEU C 299 10.57 31.43 -27.34
N VAL C 300 10.74 31.54 -26.02
CA VAL C 300 11.41 32.76 -25.48
C VAL C 300 12.44 32.37 -24.45
N THR C 301 13.58 33.02 -24.53
CA THR C 301 14.59 33.01 -23.46
C THR C 301 14.98 34.48 -23.23
N MET C 302 15.36 34.82 -22.00
CA MET C 302 15.64 36.25 -21.70
C MET C 302 16.97 36.35 -21.01
N LEU C 303 17.62 37.50 -21.21
CA LEU C 303 19.03 37.58 -20.75
C LEU C 303 19.22 38.12 -19.32
N SER C 304 18.30 38.96 -18.89
CA SER C 304 18.44 39.62 -17.55
C SER C 304 18.00 38.62 -16.45
N ARG C 305 18.76 38.57 -15.34
CA ARG C 305 18.35 37.78 -14.18
C ARG C 305 16.98 38.25 -13.73
N GLU C 306 16.73 39.56 -13.85
CA GLU C 306 15.59 40.21 -13.23
C GLU C 306 14.28 39.99 -14.04
N ASN C 307 14.43 39.39 -15.24
CA ASN C 307 13.24 38.98 -16.04
C ASN C 307 12.76 37.52 -15.77
N GLN C 308 13.56 36.73 -15.08
CA GLN C 308 13.33 35.26 -15.15
C GLN C 308 12.07 34.88 -14.44
N HIS C 309 11.84 35.44 -13.22
CA HIS C 309 10.65 34.98 -12.51
C HIS C 309 9.37 35.36 -13.28
N GLU C 310 9.30 36.62 -13.74
CA GLU C 310 8.08 37.10 -14.42
C GLU C 310 7.89 36.40 -15.78
N LEU C 311 9.01 36.02 -16.41
CA LEU C 311 8.88 35.16 -17.61
C LEU C 311 8.17 33.80 -17.29
N VAL C 312 8.55 33.18 -16.17
CA VAL C 312 7.83 31.95 -15.71
C VAL C 312 6.38 32.26 -15.49
N VAL C 313 6.05 33.40 -14.85
CA VAL C 313 4.63 33.65 -14.61
C VAL C 313 3.91 33.86 -15.94
N LEU C 314 4.57 34.47 -16.90
CA LEU C 314 3.92 34.70 -18.19
C LEU C 314 3.62 33.34 -18.89
N ALA C 315 4.55 32.39 -18.77
CA ALA C 315 4.32 30.99 -19.27
C ALA C 315 3.08 30.37 -18.58
N ARG C 316 2.89 30.65 -17.30
CA ARG C 316 1.64 30.18 -16.66
C ARG C 316 0.39 30.73 -17.34
N LYS C 317 0.51 31.90 -17.96
CA LYS C 317 -0.71 32.54 -18.56
C LYS C 317 -1.00 32.05 -19.97
N PHE C 318 0.05 31.69 -20.69
CA PHE C 318 -0.08 31.40 -22.15
C PHE C 318 0.51 30.10 -22.59
N SER C 319 -0.33 29.20 -23.13
CA SER C 319 0.16 27.93 -23.58
C SER C 319 0.91 27.98 -24.90
N ASN C 320 0.76 29.10 -25.65
CA ASN C 320 1.51 29.32 -26.87
C ASN C 320 2.93 29.92 -26.63
N LEU C 321 3.32 29.97 -25.35
CA LEU C 321 4.68 30.32 -24.96
C LEU C 321 5.39 29.06 -24.45
N MET C 322 6.58 28.82 -24.98
CA MET C 322 7.43 27.76 -24.43
C MET C 322 8.70 28.50 -24.05
N ILE C 323 9.05 28.49 -22.77
CA ILE C 323 10.33 29.12 -22.38
C ILE C 323 11.46 28.10 -22.39
N PHE C 324 12.67 28.54 -22.72
CA PHE C 324 13.77 27.60 -22.88
C PHE C 324 15.06 28.18 -22.34
N GLY C 325 15.79 27.34 -21.63
CA GLY C 325 17.23 27.50 -21.42
C GLY C 325 17.61 28.63 -20.47
N CYS C 326 18.91 28.64 -20.18
CA CYS C 326 19.50 29.66 -19.38
C CYS C 326 20.57 30.26 -20.22
N TRP C 327 20.23 31.39 -20.83
CA TRP C 327 21.02 31.94 -21.91
C TRP C 327 22.19 32.77 -21.40
N TRP C 328 23.39 32.41 -21.84
CA TRP C 328 24.58 33.29 -21.84
C TRP C 328 24.94 33.74 -20.41
N PHE C 329 24.58 34.96 -20.03
CA PHE C 329 24.93 35.46 -18.66
C PHE C 329 24.07 34.80 -17.56
N MET C 330 23.05 34.06 -17.99
CA MET C 330 22.24 33.20 -17.11
C MET C 330 22.85 31.78 -17.00
N ASN C 331 23.86 31.48 -17.81
CA ASN C 331 24.29 30.14 -17.91
C ASN C 331 25.40 29.85 -16.91
N ASN C 332 25.12 30.10 -15.61
CA ASN C 332 26.10 29.94 -14.56
C ASN C 332 25.37 29.19 -13.45
N PRO C 333 26.05 28.27 -12.74
CA PRO C 333 25.38 27.38 -11.72
C PRO C 333 24.40 28.11 -10.76
N GLU C 334 24.77 29.25 -10.21
CA GLU C 334 23.89 29.91 -9.22
C GLU C 334 22.56 30.32 -9.89
N ILE C 335 22.64 30.76 -11.15
CA ILE C 335 21.47 31.21 -11.88
C ILE C 335 20.71 30.03 -12.47
N ILE C 336 21.42 29.10 -13.08
CA ILE C 336 20.75 27.87 -13.59
C ILE C 336 19.91 27.20 -12.47
N ASN C 337 20.48 27.12 -11.28
CA ASN C 337 19.77 26.47 -10.19
C ASN C 337 18.50 27.28 -9.82
N GLU C 338 18.62 28.60 -9.56
CA GLU C 338 17.42 29.35 -9.19
C GLU C 338 16.36 29.34 -10.30
N MET C 339 16.79 29.46 -11.57
CA MET C 339 15.83 29.52 -12.65
C MET C 339 15.11 28.17 -12.76
N THR C 340 15.84 27.06 -12.72
CA THR C 340 15.25 25.73 -12.90
C THR C 340 14.24 25.43 -11.77
N ARG C 341 14.57 25.85 -10.55
CA ARG C 341 13.67 25.65 -9.42
C ARG C 341 12.39 26.48 -9.58
N MET C 342 12.53 27.77 -9.90
CA MET C 342 11.36 28.64 -10.11
C MET C 342 10.47 28.07 -11.23
N ARG C 343 11.14 27.63 -12.29
CA ARG C 343 10.41 27.09 -13.43
C ARG C 343 9.64 25.82 -13.03
N MET C 344 10.28 24.89 -12.36
CA MET C 344 9.64 23.63 -12.04
C MET C 344 8.55 23.91 -11.02
N GLU C 345 8.81 24.79 -10.06
CA GLU C 345 7.75 25.04 -9.01
C GLU C 345 6.45 25.59 -9.61
N MET C 346 6.55 26.42 -10.68
CA MET C 346 5.36 27.07 -11.25
C MET C 346 4.85 26.44 -12.54
N LEU C 347 5.68 25.60 -13.14
CA LEU C 347 5.32 25.02 -14.46
C LEU C 347 5.39 23.49 -14.47
N GLY C 348 5.83 22.86 -13.37
CA GLY C 348 5.94 21.41 -13.42
C GLY C 348 7.04 21.03 -14.41
N THR C 349 6.72 20.14 -15.35
CA THR C 349 7.68 19.77 -16.39
C THR C 349 7.38 20.44 -17.75
N SER C 350 6.53 21.46 -17.77
CA SER C 350 6.09 22.11 -19.05
C SER C 350 7.04 23.25 -19.53
N PHE C 351 8.34 22.96 -19.56
CA PHE C 351 9.30 23.90 -20.11
C PHE C 351 10.51 23.16 -20.60
N ILE C 352 11.44 23.88 -21.23
CA ILE C 352 12.70 23.31 -21.71
C ILE C 352 13.81 23.90 -20.83
N PRO C 353 14.33 23.11 -19.90
CA PRO C 353 15.32 23.71 -18.94
C PRO C 353 16.61 24.25 -19.52
N GLN C 354 17.14 23.68 -20.62
CA GLN C 354 18.47 24.12 -21.02
C GLN C 354 18.71 23.95 -22.53
N HIS C 355 19.63 24.76 -23.03
CA HIS C 355 20.23 24.61 -24.35
C HIS C 355 21.71 24.96 -24.15
N SER C 356 22.58 24.60 -25.08
CA SER C 356 24.01 24.89 -24.89
C SER C 356 24.46 26.22 -25.44
N ASP C 357 23.82 26.64 -26.52
CA ASP C 357 24.33 27.77 -27.29
C ASP C 357 25.82 27.53 -27.70
N ALA C 358 26.22 26.26 -27.86
CA ALA C 358 27.64 25.95 -28.13
C ALA C 358 28.08 26.66 -29.44
N ARG C 359 29.20 27.37 -29.36
CA ARG C 359 29.90 27.89 -30.56
C ARG C 359 31.03 27.01 -31.05
N VAL C 360 31.56 26.20 -30.14
CA VAL C 360 32.70 25.32 -30.45
C VAL C 360 32.20 23.93 -30.11
N LEU C 361 32.38 23.00 -31.05
CA LEU C 361 31.81 21.66 -30.95
C LEU C 361 31.99 21.01 -29.57
N GLU C 362 33.21 21.00 -29.03
CA GLU C 362 33.47 20.28 -27.76
C GLU C 362 32.71 20.83 -26.56
N GLN C 363 32.20 22.05 -26.66
CA GLN C 363 31.44 22.65 -25.57
C GLN C 363 30.14 21.88 -25.24
N LEU C 364 29.62 21.11 -26.17
CA LEU C 364 28.49 20.20 -25.86
C LEU C 364 28.84 19.36 -24.67
N ILE C 365 30.11 18.98 -24.51
CA ILE C 365 30.48 18.09 -23.40
C ILE C 365 30.18 18.84 -22.09
N TYR C 366 30.81 20.00 -21.91
CA TYR C 366 30.67 20.67 -20.57
C TYR C 366 29.32 21.33 -20.39
N LYS C 367 28.74 21.88 -21.46
CA LYS C 367 27.48 22.57 -21.26
C LYS C 367 26.43 21.58 -20.75
N TRP C 368 26.41 20.37 -21.29
CA TRP C 368 25.42 19.36 -20.86
C TRP C 368 25.82 18.69 -19.54
N HIS C 369 27.09 18.42 -19.34
CA HIS C 369 27.54 17.83 -18.08
C HIS C 369 27.18 18.78 -16.90
N HIS C 370 27.54 20.06 -17.04
CA HIS C 370 27.36 20.99 -15.89
C HIS C 370 25.88 21.22 -15.64
N SER C 371 25.10 21.32 -16.72
CA SER C 371 23.65 21.56 -16.56
C SER C 371 22.93 20.33 -16.09
N LYS C 372 23.28 19.17 -16.63
CA LYS C 372 22.57 17.95 -16.18
C LYS C 372 22.68 17.71 -14.67
N SER C 373 23.85 17.96 -14.09
CA SER C 373 24.05 17.71 -12.64
C SER C 373 23.09 18.60 -11.85
N ILE C 374 22.97 19.87 -12.24
CA ILE C 374 22.05 20.81 -11.60
C ILE C 374 20.60 20.39 -11.78
N ILE C 375 20.22 20.13 -13.03
CA ILE C 375 18.84 19.69 -13.29
C ILE C 375 18.50 18.39 -12.52
N ALA C 376 19.44 17.45 -12.43
CA ALA C 376 19.24 16.22 -11.65
C ALA C 376 18.98 16.56 -10.15
N GLU C 377 19.73 17.51 -9.60
CA GLU C 377 19.56 17.91 -8.18
C GLU C 377 18.15 18.47 -7.99
N VAL C 378 17.70 19.32 -8.92
CA VAL C 378 16.36 19.89 -8.79
C VAL C 378 15.29 18.81 -8.85
N LEU C 379 15.42 17.91 -9.83
CA LEU C 379 14.45 16.80 -9.93
C LEU C 379 14.39 15.91 -8.66
N ILE C 380 15.55 15.59 -8.13
CA ILE C 380 15.65 14.76 -6.89
C ILE C 380 14.83 15.44 -5.76
N ASP C 381 15.06 16.74 -5.56
CA ASP C 381 14.30 17.47 -4.51
C ASP C 381 12.80 17.44 -4.77
N LYS C 382 12.40 17.69 -6.04
CA LYS C 382 10.96 17.75 -6.37
C LYS C 382 10.27 16.38 -6.25
N TYR C 383 10.94 15.32 -6.74
CA TYR C 383 10.42 13.99 -6.55
C TYR C 383 10.36 13.64 -5.09
N ASP C 384 11.40 13.97 -4.34
CA ASP C 384 11.38 13.63 -2.90
C ASP C 384 10.25 14.30 -2.18
N ASP C 385 9.96 15.55 -2.52
CA ASP C 385 8.84 16.24 -1.88
C ASP C 385 7.52 15.54 -2.12
N ILE C 386 7.26 15.06 -3.34
CA ILE C 386 6.00 14.32 -3.54
C ILE C 386 6.04 12.91 -2.96
N LEU C 387 7.23 12.28 -2.96
CA LEU C 387 7.36 11.02 -2.18
C LEU C 387 6.96 11.23 -0.72
N GLN C 388 7.43 12.33 -0.14
CA GLN C 388 7.08 12.70 1.25
C GLN C 388 5.60 12.84 1.43
N ALA C 389 4.90 13.30 0.39
CA ALA C 389 3.44 13.53 0.40
C ALA C 389 2.70 12.24 0.14
N GLY C 390 3.43 11.14 -0.03
CA GLY C 390 2.82 9.79 -0.17
C GLY C 390 2.61 9.32 -1.61
N TRP C 391 3.08 10.12 -2.58
CA TRP C 391 2.96 9.76 -3.98
C TRP C 391 3.95 8.64 -4.32
N GLU C 392 3.57 7.72 -5.23
CA GLU C 392 4.49 6.67 -5.62
C GLU C 392 5.10 7.02 -6.97
N VAL C 393 6.40 7.32 -6.99
CA VAL C 393 7.08 7.64 -8.24
C VAL C 393 7.79 6.41 -8.72
N THR C 394 7.65 6.09 -10.02
CA THR C 394 8.39 4.94 -10.57
C THR C 394 9.52 5.41 -11.46
N GLU C 395 10.48 4.50 -11.69
CA GLU C 395 11.60 4.80 -12.57
C GLU C 395 11.09 5.09 -14.00
N GLU C 396 10.02 4.41 -14.41
CA GLU C 396 9.47 4.65 -15.76
C GLU C 396 8.92 6.08 -15.87
N GLU C 397 8.28 6.57 -14.80
CA GLU C 397 7.79 7.93 -14.80
C GLU C 397 8.91 8.96 -14.83
N ILE C 398 9.97 8.70 -14.06
CA ILE C 398 11.15 9.61 -14.06
C ILE C 398 11.71 9.63 -15.51
N LYS C 399 11.80 8.45 -16.13
CA LYS C 399 12.38 8.39 -17.51
C LYS C 399 11.54 9.20 -18.50
N ARG C 400 10.21 9.12 -18.35
CA ARG C 400 9.28 9.86 -19.17
C ARG C 400 9.46 11.39 -18.96
N ASP C 401 9.49 11.82 -17.71
CA ASP C 401 9.60 13.25 -17.41
C ASP C 401 10.94 13.78 -17.94
N VAL C 402 12.02 13.01 -17.75
CA VAL C 402 13.34 13.41 -18.18
C VAL C 402 13.37 13.53 -19.72
N ALA C 403 12.68 12.60 -20.38
CA ALA C 403 12.60 12.69 -21.85
C ALA C 403 11.83 13.94 -22.27
N ASP C 404 10.78 14.32 -21.54
CA ASP C 404 10.04 15.53 -21.84
C ASP C 404 10.96 16.73 -21.74
N LEU C 405 11.67 16.82 -20.64
CA LEU C 405 12.49 18.01 -20.37
C LEU C 405 13.64 18.14 -21.37
N PHE C 406 14.31 17.03 -21.72
CA PHE C 406 15.53 17.11 -22.55
C PHE C 406 15.30 16.96 -24.05
N SER C 407 14.06 16.58 -24.43
CA SER C 407 13.78 16.30 -25.85
C SER C 407 12.35 16.49 -26.31
N ARG C 408 11.43 15.78 -25.69
CA ARG C 408 10.07 15.73 -26.23
C ARG C 408 9.30 17.03 -26.17
N ASN C 409 9.52 17.85 -25.13
CA ASN C 409 8.79 19.11 -25.04
C ASN C 409 9.12 20.02 -26.20
N PHE C 410 10.36 19.91 -26.67
CA PHE C 410 10.77 20.78 -27.77
C PHE C 410 10.06 20.25 -29.05
N TRP C 411 10.21 18.97 -29.33
CA TRP C 411 9.62 18.48 -30.66
C TRP C 411 8.12 18.63 -30.66
N ARG C 412 7.48 18.34 -29.53
CA ARG C 412 6.05 18.50 -29.41
CA ARG C 412 6.05 18.51 -29.39
C ARG C 412 5.66 19.96 -29.71
N PHE C 413 6.40 20.92 -29.14
CA PHE C 413 6.02 22.31 -29.31
C PHE C 413 6.19 22.81 -30.77
N VAL C 414 7.26 22.39 -31.42
CA VAL C 414 7.55 22.90 -32.79
C VAL C 414 6.73 22.09 -33.80
N GLY C 415 6.02 21.09 -33.30
CA GLY C 415 5.06 20.34 -34.12
C GLY C 415 5.70 19.30 -35.01
N ARG C 416 6.80 18.67 -34.55
CA ARG C 416 7.50 17.64 -35.36
C ARG C 416 8.21 16.45 -34.64
N ASN C 417 9.37 16.02 -35.20
CA ASN C 417 10.11 14.70 -35.04
C ASN C 417 9.70 13.55 -34.06
N ASP C 418 10.54 12.50 -34.00
CA ASP C 418 10.41 11.38 -33.05
C ASP C 418 9.06 11.23 -32.34
N LEU D 3 41.47 31.57 23.32
CA LEU D 3 40.52 31.28 22.19
C LEU D 3 40.10 29.80 22.23
N SER D 4 38.97 29.53 22.90
CA SER D 4 38.51 28.17 23.15
C SER D 4 38.13 27.39 21.88
N ILE D 5 38.41 26.09 21.91
CA ILE D 5 38.12 25.18 20.81
C ILE D 5 36.65 24.76 20.93
N ASN D 6 35.83 25.18 19.97
CA ASN D 6 34.38 24.99 20.11
C ASN D 6 33.71 24.15 19.00
N SER D 7 34.51 23.43 18.21
CA SER D 7 33.94 22.56 17.19
C SER D 7 34.94 21.46 16.86
N ARG D 8 34.41 20.33 16.41
CA ARG D 8 35.26 19.23 15.90
C ARG D 8 36.24 19.69 14.79
N GLU D 9 35.75 20.50 13.86
CA GLU D 9 36.57 21.08 12.76
C GLU D 9 37.85 21.81 13.27
N VAL D 10 37.67 22.71 14.22
CA VAL D 10 38.82 23.43 14.81
C VAL D 10 39.71 22.49 15.62
N LEU D 11 39.10 21.62 16.42
CA LEU D 11 39.83 20.61 17.15
C LEU D 11 40.72 19.80 16.21
N ALA D 12 40.14 19.27 15.13
CA ALA D 12 40.90 18.42 14.19
C ALA D 12 42.18 19.06 13.66
N GLU D 13 42.09 20.32 13.27
CA GLU D 13 43.25 21.07 12.78
C GLU D 13 44.29 21.20 13.89
N LYS D 14 43.87 21.52 15.11
CA LYS D 14 44.81 21.62 16.23
C LYS D 14 45.51 20.31 16.57
N VAL D 15 44.72 19.24 16.65
CA VAL D 15 45.27 17.93 16.98
C VAL D 15 46.21 17.45 15.88
N LYS D 16 45.81 17.55 14.62
CA LYS D 16 46.72 17.14 13.54
C LYS D 16 48.04 17.92 13.55
N ASN D 17 47.94 19.22 13.78
CA ASN D 17 49.16 20.05 13.88
C ASN D 17 50.06 19.61 15.03
N ALA D 18 49.45 19.40 16.20
CA ALA D 18 50.20 18.95 17.38
C ALA D 18 50.93 17.62 17.12
N VAL D 19 50.20 16.67 16.56
CA VAL D 19 50.73 15.36 16.24
C VAL D 19 51.84 15.42 15.21
N ASN D 20 51.60 16.12 14.10
CA ASN D 20 52.65 16.30 13.11
C ASN D 20 53.89 17.02 13.66
N ASN D 21 53.70 17.99 14.55
CA ASN D 21 54.84 18.81 15.00
C ASN D 21 55.65 18.23 16.12
N GLN D 22 55.09 17.22 16.77
CA GLN D 22 55.73 16.65 17.95
C GLN D 22 56.91 15.77 17.56
N PRO D 23 58.13 16.09 18.05
CA PRO D 23 59.27 15.20 17.77
C PRO D 23 59.06 13.83 18.42
N VAL D 24 59.34 12.78 17.68
CA VAL D 24 59.07 11.43 18.14
C VAL D 24 60.34 10.76 18.70
N THR D 25 60.17 10.06 19.81
CA THR D 25 61.16 9.09 20.30
C THR D 25 60.64 7.76 19.81
N ASP D 26 61.46 7.09 19.02
CA ASP D 26 61.08 5.82 18.43
C ASP D 26 61.72 4.78 19.32
N MET D 27 60.93 4.22 20.23
CA MET D 27 61.59 3.45 21.28
C MET D 27 61.97 2.01 20.99
N HIS D 28 61.78 1.51 19.79
CA HIS D 28 62.29 0.20 19.43
C HIS D 28 62.49 0.13 17.93
N THR D 29 63.77 0.11 17.48
CA THR D 29 64.08 -0.03 16.06
C THR D 29 65.23 -1.01 15.85
N HIS D 30 65.53 -1.31 14.58
CA HIS D 30 66.71 -2.08 14.18
C HIS D 30 67.65 -1.22 13.35
N LEU D 31 67.72 0.07 13.71
CA LEU D 31 68.59 1.06 13.04
C LEU D 31 69.82 1.23 13.88
N PHE D 32 70.89 1.73 13.27
CA PHE D 32 72.09 1.96 14.07
C PHE D 32 72.64 3.35 13.75
N SER D 33 73.32 3.94 14.73
CA SER D 33 74.08 5.20 14.57
C SER D 33 74.97 5.03 13.32
N PRO D 34 75.00 6.04 12.44
CA PRO D 34 75.67 5.86 11.15
C PRO D 34 77.19 5.55 11.27
N ASN D 35 77.80 6.00 12.37
CA ASN D 35 79.22 5.67 12.66
C ASN D 35 79.45 4.19 12.93
N PHE D 36 78.35 3.44 13.14
CA PHE D 36 78.49 2.00 13.31
C PHE D 36 78.72 1.34 11.96
N GLY D 37 78.58 2.10 10.87
CA GLY D 37 78.93 1.64 9.53
C GLY D 37 77.80 0.97 8.77
N GLU D 38 78.14 -0.06 7.99
CA GLU D 38 77.24 -0.65 6.98
C GLU D 38 76.03 -1.37 7.57
N ILE D 39 76.08 -1.69 8.87
CA ILE D 39 74.92 -2.35 9.50
C ILE D 39 73.67 -1.46 9.49
N LEU D 40 73.87 -0.15 9.37
CA LEU D 40 72.78 0.78 9.11
C LEU D 40 72.36 0.63 7.67
N LEU D 41 71.17 0.03 7.46
CA LEU D 41 70.62 -0.21 6.11
C LEU D 41 69.81 0.96 5.65
N TRP D 42 70.00 1.34 4.39
CA TRP D 42 69.27 2.45 3.78
C TRP D 42 69.28 2.37 2.25
N ASP D 43 68.23 2.95 1.66
CA ASP D 43 67.96 3.16 0.23
C ASP D 43 66.76 2.35 -0.30
N ILE D 44 66.35 2.68 -1.53
CA ILE D 44 65.17 2.12 -2.17
C ILE D 44 65.32 0.63 -2.41
N ASP D 45 66.50 0.14 -2.77
CA ASP D 45 66.69 -1.29 -2.88
C ASP D 45 66.53 -2.03 -1.52
N GLU D 46 67.03 -1.42 -0.43
CA GLU D 46 66.85 -2.00 0.89
C GLU D 46 65.36 -1.95 1.31
N LEU D 47 64.69 -0.85 1.02
CA LEU D 47 63.24 -0.72 1.30
C LEU D 47 62.47 -1.83 0.61
N LEU D 48 62.76 -2.02 -0.68
CA LEU D 48 62.04 -2.98 -1.49
C LEU D 48 62.37 -4.43 -1.10
N THR D 49 63.55 -4.67 -0.51
CA THR D 49 63.95 -6.05 -0.19
C THR D 49 63.77 -6.37 1.31
N TYR D 50 63.21 -5.42 2.06
CA TYR D 50 62.62 -5.66 3.40
C TYR D 50 61.90 -7.00 3.42
N HIS D 51 62.08 -7.76 4.50
CA HIS D 51 61.52 -9.13 4.58
C HIS D 51 59.98 -9.12 4.46
N TYR D 52 59.31 -8.02 4.83
CA TYR D 52 57.83 -7.99 4.70
C TYR D 52 57.49 -8.15 3.22
N LEU D 53 58.34 -7.60 2.33
CA LEU D 53 58.07 -7.61 0.90
C LEU D 53 58.50 -8.92 0.28
N VAL D 54 59.51 -9.54 0.84
CA VAL D 54 59.87 -10.89 0.38
C VAL D 54 58.70 -11.87 0.58
N ALA D 55 58.08 -11.87 1.79
CA ALA D 55 56.89 -12.72 2.00
C ALA D 55 55.87 -12.44 0.91
N GLU D 56 55.55 -11.15 0.70
CA GLU D 56 54.52 -10.78 -0.25
C GLU D 56 54.82 -11.19 -1.69
N VAL D 57 56.04 -10.93 -2.17
CA VAL D 57 56.40 -11.30 -3.55
C VAL D 57 56.31 -12.82 -3.75
N MET D 58 56.65 -13.60 -2.72
CA MET D 58 56.69 -15.07 -2.90
C MET D 58 55.28 -15.63 -3.08
N ARG D 59 54.25 -14.89 -2.64
CA ARG D 59 52.87 -15.32 -2.94
C ARG D 59 52.46 -15.18 -4.41
N TRP D 60 53.18 -14.37 -5.19
CA TRP D 60 52.82 -14.12 -6.59
C TRP D 60 53.82 -14.68 -7.63
N THR D 61 55.10 -14.50 -7.37
CA THR D 61 56.12 -14.78 -8.39
C THR D 61 56.31 -16.27 -8.69
N ASP D 62 56.69 -16.55 -9.94
CA ASP D 62 57.12 -17.88 -10.42
C ASP D 62 58.55 -18.22 -10.03
N VAL D 63 59.29 -17.22 -9.60
CA VAL D 63 60.70 -17.38 -9.27
C VAL D 63 60.83 -18.17 -7.99
N SER D 64 61.65 -19.22 -8.00
CA SER D 64 61.84 -20.06 -6.82
C SER D 64 62.50 -19.28 -5.67
N ILE D 65 62.29 -19.71 -4.43
CA ILE D 65 62.91 -19.03 -3.30
C ILE D 65 64.47 -19.06 -3.40
N GLU D 66 65.00 -20.20 -3.85
CA GLU D 66 66.47 -20.35 -4.11
C GLU D 66 66.96 -19.33 -5.12
N ALA D 67 66.29 -19.28 -6.29
CA ALA D 67 66.59 -18.29 -7.35
C ALA D 67 66.53 -16.84 -6.81
N PHE D 68 65.53 -16.52 -6.00
CA PHE D 68 65.47 -15.20 -5.39
C PHE D 68 66.67 -14.85 -4.52
N TRP D 69 67.08 -15.76 -3.63
CA TRP D 69 68.21 -15.44 -2.74
C TRP D 69 69.53 -15.37 -3.54
N ALA D 70 69.56 -16.08 -4.66
CA ALA D 70 70.72 -16.08 -5.58
C ALA D 70 70.84 -14.79 -6.39
N MET D 71 69.73 -14.05 -6.53
CA MET D 71 69.73 -12.75 -7.22
C MET D 71 70.46 -11.70 -6.42
N SER D 72 70.98 -10.68 -7.08
CA SER D 72 71.58 -9.58 -6.35
C SER D 72 70.46 -8.78 -5.70
N LYS D 73 70.83 -7.90 -4.79
CA LYS D 73 69.82 -7.05 -4.16
C LYS D 73 69.06 -6.20 -5.19
N ARG D 74 69.77 -5.64 -6.18
CA ARG D 74 69.09 -4.85 -7.20
C ARG D 74 68.13 -5.68 -8.04
N GLU D 75 68.52 -6.91 -8.37
CA GLU D 75 67.64 -7.80 -9.13
C GLU D 75 66.40 -8.14 -8.29
N GLN D 76 66.61 -8.34 -6.99
CA GLN D 76 65.51 -8.67 -6.04
C GLN D 76 64.52 -7.52 -6.00
N ALA D 77 65.05 -6.32 -5.78
CA ALA D 77 64.24 -5.08 -5.81
C ALA D 77 63.47 -4.94 -7.11
N ASP D 78 64.11 -5.16 -8.28
CA ASP D 78 63.41 -5.11 -9.55
C ASP D 78 62.22 -6.09 -9.63
N LEU D 79 62.45 -7.34 -9.21
CA LEU D 79 61.44 -8.39 -9.25
C LEU D 79 60.25 -7.94 -8.34
N ILE D 80 60.59 -7.45 -7.17
CA ILE D 80 59.56 -7.07 -6.18
C ILE D 80 58.72 -5.91 -6.74
N TRP D 81 59.40 -4.92 -7.31
CA TRP D 81 58.72 -3.79 -7.93
C TRP D 81 57.76 -4.25 -9.04
N GLU D 82 58.23 -5.06 -9.97
CA GLU D 82 57.39 -5.54 -11.03
C GLU D 82 56.19 -6.37 -10.49
N GLU D 83 56.47 -7.27 -9.56
CA GLU D 83 55.43 -8.21 -9.11
C GLU D 83 54.40 -7.55 -8.19
N LEU D 84 54.85 -6.64 -7.32
CA LEU D 84 53.94 -6.07 -6.30
C LEU D 84 53.42 -4.65 -6.60
N PHE D 85 54.03 -3.94 -7.55
CA PHE D 85 53.67 -2.54 -7.86
C PHE D 85 53.15 -2.40 -9.26
N ILE D 86 53.72 -3.16 -10.21
CA ILE D 86 53.30 -3.01 -11.61
C ILE D 86 52.23 -4.01 -12.03
N LYS D 87 52.39 -5.29 -11.69
CA LYS D 87 51.45 -6.32 -12.16
C LYS D 87 50.16 -6.38 -11.32
N ARG D 88 50.28 -5.87 -10.09
CA ARG D 88 49.13 -5.70 -9.16
C ARG D 88 49.31 -4.32 -8.49
N SER D 89 48.22 -3.68 -8.07
CA SER D 89 48.39 -2.37 -7.41
C SER D 89 48.97 -2.59 -6.05
N PRO D 90 49.93 -1.71 -5.62
CA PRO D 90 50.67 -1.78 -4.37
C PRO D 90 49.85 -1.35 -3.20
N VAL D 91 48.73 -2.06 -3.01
CA VAL D 91 47.77 -1.65 -1.97
C VAL D 91 48.10 -2.15 -0.56
N SER D 92 49.00 -3.11 -0.41
CA SER D 92 49.27 -3.63 0.97
C SER D 92 49.99 -2.57 1.80
N GLU D 93 49.94 -2.73 3.12
CA GLU D 93 50.55 -1.74 4.01
C GLU D 93 52.08 -1.59 3.71
N ALA D 94 52.77 -2.71 3.52
CA ALA D 94 54.23 -2.64 3.34
C ALA D 94 54.51 -1.97 1.99
N CYS D 95 53.72 -2.28 0.94
CA CYS D 95 53.93 -1.64 -0.37
C CYS D 95 53.58 -0.16 -0.36
N ARG D 96 52.41 0.19 0.17
CA ARG D 96 52.10 1.60 0.44
C ARG D 96 53.25 2.30 1.15
N GLY D 97 53.84 1.66 2.14
CA GLY D 97 54.91 2.31 2.90
C GLY D 97 56.12 2.72 2.05
N VAL D 98 56.57 1.84 1.13
CA VAL D 98 57.65 2.24 0.21
C VAL D 98 57.27 3.55 -0.54
N LEU D 99 56.03 3.66 -1.03
CA LEU D 99 55.58 4.84 -1.78
C LEU D 99 55.60 6.08 -0.88
N THR D 100 55.11 5.93 0.36
CA THR D 100 55.17 7.05 1.30
C THR D 100 56.61 7.56 1.50
N CYS D 101 57.55 6.63 1.58
CA CYS D 101 58.97 7.03 1.77
C CYS D 101 59.50 7.80 0.54
N LEU D 102 59.28 7.26 -0.65
CA LEU D 102 59.67 7.93 -1.91
C LEU D 102 59.15 9.35 -1.96
N GLN D 103 57.83 9.51 -1.74
CA GLN D 103 57.22 10.83 -1.80
C GLN D 103 57.80 11.75 -0.76
N GLY D 104 58.07 11.20 0.42
CA GLY D 104 58.59 12.00 1.53
C GLY D 104 59.98 12.58 1.15
N LEU D 105 60.75 11.80 0.42
CA LEU D 105 62.11 12.22 0.06
C LEU D 105 62.08 13.21 -1.10
N GLY D 106 60.89 13.50 -1.63
CA GLY D 106 60.76 14.40 -2.80
C GLY D 106 60.80 13.70 -4.15
N LEU D 107 60.84 12.36 -4.14
CA LEU D 107 60.80 11.60 -5.36
C LEU D 107 59.34 11.47 -5.78
N ASP D 108 59.09 11.08 -7.02
CA ASP D 108 57.72 11.13 -7.49
C ASP D 108 57.24 9.73 -7.86
N PRO D 109 56.45 9.08 -6.97
CA PRO D 109 55.99 7.74 -7.31
C PRO D 109 55.16 7.71 -8.60
N ALA D 110 54.60 8.84 -9.02
CA ALA D 110 53.80 8.90 -10.26
C ALA D 110 54.56 8.36 -11.48
N THR D 111 55.85 8.65 -11.57
CA THR D 111 56.62 8.21 -12.73
C THR D 111 56.97 6.74 -12.74
N ARG D 112 56.93 6.12 -11.55
CA ARG D 112 57.34 4.71 -11.41
C ARG D 112 58.77 4.44 -11.86
N ASP D 113 59.63 5.45 -11.75
CA ASP D 113 60.96 5.43 -12.38
C ASP D 113 61.99 4.98 -11.35
N LEU D 114 62.10 3.68 -11.19
CA LEU D 114 62.91 3.10 -10.14
C LEU D 114 64.39 3.48 -10.35
N GLN D 115 64.79 3.61 -11.61
CA GLN D 115 66.18 3.98 -11.92
C GLN D 115 66.51 5.42 -11.42
N VAL D 116 65.59 6.35 -11.65
CA VAL D 116 65.71 7.71 -11.07
C VAL D 116 65.70 7.73 -9.54
N TYR D 117 64.84 6.91 -8.91
CA TYR D 117 64.85 6.87 -7.46
C TYR D 117 66.23 6.42 -6.94
N ARG D 118 66.82 5.42 -7.57
CA ARG D 118 68.09 4.88 -7.11
C ARG D 118 69.14 5.99 -7.16
N GLU D 119 69.07 6.82 -8.20
CA GLU D 119 70.03 7.92 -8.37
C GLU D 119 70.10 8.87 -7.16
N TYR D 120 68.97 9.07 -6.47
CA TYR D 120 68.89 9.96 -5.35
C TYR D 120 69.83 9.48 -4.26
N PHE D 121 69.85 8.16 -4.01
CA PHE D 121 70.61 7.64 -2.88
C PHE D 121 72.10 7.58 -3.16
N ALA D 122 72.45 7.39 -4.43
CA ALA D 122 73.85 7.16 -4.82
C ALA D 122 74.72 8.40 -4.56
N LYS D 123 74.08 9.54 -4.35
CA LYS D 123 74.78 10.79 -4.15
C LYS D 123 75.17 11.03 -2.69
N LYS D 124 74.42 10.45 -1.76
CA LYS D 124 74.50 10.82 -0.36
C LYS D 124 75.39 9.92 0.46
N THR D 125 75.85 10.44 1.59
CA THR D 125 76.45 9.61 2.61
C THR D 125 75.34 9.13 3.57
N SER D 126 75.64 8.12 4.38
CA SER D 126 74.78 7.64 5.48
C SER D 126 74.41 8.77 6.43
N GLU D 127 75.41 9.59 6.78
CA GLU D 127 75.20 10.69 7.69
C GLU D 127 74.21 11.70 7.12
N GLU D 128 74.33 11.97 5.83
CA GLU D 128 73.43 12.91 5.18
C GLU D 128 71.99 12.38 5.19
N GLN D 129 71.87 11.09 4.93
CA GLN D 129 70.56 10.44 4.80
C GLN D 129 69.91 10.32 6.17
N VAL D 130 70.72 10.07 7.20
CA VAL D 130 70.21 10.09 8.57
C VAL D 130 69.65 11.48 8.93
N ASP D 131 70.41 12.53 8.65
CA ASP D 131 69.89 13.89 8.86
C ASP D 131 68.55 14.17 8.12
N THR D 132 68.47 13.71 6.87
CA THR D 132 67.32 13.97 6.02
C THR D 132 66.12 13.20 6.57
N VAL D 133 66.32 11.92 6.83
CA VAL D 133 65.21 11.06 7.26
C VAL D 133 64.71 11.47 8.64
N LEU D 134 65.63 11.76 9.57
CA LEU D 134 65.17 12.13 10.91
C LEU D 134 64.38 13.43 10.90
N GLN D 135 64.75 14.32 9.99
CA GLN D 135 64.08 15.57 9.83
C GLN D 135 62.68 15.36 9.21
N LEU D 136 62.63 14.65 8.07
CA LEU D 136 61.36 14.34 7.40
C LEU D 136 60.39 13.55 8.28
N ALA D 137 60.90 12.57 9.03
CA ALA D 137 60.05 11.78 9.97
C ALA D 137 59.78 12.46 11.30
N ASN D 138 60.41 13.61 11.54
CA ASN D 138 60.33 14.29 12.84
C ASN D 138 60.63 13.37 14.04
N VAL D 139 61.71 12.60 13.91
CA VAL D 139 62.14 11.72 14.97
C VAL D 139 63.39 12.34 15.61
N SER D 140 63.34 12.56 16.91
CA SER D 140 64.41 13.22 17.65
C SER D 140 65.38 12.21 18.24
N ASP D 141 64.88 11.01 18.55
CA ASP D 141 65.59 9.98 19.32
C ASP D 141 65.21 8.59 18.81
N VAL D 142 66.22 7.77 18.50
CA VAL D 142 66.01 6.42 17.98
C VAL D 142 66.56 5.45 19.02
N VAL D 143 65.77 4.47 19.47
CA VAL D 143 66.31 3.40 20.28
C VAL D 143 66.74 2.23 19.35
N MET D 144 68.03 1.86 19.44
CA MET D 144 68.59 0.77 18.65
C MET D 144 68.32 -0.59 19.29
N THR D 145 68.59 -1.67 18.56
CA THR D 145 68.68 -3.02 19.11
C THR D 145 70.16 -3.47 18.98
N ASN D 146 70.79 -3.65 20.15
CA ASN D 146 72.27 -3.88 20.18
C ASN D 146 72.55 -5.22 20.79
N ASP D 147 73.10 -6.10 19.95
CA ASP D 147 73.25 -7.50 20.29
C ASP D 147 74.73 -7.84 20.54
N PRO D 148 75.11 -8.02 21.80
CA PRO D 148 76.55 -8.31 22.06
C PRO D 148 76.97 -9.71 21.61
N PHE D 149 76.02 -10.51 21.13
CA PHE D 149 76.34 -11.82 20.63
C PHE D 149 76.68 -11.79 19.15
N ASP D 150 76.54 -10.62 18.53
CA ASP D 150 76.82 -10.51 17.13
C ASP D 150 78.26 -10.00 17.01
N ASP D 151 79.10 -10.76 16.30
CA ASP D 151 80.55 -10.48 16.30
C ASP D 151 80.84 -9.08 15.80
N ASN D 152 80.28 -8.76 14.64
CA ASN D 152 80.35 -7.44 14.02
C ASN D 152 79.95 -6.30 14.97
N GLU D 153 78.76 -6.41 15.56
CA GLU D 153 78.31 -5.40 16.50
C GLU D 153 79.22 -5.33 17.70
N ARG D 154 79.64 -6.50 18.19
CA ARG D 154 80.47 -6.61 19.38
CA ARG D 154 80.45 -6.56 19.40
C ARG D 154 81.78 -5.80 19.21
N ILE D 155 82.46 -6.00 18.07
CA ILE D 155 83.75 -5.30 17.80
C ILE D 155 83.64 -3.80 18.12
N SER D 156 82.69 -3.16 17.46
CA SER D 156 82.47 -1.73 17.60
C SER D 156 82.32 -1.23 19.07
N TRP D 157 81.53 -1.94 19.89
CA TRP D 157 81.41 -1.57 21.31
C TRP D 157 82.75 -1.78 22.05
N LEU D 158 83.40 -2.90 21.72
CA LEU D 158 84.71 -3.23 22.35
C LEU D 158 85.80 -2.23 22.00
N GLU D 159 85.67 -1.53 20.88
CA GLU D 159 86.57 -0.44 20.53
C GLU D 159 86.16 0.92 21.09
N GLY D 160 85.05 0.99 21.82
CA GLY D 160 84.61 2.23 22.43
C GLY D 160 83.89 3.19 21.49
N LYS D 161 83.44 2.70 20.34
CA LYS D 161 82.57 3.48 19.47
C LYS D 161 81.29 3.82 20.25
N GLN D 162 80.94 5.10 20.31
CA GLN D 162 79.70 5.51 20.97
C GLN D 162 78.77 6.01 19.89
N PRO D 163 77.47 5.70 19.99
CA PRO D 163 76.54 6.23 18.98
C PRO D 163 76.44 7.75 19.08
N ASP D 164 76.00 8.42 18.03
CA ASP D 164 75.70 9.84 18.26
C ASP D 164 74.52 10.03 19.18
N SER D 165 74.33 11.25 19.69
CA SER D 165 73.44 11.48 20.79
C SER D 165 71.95 11.21 20.40
N ARG D 166 71.69 11.12 19.12
CA ARG D 166 70.29 10.86 18.66
C ARG D 166 69.93 9.35 18.80
N PHE D 167 70.94 8.50 19.01
CA PHE D 167 70.76 7.04 19.01
C PHE D 167 71.05 6.48 20.35
N HIS D 168 70.08 5.72 20.88
CA HIS D 168 70.21 5.13 22.20
C HIS D 168 70.32 3.62 22.13
N ALA D 169 71.13 3.02 23.02
CA ALA D 169 71.27 1.56 23.04
C ALA D 169 70.15 0.83 23.81
N ALA D 170 69.85 -0.38 23.35
CA ALA D 170 69.04 -1.31 24.13
C ALA D 170 69.71 -2.68 24.08
N LEU D 171 69.86 -3.30 25.23
CA LEU D 171 70.64 -4.53 25.27
C LEU D 171 69.81 -5.74 24.90
N ARG D 172 70.09 -6.30 23.71
CA ARG D 172 69.34 -7.51 23.22
C ARG D 172 69.88 -8.83 23.82
N LEU D 173 69.01 -9.59 24.46
CA LEU D 173 69.48 -10.76 25.23
C LEU D 173 68.96 -12.13 24.75
N ASP D 174 68.30 -12.17 23.60
CA ASP D 174 67.79 -13.45 23.07
C ASP D 174 68.74 -14.64 23.17
N PRO D 175 70.00 -14.51 22.68
CA PRO D 175 70.88 -15.71 22.73
C PRO D 175 71.13 -16.21 24.15
N LEU D 176 71.29 -15.28 25.09
CA LEU D 176 71.51 -15.63 26.49
C LEU D 176 70.28 -16.35 27.06
N LEU D 177 69.10 -15.77 26.87
CA LEU D 177 67.91 -16.28 27.52
C LEU D 177 67.27 -17.46 26.80
N ASN D 178 67.33 -17.46 25.48
CA ASN D 178 66.60 -18.44 24.70
C ASN D 178 67.48 -19.57 24.20
N GLU D 179 68.80 -19.34 24.20
CA GLU D 179 69.71 -20.32 23.63
C GLU D 179 70.90 -20.57 24.54
N TYR D 180 70.65 -20.65 25.84
CA TYR D 180 71.74 -20.67 26.82
C TYR D 180 72.70 -21.86 26.63
N GLU D 181 72.16 -23.04 26.36
CA GLU D 181 72.99 -24.23 26.12
C GLU D 181 74.11 -23.94 25.12
N GLN D 182 73.76 -23.34 23.98
CA GLN D 182 74.75 -22.95 22.99
C GLN D 182 75.60 -21.79 23.49
N THR D 183 74.95 -20.78 24.06
CA THR D 183 75.58 -19.49 24.34
C THR D 183 76.56 -19.51 25.49
N LYS D 184 76.34 -20.41 26.46
CA LYS D 184 77.21 -20.45 27.64
C LYS D 184 78.69 -20.69 27.26
N HIS D 185 78.92 -21.32 26.13
CA HIS D 185 80.27 -21.64 25.68
C HIS D 185 80.97 -20.40 25.20
N ARG D 186 80.17 -19.48 24.65
CA ARG D 186 80.68 -18.21 24.19
C ARG D 186 80.99 -17.33 25.39
N LEU D 187 80.15 -17.38 26.42
CA LEU D 187 80.40 -16.66 27.65
C LEU D 187 81.77 -17.05 28.25
N ARG D 188 82.05 -18.34 28.29
CA ARG D 188 83.35 -18.78 28.82
C ARG D 188 84.50 -18.39 27.87
N ASP D 189 84.29 -18.52 26.56
CA ASP D 189 85.18 -17.89 25.55
C ASP D 189 85.51 -16.44 25.89
N TRP D 190 84.54 -15.72 26.45
CA TRP D 190 84.74 -14.30 26.79
C TRP D 190 85.16 -14.13 28.23
N GLY D 191 85.46 -15.22 28.93
CA GLY D 191 85.97 -15.11 30.28
C GLY D 191 84.89 -15.10 31.33
N TYR D 192 83.67 -15.46 30.95
CA TYR D 192 82.60 -15.63 31.93
C TYR D 192 82.53 -17.10 32.36
N LYS D 193 82.98 -17.34 33.58
CA LYS D 193 83.14 -18.70 34.09
C LYS D 193 81.86 -19.35 34.61
N VAL D 194 80.89 -19.46 33.71
CA VAL D 194 79.70 -20.22 34.01
C VAL D 194 79.98 -21.74 34.09
N ASN D 195 79.54 -22.33 35.21
CA ASN D 195 79.68 -23.75 35.43
C ASN D 195 78.60 -24.48 34.70
N ASP D 196 78.68 -25.81 34.67
CA ASP D 196 77.69 -26.57 33.94
C ASP D 196 76.44 -26.72 34.76
N GLU D 197 76.58 -26.67 36.08
CA GLU D 197 75.43 -26.62 36.95
C GLU D 197 75.05 -25.17 37.25
N TRP D 198 73.76 -24.94 37.47
CA TRP D 198 73.27 -23.62 37.81
C TRP D 198 73.52 -23.39 39.30
N ASN D 199 74.72 -22.91 39.59
CA ASN D 199 75.14 -22.60 40.95
C ASN D 199 75.46 -21.12 41.11
N GLU D 200 75.92 -20.75 42.30
CA GLU D 200 76.19 -19.37 42.65
C GLU D 200 77.26 -18.79 41.74
N GLY D 201 78.24 -19.62 41.37
CA GLY D 201 79.26 -19.22 40.44
C GLY D 201 78.63 -18.79 39.11
N SER D 202 77.89 -19.71 38.50
CA SER D 202 77.18 -19.48 37.25
C SER D 202 76.30 -18.22 37.32
N ILE D 203 75.49 -18.09 38.36
CA ILE D 203 74.65 -16.89 38.58
C ILE D 203 75.48 -15.61 38.60
N GLN D 204 76.53 -15.58 39.42
CA GLN D 204 77.33 -14.38 39.52
C GLN D 204 78.01 -14.04 38.19
N GLU D 205 78.44 -15.04 37.44
CA GLU D 205 79.12 -14.78 36.19
C GLU D 205 78.12 -14.25 35.15
N VAL D 206 76.90 -14.78 35.14
CA VAL D 206 75.90 -14.23 34.21
C VAL D 206 75.56 -12.79 34.60
N LYS D 207 75.38 -12.52 35.89
CA LYS D 207 75.17 -11.14 36.32
C LYS D 207 76.33 -10.23 35.87
N ARG D 208 77.56 -10.76 35.89
CA ARG D 208 78.71 -9.93 35.55
C ARG D 208 78.67 -9.57 34.10
N PHE D 209 78.27 -10.53 33.27
CA PHE D 209 78.13 -10.30 31.85
C PHE D 209 77.08 -9.21 31.59
N LEU D 210 75.94 -9.30 32.29
CA LEU D 210 74.89 -8.29 32.12
C LEU D 210 75.42 -6.95 32.56
N THR D 211 76.04 -6.92 33.74
CA THR D 211 76.60 -5.67 34.29
C THR D 211 77.67 -5.06 33.38
N ASP D 212 78.55 -5.90 32.82
CA ASP D 212 79.59 -5.40 31.92
C ASP D 212 78.93 -4.76 30.71
N TRP D 213 77.89 -5.40 30.20
CA TRP D 213 77.26 -4.84 29.00
C TRP D 213 76.41 -3.59 29.30
N ILE D 214 75.82 -3.52 30.49
CA ILE D 214 75.11 -2.31 30.92
C ILE D 214 76.07 -1.11 31.01
N GLU D 215 77.23 -1.36 31.63
CA GLU D 215 78.27 -0.33 31.77
CA GLU D 215 78.23 -0.31 31.78
C GLU D 215 78.77 0.13 30.39
N ARG D 216 78.96 -0.81 29.48
CA ARG D 216 79.46 -0.48 28.14
C ARG D 216 78.44 0.24 27.26
N MET D 217 77.18 -0.20 27.31
CA MET D 217 76.15 0.34 26.40
C MET D 217 75.28 1.47 26.96
N ASP D 218 75.17 1.53 28.27
CA ASP D 218 74.27 2.42 28.96
C ASP D 218 72.89 2.25 28.32
N PRO D 219 72.37 1.01 28.35
CA PRO D 219 71.14 0.73 27.59
C PRO D 219 69.95 1.38 28.29
N VAL D 220 68.91 1.76 27.50
CA VAL D 220 67.65 2.28 28.05
C VAL D 220 66.76 1.15 28.60
N TYR D 221 66.92 -0.05 28.07
CA TYR D 221 66.28 -1.25 28.58
C TYR D 221 67.03 -2.49 28.09
N MET D 222 66.75 -3.63 28.72
CA MET D 222 67.22 -4.95 28.27
C MET D 222 66.00 -5.65 27.67
N ALA D 223 66.19 -6.31 26.53
CA ALA D 223 65.07 -6.86 25.69
C ALA D 223 65.23 -8.30 25.28
N VAL D 224 64.08 -8.97 25.13
CA VAL D 224 64.08 -10.34 24.61
C VAL D 224 62.76 -10.56 23.83
N SER D 225 62.81 -11.39 22.79
CA SER D 225 61.58 -11.82 22.11
CA SER D 225 61.61 -11.83 22.06
C SER D 225 61.31 -13.27 22.46
N LEU D 226 60.02 -13.57 22.64
CA LEU D 226 59.62 -14.80 23.32
C LEU D 226 58.50 -15.48 22.55
N PRO D 227 58.42 -16.83 22.60
CA PRO D 227 57.44 -17.56 21.85
C PRO D 227 56.06 -17.52 22.53
N PRO D 228 55.02 -17.97 21.83
CA PRO D 228 53.65 -18.07 22.35
C PRO D 228 53.51 -18.90 23.59
N THR D 229 54.41 -19.89 23.70
CA THR D 229 54.47 -20.83 24.80
C THR D 229 55.18 -20.24 26.03
N PHE D 230 55.65 -19.01 25.93
CA PHE D 230 56.36 -18.40 27.07
C PHE D 230 55.67 -18.59 28.43
N SER D 231 56.41 -19.11 29.43
CA SER D 231 55.79 -19.23 30.74
C SER D 231 56.80 -18.83 31.82
N PHE D 232 56.31 -18.35 32.95
CA PHE D 232 57.17 -17.95 34.05
C PHE D 232 56.39 -17.96 35.33
N PRO D 233 56.96 -18.53 36.42
CA PRO D 233 58.27 -19.23 36.59
C PRO D 233 58.41 -20.46 35.71
N GLU D 234 59.65 -20.87 35.40
CA GLU D 234 59.83 -22.06 34.63
C GLU D 234 61.19 -22.64 35.00
N GLU D 235 61.25 -23.97 35.17
CA GLU D 235 62.54 -24.64 35.40
C GLU D 235 63.20 -24.92 34.05
N SER D 236 63.81 -23.87 33.52
CA SER D 236 64.51 -23.88 32.25
C SER D 236 65.62 -22.87 32.44
N ASN D 237 66.57 -22.86 31.51
CA ASN D 237 67.63 -21.88 31.51
C ASN D 237 67.05 -20.47 31.48
N ARG D 238 66.05 -20.28 30.61
CA ARG D 238 65.42 -18.93 30.52
C ARG D 238 64.81 -18.56 31.84
N GLY D 239 64.03 -19.45 32.45
CA GLY D 239 63.38 -19.11 33.73
C GLY D 239 64.33 -18.83 34.91
N ARG D 240 65.39 -19.62 34.98
CA ARG D 240 66.46 -19.38 35.98
C ARG D 240 67.24 -18.11 35.73
N ILE D 241 67.67 -17.90 34.50
CA ILE D 241 68.41 -16.65 34.19
C ILE D 241 67.59 -15.39 34.45
N ILE D 242 66.30 -15.39 34.06
CA ILE D 242 65.42 -14.27 34.45
C ILE D 242 65.31 -14.06 35.97
N ARG D 243 65.07 -15.16 36.69
CA ARG D 243 64.81 -15.08 38.12
C ARG D 243 66.07 -14.69 38.90
N ASP D 244 67.18 -15.34 38.60
CA ASP D 244 68.40 -15.19 39.41
C ASP D 244 69.37 -14.11 38.93
N CYS D 245 69.31 -13.73 37.65
CA CYS D 245 70.26 -12.77 37.09
C CYS D 245 69.61 -11.50 36.56
N LEU D 246 68.70 -11.65 35.60
CA LEU D 246 68.14 -10.49 34.87
C LEU D 246 67.38 -9.59 35.82
N LEU D 247 66.39 -10.12 36.53
CA LEU D 247 65.58 -9.22 37.36
C LEU D 247 66.34 -8.46 38.45
N PRO D 248 67.17 -9.18 39.23
CA PRO D 248 67.97 -8.47 40.26
C PRO D 248 68.85 -7.36 39.69
N VAL D 249 69.55 -7.66 38.60
CA VAL D 249 70.40 -6.68 37.92
C VAL D 249 69.58 -5.50 37.40
N ALA D 250 68.45 -5.82 36.75
CA ALA D 250 67.54 -4.78 36.26
C ALA D 250 67.01 -3.90 37.38
N GLU D 251 66.68 -4.50 38.51
CA GLU D 251 66.23 -3.74 39.66
C GLU D 251 67.33 -2.81 40.17
N LYS D 252 68.52 -3.37 40.36
CA LYS D 252 69.63 -2.57 40.92
C LYS D 252 69.94 -1.35 40.06
N HIS D 253 69.95 -1.53 38.73
CA HIS D 253 70.22 -0.46 37.80
C HIS D 253 69.00 0.32 37.36
N ASN D 254 67.83 -0.12 37.82
CA ASN D 254 66.56 0.53 37.50
C ASN D 254 66.38 0.63 35.98
N ILE D 255 66.67 -0.48 35.31
CA ILE D 255 66.54 -0.59 33.86
C ILE D 255 65.30 -1.48 33.60
N PRO D 256 64.36 -1.02 32.74
CA PRO D 256 63.27 -1.91 32.38
C PRO D 256 63.69 -3.16 31.57
N PHE D 257 62.89 -4.23 31.67
CA PHE D 257 63.01 -5.45 30.92
C PHE D 257 61.89 -5.41 29.86
N ALA D 258 62.25 -5.37 28.59
CA ALA D 258 61.27 -5.33 27.49
C ALA D 258 61.05 -6.75 27.01
N MET D 259 59.80 -7.17 26.95
CA MET D 259 59.50 -8.49 26.45
C MET D 259 58.61 -8.35 25.23
N MET D 260 59.06 -8.91 24.11
CA MET D 260 58.25 -8.90 22.88
C MET D 260 57.73 -10.32 22.65
N ILE D 261 56.44 -10.56 22.93
CA ILE D 261 55.95 -11.93 23.12
C ILE D 261 55.03 -12.33 21.99
N GLY D 262 55.26 -13.52 21.43
CA GLY D 262 54.30 -14.05 20.48
C GLY D 262 54.88 -14.58 19.20
N VAL D 263 56.20 -14.45 19.00
CA VAL D 263 56.78 -14.90 17.75
C VAL D 263 57.11 -16.41 17.75
N LYS D 264 56.65 -17.10 16.70
CA LYS D 264 56.98 -18.50 16.43
C LYS D 264 58.00 -18.53 15.26
N LYS D 265 59.24 -18.87 15.60
CA LYS D 265 60.36 -18.61 14.67
C LYS D 265 60.45 -19.70 13.63
N ARG D 266 60.84 -19.30 12.42
CA ARG D 266 61.31 -20.25 11.43
C ARG D 266 60.26 -21.30 11.10
N VAL D 267 58.99 -20.92 10.91
CA VAL D 267 58.01 -21.90 10.40
C VAL D 267 58.19 -22.22 8.90
N HIS D 268 58.88 -21.32 8.18
CA HIS D 268 59.17 -21.58 6.76
C HIS D 268 60.61 -21.11 6.64
N PRO D 269 61.57 -21.97 7.05
CA PRO D 269 63.00 -21.58 7.19
C PRO D 269 63.61 -20.99 5.91
N ALA D 270 63.18 -21.46 4.73
CA ALA D 270 63.72 -20.90 3.45
C ALA D 270 63.46 -19.39 3.31
N LEU D 271 62.42 -18.88 3.96
CA LEU D 271 62.15 -17.46 3.84
C LEU D 271 63.01 -16.56 4.74
N GLY D 272 63.85 -17.17 5.57
CA GLY D 272 64.72 -16.43 6.46
C GLY D 272 63.91 -15.58 7.38
N ASP D 273 64.27 -14.30 7.45
CA ASP D 273 63.58 -13.31 8.29
C ASP D 273 62.08 -13.24 7.99
N ALA D 274 61.68 -13.55 6.75
CA ALA D 274 60.27 -13.58 6.39
C ALA D 274 59.54 -14.89 6.82
N GLY D 275 60.23 -15.78 7.55
CA GLY D 275 59.68 -17.10 7.84
C GLY D 275 59.07 -17.29 9.22
N ASP D 276 58.88 -16.18 9.94
CA ASP D 276 58.44 -16.27 11.33
C ASP D 276 56.92 -16.09 11.40
N PHE D 277 56.27 -16.79 12.32
CA PHE D 277 54.81 -16.83 12.39
C PHE D 277 54.41 -16.27 13.76
N VAL D 278 53.14 -16.43 14.16
CA VAL D 278 52.67 -15.82 15.42
C VAL D 278 51.78 -16.84 16.14
N GLY D 279 51.69 -16.69 17.47
CA GLY D 279 50.64 -17.36 18.23
C GLY D 279 50.25 -16.57 19.44
N LYS D 280 49.05 -16.85 19.94
CA LYS D 280 48.56 -16.28 21.18
C LYS D 280 49.30 -16.86 22.35
N ALA D 281 49.68 -15.99 23.26
CA ALA D 281 50.35 -16.43 24.48
C ALA D 281 49.39 -16.42 25.69
N SER D 282 49.74 -17.19 26.73
CA SER D 282 49.14 -17.00 28.06
C SER D 282 49.63 -15.71 28.68
N MET D 283 48.74 -15.01 29.39
CA MET D 283 49.18 -13.82 30.14
C MET D 283 49.80 -14.20 31.49
N ASP D 284 49.70 -15.49 31.89
CA ASP D 284 50.04 -15.87 33.27
C ASP D 284 51.44 -15.47 33.68
N GLY D 285 52.37 -15.64 32.74
CA GLY D 285 53.81 -15.38 33.04
C GLY D 285 54.08 -13.90 33.22
N VAL D 286 53.47 -13.08 32.36
CA VAL D 286 53.63 -11.65 32.48
C VAL D 286 52.96 -11.19 33.77
N GLU D 287 51.78 -11.74 34.07
CA GLU D 287 51.03 -11.40 35.25
C GLU D 287 51.90 -11.69 36.48
N HIS D 288 52.45 -12.91 36.52
CA HIS D 288 53.35 -13.30 37.63
C HIS D 288 54.56 -12.35 37.80
N LEU D 289 55.28 -12.07 36.71
CA LEU D 289 56.39 -11.09 36.75
C LEU D 289 55.99 -9.77 37.38
N LEU D 290 54.87 -9.22 36.91
CA LEU D 290 54.44 -7.91 37.35
C LEU D 290 54.06 -7.88 38.81
N ARG D 291 53.37 -8.92 39.25
CA ARG D 291 52.92 -8.96 40.64
C ARG D 291 54.12 -9.18 41.59
N GLU D 292 54.93 -10.17 41.24
CA GLU D 292 55.95 -10.67 42.19
C GLU D 292 57.25 -9.86 42.21
N TYR D 293 57.43 -8.99 41.20
CA TYR D 293 58.59 -8.11 41.04
C TYR D 293 58.17 -6.65 40.89
N PRO D 294 57.56 -6.09 41.96
CA PRO D 294 56.97 -4.77 41.93
C PRO D 294 58.00 -3.67 41.78
N ASN D 295 59.27 -4.01 42.08
CA ASN D 295 60.35 -3.06 41.96
C ASN D 295 61.08 -3.16 40.63
N ASN D 296 60.58 -4.02 39.74
CA ASN D 296 61.10 -4.11 38.39
C ASN D 296 60.09 -3.45 37.46
N LYS D 297 60.57 -2.92 36.36
CA LYS D 297 59.71 -2.35 35.35
C LYS D 297 59.74 -3.20 34.11
N PHE D 298 58.61 -3.23 33.41
CA PHE D 298 58.49 -4.11 32.27
C PHE D 298 57.81 -3.36 31.12
N LEU D 299 58.43 -3.40 29.94
CA LEU D 299 57.87 -2.91 28.66
C LEU D 299 57.39 -4.15 27.90
N VAL D 300 56.14 -4.15 27.40
CA VAL D 300 55.63 -5.32 26.75
C VAL D 300 54.89 -4.94 25.48
N THR D 301 55.17 -5.71 24.44
CA THR D 301 54.37 -5.66 23.24
C THR D 301 54.12 -7.11 22.85
N MET D 302 52.94 -7.38 22.26
CA MET D 302 52.61 -8.77 21.94
C MET D 302 52.22 -8.91 20.49
N LEU D 303 52.44 -10.10 19.93
CA LEU D 303 52.29 -10.27 18.48
C LEU D 303 50.90 -10.68 18.01
N SER D 304 50.17 -11.39 18.86
CA SER D 304 48.84 -11.92 18.44
C SER D 304 47.78 -10.84 18.59
N ARG D 305 46.87 -10.77 17.59
CA ARG D 305 45.70 -9.87 17.72
C ARG D 305 44.90 -10.19 18.98
N GLU D 306 44.80 -11.47 19.28
CA GLU D 306 43.91 -11.98 20.33
C GLU D 306 44.51 -11.76 21.75
N ASN D 307 45.75 -11.25 21.78
CA ASN D 307 46.31 -10.83 23.08
C ASN D 307 46.12 -9.37 23.45
N GLN D 308 45.69 -8.56 22.52
CA GLN D 308 45.83 -7.12 22.71
C GLN D 308 44.88 -6.58 23.75
N HIS D 309 43.60 -7.00 23.71
CA HIS D 309 42.67 -6.41 24.68
C HIS D 309 43.11 -6.80 26.10
N GLU D 310 43.42 -8.08 26.35
CA GLU D 310 43.80 -8.48 27.72
C GLU D 310 45.13 -7.87 28.15
N LEU D 311 46.01 -7.61 27.21
CA LEU D 311 47.22 -6.87 27.61
C LEU D 311 46.89 -5.44 28.13
N VAL D 312 45.93 -4.75 27.49
CA VAL D 312 45.45 -3.48 28.00
C VAL D 312 44.87 -3.65 29.41
N VAL D 313 44.09 -4.71 29.62
CA VAL D 313 43.51 -4.90 30.92
C VAL D 313 44.64 -5.11 31.97
N LEU D 314 45.67 -5.85 31.59
CA LEU D 314 46.73 -6.14 32.56
C LEU D 314 47.45 -4.82 32.89
N ALA D 315 47.60 -3.91 31.92
CA ALA D 315 48.13 -2.54 32.22
C ALA D 315 47.27 -1.78 33.26
N ARG D 316 45.95 -1.93 33.19
CA ARG D 316 45.11 -1.33 34.20
C ARG D 316 45.49 -1.85 35.61
N LYS D 317 45.94 -3.10 35.67
CA LYS D 317 46.24 -3.77 36.95
C LYS D 317 47.58 -3.38 37.56
N PHE D 318 48.56 -3.05 36.72
CA PHE D 318 49.95 -2.92 37.18
C PHE D 318 50.65 -1.71 36.62
N SER D 319 51.01 -0.77 37.50
CA SER D 319 51.75 0.43 37.11
C SER D 319 53.19 0.19 36.67
N ASN D 320 53.74 -0.98 37.05
CA ASN D 320 55.09 -1.36 36.56
C ASN D 320 55.09 -2.02 35.19
N LEU D 321 53.90 -2.02 34.54
CA LEU D 321 53.80 -2.41 33.17
C LEU D 321 53.58 -1.19 32.29
N MET D 322 54.43 -1.06 31.27
CA MET D 322 54.22 -0.09 30.21
C MET D 322 54.07 -0.88 28.91
N ILE D 323 52.92 -0.73 28.27
CA ILE D 323 52.73 -1.44 27.00
C ILE D 323 53.09 -0.48 25.86
N PHE D 324 53.62 -1.01 24.78
CA PHE D 324 54.08 -0.17 23.68
C PHE D 324 53.82 -0.78 22.32
N GLY D 325 53.40 0.07 21.39
CA GLY D 325 53.48 -0.21 19.96
C GLY D 325 52.52 -1.25 19.40
N CYS D 326 52.51 -1.32 18.07
CA CYS D 326 51.76 -2.30 17.33
C CYS D 326 52.81 -3.00 16.48
N TRP D 327 53.22 -4.16 16.98
CA TRP D 327 54.39 -4.82 16.51
C TRP D 327 54.02 -5.69 15.31
N TRP D 328 54.77 -5.48 14.22
CA TRP D 328 54.90 -6.43 13.10
C TRP D 328 53.52 -6.77 12.44
N PHE D 329 52.96 -7.96 12.74
CA PHE D 329 51.64 -8.31 12.18
C PHE D 329 50.49 -7.49 12.77
N MET D 330 50.80 -6.73 13.84
CA MET D 330 49.88 -5.74 14.38
C MET D 330 49.99 -4.38 13.69
N ASN D 331 51.05 -4.20 12.92
CA ASN D 331 51.34 -2.85 12.40
C ASN D 331 50.62 -2.57 11.06
N ASN D 332 49.30 -2.74 11.05
CA ASN D 332 48.47 -2.61 9.86
C ASN D 332 47.31 -1.71 10.31
N PRO D 333 46.90 -0.74 9.47
CA PRO D 333 45.88 0.25 9.89
C PRO D 333 44.69 -0.36 10.69
N GLU D 334 44.11 -1.44 10.18
CA GLU D 334 42.87 -1.99 10.85
C GLU D 334 43.19 -2.34 12.32
N ILE D 335 44.38 -2.87 12.55
CA ILE D 335 44.74 -3.34 13.87
C ILE D 335 45.29 -2.15 14.69
N ILE D 336 46.12 -1.32 14.06
CA ILE D 336 46.58 -0.08 14.77
C ILE D 336 45.41 0.71 15.35
N ASN D 337 44.37 0.83 14.53
CA ASN D 337 43.21 1.61 14.96
C ASN D 337 42.50 0.93 16.15
N GLU D 338 42.12 -0.35 16.02
CA GLU D 338 41.42 -1.02 17.17
C GLU D 338 42.27 -1.03 18.43
N MET D 339 43.59 -1.21 18.24
CA MET D 339 44.46 -1.33 19.43
C MET D 339 44.55 0.04 20.13
N THR D 340 44.77 1.09 19.35
CA THR D 340 44.96 2.42 19.90
C THR D 340 43.67 2.90 20.59
N ARG D 341 42.51 2.56 20.02
CA ARG D 341 41.24 2.91 20.66
C ARG D 341 41.01 2.15 21.97
N MET D 342 41.25 0.85 21.98
CA MET D 342 41.06 0.06 23.21
C MET D 342 42.05 0.59 24.29
N ARG D 343 43.26 0.90 23.86
CA ARG D 343 44.27 1.41 24.79
C ARG D 343 43.86 2.75 25.39
N MET D 344 43.47 3.70 24.55
CA MET D 344 43.10 5.00 25.07
C MET D 344 41.81 4.90 25.93
N GLU D 345 40.84 4.10 25.47
CA GLU D 345 39.61 3.91 26.26
C GLU D 345 39.84 3.43 27.71
N MET D 346 40.81 2.53 27.91
CA MET D 346 41.04 1.92 29.21
C MET D 346 42.25 2.49 29.96
N LEU D 347 43.13 3.21 29.25
CA LEU D 347 44.37 3.73 29.87
C LEU D 347 44.55 5.25 29.77
N GLY D 348 43.64 5.96 29.10
CA GLY D 348 43.78 7.39 28.85
C GLY D 348 45.09 7.61 28.04
N THR D 349 46.02 8.39 28.56
CA THR D 349 47.23 8.62 27.79
C THR D 349 48.42 7.87 28.40
N SER D 350 48.15 6.93 29.30
CA SER D 350 49.22 6.18 30.04
C SER D 350 49.78 4.97 29.28
N PHE D 351 50.07 5.16 28.00
CA PHE D 351 50.73 4.11 27.22
C PHE D 351 51.55 4.72 26.12
N ILE D 352 52.30 3.88 25.38
CA ILE D 352 53.11 4.33 24.23
C ILE D 352 52.44 3.72 22.97
N PRO D 353 51.74 4.55 22.18
CA PRO D 353 50.95 3.98 21.08
C PRO D 353 51.76 3.28 20.03
N GLN D 354 52.99 3.72 19.75
CA GLN D 354 53.66 3.13 18.61
C GLN D 354 55.24 3.20 18.70
N HIS D 355 55.84 2.27 17.98
CA HIS D 355 57.29 2.25 17.67
C HIS D 355 57.42 1.80 16.21
N SER D 356 58.55 2.06 15.55
CA SER D 356 58.63 1.67 14.14
C SER D 356 59.15 0.30 13.85
N ASP D 357 60.05 -0.22 14.71
CA ASP D 357 60.75 -1.46 14.40
C ASP D 357 61.52 -1.36 13.08
N ALA D 358 61.91 -0.15 12.70
CA ALA D 358 62.50 0.06 11.35
C ALA D 358 63.79 -0.73 11.17
N ARG D 359 63.89 -1.48 10.09
CA ARG D 359 65.10 -2.23 9.74
C ARG D 359 65.89 -1.41 8.72
N VAL D 360 65.19 -0.58 7.97
CA VAL D 360 65.78 0.24 6.91
C VAL D 360 65.49 1.70 7.25
N LEU D 361 66.53 2.54 7.23
CA LEU D 361 66.44 3.91 7.70
C LEU D 361 65.18 4.66 7.22
N GLU D 362 64.90 4.62 5.90
CA GLU D 362 63.87 5.47 5.30
C GLU D 362 62.48 5.03 5.84
N GLN D 363 62.40 3.82 6.38
CA GLN D 363 61.10 3.34 6.92
C GLN D 363 60.56 4.23 8.02
N LEU D 364 61.40 5.02 8.67
CA LEU D 364 60.93 5.95 9.70
C LEU D 364 59.90 6.86 9.09
N ILE D 365 60.08 7.25 7.83
CA ILE D 365 59.14 8.15 7.16
C ILE D 365 57.75 7.49 7.17
N TYR D 366 57.61 6.33 6.54
CA TYR D 366 56.23 5.79 6.46
C TYR D 366 55.68 5.32 7.79
N LYS D 367 56.51 4.73 8.64
CA LYS D 367 56.01 4.12 9.86
C LYS D 367 55.39 5.21 10.71
N TRP D 368 56.07 6.34 10.77
CA TRP D 368 55.57 7.47 11.55
C TRP D 368 54.43 8.19 10.84
N HIS D 369 54.52 8.39 9.54
CA HIS D 369 53.45 9.07 8.77
CA HIS D 369 53.47 9.12 8.86
C HIS D 369 52.14 8.28 8.92
N HIS D 370 52.21 7.00 8.64
CA HIS D 370 50.96 6.22 8.61
C HIS D 370 50.37 6.12 9.99
N SER D 371 51.24 5.90 10.97
CA SER D 371 50.75 5.78 12.37
C SER D 371 50.24 7.10 12.93
N LYS D 372 50.95 8.21 12.65
CA LYS D 372 50.45 9.49 13.17
C LYS D 372 49.06 9.83 12.65
N SER D 373 48.77 9.52 11.37
CA SER D 373 47.41 9.88 10.85
C SER D 373 46.33 9.17 11.67
N ILE D 374 46.57 7.89 11.94
CA ILE D 374 45.63 7.09 12.76
C ILE D 374 45.51 7.56 14.20
N ILE D 375 46.65 7.78 14.85
CA ILE D 375 46.65 8.25 16.21
C ILE D 375 45.97 9.62 16.32
N ALA D 376 46.19 10.51 15.37
CA ALA D 376 45.47 11.79 15.35
C ALA D 376 43.96 11.60 15.28
N GLU D 377 43.51 10.71 14.40
CA GLU D 377 42.04 10.46 14.31
C GLU D 377 41.48 9.94 15.63
N VAL D 378 42.22 9.05 16.30
CA VAL D 378 41.75 8.58 17.58
C VAL D 378 41.63 9.73 18.59
N LEU D 379 42.69 10.57 18.64
CA LEU D 379 42.70 11.65 19.61
C LEU D 379 41.57 12.61 19.32
N ILE D 380 41.36 12.92 18.04
CA ILE D 380 40.24 13.83 17.69
C ILE D 380 38.94 13.26 18.21
N ASP D 381 38.68 11.96 18.03
CA ASP D 381 37.39 11.44 18.51
C ASP D 381 37.32 11.55 20.04
N LYS D 382 38.40 11.17 20.73
CA LYS D 382 38.37 11.15 22.22
C LYS D 382 38.24 12.55 22.79
N TYR D 383 38.92 13.52 22.16
CA TYR D 383 38.78 14.92 22.59
C TYR D 383 37.40 15.44 22.28
N ASP D 384 36.89 15.08 21.11
CA ASP D 384 35.55 15.53 20.74
C ASP D 384 34.51 15.02 21.73
N ASP D 385 34.66 13.77 22.15
CA ASP D 385 33.74 13.23 23.14
C ASP D 385 33.76 14.04 24.45
N ILE D 386 34.92 14.49 24.91
CA ILE D 386 34.93 15.23 26.18
C ILE D 386 34.54 16.70 25.98
N LEU D 387 34.82 17.24 24.78
CA LEU D 387 34.21 18.55 24.39
C LEU D 387 32.67 18.48 24.40
N GLN D 388 32.10 17.41 23.86
CA GLN D 388 30.63 17.24 23.84
C GLN D 388 30.09 17.17 25.28
N ALA D 389 30.91 16.67 26.21
CA ALA D 389 30.48 16.59 27.62
C ALA D 389 30.72 17.90 28.41
N GLY D 390 31.21 18.94 27.73
CA GLY D 390 31.32 20.24 28.37
C GLY D 390 32.71 20.61 28.82
N TRP D 391 33.69 19.70 28.61
CA TRP D 391 35.09 19.96 29.00
C TRP D 391 35.73 20.92 27.97
N GLU D 392 36.56 21.84 28.43
CA GLU D 392 37.33 22.67 27.49
C GLU D 392 38.78 22.22 27.40
N VAL D 393 39.18 21.77 26.23
CA VAL D 393 40.57 21.31 26.00
C VAL D 393 41.34 22.52 25.50
N THR D 394 42.51 22.79 26.06
CA THR D 394 43.34 23.86 25.48
C THR D 394 44.32 23.26 24.50
N GLU D 395 44.80 24.11 23.59
CA GLU D 395 45.81 23.67 22.64
C GLU D 395 47.11 23.24 23.36
N GLU D 396 47.45 23.92 24.45
CA GLU D 396 48.62 23.51 25.23
C GLU D 396 48.43 22.13 25.89
N GLU D 397 47.21 21.83 26.34
CA GLU D 397 46.93 20.50 26.89
C GLU D 397 47.00 19.42 25.79
N ILE D 398 46.50 19.71 24.60
CA ILE D 398 46.72 18.79 23.48
C ILE D 398 48.20 18.55 23.23
N LYS D 399 48.96 19.64 23.16
CA LYS D 399 50.41 19.51 22.96
C LYS D 399 51.09 18.64 24.02
N ARG D 400 50.71 18.85 25.28
CA ARG D 400 51.22 18.06 26.39
C ARG D 400 50.88 16.58 26.24
N ASP D 401 49.61 16.29 25.99
CA ASP D 401 49.18 14.90 25.80
C ASP D 401 49.92 14.18 24.69
N VAL D 402 50.10 14.86 23.57
CA VAL D 402 50.72 14.30 22.38
C VAL D 402 52.22 14.07 22.67
N ALA D 403 52.85 15.00 23.40
CA ALA D 403 54.26 14.82 23.83
C ALA D 403 54.40 13.61 24.73
N ASP D 404 53.44 13.38 25.62
CA ASP D 404 53.46 12.18 26.47
C ASP D 404 53.40 10.92 25.63
N LEU D 405 52.48 10.87 24.67
CA LEU D 405 52.32 9.68 23.87
C LEU D 405 53.53 9.38 22.98
N PHE D 406 54.10 10.42 22.36
CA PHE D 406 55.16 10.20 21.33
C PHE D 406 56.57 10.22 21.91
N SER D 407 56.70 10.63 23.18
CA SER D 407 58.05 10.83 23.76
C SER D 407 58.22 10.69 25.28
N ARG D 408 57.48 11.51 26.04
CA ARG D 408 57.73 11.66 27.47
C ARG D 408 57.34 10.45 28.26
N ASN D 409 56.31 9.70 27.79
CA ASN D 409 55.97 8.53 28.55
C ASN D 409 57.10 7.52 28.59
N PHE D 410 57.79 7.35 27.46
CA PHE D 410 58.88 6.39 27.37
C PHE D 410 60.00 6.82 28.34
N TRP D 411 60.40 8.08 28.23
CA TRP D 411 61.56 8.57 29.05
C TRP D 411 61.22 8.55 30.52
N ARG D 412 59.96 8.81 30.86
CA ARG D 412 59.51 8.80 32.23
C ARG D 412 59.67 7.37 32.77
N PHE D 413 59.25 6.40 31.97
CA PHE D 413 59.21 5.01 32.41
C PHE D 413 60.62 4.45 32.54
N VAL D 414 61.48 4.74 31.58
CA VAL D 414 62.83 4.21 31.66
C VAL D 414 63.68 5.01 32.65
N GLY D 415 63.19 6.18 33.07
CA GLY D 415 63.89 7.04 34.01
C GLY D 415 65.11 7.78 33.46
N ARG D 416 65.00 8.30 32.22
CA ARG D 416 66.12 9.00 31.52
C ARG D 416 65.67 10.18 30.65
N ASN D 417 66.57 10.72 29.79
CA ASN D 417 66.27 11.79 28.79
C ASN D 417 64.77 12.09 28.58
N SER E 2 8.83 13.51 6.89
CA SER E 2 9.41 12.68 7.96
C SER E 2 8.40 11.60 8.44
N LEU E 3 7.14 11.77 8.00
CA LEU E 3 5.99 10.86 8.31
C LEU E 3 6.27 9.39 7.94
N SER E 4 6.22 9.08 6.65
CA SER E 4 6.92 7.91 6.12
C SER E 4 8.41 8.24 5.98
N ILE E 5 9.24 7.30 6.39
CA ILE E 5 10.66 7.43 6.61
C ILE E 5 11.34 6.89 5.33
N ASN E 6 11.98 7.78 4.56
CA ASN E 6 12.50 7.29 3.28
C ASN E 6 13.96 7.68 3.02
N SER E 7 14.75 7.98 4.07
CA SER E 7 16.18 8.19 3.85
C SER E 7 16.92 7.92 5.13
N ARG E 8 18.22 7.69 5.01
CA ARG E 8 19.02 7.48 6.22
C ARG E 8 18.96 8.71 7.14
N GLU E 9 18.89 9.92 6.54
CA GLU E 9 18.82 11.14 7.34
C GLU E 9 17.57 11.14 8.22
N VAL E 10 16.43 10.79 7.62
CA VAL E 10 15.16 10.74 8.36
C VAL E 10 15.20 9.63 9.40
N LEU E 11 15.74 8.48 9.00
CA LEU E 11 15.93 7.34 9.89
C LEU E 11 16.72 7.80 11.14
N ALA E 12 17.81 8.56 10.94
CA ALA E 12 18.68 8.96 12.06
C ALA E 12 17.86 9.75 13.06
N GLU E 13 17.03 10.68 12.57
CA GLU E 13 16.21 11.50 13.50
C GLU E 13 15.25 10.62 14.30
N LYS E 14 14.58 9.69 13.62
CA LYS E 14 13.52 8.94 14.28
C LYS E 14 14.13 7.89 15.25
N VAL E 15 15.28 7.30 14.87
CA VAL E 15 15.95 6.25 15.72
C VAL E 15 16.49 6.95 16.97
N LYS E 16 17.13 8.10 16.81
CA LYS E 16 17.69 8.84 17.96
C LYS E 16 16.59 9.23 18.91
N ASN E 17 15.48 9.72 18.37
CA ASN E 17 14.36 10.11 19.23
C ASN E 17 13.86 8.88 19.99
N ALA E 18 13.63 7.78 19.27
CA ALA E 18 13.10 6.59 19.92
C ALA E 18 14.04 6.12 21.03
N VAL E 19 15.34 6.04 20.71
CA VAL E 19 16.34 5.55 21.68
C VAL E 19 16.44 6.48 22.90
N ASN E 20 16.53 7.77 22.63
CA ASN E 20 16.53 8.75 23.74
C ASN E 20 15.28 8.68 24.59
N ASN E 21 14.10 8.52 23.97
CA ASN E 21 12.82 8.50 24.69
C ASN E 21 12.44 7.19 25.40
N GLN E 22 13.05 6.07 25.02
CA GLN E 22 12.71 4.77 25.60
C GLN E 22 13.19 4.63 27.06
N PRO E 23 12.26 4.42 28.00
CA PRO E 23 12.69 4.13 29.37
C PRO E 23 13.49 2.85 29.45
N VAL E 24 14.59 2.92 30.18
CA VAL E 24 15.53 1.78 30.26
C VAL E 24 15.23 0.92 31.47
N THR E 25 15.24 -0.38 31.26
CA THR E 25 15.40 -1.33 32.38
C THR E 25 16.86 -1.68 32.35
N ASP E 26 17.53 -1.42 33.47
CA ASP E 26 18.96 -1.66 33.60
C ASP E 26 19.10 -2.98 34.38
N MET E 27 19.38 -4.07 33.68
CA MET E 27 19.14 -5.35 34.31
C MET E 27 20.25 -5.93 35.16
N HIS E 28 21.33 -5.18 35.31
CA HIS E 28 22.37 -5.54 36.28
C HIS E 28 23.13 -4.33 36.76
N THR E 29 23.01 -4.02 38.07
CA THR E 29 23.68 -2.86 38.63
C THR E 29 24.09 -3.25 40.06
N HIS E 30 24.89 -2.39 40.68
CA HIS E 30 25.24 -2.53 42.10
C HIS E 30 24.64 -1.36 42.84
N LEU E 31 23.44 -0.94 42.44
CA LEU E 31 22.77 0.16 43.13
C LEU E 31 21.79 -0.44 44.09
N PHE E 32 21.34 0.37 45.06
CA PHE E 32 20.34 -0.13 46.01
C PHE E 32 19.20 0.87 46.17
N SER E 33 17.99 0.38 46.43
CA SER E 33 16.87 1.26 46.80
C SER E 33 17.33 2.18 47.95
N PRO E 34 16.99 3.48 47.91
CA PRO E 34 17.57 4.40 48.90
C PRO E 34 17.15 4.10 50.35
N ASN E 35 16.02 3.42 50.54
CA ASN E 35 15.64 2.98 51.89
C ASN E 35 16.56 1.92 52.51
N PHE E 36 17.42 1.29 51.70
CA PHE E 36 18.44 0.37 52.25
C PHE E 36 19.60 1.11 52.92
N GLY E 37 19.63 2.42 52.80
CA GLY E 37 20.63 3.23 53.50
C GLY E 37 21.90 3.52 52.73
N GLU E 38 23.00 3.65 53.49
CA GLU E 38 24.26 4.22 53.00
C GLU E 38 24.93 3.36 51.93
N ILE E 39 24.50 2.10 51.81
CA ILE E 39 25.05 1.22 50.75
C ILE E 39 24.70 1.71 49.35
N LEU E 40 23.71 2.56 49.25
CA LEU E 40 23.50 3.28 47.97
C LEU E 40 24.52 4.40 47.89
N LEU E 41 25.47 4.26 46.95
CA LEU E 41 26.56 5.22 46.79
C LEU E 41 26.22 6.31 45.79
N TRP E 42 26.49 7.56 46.15
CA TRP E 42 26.26 8.67 45.26
C TRP E 42 27.10 9.88 45.58
N ASP E 43 27.26 10.74 44.56
CA ASP E 43 27.97 12.04 44.54
C ASP E 43 29.28 12.05 43.76
N ILE E 44 29.81 13.25 43.55
CA ILE E 44 30.99 13.44 42.72
C ILE E 44 32.20 12.76 43.34
N ASP E 45 32.30 12.72 44.68
CA ASP E 45 33.45 12.07 45.27
C ASP E 45 33.38 10.57 45.09
N GLU E 46 32.17 10.03 45.15
CA GLU E 46 32.00 8.60 44.89
C GLU E 46 32.27 8.30 43.39
N LEU E 47 31.84 9.20 42.50
CA LEU E 47 32.11 9.02 41.05
C LEU E 47 33.60 8.93 40.81
N LEU E 48 34.33 9.84 41.43
CA LEU E 48 35.77 9.93 41.21
C LEU E 48 36.59 8.78 41.78
N THR E 49 36.10 8.19 42.87
CA THR E 49 36.80 7.12 43.56
C THR E 49 36.26 5.71 43.17
N TYR E 50 35.41 5.63 42.16
CA TYR E 50 34.98 4.38 41.51
C TYR E 50 36.26 3.58 41.23
N HIS E 51 36.18 2.26 41.36
CA HIS E 51 37.40 1.48 41.23
C HIS E 51 38.02 1.53 39.83
N TYR E 52 37.24 1.81 38.78
CA TYR E 52 37.83 2.02 37.44
C TYR E 52 38.85 3.12 37.47
N LEU E 53 38.57 4.16 38.26
CA LEU E 53 39.49 5.34 38.32
C LEU E 53 40.69 5.16 39.28
N VAL E 54 40.47 4.35 40.30
CA VAL E 54 41.59 3.95 41.16
C VAL E 54 42.67 3.22 40.33
N ALA E 55 42.25 2.26 39.50
CA ALA E 55 43.22 1.60 38.59
C ALA E 55 43.94 2.62 37.75
N GLU E 56 43.19 3.51 37.11
CA GLU E 56 43.82 4.47 36.22
C GLU E 56 44.78 5.46 36.94
N VAL E 57 44.38 5.94 38.12
CA VAL E 57 45.25 6.89 38.80
C VAL E 57 46.57 6.24 39.21
N MET E 58 46.53 4.95 39.60
CA MET E 58 47.74 4.23 40.06
C MET E 58 48.76 4.07 38.94
N ARG E 59 48.30 4.18 37.68
CA ARG E 59 49.23 4.20 36.53
C ARG E 59 50.05 5.48 36.43
N TRP E 60 49.57 6.55 37.06
CA TRP E 60 50.19 7.86 36.94
C TRP E 60 50.87 8.35 38.20
N THR E 61 50.20 8.16 39.33
CA THR E 61 50.56 8.86 40.57
C THR E 61 51.79 8.27 41.24
N ASP E 62 52.50 9.13 41.97
CA ASP E 62 53.59 8.65 42.80
C ASP E 62 53.17 8.30 44.22
N VAL E 63 51.95 8.66 44.59
CA VAL E 63 51.38 8.25 45.88
C VAL E 63 51.30 6.72 45.89
N SER E 64 51.65 6.11 47.02
CA SER E 64 51.68 4.66 47.11
C SER E 64 50.26 4.15 47.29
N ILE E 65 50.02 2.88 47.00
CA ILE E 65 48.68 2.35 47.15
C ILE E 65 48.26 2.39 48.64
N GLU E 66 49.21 2.20 49.55
CA GLU E 66 48.89 2.25 50.99
C GLU E 66 48.48 3.65 51.41
N ALA E 67 49.25 4.64 50.98
CA ALA E 67 48.91 6.04 51.24
C ALA E 67 47.55 6.37 50.65
N PHE E 68 47.28 5.89 49.42
CA PHE E 68 45.95 6.10 48.83
C PHE E 68 44.80 5.63 49.71
N TRP E 69 44.86 4.38 50.17
CA TRP E 69 43.76 3.82 50.95
C TRP E 69 43.62 4.55 52.30
N ALA E 70 44.71 5.17 52.75
CA ALA E 70 44.73 5.92 54.01
C ALA E 70 44.04 7.26 53.88
N MET E 71 44.02 7.82 52.67
CA MET E 71 43.38 9.11 52.46
C MET E 71 41.88 9.04 52.72
N SER E 72 41.28 10.18 53.02
CA SER E 72 39.83 10.25 53.11
C SER E 72 39.29 10.19 51.69
N LYS E 73 38.00 9.91 51.56
CA LYS E 73 37.39 9.87 50.24
C LYS E 73 37.61 11.19 49.49
N ARG E 74 37.43 12.32 50.18
CA ARG E 74 37.61 13.61 49.54
C ARG E 74 39.03 13.76 49.01
N GLU E 75 40.02 13.35 49.80
CA GLU E 75 41.44 13.50 49.39
C GLU E 75 41.74 12.60 48.18
N GLN E 76 41.16 11.39 48.22
CA GLN E 76 41.28 10.43 47.13
C GLN E 76 40.73 11.03 45.84
N ALA E 77 39.53 11.60 45.92
CA ALA E 77 38.87 12.30 44.79
C ALA E 77 39.65 13.50 44.29
N ASP E 78 40.21 14.31 45.21
CA ASP E 78 41.07 15.42 44.82
C ASP E 78 42.29 14.95 44.02
N LEU E 79 42.90 13.87 44.49
CA LEU E 79 44.07 13.32 43.83
C LEU E 79 43.71 12.81 42.42
N ILE E 80 42.63 12.06 42.34
CA ILE E 80 42.16 11.47 41.05
C ILE E 80 41.84 12.61 40.08
N TRP E 81 41.18 13.66 40.60
CA TRP E 81 40.90 14.82 39.79
C TRP E 81 42.18 15.45 39.24
N GLU E 82 43.14 15.71 40.12
CA GLU E 82 44.37 16.35 39.71
C GLU E 82 45.16 15.46 38.72
N GLU E 83 45.27 14.15 38.98
CA GLU E 83 46.14 13.28 38.18
C GLU E 83 45.54 12.91 36.82
N LEU E 84 44.21 12.77 36.78
CA LEU E 84 43.54 12.22 35.55
C LEU E 84 42.80 13.26 34.72
N PHE E 85 42.47 14.40 35.33
CA PHE E 85 41.69 15.45 34.67
C PHE E 85 42.54 16.69 34.41
N ILE E 86 43.43 17.00 35.35
CA ILE E 86 44.25 18.24 35.24
C ILE E 86 45.63 18.06 34.61
N LYS E 87 46.39 17.06 35.07
CA LYS E 87 47.76 16.84 34.57
C LYS E 87 47.80 16.09 33.22
N ARG E 88 46.70 15.44 32.88
CA ARG E 88 46.52 14.82 31.55
C ARG E 88 45.05 15.06 31.16
N SER E 89 44.75 15.08 29.86
CA SER E 89 43.32 15.22 29.51
C SER E 89 42.52 13.97 29.88
N PRO E 90 41.28 14.17 30.40
CA PRO E 90 40.42 13.08 30.87
C PRO E 90 39.75 12.32 29.69
N VAL E 91 40.56 11.72 28.82
CA VAL E 91 40.04 11.11 27.58
C VAL E 91 39.58 9.68 27.75
N SER E 92 39.95 8.99 28.86
CA SER E 92 39.54 7.58 29.01
C SER E 92 38.04 7.48 29.17
N GLU E 93 37.51 6.27 28.91
CA GLU E 93 36.01 6.11 28.95
C GLU E 93 35.51 6.45 30.38
N ALA E 94 36.27 6.01 31.40
CA ALA E 94 35.79 6.20 32.78
C ALA E 94 35.87 7.69 33.15
N CYS E 95 36.89 8.41 32.70
CA CYS E 95 37.00 9.87 33.00
C CYS E 95 35.98 10.68 32.22
N ARG E 96 35.87 10.38 30.92
CA ARG E 96 34.78 10.96 30.10
C ARG E 96 33.42 10.77 30.83
N GLY E 97 33.20 9.57 31.39
CA GLY E 97 31.92 9.30 32.07
C GLY E 97 31.61 10.26 33.24
N VAL E 98 32.60 10.54 34.06
CA VAL E 98 32.44 11.55 35.14
C VAL E 98 31.95 12.88 34.59
N LEU E 99 32.55 13.32 33.49
CA LEU E 99 32.17 14.58 32.85
C LEU E 99 30.72 14.59 32.31
N THR E 100 30.33 13.49 31.66
CA THR E 100 28.96 13.34 31.20
C THR E 100 27.99 13.43 32.38
N CYS E 101 28.34 12.81 33.50
CA CYS E 101 27.46 12.93 34.68
C CYS E 101 27.33 14.38 35.16
N LEU E 102 28.46 15.05 35.35
CA LEU E 102 28.42 16.47 35.78
C LEU E 102 27.55 17.30 34.85
N GLN E 103 27.80 17.22 33.54
CA GLN E 103 26.98 17.96 32.57
C GLN E 103 25.49 17.63 32.64
N GLY E 104 25.16 16.34 32.74
CA GLY E 104 23.79 15.91 32.83
C GLY E 104 23.01 16.53 33.99
N LEU E 105 23.69 16.69 35.12
CA LEU E 105 23.12 17.28 36.32
C LEU E 105 23.00 18.80 36.22
N GLY E 106 23.55 19.38 35.16
CA GLY E 106 23.52 20.84 34.95
C GLY E 106 24.72 21.58 35.50
N LEU E 107 25.71 20.82 35.98
CA LEU E 107 26.99 21.37 36.39
C LEU E 107 27.85 21.67 35.16
N ASP E 108 28.86 22.53 35.30
CA ASP E 108 29.59 22.91 34.09
C ASP E 108 31.04 22.45 34.16
N PRO E 109 31.35 21.34 33.45
CA PRO E 109 32.74 20.89 33.40
C PRO E 109 33.77 21.90 32.90
N ALA E 110 33.36 22.89 32.10
CA ALA E 110 34.31 23.91 31.59
C ALA E 110 35.01 24.63 32.73
N THR E 111 34.33 24.83 33.84
CA THR E 111 34.92 25.58 34.95
C THR E 111 35.94 24.79 35.74
N ARG E 112 35.80 23.45 35.71
CA ARG E 112 36.67 22.55 36.49
C ARG E 112 36.57 22.80 38.00
N ASP E 113 35.46 23.35 38.41
CA ASP E 113 35.32 23.83 39.78
C ASP E 113 34.75 22.75 40.68
N LEU E 114 35.64 21.87 41.15
CA LEU E 114 35.26 20.71 41.95
C LEU E 114 34.49 21.09 43.21
N GLN E 115 34.84 22.22 43.81
CA GLN E 115 34.13 22.65 45.03
C GLN E 115 32.66 23.00 44.75
N VAL E 116 32.42 23.72 43.66
CA VAL E 116 31.04 23.97 43.23
C VAL E 116 30.27 22.70 42.91
N TYR E 117 30.90 21.75 42.19
CA TYR E 117 30.24 20.46 41.99
C TYR E 117 29.86 19.79 43.31
N ARG E 118 30.78 19.81 44.28
CA ARG E 118 30.50 19.12 45.53
C ARG E 118 29.27 19.74 46.21
N GLU E 119 29.16 21.07 46.10
CA GLU E 119 28.05 21.84 46.71
C GLU E 119 26.71 21.36 46.22
N TYR E 120 26.64 20.94 44.94
CA TYR E 120 25.39 20.52 44.36
C TYR E 120 24.79 19.37 45.16
N PHE E 121 25.65 18.43 45.59
CA PHE E 121 25.20 17.19 46.20
C PHE E 121 24.90 17.37 47.68
N ALA E 122 25.59 18.32 48.30
CA ALA E 122 25.56 18.49 49.76
C ALA E 122 24.16 18.87 50.23
N LYS E 123 23.35 19.42 49.34
CA LYS E 123 22.04 19.88 49.75
C LYS E 123 20.88 18.92 49.51
N LYS E 124 21.17 17.72 49.03
CA LYS E 124 20.13 16.76 48.65
C LYS E 124 20.05 15.52 49.53
N THR E 125 18.89 14.86 49.52
CA THR E 125 18.74 13.52 50.08
C THR E 125 19.01 12.46 48.99
N SER E 126 19.29 11.24 49.43
CA SER E 126 19.38 10.04 48.54
C SER E 126 18.14 9.98 47.68
N GLU E 127 17.00 10.16 48.34
CA GLU E 127 15.72 9.99 47.70
C GLU E 127 15.55 10.99 46.55
N GLU E 128 15.99 12.23 46.77
CA GLU E 128 15.84 13.29 45.80
C GLU E 128 16.76 13.02 44.61
N GLN E 129 17.98 12.59 44.93
CA GLN E 129 18.98 12.28 43.88
C GLN E 129 18.59 11.07 43.02
N VAL E 130 17.96 10.06 43.62
CA VAL E 130 17.46 8.92 42.85
C VAL E 130 16.40 9.45 41.85
N ASP E 131 15.45 10.24 42.33
CA ASP E 131 14.45 10.81 41.41
C ASP E 131 15.08 11.59 40.26
N THR E 132 16.01 12.47 40.60
CA THR E 132 16.74 13.27 39.62
C THR E 132 17.47 12.37 38.62
N VAL E 133 18.27 11.47 39.15
CA VAL E 133 19.11 10.61 38.27
C VAL E 133 18.29 9.67 37.34
N LEU E 134 17.29 8.97 37.88
CA LEU E 134 16.49 8.10 37.07
C LEU E 134 15.75 8.88 35.96
N GLN E 135 15.32 10.09 36.28
CA GLN E 135 14.69 10.94 35.29
C GLN E 135 15.70 11.37 34.23
N LEU E 136 16.86 11.89 34.63
CA LEU E 136 17.89 12.32 33.66
C LEU E 136 18.37 11.18 32.79
N ALA E 137 18.53 9.99 33.38
CA ALA E 137 19.04 8.83 32.64
C ALA E 137 17.90 8.06 31.95
N ASN E 138 16.66 8.49 32.18
CA ASN E 138 15.47 7.79 31.66
C ASN E 138 15.49 6.28 31.94
N VAL E 139 15.78 5.94 33.20
CA VAL E 139 15.77 4.57 33.61
C VAL E 139 14.52 4.36 34.46
N SER E 140 13.71 3.40 34.08
CA SER E 140 12.46 3.15 34.79
C SER E 140 12.63 2.09 35.86
N ASP E 141 13.51 1.14 35.60
CA ASP E 141 13.61 -0.05 36.46
C ASP E 141 15.08 -0.37 36.62
N VAL E 142 15.48 -0.64 37.86
CA VAL E 142 16.87 -0.93 38.23
C VAL E 142 16.90 -2.33 38.84
N VAL E 143 17.80 -3.20 38.35
CA VAL E 143 17.99 -4.47 38.99
C VAL E 143 19.26 -4.39 39.89
N MET E 144 19.07 -4.77 41.16
CA MET E 144 20.15 -4.64 42.15
C MET E 144 20.93 -5.95 42.14
N THR E 145 22.07 -5.96 42.85
CA THR E 145 22.80 -7.16 43.18
C THR E 145 22.68 -7.34 44.72
N ASN E 146 21.90 -8.32 45.15
CA ASN E 146 21.54 -8.48 46.61
C ASN E 146 22.24 -9.73 47.12
N ASP E 147 23.13 -9.49 48.06
CA ASP E 147 24.03 -10.51 48.56
C ASP E 147 23.70 -10.89 50.01
N PRO E 148 23.08 -12.05 50.19
CA PRO E 148 22.59 -12.48 51.53
C PRO E 148 23.73 -12.89 52.43
N PHE E 149 24.95 -12.88 51.90
CA PHE E 149 26.13 -13.20 52.68
C PHE E 149 26.74 -11.94 53.25
N ASP E 150 26.21 -10.78 52.85
CA ASP E 150 26.74 -9.52 53.35
C ASP E 150 25.91 -9.16 54.59
N ASP E 151 26.56 -9.15 55.75
CA ASP E 151 25.85 -8.96 57.02
C ASP E 151 24.92 -7.75 57.00
N ASN E 152 25.46 -6.63 56.55
CA ASN E 152 24.68 -5.42 56.49
C ASN E 152 23.46 -5.59 55.58
N GLU E 153 23.72 -6.08 54.37
CA GLU E 153 22.63 -6.28 53.42
C GLU E 153 21.54 -7.18 53.98
N ARG E 154 21.95 -8.30 54.57
CA ARG E 154 21.06 -9.31 55.15
CA ARG E 154 20.88 -9.20 54.97
C ARG E 154 20.05 -8.71 56.13
N ILE E 155 20.57 -7.83 56.98
CA ILE E 155 19.76 -7.19 58.04
C ILE E 155 18.46 -6.59 57.47
N SER E 156 18.58 -5.79 56.41
CA SER E 156 17.43 -5.14 55.83
C SER E 156 16.42 -6.14 55.31
N TRP E 157 16.90 -7.20 54.63
CA TRP E 157 16.00 -8.23 54.16
C TRP E 157 15.28 -8.95 55.33
N LEU E 158 16.06 -9.26 56.33
CA LEU E 158 15.51 -9.97 57.54
C LEU E 158 14.52 -9.09 58.30
N GLU E 159 14.78 -7.78 58.30
CA GLU E 159 13.82 -6.81 58.81
C GLU E 159 12.59 -6.57 57.93
N GLY E 160 12.49 -7.25 56.80
CA GLY E 160 11.33 -7.16 55.91
C GLY E 160 11.22 -5.90 55.06
N LYS E 161 12.33 -5.18 54.89
CA LYS E 161 12.39 -3.96 54.08
C LYS E 161 12.09 -4.37 52.65
N GLN E 162 11.20 -3.62 52.02
CA GLN E 162 10.91 -3.82 50.61
C GLN E 162 11.57 -2.70 49.83
N PRO E 163 12.21 -3.07 48.70
CA PRO E 163 12.78 -1.98 47.91
C PRO E 163 11.68 -1.10 47.33
N ASP E 164 11.99 0.17 47.12
CA ASP E 164 11.27 1.05 46.21
C ASP E 164 10.87 0.28 44.91
N SER E 165 9.71 0.58 44.35
CA SER E 165 9.10 -0.28 43.34
C SER E 165 9.88 -0.24 41.99
N ARG E 166 10.74 0.76 41.87
CA ARG E 166 11.60 0.90 40.66
C ARG E 166 12.82 -0.02 40.73
N PHE E 167 13.02 -0.67 41.88
CA PHE E 167 14.24 -1.42 42.14
C PHE E 167 13.86 -2.89 42.36
N HIS E 168 14.57 -3.78 41.69
CA HIS E 168 14.25 -5.17 41.66
C HIS E 168 15.42 -5.97 42.19
N ALA E 169 15.14 -7.07 42.89
CA ALA E 169 16.19 -7.85 43.53
C ALA E 169 16.77 -8.86 42.57
N ALA E 170 18.07 -9.15 42.76
CA ALA E 170 18.65 -10.33 42.11
C ALA E 170 19.56 -11.00 43.11
N LEU E 171 19.46 -12.31 43.22
CA LEU E 171 20.14 -13.03 44.31
C LEU E 171 21.57 -13.39 43.89
N ARG E 172 22.55 -12.76 44.55
CA ARG E 172 23.97 -12.97 44.27
C ARG E 172 24.45 -14.19 45.05
N LEU E 173 25.07 -15.14 44.36
CA LEU E 173 25.44 -16.41 45.00
C LEU E 173 26.93 -16.73 45.03
N ASP E 174 27.80 -15.77 44.69
CA ASP E 174 29.25 -16.06 44.60
C ASP E 174 29.82 -16.77 45.87
N PRO E 175 29.49 -16.27 47.09
CA PRO E 175 30.07 -17.00 48.25
C PRO E 175 29.66 -18.44 48.34
N LEU E 176 28.42 -18.74 47.98
CA LEU E 176 27.94 -20.11 48.04
C LEU E 176 28.64 -20.99 47.02
N LEU E 177 28.76 -20.50 45.78
CA LEU E 177 29.16 -21.32 44.67
C LEU E 177 30.67 -21.40 44.56
N ASN E 178 31.33 -20.26 44.83
CA ASN E 178 32.79 -20.08 44.64
C ASN E 178 33.64 -20.26 45.90
N GLU E 179 33.02 -20.06 47.06
CA GLU E 179 33.72 -20.12 48.36
C GLU E 179 32.97 -21.03 49.36
N TYR E 180 32.49 -22.15 48.88
CA TYR E 180 31.65 -23.01 49.72
C TYR E 180 32.39 -23.47 50.99
N GLU E 181 33.67 -23.81 50.87
CA GLU E 181 34.47 -24.28 52.03
C GLU E 181 34.35 -23.35 53.24
N GLN E 182 34.35 -22.04 52.96
CA GLN E 182 34.27 -21.03 53.98
C GLN E 182 32.81 -20.77 54.34
N THR E 183 31.94 -20.73 53.33
CA THR E 183 30.56 -20.33 53.52
C THR E 183 29.75 -21.37 54.25
N LYS E 184 30.15 -22.64 54.14
CA LYS E 184 29.35 -23.69 54.76
C LYS E 184 29.22 -23.44 56.28
N HIS E 185 30.24 -22.85 56.90
CA HIS E 185 30.21 -22.54 58.34
C HIS E 185 29.19 -21.47 58.73
N ARG E 186 29.00 -20.52 57.81
CA ARG E 186 28.04 -19.45 58.00
C ARG E 186 26.65 -20.02 57.80
N LEU E 187 26.55 -20.93 56.84
CA LEU E 187 25.28 -21.60 56.59
C LEU E 187 24.84 -22.35 57.86
N ARG E 188 25.76 -23.10 58.45
CA ARG E 188 25.51 -23.73 59.76
C ARG E 188 25.06 -22.71 60.82
N ASP E 189 25.80 -21.63 60.96
CA ASP E 189 25.45 -20.58 61.91
C ASP E 189 24.01 -20.11 61.69
N TRP E 190 23.54 -20.11 60.44
CA TRP E 190 22.18 -19.61 60.11
C TRP E 190 21.13 -20.73 60.15
N GLY E 191 21.52 -21.91 60.57
CA GLY E 191 20.56 -23.00 60.72
C GLY E 191 20.47 -23.98 59.58
N TYR E 192 21.37 -23.86 58.60
CA TYR E 192 21.30 -24.78 57.51
C TYR E 192 22.29 -25.91 57.75
N LYS E 193 21.75 -27.10 57.92
CA LYS E 193 22.54 -28.18 58.49
C LYS E 193 23.34 -28.89 57.42
N VAL E 194 24.27 -28.16 56.82
CA VAL E 194 25.10 -28.74 55.80
C VAL E 194 26.18 -29.60 56.50
N ASN E 195 26.46 -30.75 55.91
CA ASN E 195 27.46 -31.68 56.41
C ASN E 195 28.75 -31.57 55.61
N ASP E 196 29.89 -32.02 56.17
CA ASP E 196 31.12 -32.05 55.36
C ASP E 196 30.96 -32.97 54.18
N GLU E 197 30.20 -34.04 54.32
CA GLU E 197 30.00 -34.90 53.16
C GLU E 197 28.85 -34.32 52.30
N TRP E 198 28.95 -34.52 50.99
CA TRP E 198 27.90 -34.04 50.07
C TRP E 198 26.82 -35.13 49.97
N ASN E 199 26.02 -35.19 51.02
CA ASN E 199 24.99 -36.21 51.13
C ASN E 199 23.62 -35.56 50.98
N GLU E 200 22.57 -36.35 51.10
CA GLU E 200 21.25 -35.80 50.88
C GLU E 200 20.91 -34.66 51.82
N GLY E 201 21.43 -34.69 53.05
CA GLY E 201 21.14 -33.63 54.00
C GLY E 201 21.74 -32.31 53.56
N SER E 202 22.96 -32.36 53.03
CA SER E 202 23.64 -31.16 52.55
C SER E 202 22.83 -30.58 51.37
N ILE E 203 22.44 -31.45 50.46
CA ILE E 203 21.74 -31.05 49.23
C ILE E 203 20.40 -30.39 49.60
N GLN E 204 19.64 -31.02 50.52
CA GLN E 204 18.34 -30.45 50.85
C GLN E 204 18.46 -29.13 51.58
N GLU E 205 19.51 -28.99 52.37
CA GLU E 205 19.69 -27.79 53.18
C GLU E 205 20.22 -26.65 52.30
N VAL E 206 21.03 -27.00 51.29
CA VAL E 206 21.45 -25.93 50.33
C VAL E 206 20.23 -25.46 49.51
N LYS E 207 19.40 -26.39 49.06
CA LYS E 207 18.15 -26.02 48.40
C LYS E 207 17.28 -25.17 49.31
N ARG E 208 17.22 -25.49 50.61
CA ARG E 208 16.41 -24.69 51.54
C ARG E 208 16.94 -23.26 51.65
N PHE E 209 18.26 -23.11 51.71
CA PHE E 209 18.86 -21.77 51.74
C PHE E 209 18.38 -20.99 50.51
N LEU E 210 18.52 -21.58 49.34
CA LEU E 210 18.07 -20.89 48.09
C LEU E 210 16.57 -20.56 48.12
N THR E 211 15.75 -21.54 48.51
CA THR E 211 14.30 -21.33 48.51
C THR E 211 13.90 -20.24 49.48
N ASP E 212 14.62 -20.18 50.61
CA ASP E 212 14.33 -19.21 51.64
C ASP E 212 14.64 -17.84 51.11
N TRP E 213 15.78 -17.69 50.44
CA TRP E 213 16.12 -16.38 49.90
C TRP E 213 15.32 -15.95 48.67
N ILE E 214 14.91 -16.92 47.86
CA ILE E 214 13.93 -16.68 46.79
C ILE E 214 12.65 -16.10 47.35
N GLU E 215 12.15 -16.73 48.43
CA GLU E 215 10.95 -16.24 49.08
C GLU E 215 11.09 -14.85 49.67
N ARG E 216 12.23 -14.57 50.29
CA ARG E 216 12.47 -13.31 50.94
C ARG E 216 12.66 -12.15 49.94
N MET E 217 13.47 -12.39 48.91
CA MET E 217 13.88 -11.31 47.98
C MET E 217 13.02 -11.19 46.73
N ASP E 218 12.33 -12.27 46.35
CA ASP E 218 11.59 -12.35 45.09
C ASP E 218 12.50 -11.95 43.93
N PRO E 219 13.63 -12.66 43.76
CA PRO E 219 14.63 -12.11 42.79
C PRO E 219 14.17 -12.40 41.37
N VAL E 220 14.55 -11.51 40.44
CA VAL E 220 14.28 -11.76 39.03
C VAL E 220 15.22 -12.78 38.38
N TYR E 221 16.41 -12.95 38.97
CA TYR E 221 17.33 -14.02 38.57
C TYR E 221 18.29 -14.27 39.73
N MET E 222 18.94 -15.42 39.68
CA MET E 222 20.05 -15.74 40.60
C MET E 222 21.37 -15.65 39.83
N ALA E 223 22.39 -15.03 40.44
CA ALA E 223 23.59 -14.63 39.65
C ALA E 223 24.85 -15.18 40.25
N VAL E 224 25.85 -15.43 39.40
CA VAL E 224 27.21 -15.69 39.91
C VAL E 224 28.23 -15.14 38.91
N SER E 225 29.40 -14.70 39.40
CA SER E 225 30.56 -14.41 38.52
CA SER E 225 30.54 -14.40 38.52
C SER E 225 31.54 -15.55 38.59
N LEU E 226 32.14 -15.87 37.43
CA LEU E 226 32.88 -17.13 37.29
C LEU E 226 34.22 -16.87 36.64
N PRO E 227 35.23 -17.70 36.97
CA PRO E 227 36.57 -17.49 36.41
C PRO E 227 36.70 -18.01 34.99
N PRO E 228 37.81 -17.65 34.30
CA PRO E 228 38.03 -18.13 32.94
C PRO E 228 38.11 -19.66 32.85
N THR E 229 38.44 -20.29 33.99
CA THR E 229 38.62 -21.73 34.04
C THR E 229 37.31 -22.46 34.29
N PHE E 230 36.21 -21.71 34.35
CA PHE E 230 34.89 -22.31 34.62
C PHE E 230 34.60 -23.53 33.72
N SER E 231 34.25 -24.67 34.35
CA SER E 231 33.86 -25.91 33.63
C SER E 231 32.60 -26.47 34.27
N PHE E 232 31.80 -27.17 33.47
CA PHE E 232 30.62 -27.88 33.97
C PHE E 232 30.28 -28.97 32.97
N PRO E 233 29.97 -30.19 33.43
CA PRO E 233 30.00 -30.67 34.81
C PRO E 233 31.39 -30.60 35.45
N GLU E 234 31.42 -30.56 36.77
CA GLU E 234 32.70 -30.63 37.47
C GLU E 234 32.46 -31.25 38.85
N GLU E 235 33.35 -32.18 39.27
CA GLU E 235 33.31 -32.67 40.65
C GLU E 235 34.04 -31.73 41.58
N SER E 236 33.38 -30.65 41.93
CA SER E 236 33.89 -29.62 42.85
C SER E 236 32.66 -29.19 43.63
N ASN E 237 32.85 -28.37 44.65
CA ASN E 237 31.71 -27.84 45.40
C ASN E 237 30.81 -27.08 44.44
N ARG E 238 31.42 -26.31 43.54
CA ARG E 238 30.60 -25.48 42.66
C ARG E 238 29.79 -26.35 41.71
N GLY E 239 30.42 -27.35 41.08
CA GLY E 239 29.77 -28.21 40.10
C GLY E 239 28.65 -28.99 40.75
N ARG E 240 28.86 -29.39 42.03
CA ARG E 240 27.85 -30.20 42.75
C ARG E 240 26.66 -29.36 43.17
N ILE E 241 26.92 -28.17 43.69
CA ILE E 241 25.83 -27.31 44.09
C ILE E 241 25.00 -26.89 42.87
N ILE E 242 25.65 -26.56 41.77
CA ILE E 242 24.91 -26.16 40.55
C ILE E 242 24.07 -27.36 40.08
N ARG E 243 24.67 -28.54 39.93
CA ARG E 243 23.89 -29.73 39.49
C ARG E 243 22.72 -30.10 40.44
N ASP E 244 23.01 -30.23 41.74
CA ASP E 244 22.06 -30.86 42.69
C ASP E 244 21.10 -29.88 43.36
N CYS E 245 21.44 -28.59 43.38
CA CYS E 245 20.68 -27.58 44.14
C CYS E 245 20.20 -26.45 43.28
N LEU E 246 21.12 -25.79 42.57
CA LEU E 246 20.73 -24.52 41.94
C LEU E 246 19.84 -24.78 40.74
N LEU E 247 20.24 -25.66 39.84
CA LEU E 247 19.41 -25.93 38.62
C LEU E 247 17.98 -26.43 38.91
N PRO E 248 17.84 -27.45 39.80
CA PRO E 248 16.48 -27.90 40.14
C PRO E 248 15.62 -26.79 40.73
N VAL E 249 16.18 -26.04 41.69
CA VAL E 249 15.45 -24.93 42.33
C VAL E 249 15.03 -23.87 41.29
N ALA E 250 15.97 -23.54 40.42
CA ALA E 250 15.75 -22.48 39.42
C ALA E 250 14.65 -22.92 38.46
N GLU E 251 14.64 -24.22 38.12
CA GLU E 251 13.62 -24.77 37.23
C GLU E 251 12.26 -24.76 37.91
N LYS E 252 12.22 -25.28 39.13
CA LYS E 252 10.99 -25.30 39.92
C LYS E 252 10.32 -23.94 40.03
N HIS E 253 11.09 -22.91 40.33
CA HIS E 253 10.59 -21.54 40.44
C HIS E 253 10.64 -20.73 39.13
N ASN E 254 11.13 -21.35 38.06
CA ASN E 254 11.24 -20.69 36.76
C ASN E 254 11.97 -19.34 36.88
N ILE E 255 13.14 -19.37 37.51
CA ILE E 255 13.98 -18.19 37.65
C ILE E 255 15.26 -18.46 36.84
N PRO E 256 15.63 -17.53 35.96
CA PRO E 256 16.90 -17.73 35.25
C PRO E 256 18.18 -17.70 36.16
N PHE E 257 19.25 -18.30 35.65
CA PHE E 257 20.58 -18.31 36.30
C PHE E 257 21.45 -17.38 35.45
N ALA E 258 21.95 -16.30 36.05
CA ALA E 258 22.81 -15.31 35.36
C ALA E 258 24.24 -15.71 35.67
N MET E 259 25.00 -15.99 34.61
CA MET E 259 26.43 -16.32 34.71
C MET E 259 27.28 -15.21 34.09
N MET E 260 28.19 -14.66 34.87
CA MET E 260 29.04 -13.56 34.36
C MET E 260 30.46 -14.14 34.36
N ILE E 261 30.92 -14.49 33.18
CA ILE E 261 32.04 -15.45 33.08
C ILE E 261 33.29 -14.74 32.57
N GLY E 262 34.41 -14.97 33.27
CA GLY E 262 35.73 -14.59 32.75
C GLY E 262 36.58 -13.72 33.68
N VAL E 263 36.15 -13.50 34.93
CA VAL E 263 36.87 -12.58 35.83
C VAL E 263 37.88 -13.43 36.59
N LYS E 264 39.13 -12.98 36.58
CA LYS E 264 40.21 -13.64 37.35
C LYS E 264 40.45 -12.72 38.58
N LYS E 265 40.00 -13.18 39.76
CA LYS E 265 39.93 -12.30 40.95
C LYS E 265 41.30 -12.03 41.55
N ARG E 266 41.49 -10.77 41.97
CA ARG E 266 42.57 -10.40 42.90
C ARG E 266 43.94 -10.77 42.35
N VAL E 267 44.17 -10.52 41.06
CA VAL E 267 45.54 -10.66 40.55
C VAL E 267 46.50 -9.60 41.14
N HIS E 268 45.95 -8.47 41.56
CA HIS E 268 46.69 -7.39 42.26
C HIS E 268 45.89 -7.07 43.53
N PRO E 269 46.09 -7.88 44.59
CA PRO E 269 45.24 -7.84 45.78
C PRO E 269 45.12 -6.48 46.44
N ALA E 270 46.22 -5.71 46.49
CA ALA E 270 46.23 -4.42 47.19
C ALA E 270 45.34 -3.37 46.51
N LEU E 271 44.98 -3.63 45.24
CA LEU E 271 44.09 -2.73 44.55
C LEU E 271 42.62 -2.93 44.89
N GLY E 272 42.32 -3.98 45.65
CA GLY E 272 40.96 -4.29 46.06
C GLY E 272 40.11 -4.51 44.83
N ASP E 273 38.98 -3.82 44.78
CA ASP E 273 38.03 -3.94 43.69
C ASP E 273 38.66 -3.63 42.34
N ALA E 274 39.74 -2.85 42.31
CA ALA E 274 40.48 -2.56 41.08
C ALA E 274 41.53 -3.61 40.64
N GLY E 275 41.60 -4.73 41.37
CA GLY E 275 42.65 -5.73 41.20
C GLY E 275 42.28 -7.00 40.40
N ASP E 276 41.10 -7.00 39.76
CA ASP E 276 40.64 -8.18 39.05
C ASP E 276 41.00 -8.11 37.55
N PHE E 277 41.26 -9.27 36.99
CA PHE E 277 41.75 -9.38 35.63
C PHE E 277 40.75 -10.22 34.84
N VAL E 278 41.15 -10.58 33.63
CA VAL E 278 40.22 -11.23 32.67
C VAL E 278 40.92 -12.43 32.03
N GLY E 279 40.17 -13.46 31.62
CA GLY E 279 40.72 -14.47 30.74
C GLY E 279 39.63 -15.00 29.84
N LYS E 280 40.03 -15.54 28.70
CA LYS E 280 39.12 -16.23 27.83
C LYS E 280 38.68 -17.54 28.43
N ALA E 281 37.39 -17.85 28.32
CA ALA E 281 36.86 -19.10 28.89
C ALA E 281 36.50 -20.09 27.76
N SER E 282 36.47 -21.40 28.09
CA SER E 282 35.86 -22.40 27.21
C SER E 282 34.37 -22.16 27.18
N MET E 283 33.75 -22.41 26.03
CA MET E 283 32.30 -22.34 25.94
C MET E 283 31.66 -23.70 26.33
N ASP E 284 32.48 -24.73 26.55
CA ASP E 284 31.95 -26.08 26.73
C ASP E 284 30.96 -26.19 27.89
N GLY E 285 31.25 -25.53 29.00
CA GLY E 285 30.35 -25.59 30.16
C GLY E 285 29.02 -24.93 29.90
N VAL E 286 29.04 -23.78 29.24
CA VAL E 286 27.83 -23.07 28.94
C VAL E 286 27.04 -23.88 27.91
N GLU E 287 27.74 -24.43 26.93
CA GLU E 287 27.09 -25.27 25.92
C GLU E 287 26.36 -26.46 26.60
N HIS E 288 27.04 -27.10 27.53
CA HIS E 288 26.49 -28.28 28.19
C HIS E 288 25.28 -27.86 28.98
N LEU E 289 25.38 -26.79 29.78
CA LEU E 289 24.23 -26.33 30.58
C LEU E 289 23.02 -26.06 29.69
N LEU E 290 23.21 -25.31 28.60
CA LEU E 290 22.06 -24.97 27.72
C LEU E 290 21.40 -26.21 27.11
N ARG E 291 22.21 -27.16 26.63
CA ARG E 291 21.73 -28.34 25.91
C ARG E 291 21.05 -29.27 26.91
N GLU E 292 21.73 -29.52 28.02
CA GLU E 292 21.30 -30.57 28.95
C GLU E 292 20.22 -30.14 29.95
N TYR E 293 20.00 -28.83 30.12
CA TYR E 293 18.99 -28.27 31.00
C TYR E 293 18.02 -27.37 30.20
N PRO E 294 17.24 -27.99 29.28
CA PRO E 294 16.42 -27.19 28.36
C PRO E 294 15.27 -26.49 29.07
N ASN E 295 14.95 -26.91 30.30
CA ASN E 295 13.91 -26.27 31.05
C ASN E 295 14.42 -25.22 32.02
N ASN E 296 15.74 -24.98 31.99
CA ASN E 296 16.32 -23.86 32.70
C ASN E 296 16.64 -22.72 31.73
N LYS E 297 16.63 -21.52 32.26
CA LYS E 297 16.94 -20.31 31.47
C LYS E 297 18.25 -19.70 31.99
N PHE E 298 19.07 -19.19 31.06
CA PHE E 298 20.41 -18.74 31.45
C PHE E 298 20.61 -17.36 30.84
N LEU E 299 21.00 -16.40 31.68
CA LEU E 299 21.45 -15.07 31.23
C LEU E 299 22.97 -15.13 31.25
N VAL E 300 23.63 -14.74 30.14
CA VAL E 300 25.10 -14.80 30.15
C VAL E 300 25.72 -13.54 29.60
N THR E 301 26.78 -13.10 30.29
CA THR E 301 27.64 -12.07 29.77
C THR E 301 29.07 -12.54 30.02
N MET E 302 30.01 -12.22 29.10
CA MET E 302 31.39 -12.69 29.29
C MET E 302 32.39 -11.57 29.23
N LEU E 303 33.54 -11.76 29.87
CA LEU E 303 34.40 -10.61 30.10
C LEU E 303 35.48 -10.47 29.01
N SER E 304 35.86 -11.59 28.41
CA SER E 304 36.96 -11.56 27.38
C SER E 304 36.45 -11.06 26.02
N ARG E 305 37.24 -10.19 25.34
CA ARG E 305 36.88 -9.77 23.96
C ARG E 305 36.76 -11.03 23.08
N GLU E 306 37.62 -12.00 23.33
CA GLU E 306 37.77 -13.16 22.45
C GLU E 306 36.66 -14.19 22.62
N ASN E 307 35.80 -13.97 23.60
CA ASN E 307 34.61 -14.83 23.76
C ASN E 307 33.35 -14.31 23.07
N GLN E 308 33.37 -13.05 22.65
CA GLN E 308 32.10 -12.39 22.32
C GLN E 308 31.43 -12.98 21.06
N HIS E 309 32.20 -13.19 19.99
CA HIS E 309 31.58 -13.69 18.78
C HIS E 309 31.02 -15.10 19.01
N GLU E 310 31.80 -15.97 19.63
CA GLU E 310 31.31 -17.35 19.81
C GLU E 310 30.15 -17.40 20.80
N LEU E 311 30.08 -16.47 21.76
CA LEU E 311 28.86 -16.32 22.59
C LEU E 311 27.63 -15.98 21.71
N VAL E 312 27.78 -15.09 20.75
CA VAL E 312 26.67 -14.79 19.83
C VAL E 312 26.25 -16.01 19.06
N VAL E 313 27.22 -16.78 18.54
CA VAL E 313 26.89 -18.01 17.80
C VAL E 313 26.12 -18.98 18.74
N LEU E 314 26.54 -19.04 20.01
CA LEU E 314 25.91 -20.00 20.93
C LEU E 314 24.43 -19.59 21.12
N ALA E 315 24.17 -18.28 21.14
CA ALA E 315 22.80 -17.76 21.27
C ALA E 315 21.95 -18.18 20.04
N ARG E 316 22.57 -18.25 18.87
CA ARG E 316 21.85 -18.78 17.70
C ARG E 316 21.38 -20.25 17.93
N LYS E 317 22.14 -21.01 18.72
CA LYS E 317 21.84 -22.45 18.90
C LYS E 317 20.75 -22.71 19.94
N PHE E 318 20.67 -21.85 20.97
CA PHE E 318 19.87 -22.18 22.19
C PHE E 318 18.97 -21.02 22.57
N SER E 319 17.64 -21.20 22.48
CA SER E 319 16.68 -20.17 22.87
C SER E 319 16.52 -19.97 24.37
N ASN E 320 17.03 -20.94 25.15
CA ASN E 320 17.13 -20.77 26.63
C ASN E 320 18.39 -19.99 27.09
N LEU E 321 19.17 -19.46 26.11
CA LEU E 321 20.24 -18.50 26.37
C LEU E 321 19.82 -17.06 26.01
N MET E 322 19.94 -16.17 26.95
CA MET E 322 19.76 -14.76 26.64
C MET E 322 21.11 -14.12 26.93
N ILE E 323 21.73 -13.51 25.93
CA ILE E 323 22.98 -12.79 26.24
C ILE E 323 22.69 -11.32 26.53
N PHE E 324 23.51 -10.72 27.40
CA PHE E 324 23.28 -9.36 27.85
C PHE E 324 24.58 -8.56 28.02
N GLY E 325 24.59 -7.30 27.54
CA GLY E 325 25.52 -6.31 28.06
C GLY E 325 26.94 -6.45 27.57
N CYS E 326 27.66 -5.37 27.83
CA CYS E 326 29.08 -5.27 27.54
C CYS E 326 29.75 -4.97 28.89
N TRP E 327 30.23 -6.04 29.51
CA TRP E 327 30.48 -6.05 30.89
C TRP E 327 31.89 -5.52 31.10
N TRP E 328 32.00 -4.47 31.93
CA TRP E 328 33.29 -4.07 32.56
C TRP E 328 34.41 -3.72 31.54
N PHE E 329 35.36 -4.64 31.28
CA PHE E 329 36.40 -4.37 30.28
C PHE E 329 35.86 -4.38 28.86
N MET E 330 34.63 -4.87 28.68
CA MET E 330 33.97 -4.73 27.38
C MET E 330 33.21 -3.40 27.24
N ASN E 331 33.14 -2.61 28.32
CA ASN E 331 32.26 -1.47 28.36
C ASN E 331 32.96 -0.21 27.86
N ASN E 332 33.58 -0.32 26.66
CA ASN E 332 34.37 0.77 26.08
C ASN E 332 33.89 0.91 24.62
N PRO E 333 33.74 2.15 24.13
CA PRO E 333 33.15 2.38 22.77
C PRO E 333 33.62 1.42 21.67
N GLU E 334 34.90 1.13 21.58
CA GLU E 334 35.40 0.28 20.48
C GLU E 334 34.81 -1.12 20.57
N ILE E 335 34.64 -1.60 21.82
CA ILE E 335 34.18 -2.93 22.04
C ILE E 335 32.65 -2.95 22.00
N ILE E 336 32.01 -1.99 22.67
CA ILE E 336 30.53 -1.91 22.59
C ILE E 336 30.03 -1.90 21.14
N ASN E 337 30.70 -1.12 20.29
CA ASN E 337 30.32 -1.09 18.90
C ASN E 337 30.46 -2.43 18.20
N GLU E 338 31.66 -3.06 18.27
CA GLU E 338 31.84 -4.36 17.56
C GLU E 338 30.88 -5.41 18.13
N MET E 339 30.70 -5.44 19.46
CA MET E 339 29.81 -6.47 20.01
C MET E 339 28.37 -6.24 19.58
N THR E 340 27.89 -5.01 19.59
CA THR E 340 26.50 -4.69 19.27
C THR E 340 26.23 -5.05 17.81
N ARG E 341 27.23 -4.75 16.97
CA ARG E 341 27.08 -5.12 15.54
C ARG E 341 27.04 -6.60 15.29
N MET E 342 27.93 -7.35 15.91
CA MET E 342 27.98 -8.81 15.71
C MET E 342 26.65 -9.39 16.20
N ARG E 343 26.23 -8.90 17.37
CA ARG E 343 24.99 -9.41 17.97
C ARG E 343 23.79 -9.15 17.06
N MET E 344 23.65 -7.94 16.53
CA MET E 344 22.46 -7.66 15.77
C MET E 344 22.51 -8.37 14.42
N GLU E 345 23.72 -8.47 13.88
CA GLU E 345 23.88 -9.20 12.61
C GLU E 345 23.43 -10.66 12.66
N MET E 346 23.71 -11.34 13.78
CA MET E 346 23.40 -12.75 13.90
C MET E 346 22.15 -13.05 14.76
N LEU E 347 21.64 -12.05 15.49
CA LEU E 347 20.45 -12.31 16.35
C LEU E 347 19.32 -11.34 16.10
N GLY E 348 19.44 -10.43 15.14
CA GLY E 348 18.40 -9.41 14.97
C GLY E 348 18.20 -8.63 16.28
N THR E 349 16.98 -8.64 16.83
CA THR E 349 16.74 -7.88 18.09
C THR E 349 16.59 -8.82 19.28
N SER E 350 17.00 -10.07 19.12
CA SER E 350 16.79 -11.10 20.19
C SER E 350 17.95 -11.15 21.21
N PHE E 351 18.34 -10.00 21.69
CA PHE E 351 19.34 -9.87 22.76
C PHE E 351 19.15 -8.62 23.61
N ILE E 352 19.94 -8.49 24.69
CA ILE E 352 19.87 -7.31 25.57
C ILE E 352 21.22 -6.57 25.39
N PRO E 353 21.20 -5.49 24.62
CA PRO E 353 22.49 -4.92 24.30
C PRO E 353 23.31 -4.41 25.45
N GLN E 354 22.70 -3.91 26.51
CA GLN E 354 23.54 -3.26 27.52
C GLN E 354 22.92 -3.29 28.92
N HIS E 355 23.81 -3.22 29.91
CA HIS E 355 23.48 -2.97 31.35
C HIS E 355 24.60 -2.02 31.83
N SER E 356 24.38 -1.33 32.96
CA SER E 356 25.36 -0.29 33.45
C SER E 356 26.38 -0.85 34.41
N ASP E 357 25.99 -1.89 35.17
CA ASP E 357 26.78 -2.29 36.32
C ASP E 357 27.13 -1.12 37.23
N ALA E 358 26.27 -0.12 37.31
CA ALA E 358 26.58 1.09 38.09
C ALA E 358 26.79 0.74 39.56
N ARG E 359 27.88 1.26 40.09
CA ARG E 359 28.15 1.17 41.53
C ARG E 359 27.85 2.49 42.22
N VAL E 360 27.77 3.57 41.47
CA VAL E 360 27.46 4.88 42.06
C VAL E 360 26.26 5.39 41.30
N LEU E 361 25.26 5.88 42.01
CA LEU E 361 23.98 6.28 41.39
C LEU E 361 24.13 7.08 40.10
N GLU E 362 24.97 8.11 40.15
CA GLU E 362 25.03 9.08 39.05
C GLU E 362 25.56 8.45 37.75
N GLN E 363 26.24 7.31 37.87
CA GLN E 363 26.81 6.64 36.68
C GLN E 363 25.73 6.18 35.72
N LEU E 364 24.50 5.97 36.20
CA LEU E 364 23.39 5.72 35.23
C LEU E 364 23.36 6.76 34.10
N ILE E 365 23.65 8.03 34.42
CA ILE E 365 23.59 9.07 33.41
C ILE E 365 24.58 8.71 32.28
N TYR E 366 25.85 8.52 32.62
CA TYR E 366 26.85 8.36 31.53
C TYR E 366 26.77 6.99 30.91
N LYS E 367 26.52 5.96 31.72
CA LYS E 367 26.54 4.62 31.18
C LYS E 367 25.47 4.53 30.09
N TRP E 368 24.30 5.09 30.35
CA TRP E 368 23.21 5.03 29.35
C TRP E 368 23.38 6.03 28.22
N HIS E 369 23.83 7.25 28.54
CA HIS E 369 24.15 8.24 27.50
CA HIS E 369 24.07 8.22 27.47
C HIS E 369 25.15 7.66 26.49
N HIS E 370 26.27 7.18 26.99
CA HIS E 370 27.35 6.73 26.07
C HIS E 370 26.94 5.50 25.25
N SER E 371 26.24 4.59 25.89
CA SER E 371 25.77 3.37 25.20
C SER E 371 24.65 3.65 24.23
N LYS E 372 23.69 4.51 24.61
CA LYS E 372 22.57 4.81 23.69
C LYS E 372 23.07 5.38 22.39
N SER E 373 24.07 6.25 22.48
CA SER E 373 24.53 6.87 21.22
C SER E 373 25.11 5.82 20.26
N ILE E 374 25.86 4.86 20.82
CA ILE E 374 26.46 3.79 19.97
C ILE E 374 25.34 2.86 19.45
N ILE E 375 24.46 2.43 20.36
CA ILE E 375 23.35 1.55 19.96
C ILE E 375 22.44 2.23 18.90
N ALA E 376 22.20 3.53 19.03
CA ALA E 376 21.39 4.25 18.02
C ALA E 376 22.08 4.23 16.66
N GLU E 377 23.41 4.42 16.65
CA GLU E 377 24.14 4.42 15.37
C GLU E 377 24.06 3.01 14.71
N VAL E 378 24.17 1.91 15.53
CA VAL E 378 24.09 0.58 14.97
C VAL E 378 22.70 0.41 14.36
N LEU E 379 21.68 0.81 15.13
CA LEU E 379 20.30 0.69 14.65
C LEU E 379 20.11 1.47 13.34
N ILE E 380 20.66 2.69 13.26
CA ILE E 380 20.47 3.52 12.01
C ILE E 380 21.06 2.75 10.82
N ASP E 381 22.29 2.22 10.97
CA ASP E 381 22.87 1.44 9.87
C ASP E 381 22.02 0.23 9.49
N LYS E 382 21.57 -0.53 10.50
CA LYS E 382 20.75 -1.74 10.20
C LYS E 382 19.36 -1.43 9.58
N TYR E 383 18.65 -0.41 10.07
CA TYR E 383 17.40 -0.02 9.44
C TYR E 383 17.66 0.54 8.05
N ASP E 384 18.74 1.29 7.90
CA ASP E 384 19.04 1.85 6.57
C ASP E 384 19.27 0.74 5.56
N ASP E 385 20.03 -0.28 5.92
CA ASP E 385 20.27 -1.41 4.99
C ASP E 385 18.98 -2.02 4.48
N ILE E 386 17.99 -2.18 5.38
CA ILE E 386 16.72 -2.77 4.91
C ILE E 386 15.87 -1.77 4.19
N LEU E 387 15.94 -0.50 4.61
CA LEU E 387 15.24 0.58 3.87
C LEU E 387 15.76 0.61 2.43
N GLN E 388 17.08 0.52 2.24
CA GLN E 388 17.64 0.61 0.88
C GLN E 388 17.23 -0.61 0.07
N ALA E 389 16.99 -1.73 0.77
CA ALA E 389 16.52 -2.99 0.14
C ALA E 389 15.02 -2.99 -0.16
N GLY E 390 14.34 -1.90 0.16
CA GLY E 390 12.91 -1.73 -0.23
C GLY E 390 11.92 -1.93 0.92
N TRP E 391 12.43 -2.23 2.09
CA TRP E 391 11.51 -2.39 3.27
C TRP E 391 10.99 -1.06 3.79
N GLU E 392 9.72 -1.00 4.18
CA GLU E 392 9.14 0.21 4.76
CA GLU E 392 9.24 0.26 4.76
C GLU E 392 9.23 0.15 6.28
N VAL E 393 10.19 0.82 6.90
CA VAL E 393 10.29 0.86 8.38
C VAL E 393 9.34 1.92 8.94
N THR E 394 8.46 1.58 9.87
CA THR E 394 7.61 2.63 10.45
C THR E 394 8.18 3.10 11.79
N GLU E 395 7.82 4.31 12.17
CA GLU E 395 8.28 4.85 13.46
C GLU E 395 7.75 3.96 14.60
N GLU E 396 6.54 3.44 14.46
CA GLU E 396 6.02 2.54 15.52
C GLU E 396 6.84 1.26 15.68
N GLU E 397 7.26 0.71 14.56
CA GLU E 397 8.12 -0.50 14.58
C GLU E 397 9.49 -0.19 15.19
N ILE E 398 10.07 0.97 14.85
CA ILE E 398 11.34 1.39 15.47
C ILE E 398 11.12 1.50 17.00
N LYS E 399 10.03 2.16 17.40
CA LYS E 399 9.72 2.25 18.83
C LYS E 399 9.59 0.89 19.51
N ARG E 400 8.94 -0.05 18.83
CA ARG E 400 8.74 -1.38 19.36
C ARG E 400 10.10 -2.08 19.55
N ASP E 401 10.92 -2.06 18.50
CA ASP E 401 12.20 -2.80 18.55
C ASP E 401 13.11 -2.18 19.61
N VAL E 402 13.11 -0.85 19.71
CA VAL E 402 13.91 -0.14 20.73
C VAL E 402 13.42 -0.54 22.15
N ALA E 403 12.09 -0.61 22.32
CA ALA E 403 11.55 -1.07 23.63
C ALA E 403 11.99 -2.53 23.94
N ASP E 404 12.02 -3.41 22.91
CA ASP E 404 12.50 -4.79 23.11
C ASP E 404 13.94 -4.81 23.63
N LEU E 405 14.80 -4.07 22.94
CA LEU E 405 16.25 -4.08 23.26
C LEU E 405 16.51 -3.49 24.66
N PHE E 406 15.83 -2.41 25.00
CA PHE E 406 16.17 -1.64 26.25
C PHE E 406 15.34 -2.10 27.45
N SER E 407 14.32 -2.93 27.22
CA SER E 407 13.44 -3.31 28.37
C SER E 407 12.66 -4.59 28.19
N ARG E 408 11.89 -4.69 27.11
CA ARG E 408 10.98 -5.84 27.00
C ARG E 408 11.64 -7.19 26.90
N ASN E 409 12.80 -7.29 26.22
CA ASN E 409 13.40 -8.57 26.06
C ASN E 409 13.75 -9.18 27.44
N PHE E 410 14.20 -8.31 28.33
CA PHE E 410 14.62 -8.75 29.69
C PHE E 410 13.39 -9.31 30.43
N TRP E 411 12.35 -8.50 30.52
CA TRP E 411 11.14 -8.91 31.29
C TRP E 411 10.50 -10.15 30.71
N ARG E 412 10.51 -10.24 29.39
CA ARG E 412 9.97 -11.43 28.73
CA ARG E 412 9.96 -11.43 28.74
C ARG E 412 10.77 -12.66 29.11
N PHE E 413 12.09 -12.54 29.07
CA PHE E 413 12.91 -13.70 29.34
C PHE E 413 12.79 -14.15 30.81
N VAL E 414 12.77 -13.22 31.73
CA VAL E 414 12.71 -13.63 33.16
C VAL E 414 11.28 -13.97 33.55
N GLY E 415 10.33 -13.71 32.64
CA GLY E 415 8.90 -14.04 32.87
C GLY E 415 8.29 -13.20 33.98
N ARG E 416 8.68 -11.93 34.10
CA ARG E 416 8.11 -11.01 35.10
C ARG E 416 7.71 -9.69 34.46
N ASN E 417 7.01 -8.87 35.25
CA ASN E 417 6.53 -7.56 34.83
C ASN E 417 7.44 -6.44 35.30
N ASP E 418 7.64 -5.43 34.46
CA ASP E 418 8.36 -4.26 34.96
C ASP E 418 7.43 -3.55 35.92
N HIS E 419 7.96 -2.52 36.57
CA HIS E 419 7.23 -1.76 37.60
C HIS E 419 5.90 -1.20 37.05
N VAL E 420 5.97 -0.58 35.87
CA VAL E 420 4.77 0.08 35.31
C VAL E 420 3.66 -0.93 34.99
N THR E 421 4.02 -2.08 34.42
CA THR E 421 3.00 -3.09 34.09
C THR E 421 2.51 -3.77 35.34
N SER E 422 3.37 -3.89 36.36
CA SER E 422 2.93 -4.44 37.63
C SER E 422 1.72 -3.64 38.15
N VAL E 423 1.85 -2.31 38.15
CA VAL E 423 0.76 -1.39 38.53
C VAL E 423 -0.56 -1.62 37.75
N LYS E 424 -0.55 -2.41 36.68
CA LYS E 424 -1.78 -3.07 36.25
C LYS E 424 -2.07 -4.33 37.11
N VAL E 425 -2.17 -4.09 38.43
CA VAL E 425 -2.68 -5.06 39.41
C VAL E 425 -3.03 -4.33 40.72
N SER F 2 50.48 11.08 -17.65
CA SER F 2 49.91 9.71 -17.42
C SER F 2 48.48 9.75 -16.79
N LEU F 3 47.45 9.52 -17.62
CA LEU F 3 46.05 9.62 -17.18
C LEU F 3 45.76 8.80 -15.91
N SER F 4 45.26 9.47 -14.88
CA SER F 4 45.13 8.89 -13.55
C SER F 4 43.84 9.42 -12.89
N ILE F 5 43.44 8.78 -11.79
CA ILE F 5 42.19 9.18 -11.10
C ILE F 5 42.52 10.33 -10.17
N ASN F 6 41.82 11.48 -10.34
CA ASN F 6 42.21 12.72 -9.72
C ASN F 6 41.61 13.01 -8.36
N SER F 7 40.57 12.28 -8.01
CA SER F 7 39.91 12.59 -6.76
C SER F 7 39.37 11.32 -6.14
N ARG F 8 39.19 11.36 -4.82
CA ARG F 8 38.57 10.26 -4.05
C ARG F 8 37.14 10.01 -4.53
N GLU F 9 36.43 11.08 -4.93
CA GLU F 9 35.02 10.93 -5.31
C GLU F 9 34.89 10.19 -6.64
N VAL F 10 35.79 10.52 -7.58
CA VAL F 10 35.84 9.78 -8.86
C VAL F 10 36.36 8.36 -8.65
N LEU F 11 37.37 8.20 -7.79
CA LEU F 11 37.83 6.85 -7.41
C LEU F 11 36.70 5.99 -6.90
N ALA F 12 35.88 6.56 -5.99
CA ALA F 12 34.77 5.79 -5.38
C ALA F 12 33.79 5.33 -6.48
N GLU F 13 33.48 6.24 -7.40
CA GLU F 13 32.58 5.94 -8.54
CA GLU F 13 32.56 5.87 -8.46
C GLU F 13 33.13 4.79 -9.36
N LYS F 14 34.40 4.91 -9.76
CA LYS F 14 35.02 3.96 -10.66
C LYS F 14 35.21 2.56 -10.00
N VAL F 15 35.60 2.59 -8.72
CA VAL F 15 35.75 1.33 -8.00
C VAL F 15 34.37 0.62 -7.89
N LYS F 16 33.35 1.34 -7.48
CA LYS F 16 32.00 0.74 -7.37
C LYS F 16 31.53 0.17 -8.69
N ASN F 17 31.70 0.93 -9.77
CA ASN F 17 31.35 0.42 -11.10
C ASN F 17 32.13 -0.86 -11.46
N ALA F 18 33.45 -0.85 -11.24
CA ALA F 18 34.31 -1.98 -11.57
C ALA F 18 33.85 -3.20 -10.80
N VAL F 19 33.67 -3.01 -9.48
CA VAL F 19 33.23 -4.12 -8.64
C VAL F 19 31.85 -4.62 -9.08
N ASN F 20 30.93 -3.70 -9.29
CA ASN F 20 29.58 -4.15 -9.73
C ASN F 20 29.60 -4.87 -11.07
N ASN F 21 30.44 -4.39 -11.99
CA ASN F 21 30.47 -4.95 -13.34
C ASN F 21 31.27 -6.23 -13.50
N GLN F 22 32.15 -6.55 -12.54
CA GLN F 22 33.02 -7.69 -12.71
C GLN F 22 32.22 -8.97 -12.53
N PRO F 23 32.19 -9.85 -13.56
CA PRO F 23 31.52 -11.14 -13.34
C PRO F 23 32.23 -11.97 -12.26
N VAL F 24 31.43 -12.54 -11.39
CA VAL F 24 31.98 -13.27 -10.26
C VAL F 24 32.11 -14.75 -10.51
N THR F 25 33.26 -15.31 -10.12
CA THR F 25 33.34 -16.78 -9.91
C THR F 25 33.08 -16.99 -8.43
N ASP F 26 32.05 -17.80 -8.14
CA ASP F 26 31.69 -18.06 -6.75
C ASP F 26 32.26 -19.41 -6.43
N MET F 27 33.36 -19.42 -5.70
CA MET F 27 34.15 -20.67 -5.68
C MET F 27 33.78 -21.70 -4.64
N HIS F 28 32.71 -21.48 -3.90
CA HIS F 28 32.16 -22.55 -3.05
C HIS F 28 30.70 -22.24 -2.78
N THR F 29 29.82 -23.09 -3.30
CA THR F 29 28.39 -23.00 -3.05
C THR F 29 27.80 -24.41 -2.84
N HIS F 30 26.53 -24.45 -2.50
CA HIS F 30 25.77 -25.71 -2.35
C HIS F 30 24.66 -25.69 -3.40
N LEU F 31 24.96 -25.04 -4.53
CA LEU F 31 24.00 -24.99 -5.67
C LEU F 31 24.36 -26.12 -6.65
N PHE F 32 23.41 -26.46 -7.53
CA PHE F 32 23.67 -27.46 -8.56
C PHE F 32 23.17 -27.00 -9.93
N SER F 33 23.84 -27.47 -10.98
CA SER F 33 23.34 -27.25 -12.32
C SER F 33 21.88 -27.67 -12.36
N PRO F 34 21.02 -26.89 -13.03
CA PRO F 34 19.60 -27.14 -12.96
C PRO F 34 19.19 -28.50 -13.56
N ASN F 35 20.02 -29.06 -14.44
CA ASN F 35 19.74 -30.40 -15.00
C ASN F 35 19.90 -31.52 -13.96
N PHE F 36 20.52 -31.23 -12.81
CA PHE F 36 20.52 -32.19 -11.74
C PHE F 36 19.21 -32.28 -10.96
N GLY F 37 18.25 -31.43 -11.30
CA GLY F 37 16.91 -31.52 -10.77
C GLY F 37 16.63 -30.85 -9.43
N GLU F 38 15.80 -31.53 -8.63
CA GLU F 38 15.19 -30.98 -7.42
C GLU F 38 16.21 -30.65 -6.32
N ILE F 39 17.42 -31.22 -6.40
CA ILE F 39 18.44 -30.88 -5.39
C ILE F 39 18.92 -29.43 -5.53
N LEU F 40 18.60 -28.81 -6.66
CA LEU F 40 18.75 -27.34 -6.75
C LEU F 40 17.57 -26.66 -6.10
N LEU F 41 17.86 -26.02 -4.98
CA LEU F 41 16.83 -25.37 -4.17
C LEU F 41 16.65 -23.90 -4.60
N TRP F 42 15.41 -23.48 -4.76
CA TRP F 42 15.12 -22.13 -5.10
C TRP F 42 13.71 -21.78 -4.75
N ASP F 43 13.48 -20.46 -4.63
CA ASP F 43 12.23 -19.73 -4.41
C ASP F 43 12.14 -19.14 -3.00
N ILE F 44 11.11 -18.33 -2.79
CA ILE F 44 10.99 -17.55 -1.52
C ILE F 44 10.79 -18.46 -0.29
N ASP F 45 10.09 -19.59 -0.47
CA ASP F 45 9.87 -20.48 0.66
C ASP F 45 11.18 -21.13 1.05
N GLU F 46 11.99 -21.48 0.07
CA GLU F 46 13.33 -21.98 0.36
C GLU F 46 14.24 -20.92 0.99
N LEU F 47 14.17 -19.68 0.49
CA LEU F 47 14.92 -18.57 1.10
C LEU F 47 14.55 -18.43 2.57
N LEU F 48 13.25 -18.41 2.86
CA LEU F 48 12.77 -18.21 4.26
C LEU F 48 13.11 -19.38 5.18
N THR F 49 13.15 -20.61 4.65
CA THR F 49 13.42 -21.80 5.50
C THR F 49 14.92 -22.24 5.52
N TYR F 50 15.80 -21.40 4.95
CA TYR F 50 17.27 -21.50 5.07
C TYR F 50 17.58 -21.76 6.56
N HIS F 51 18.56 -22.62 6.85
CA HIS F 51 18.80 -22.98 8.25
C HIS F 51 19.24 -21.78 9.09
N TYR F 52 19.85 -20.76 8.49
CA TYR F 52 20.19 -19.56 9.26
C TYR F 52 18.95 -18.94 9.88
N LEU F 53 17.87 -18.92 9.13
CA LEU F 53 16.61 -18.39 9.64
C LEU F 53 15.85 -19.29 10.59
N VAL F 54 15.96 -20.60 10.40
CA VAL F 54 15.46 -21.55 11.43
C VAL F 54 16.09 -21.26 12.80
N ALA F 55 17.42 -21.11 12.84
CA ALA F 55 18.05 -20.74 14.14
C ALA F 55 17.40 -19.48 14.70
N GLU F 56 17.31 -18.43 13.88
CA GLU F 56 16.82 -17.14 14.36
C GLU F 56 15.36 -17.23 14.84
N VAL F 57 14.51 -17.94 14.08
CA VAL F 57 13.09 -17.96 14.46
C VAL F 57 12.90 -18.69 15.80
N MET F 58 13.69 -19.73 16.01
CA MET F 58 13.60 -20.53 17.27
C MET F 58 14.01 -19.70 18.48
N ARG F 59 14.77 -18.57 18.28
CA ARG F 59 14.97 -17.66 19.44
C ARG F 59 13.74 -16.89 19.89
N TRP F 60 12.72 -16.78 19.01
CA TRP F 60 11.55 -15.97 19.26
C TRP F 60 10.25 -16.79 19.43
N THR F 61 10.05 -17.79 18.57
CA THR F 61 8.75 -18.43 18.47
C THR F 61 8.48 -19.30 19.69
N ASP F 62 7.20 -19.39 20.05
CA ASP F 62 6.74 -20.39 21.04
C ASP F 62 6.47 -21.76 20.44
N VAL F 63 6.38 -21.83 19.11
CA VAL F 63 6.25 -23.10 18.40
C VAL F 63 7.44 -24.03 18.73
N SER F 64 7.16 -25.27 19.16
CA SER F 64 8.27 -26.20 19.45
C SER F 64 9.06 -26.61 18.20
N ILE F 65 10.33 -26.94 18.39
CA ILE F 65 11.11 -27.46 17.28
C ILE F 65 10.42 -28.66 16.54
N GLU F 66 9.74 -29.54 17.29
CA GLU F 66 9.14 -30.72 16.68
C GLU F 66 7.93 -30.26 15.85
N ALA F 67 7.14 -29.35 16.40
CA ALA F 67 6.02 -28.80 15.66
C ALA F 67 6.51 -28.13 14.39
N PHE F 68 7.60 -27.37 14.50
CA PHE F 68 8.18 -26.72 13.32
C PHE F 68 8.55 -27.70 12.21
N TRP F 69 9.29 -28.76 12.54
CA TRP F 69 9.70 -29.74 11.52
C TRP F 69 8.50 -30.51 10.93
N ALA F 70 7.39 -30.54 11.68
CA ALA F 70 6.16 -31.18 11.23
C ALA F 70 5.34 -30.30 10.30
N MET F 71 5.58 -28.99 10.30
CA MET F 71 4.89 -28.08 9.41
C MET F 71 5.39 -28.27 8.00
N SER F 72 4.58 -27.91 7.01
CA SER F 72 5.06 -27.92 5.62
C SER F 72 6.04 -26.75 5.42
N LYS F 73 6.81 -26.82 4.34
CA LYS F 73 7.67 -25.70 4.00
C LYS F 73 6.94 -24.34 3.93
N ARG F 74 5.75 -24.31 3.32
CA ARG F 74 4.99 -23.07 3.18
C ARG F 74 4.63 -22.55 4.57
N GLU F 75 4.26 -23.46 5.46
CA GLU F 75 3.86 -23.11 6.80
C GLU F 75 5.08 -22.63 7.61
N GLN F 76 6.20 -23.32 7.43
CA GLN F 76 7.48 -22.91 8.08
C GLN F 76 7.84 -21.49 7.61
N ALA F 77 7.74 -21.27 6.30
CA ALA F 77 8.04 -19.93 5.76
C ALA F 77 7.05 -18.89 6.28
N ASP F 78 5.76 -19.23 6.41
CA ASP F 78 4.84 -18.25 6.92
C ASP F 78 5.21 -17.88 8.36
N LEU F 79 5.62 -18.86 9.14
CA LEU F 79 5.92 -18.61 10.57
C LEU F 79 7.18 -17.70 10.69
N ILE F 80 8.21 -18.04 9.93
CA ILE F 80 9.50 -17.28 9.90
C ILE F 80 9.16 -15.84 9.43
N TRP F 81 8.33 -15.69 8.40
CA TRP F 81 8.00 -14.33 7.97
C TRP F 81 7.34 -13.50 9.10
N GLU F 82 6.32 -14.07 9.73
CA GLU F 82 5.62 -13.39 10.80
C GLU F 82 6.53 -13.07 11.99
N GLU F 83 7.30 -14.07 12.42
CA GLU F 83 8.13 -13.91 13.61
C GLU F 83 9.35 -13.00 13.40
N LEU F 84 9.96 -13.07 12.24
CA LEU F 84 11.25 -12.34 12.08
C LEU F 84 11.15 -11.06 11.23
N PHE F 85 10.07 -10.91 10.45
CA PHE F 85 9.84 -9.73 9.64
C PHE F 85 8.69 -8.84 10.06
N ILE F 86 7.62 -9.44 10.61
CA ILE F 86 6.47 -8.64 10.97
C ILE F 86 6.44 -8.26 12.45
N LYS F 87 6.73 -9.24 13.33
CA LYS F 87 6.69 -8.99 14.78
C LYS F 87 7.93 -8.28 15.30
N ARG F 88 9.05 -8.38 14.56
CA ARG F 88 10.28 -7.59 14.84
C ARG F 88 10.81 -7.16 13.46
N SER F 89 11.56 -6.06 13.42
CA SER F 89 12.10 -5.61 12.13
C SER F 89 13.19 -6.55 11.68
N PRO F 90 13.22 -6.86 10.35
CA PRO F 90 14.12 -7.84 9.77
C PRO F 90 15.52 -7.30 9.62
N VAL F 91 16.11 -6.92 10.75
CA VAL F 91 17.44 -6.25 10.69
C VAL F 91 18.65 -7.18 10.66
N SER F 92 18.46 -8.47 11.02
CA SER F 92 19.60 -9.41 10.92
C SER F 92 20.14 -9.51 9.51
N GLU F 93 21.41 -9.93 9.42
CA GLU F 93 22.03 -10.08 8.07
C GLU F 93 21.22 -11.08 7.17
N ALA F 94 20.80 -12.20 7.76
CA ALA F 94 20.07 -13.24 7.00
C ALA F 94 18.67 -12.70 6.60
N CYS F 95 18.01 -11.93 7.47
CA CYS F 95 16.70 -11.40 7.15
C CYS F 95 16.85 -10.32 6.12
N ARG F 96 17.78 -9.39 6.33
CA ARG F 96 18.12 -8.40 5.29
C ARG F 96 18.36 -9.07 3.95
N GLY F 97 19.14 -10.15 3.92
CA GLY F 97 19.38 -10.89 2.66
C GLY F 97 18.12 -11.26 1.87
N VAL F 98 17.12 -11.77 2.57
CA VAL F 98 15.88 -12.11 1.90
C VAL F 98 15.30 -10.91 1.17
N LEU F 99 15.32 -9.76 1.84
CA LEU F 99 14.77 -8.57 1.26
C LEU F 99 15.56 -8.16 -0.02
N THR F 100 16.90 -8.22 0.10
CA THR F 100 17.75 -7.88 -1.05
C THR F 100 17.42 -8.78 -2.27
N CYS F 101 17.16 -10.05 -2.00
CA CYS F 101 16.75 -10.97 -3.06
C CYS F 101 15.42 -10.55 -3.70
N LEU F 102 14.40 -10.37 -2.89
CA LEU F 102 13.09 -9.92 -3.42
C LEU F 102 13.22 -8.67 -4.28
N GLN F 103 13.88 -7.65 -3.74
CA GLN F 103 14.05 -6.39 -4.48
C GLN F 103 14.77 -6.62 -5.83
N GLY F 104 15.81 -7.42 -5.78
CA GLY F 104 16.65 -7.76 -6.98
C GLY F 104 15.82 -8.39 -8.09
N LEU F 105 14.90 -9.24 -7.69
CA LEU F 105 13.96 -9.94 -8.61
C LEU F 105 12.86 -9.04 -9.14
N GLY F 106 12.86 -7.77 -8.71
CA GLY F 106 11.84 -6.80 -9.14
C GLY F 106 10.55 -6.97 -8.36
N LEU F 107 10.62 -7.74 -7.27
CA LEU F 107 9.48 -7.77 -6.35
C LEU F 107 9.54 -6.56 -5.40
N ASP F 108 8.47 -6.35 -4.66
CA ASP F 108 8.40 -5.17 -3.85
C ASP F 108 8.30 -5.43 -2.33
N PRO F 109 9.43 -5.35 -1.60
CA PRO F 109 9.35 -5.59 -0.15
C PRO F 109 8.46 -4.64 0.60
N ALA F 110 8.14 -3.49 0.01
CA ALA F 110 7.32 -2.50 0.70
C ALA F 110 5.92 -3.03 1.00
N THR F 111 5.40 -3.93 0.15
CA THR F 111 4.03 -4.46 0.32
C THR F 111 3.94 -5.59 1.34
N ARG F 112 5.07 -6.23 1.63
CA ARG F 112 5.17 -7.40 2.48
C ARG F 112 4.22 -8.51 2.04
N ASP F 113 3.96 -8.60 0.76
CA ASP F 113 2.89 -9.49 0.30
C ASP F 113 3.47 -10.83 -0.11
N LEU F 114 3.61 -11.72 0.89
CA LEU F 114 4.30 -12.96 0.66
C LEU F 114 3.53 -13.82 -0.38
N GLN F 115 2.20 -13.75 -0.40
CA GLN F 115 1.44 -14.50 -1.43
C GLN F 115 1.79 -14.06 -2.88
N VAL F 116 1.90 -12.75 -3.08
CA VAL F 116 2.32 -12.25 -4.38
C VAL F 116 3.78 -12.57 -4.72
N TYR F 117 4.70 -12.52 -3.74
CA TYR F 117 6.05 -12.99 -4.04
C TYR F 117 6.05 -14.45 -4.53
N ARG F 118 5.25 -15.30 -3.88
CA ARG F 118 5.20 -16.70 -4.23
C ARG F 118 4.77 -16.90 -5.69
N GLU F 119 3.87 -16.04 -6.14
CA GLU F 119 3.29 -16.19 -7.50
C GLU F 119 4.37 -16.00 -8.58
N TYR F 120 5.35 -15.14 -8.30
CA TYR F 120 6.47 -14.98 -9.21
C TYR F 120 7.21 -16.28 -9.49
N PHE F 121 7.49 -17.06 -8.44
CA PHE F 121 8.29 -18.27 -8.63
C PHE F 121 7.53 -19.37 -9.32
N ALA F 122 6.22 -19.42 -9.07
CA ALA F 122 5.32 -20.48 -9.58
C ALA F 122 5.26 -20.45 -11.08
N LYS F 123 5.58 -19.29 -11.66
CA LYS F 123 5.52 -19.07 -13.12
C LYS F 123 6.75 -19.53 -13.91
N LYS F 124 7.82 -19.92 -13.21
CA LYS F 124 9.11 -20.05 -13.85
C LYS F 124 9.59 -21.46 -13.75
N THR F 125 10.40 -21.88 -14.72
CA THR F 125 11.15 -23.13 -14.56
C THR F 125 12.47 -22.88 -13.83
N SER F 126 13.07 -23.96 -13.38
CA SER F 126 14.40 -23.92 -12.74
C SER F 126 15.45 -23.31 -13.66
N GLU F 127 15.42 -23.73 -14.94
CA GLU F 127 16.36 -23.17 -15.92
C GLU F 127 16.23 -21.67 -16.07
N GLU F 128 14.99 -21.22 -16.20
CA GLU F 128 14.69 -19.82 -16.33
C GLU F 128 15.18 -19.05 -15.08
N GLN F 129 14.95 -19.61 -13.90
CA GLN F 129 15.33 -18.88 -12.66
C GLN F 129 16.86 -18.82 -12.51
N VAL F 130 17.56 -19.91 -12.86
CA VAL F 130 19.02 -19.89 -12.97
C VAL F 130 19.47 -18.79 -13.91
N ASP F 131 18.93 -18.70 -15.13
CA ASP F 131 19.29 -17.57 -15.98
C ASP F 131 19.05 -16.22 -15.34
N THR F 132 17.90 -16.03 -14.71
CA THR F 132 17.59 -14.74 -14.11
C THR F 132 18.57 -14.41 -12.97
N VAL F 133 18.73 -15.37 -12.07
CA VAL F 133 19.60 -15.14 -10.90
C VAL F 133 21.05 -14.91 -11.27
N LEU F 134 21.63 -15.71 -12.17
CA LEU F 134 23.04 -15.50 -12.54
C LEU F 134 23.29 -14.13 -13.21
N GLN F 135 22.30 -13.66 -13.95
CA GLN F 135 22.38 -12.37 -14.60
C GLN F 135 22.32 -11.28 -13.55
N LEU F 136 21.27 -11.34 -12.69
CA LEU F 136 21.08 -10.33 -11.65
C LEU F 136 22.28 -10.25 -10.69
N ALA F 137 22.84 -11.40 -10.30
CA ALA F 137 23.95 -11.43 -9.33
C ALA F 137 25.30 -11.24 -10.05
N ASN F 138 25.25 -11.18 -11.40
CA ASN F 138 26.47 -11.08 -12.22
C ASN F 138 27.51 -12.17 -11.82
N VAL F 139 27.05 -13.42 -11.74
CA VAL F 139 27.90 -14.54 -11.46
C VAL F 139 28.06 -15.36 -12.74
N SER F 140 29.29 -15.52 -13.18
CA SER F 140 29.59 -16.18 -14.44
C SER F 140 29.87 -17.66 -14.23
N ASP F 141 30.36 -18.02 -13.04
CA ASP F 141 30.74 -19.40 -12.77
C ASP F 141 30.42 -19.76 -11.33
N VAL F 142 29.83 -20.95 -11.14
CA VAL F 142 29.39 -21.42 -9.82
C VAL F 142 30.17 -22.68 -9.54
N VAL F 143 30.86 -22.75 -8.39
CA VAL F 143 31.43 -24.02 -7.96
C VAL F 143 30.48 -24.71 -7.02
N MET F 144 30.12 -25.96 -7.38
CA MET F 144 29.17 -26.76 -6.60
C MET F 144 29.90 -27.50 -5.47
N THR F 145 29.10 -28.12 -4.58
CA THR F 145 29.63 -29.08 -3.61
C THR F 145 29.07 -30.45 -3.98
N ASN F 146 29.93 -31.34 -4.45
CA ASN F 146 29.41 -32.61 -5.01
C ASN F 146 29.82 -33.79 -4.18
N ASP F 147 28.83 -34.53 -3.71
CA ASP F 147 29.07 -35.52 -2.69
C ASP F 147 28.65 -36.91 -3.22
N PRO F 148 29.64 -37.72 -3.58
CA PRO F 148 29.36 -39.01 -4.22
C PRO F 148 28.73 -40.00 -3.21
N PHE F 149 28.70 -39.65 -1.94
CA PHE F 149 28.02 -40.50 -0.96
C PHE F 149 26.56 -40.16 -0.86
N ASP F 150 26.12 -39.10 -1.55
CA ASP F 150 24.70 -38.79 -1.56
C ASP F 150 24.02 -39.50 -2.72
N ASP F 151 23.09 -40.40 -2.37
CA ASP F 151 22.41 -41.21 -3.39
C ASP F 151 21.68 -40.33 -4.42
N ASN F 152 21.03 -39.27 -3.96
CA ASN F 152 20.28 -38.38 -4.85
C ASN F 152 21.15 -37.50 -5.77
N GLU F 153 22.42 -37.33 -5.44
CA GLU F 153 23.34 -36.67 -6.36
C GLU F 153 24.08 -37.71 -7.18
N ARG F 154 24.48 -38.80 -6.56
CA ARG F 154 25.25 -39.81 -7.25
C ARG F 154 24.56 -40.29 -8.52
N ILE F 155 23.24 -40.35 -8.51
CA ILE F 155 22.45 -40.79 -9.69
CA ILE F 155 22.50 -40.82 -9.69
C ILE F 155 22.81 -40.05 -10.97
N SER F 156 22.79 -38.71 -10.90
CA SER F 156 23.03 -37.88 -12.08
C SER F 156 24.41 -38.16 -12.66
N TRP F 157 25.41 -38.28 -11.79
CA TRP F 157 26.75 -38.55 -12.28
C TRP F 157 26.81 -39.91 -12.99
N LEU F 158 26.27 -40.91 -12.31
CA LEU F 158 26.28 -42.27 -12.85
C LEU F 158 25.48 -42.37 -14.16
N GLU F 159 24.37 -41.63 -14.26
CA GLU F 159 23.64 -41.51 -15.52
C GLU F 159 24.35 -40.67 -16.58
N GLY F 160 25.59 -40.25 -16.31
CA GLY F 160 26.41 -39.57 -17.32
C GLY F 160 26.07 -38.10 -17.51
N LYS F 161 25.19 -37.58 -16.67
CA LYS F 161 24.75 -36.19 -16.69
C LYS F 161 25.92 -35.27 -16.35
N GLN F 162 26.09 -34.21 -17.14
CA GLN F 162 27.13 -33.23 -16.89
C GLN F 162 26.51 -31.88 -16.52
N PRO F 163 27.17 -31.14 -15.62
CA PRO F 163 26.65 -29.83 -15.29
C PRO F 163 26.79 -28.93 -16.52
N ASP F 164 25.91 -27.94 -16.68
CA ASP F 164 26.21 -27.01 -17.75
C ASP F 164 27.49 -26.22 -17.45
N SER F 165 27.98 -25.50 -18.44
CA SER F 165 29.34 -25.03 -18.40
C SER F 165 29.50 -23.94 -17.35
N ARG F 166 28.40 -23.44 -16.83
CA ARG F 166 28.52 -22.36 -15.80
C ARG F 166 28.78 -22.92 -14.43
N PHE F 167 28.60 -24.23 -14.29
CA PHE F 167 28.66 -24.90 -13.00
C PHE F 167 29.83 -25.84 -13.00
N HIS F 168 30.66 -25.73 -11.97
CA HIS F 168 31.86 -26.53 -11.89
C HIS F 168 31.81 -27.46 -10.70
N ALA F 169 32.44 -28.62 -10.80
CA ALA F 169 32.35 -29.55 -9.70
C ALA F 169 33.47 -29.38 -8.67
N ALA F 170 33.16 -29.73 -7.43
CA ALA F 170 34.19 -29.91 -6.40
C ALA F 170 33.82 -31.13 -5.58
N LEU F 171 34.79 -31.99 -5.38
CA LEU F 171 34.58 -33.31 -4.79
C LEU F 171 34.57 -33.19 -3.26
N ARG F 172 33.39 -33.29 -2.66
CA ARG F 172 33.25 -33.29 -1.20
C ARG F 172 33.57 -34.64 -0.52
N LEU F 173 34.50 -34.65 0.42
CA LEU F 173 34.98 -35.92 0.99
C LEU F 173 34.71 -36.20 2.48
N ASP F 174 33.86 -35.39 3.14
CA ASP F 174 33.64 -35.52 4.58
C ASP F 174 33.33 -36.99 5.03
N PRO F 175 32.44 -37.70 4.32
CA PRO F 175 32.11 -39.05 4.78
C PRO F 175 33.32 -39.97 4.77
N LEU F 176 34.15 -39.82 3.74
CA LEU F 176 35.33 -40.67 3.57
C LEU F 176 36.38 -40.30 4.61
N LEU F 177 36.55 -39.00 4.86
CA LEU F 177 37.66 -38.58 5.74
C LEU F 177 37.29 -38.59 7.23
N ASN F 178 36.05 -38.20 7.52
CA ASN F 178 35.58 -37.98 8.88
C ASN F 178 34.79 -39.15 9.44
N GLU F 179 34.26 -39.99 8.55
CA GLU F 179 33.34 -41.08 8.95
C GLU F 179 33.78 -42.41 8.31
N TYR F 180 35.08 -42.68 8.30
CA TYR F 180 35.61 -43.79 7.50
C TYR F 180 35.08 -45.16 7.97
N GLU F 181 35.02 -45.37 9.27
CA GLU F 181 34.54 -46.63 9.83
C GLU F 181 33.15 -46.99 9.29
N GLN F 182 32.32 -45.98 9.08
CA GLN F 182 30.98 -46.21 8.57
C GLN F 182 31.00 -46.29 7.04
N THR F 183 31.91 -45.53 6.41
CA THR F 183 31.92 -45.33 4.98
C THR F 183 32.65 -46.44 4.21
N LYS F 184 33.65 -47.03 4.85
CA LYS F 184 34.47 -48.06 4.22
C LYS F 184 33.61 -49.22 3.71
N HIS F 185 32.50 -49.46 4.39
CA HIS F 185 31.55 -50.49 3.98
C HIS F 185 30.83 -50.15 2.68
N ARG F 186 30.53 -48.86 2.48
CA ARG F 186 29.95 -48.41 1.20
C ARG F 186 30.93 -48.59 0.06
N LEU F 187 32.17 -48.23 0.29
CA LEU F 187 33.22 -48.42 -0.70
C LEU F 187 33.30 -49.88 -1.16
N ARG F 188 33.25 -50.81 -0.20
CA ARG F 188 33.31 -52.25 -0.48
C ARG F 188 32.17 -52.65 -1.41
N ASP F 189 30.96 -52.25 -1.04
CA ASP F 189 29.80 -52.48 -1.90
C ASP F 189 29.99 -51.90 -3.31
N TRP F 190 30.77 -50.83 -3.41
CA TRP F 190 31.04 -50.22 -4.72
C TRP F 190 32.24 -50.85 -5.39
N GLY F 191 32.80 -51.90 -4.79
CA GLY F 191 33.91 -52.59 -5.41
C GLY F 191 35.28 -52.07 -5.03
N TYR F 192 35.32 -51.11 -4.10
CA TYR F 192 36.60 -50.66 -3.54
C TYR F 192 37.04 -51.58 -2.39
N LYS F 193 38.01 -52.44 -2.67
CA LYS F 193 38.41 -53.52 -1.77
C LYS F 193 39.28 -53.07 -0.59
N VAL F 194 38.71 -52.23 0.28
CA VAL F 194 39.46 -51.76 1.45
C VAL F 194 39.41 -52.80 2.58
N ASN F 195 40.59 -53.06 3.16
CA ASN F 195 40.80 -54.08 4.19
C ASN F 195 40.57 -53.52 5.59
N ASP F 196 40.44 -54.40 6.57
CA ASP F 196 40.33 -53.95 7.94
C ASP F 196 41.56 -53.19 8.38
N GLU F 197 42.74 -53.67 8.00
CA GLU F 197 43.98 -52.97 8.31
C GLU F 197 44.25 -51.90 7.27
N TRP F 198 44.79 -50.79 7.75
CA TRP F 198 45.34 -49.78 6.85
C TRP F 198 46.65 -50.29 6.25
N ASN F 199 46.54 -51.01 5.14
CA ASN F 199 47.73 -51.52 4.45
C ASN F 199 47.72 -51.04 3.01
N GLU F 200 48.66 -51.51 2.20
CA GLU F 200 48.81 -51.03 0.82
C GLU F 200 47.55 -51.25 -0.03
N GLY F 201 46.86 -52.36 0.23
CA GLY F 201 45.61 -52.66 -0.47
C GLY F 201 44.57 -51.59 -0.17
N SER F 202 44.41 -51.26 1.09
CA SER F 202 43.44 -50.24 1.51
C SER F 202 43.83 -48.89 0.90
N ILE F 203 45.11 -48.54 1.01
CA ILE F 203 45.65 -47.29 0.45
C ILE F 203 45.36 -47.18 -1.03
N GLN F 204 45.65 -48.24 -1.78
CA GLN F 204 45.45 -48.20 -3.22
C GLN F 204 43.99 -48.12 -3.65
N GLU F 205 43.08 -48.75 -2.90
CA GLU F 205 41.66 -48.76 -3.28
C GLU F 205 40.99 -47.42 -2.92
N VAL F 206 41.45 -46.82 -1.83
CA VAL F 206 40.98 -45.44 -1.53
C VAL F 206 41.42 -44.45 -2.60
N LYS F 207 42.67 -44.57 -3.05
CA LYS F 207 43.17 -43.74 -4.14
C LYS F 207 42.38 -43.98 -5.39
N ARG F 208 41.99 -45.24 -5.62
CA ARG F 208 41.25 -45.53 -6.82
C ARG F 208 39.88 -44.91 -6.73
N PHE F 209 39.29 -44.90 -5.54
CA PHE F 209 37.99 -44.26 -5.34
C PHE F 209 38.09 -42.77 -5.73
N LEU F 210 39.12 -42.12 -5.20
CA LEU F 210 39.37 -40.71 -5.49
C LEU F 210 39.59 -40.46 -6.97
N THR F 211 40.46 -41.27 -7.57
CA THR F 211 40.75 -41.11 -8.99
C THR F 211 39.52 -41.32 -9.86
N ASP F 212 38.68 -42.31 -9.53
CA ASP F 212 37.46 -42.55 -10.34
C ASP F 212 36.55 -41.35 -10.30
N TRP F 213 36.40 -40.77 -9.12
CA TRP F 213 35.56 -39.59 -8.97
C TRP F 213 36.18 -38.31 -9.56
N ILE F 214 37.51 -38.21 -9.52
CA ILE F 214 38.16 -37.12 -10.24
C ILE F 214 37.92 -37.25 -11.74
N GLU F 215 38.02 -38.47 -12.25
CA GLU F 215 37.78 -38.72 -13.68
C GLU F 215 36.34 -38.34 -14.04
N ARG F 216 35.42 -38.73 -13.19
CA ARG F 216 33.99 -38.55 -13.43
C ARG F 216 33.52 -37.07 -13.33
N MET F 217 34.01 -36.36 -12.31
CA MET F 217 33.47 -35.01 -12.02
C MET F 217 34.32 -33.89 -12.60
N ASP F 218 35.59 -34.18 -12.83
CA ASP F 218 36.54 -33.16 -13.21
C ASP F 218 36.53 -31.99 -12.20
N PRO F 219 36.65 -32.30 -10.89
CA PRO F 219 36.55 -31.26 -9.84
C PRO F 219 37.71 -30.25 -9.88
N VAL F 220 37.37 -29.00 -9.54
CA VAL F 220 38.39 -27.94 -9.39
C VAL F 220 39.17 -28.05 -8.08
N TYR F 221 38.60 -28.71 -7.07
CA TYR F 221 39.33 -29.07 -5.84
C TYR F 221 38.57 -30.21 -5.14
N MET F 222 39.21 -30.81 -4.14
CA MET F 222 38.57 -31.75 -3.20
C MET F 222 38.46 -31.03 -1.85
N ALA F 223 37.34 -31.22 -1.17
CA ALA F 223 37.02 -30.42 0.04
C ALA F 223 36.62 -31.26 1.23
N VAL F 224 36.86 -30.70 2.43
CA VAL F 224 36.40 -31.31 3.67
C VAL F 224 36.14 -30.21 4.69
N SER F 225 35.13 -30.42 5.54
CA SER F 225 34.92 -29.55 6.72
CA SER F 225 34.93 -29.54 6.71
C SER F 225 35.43 -30.25 7.95
N LEU F 226 36.09 -29.48 8.82
CA LEU F 226 36.85 -30.05 9.92
C LEU F 226 36.54 -29.38 11.23
N PRO F 227 36.67 -30.12 12.36
CA PRO F 227 36.30 -29.58 13.67
C PRO F 227 37.42 -28.67 14.22
N PRO F 228 37.14 -27.90 15.27
CA PRO F 228 38.13 -27.04 15.94
C PRO F 228 39.32 -27.82 16.50
N THR F 229 39.11 -29.10 16.78
CA THR F 229 40.19 -29.97 17.29
C THR F 229 41.08 -30.53 16.18
N PHE F 230 40.88 -30.14 14.93
CA PHE F 230 41.62 -30.73 13.81
C PHE F 230 43.12 -30.65 14.06
N SER F 231 43.76 -31.81 13.94
CA SER F 231 45.23 -31.95 14.10
C SER F 231 45.80 -32.75 12.93
N PHE F 232 47.04 -32.42 12.55
CA PHE F 232 47.76 -33.16 11.51
C PHE F 232 49.27 -32.95 11.70
N PRO F 233 50.08 -34.04 11.67
CA PRO F 233 49.72 -35.44 11.45
C PRO F 233 48.84 -36.01 12.58
N GLU F 234 48.13 -37.09 12.30
CA GLU F 234 47.36 -37.75 13.34
C GLU F 234 47.22 -39.24 12.99
N GLU F 235 47.43 -40.10 13.98
CA GLU F 235 47.10 -41.53 13.80
C GLU F 235 45.60 -41.76 13.99
N SER F 236 44.86 -41.55 12.91
CA SER F 236 43.42 -41.69 12.88
C SER F 236 43.12 -42.02 11.43
N ASN F 237 41.92 -42.46 11.11
CA ASN F 237 41.60 -42.69 9.73
C ASN F 237 41.79 -41.40 8.93
N ARG F 238 41.31 -40.28 9.46
CA ARG F 238 41.42 -39.02 8.70
C ARG F 238 42.88 -38.68 8.39
N GLY F 239 43.72 -38.80 9.43
CA GLY F 239 45.15 -38.51 9.31
C GLY F 239 45.83 -39.42 8.30
N ARG F 240 45.45 -40.70 8.28
CA ARG F 240 46.09 -41.65 7.34
C ARG F 240 45.58 -41.53 5.90
N ILE F 241 44.26 -41.33 5.76
CA ILE F 241 43.71 -41.08 4.43
C ILE F 241 44.29 -39.79 3.80
N ILE F 242 44.38 -38.70 4.58
CA ILE F 242 45.00 -37.50 4.01
C ILE F 242 46.46 -37.74 3.60
N ARG F 243 47.25 -38.31 4.51
CA ARG F 243 48.68 -38.56 4.27
C ARG F 243 48.93 -39.51 3.09
N ASP F 244 48.25 -40.65 3.08
CA ASP F 244 48.60 -41.77 2.17
C ASP F 244 47.81 -41.76 0.87
N CYS F 245 46.63 -41.13 0.89
CA CYS F 245 45.80 -41.13 -0.29
C CYS F 245 45.52 -39.76 -0.90
N LEU F 246 44.96 -38.86 -0.10
CA LEU F 246 44.45 -37.60 -0.66
C LEU F 246 45.58 -36.71 -1.19
N LEU F 247 46.60 -36.48 -0.38
CA LEU F 247 47.69 -35.60 -0.79
C LEU F 247 48.44 -36.08 -2.06
N PRO F 248 48.88 -37.38 -2.08
CA PRO F 248 49.50 -37.88 -3.33
C PRO F 248 48.53 -37.77 -4.53
N VAL F 249 47.27 -38.10 -4.34
CA VAL F 249 46.32 -37.94 -5.45
C VAL F 249 46.18 -36.50 -5.92
N ALA F 250 46.05 -35.58 -4.94
CA ALA F 250 45.90 -34.14 -5.23
C ALA F 250 47.10 -33.58 -5.97
N GLU F 251 48.30 -34.02 -5.57
CA GLU F 251 49.55 -33.59 -6.20
C GLU F 251 49.70 -34.05 -7.65
N LYS F 252 49.49 -35.34 -7.87
CA LYS F 252 49.51 -35.95 -9.19
C LYS F 252 48.52 -35.28 -10.15
N HIS F 253 47.32 -34.95 -9.66
CA HIS F 253 46.33 -34.24 -10.49
C HIS F 253 46.41 -32.71 -10.45
N ASN F 254 47.30 -32.19 -9.58
CA ASN F 254 47.53 -30.77 -9.44
C ASN F 254 46.23 -30.06 -9.01
N ILE F 255 45.44 -30.75 -8.17
CA ILE F 255 44.16 -30.28 -7.64
C ILE F 255 44.39 -29.77 -6.20
N PRO F 256 43.89 -28.54 -5.87
CA PRO F 256 43.95 -28.11 -4.46
C PRO F 256 43.09 -28.94 -3.53
N PHE F 257 43.47 -28.92 -2.25
CA PHE F 257 42.71 -29.51 -1.16
C PHE F 257 42.08 -28.33 -0.38
N ALA F 258 40.76 -28.30 -0.34
CA ALA F 258 40.07 -27.21 0.40
C ALA F 258 39.71 -27.69 1.81
N MET F 259 40.10 -26.92 2.81
CA MET F 259 39.84 -27.28 4.20
C MET F 259 39.00 -26.18 4.84
N MET F 260 37.81 -26.53 5.34
CA MET F 260 36.96 -25.53 5.95
C MET F 260 36.95 -25.90 7.41
N ILE F 261 37.64 -25.12 8.25
CA ILE F 261 38.01 -25.57 9.57
C ILE F 261 37.25 -24.80 10.66
N GLY F 262 36.70 -25.50 11.65
CA GLY F 262 36.20 -24.85 12.85
C GLY F 262 34.75 -25.12 13.23
N VAL F 263 34.08 -25.97 12.47
CA VAL F 263 32.66 -26.24 12.73
C VAL F 263 32.55 -27.36 13.78
N LYS F 264 31.77 -27.12 14.83
CA LYS F 264 31.52 -28.17 15.86
C LYS F 264 30.10 -28.67 15.57
N LYS F 265 30.01 -29.91 15.07
CA LYS F 265 28.71 -30.42 14.57
C LYS F 265 27.70 -30.74 15.66
N ARG F 266 26.44 -30.45 15.36
CA ARG F 266 25.29 -30.94 16.12
C ARG F 266 25.41 -30.70 17.62
N VAL F 267 25.77 -29.47 18.03
CA VAL F 267 25.67 -29.12 19.46
C VAL F 267 24.23 -29.04 19.94
N HIS F 268 23.30 -28.79 19.00
CA HIS F 268 21.87 -28.84 19.31
C HIS F 268 21.24 -29.74 18.23
N PRO F 269 21.24 -31.08 18.47
CA PRO F 269 20.88 -31.98 17.35
C PRO F 269 19.51 -31.74 16.73
N ALA F 270 18.51 -31.37 17.55
CA ALA F 270 17.12 -31.18 17.06
C ALA F 270 16.99 -30.12 15.97
N LEU F 271 17.95 -29.20 15.92
CA LEU F 271 17.91 -28.08 14.95
C LEU F 271 18.49 -28.46 13.59
N GLY F 272 18.94 -29.71 13.46
CA GLY F 272 19.43 -30.20 12.19
C GLY F 272 20.59 -29.34 11.71
N ASP F 273 20.47 -28.85 10.47
CA ASP F 273 21.52 -28.04 9.88
C ASP F 273 21.76 -26.75 10.64
N ALA F 274 20.77 -26.30 11.44
CA ALA F 274 20.91 -25.08 12.28
C ALA F 274 21.55 -25.35 13.65
N GLY F 275 22.04 -26.58 13.88
CA GLY F 275 22.52 -26.97 15.19
C GLY F 275 24.03 -26.99 15.34
N ASP F 276 24.76 -26.44 14.36
CA ASP F 276 26.24 -26.50 14.38
C ASP F 276 26.81 -25.23 15.02
N PHE F 277 27.92 -25.39 15.74
CA PHE F 277 28.53 -24.33 16.50
C PHE F 277 29.96 -24.14 15.96
N VAL F 278 30.75 -23.36 16.68
CA VAL F 278 32.10 -22.99 16.23
C VAL F 278 33.12 -23.11 17.37
N GLY F 279 34.37 -23.35 17.02
CA GLY F 279 35.46 -23.20 17.99
C GLY F 279 36.72 -22.78 17.28
N LYS F 280 37.62 -22.17 18.05
CA LYS F 280 38.93 -21.76 17.57
C LYS F 280 39.79 -22.99 17.37
N ALA F 281 40.52 -23.06 16.26
CA ALA F 281 41.37 -24.21 15.99
C ALA F 281 42.84 -23.84 16.24
N SER F 282 43.67 -24.87 16.46
CA SER F 282 45.12 -24.63 16.40
C SER F 282 45.48 -24.44 14.95
N MET F 283 46.50 -23.62 14.69
CA MET F 283 47.01 -23.49 13.33
C MET F 283 48.11 -24.55 13.03
N ASP F 284 48.51 -25.32 14.05
CA ASP F 284 49.62 -26.27 13.85
C ASP F 284 49.46 -27.25 12.70
N GLY F 285 48.26 -27.80 12.52
CA GLY F 285 48.04 -28.83 11.47
C GLY F 285 48.11 -28.23 10.08
N VAL F 286 47.48 -27.04 9.94
CA VAL F 286 47.54 -26.34 8.66
C VAL F 286 48.99 -25.95 8.34
N GLU F 287 49.70 -25.47 9.36
CA GLU F 287 51.09 -25.07 9.18
C GLU F 287 51.95 -26.26 8.75
N HIS F 288 51.72 -27.42 9.37
CA HIS F 288 52.41 -28.64 9.02
C HIS F 288 52.13 -29.04 7.57
N LEU F 289 50.85 -29.08 7.19
CA LEU F 289 50.52 -29.40 5.82
C LEU F 289 51.23 -28.52 4.79
N LEU F 290 51.20 -27.20 4.99
CA LEU F 290 51.77 -26.27 4.02
C LEU F 290 53.28 -26.47 3.93
N ARG F 291 53.95 -26.61 5.07
CA ARG F 291 55.41 -26.72 5.11
C ARG F 291 55.88 -28.04 4.51
N GLU F 292 55.23 -29.12 4.95
CA GLU F 292 55.69 -30.48 4.61
C GLU F 292 55.22 -30.97 3.24
N TYR F 293 54.16 -30.35 2.68
CA TYR F 293 53.67 -30.72 1.37
C TYR F 293 53.73 -29.55 0.38
N PRO F 294 54.96 -29.08 0.04
CA PRO F 294 55.13 -27.88 -0.77
C PRO F 294 54.60 -28.03 -2.19
N ASN F 295 54.43 -29.28 -2.65
CA ASN F 295 53.92 -29.51 -3.99
C ASN F 295 52.42 -29.72 -4.02
N ASN F 296 51.78 -29.54 -2.86
CA ASN F 296 50.34 -29.55 -2.78
C ASN F 296 49.83 -28.12 -2.56
N LYS F 297 48.65 -27.87 -3.12
CA LYS F 297 47.99 -26.56 -2.95
C LYS F 297 46.80 -26.71 -2.00
N PHE F 298 46.58 -25.68 -1.17
CA PHE F 298 45.57 -25.76 -0.10
C PHE F 298 44.72 -24.52 -0.13
N LEU F 299 43.41 -24.73 -0.17
CA LEU F 299 42.46 -23.61 -0.05
C LEU F 299 41.92 -23.70 1.37
N VAL F 300 41.93 -22.58 2.12
CA VAL F 300 41.51 -22.64 3.53
C VAL F 300 40.58 -21.51 3.88
N THR F 301 39.51 -21.86 4.55
CA THR F 301 38.64 -20.86 5.21
C THR F 301 38.38 -21.36 6.65
N MET F 302 38.30 -20.43 7.61
CA MET F 302 38.09 -20.87 8.97
C MET F 302 36.86 -20.21 9.62
N LEU F 303 36.28 -20.87 10.63
CA LEU F 303 34.99 -20.43 11.11
C LEU F 303 35.06 -19.45 12.31
N SER F 304 36.12 -19.58 13.11
CA SER F 304 36.27 -18.73 14.32
C SER F 304 36.78 -17.31 14.01
N ARG F 305 36.15 -16.29 14.62
CA ARG F 305 36.65 -14.90 14.47
C ARG F 305 38.14 -14.84 14.88
N GLU F 306 38.48 -15.63 15.89
CA GLU F 306 39.76 -15.53 16.58
C GLU F 306 40.90 -16.24 15.84
N ASN F 307 40.53 -16.94 14.74
CA ASN F 307 41.57 -17.53 13.80
C ASN F 307 41.94 -16.63 12.62
N GLN F 308 41.19 -15.57 12.38
CA GLN F 308 41.29 -14.90 11.08
C GLN F 308 42.60 -14.19 10.88
N HIS F 309 43.02 -13.41 11.89
CA HIS F 309 44.28 -12.68 11.73
C HIS F 309 45.44 -13.67 11.52
N GLU F 310 45.52 -14.73 12.36
CA GLU F 310 46.67 -15.69 12.24
C GLU F 310 46.65 -16.48 10.93
N LEU F 311 45.44 -16.69 10.43
CA LEU F 311 45.30 -17.29 9.11
C LEU F 311 45.94 -16.38 8.05
N VAL F 312 45.68 -15.07 8.15
CA VAL F 312 46.33 -14.13 7.19
C VAL F 312 47.83 -14.21 7.30
N VAL F 313 48.35 -14.26 8.52
CA VAL F 313 49.80 -14.25 8.70
C VAL F 313 50.34 -15.57 8.10
N LEU F 314 49.58 -16.64 8.27
CA LEU F 314 50.02 -17.92 7.73
C LEU F 314 50.11 -17.88 6.20
N ALA F 315 49.21 -17.12 5.55
CA ALA F 315 49.24 -16.96 4.07
C ALA F 315 50.49 -16.18 3.66
N ARG F 316 50.93 -15.25 4.51
CA ARG F 316 52.19 -14.54 4.22
C ARG F 316 53.36 -15.55 4.18
N LYS F 317 53.28 -16.63 4.97
CA LYS F 317 54.40 -17.62 5.11
C LYS F 317 54.47 -18.61 3.95
N PHE F 318 53.31 -18.96 3.39
CA PHE F 318 53.23 -20.06 2.44
C PHE F 318 52.43 -19.73 1.18
N SER F 319 53.13 -19.71 0.05
CA SER F 319 52.49 -19.47 -1.23
C SER F 319 51.58 -20.58 -1.73
N ASN F 320 51.69 -21.79 -1.13
CA ASN F 320 50.76 -22.86 -1.47
C ASN F 320 49.47 -22.83 -0.63
N LEU F 321 49.30 -21.75 0.14
CA LEU F 321 48.02 -21.47 0.80
C LEU F 321 47.29 -20.33 0.12
N MET F 322 46.04 -20.60 -0.24
CA MET F 322 45.16 -19.57 -0.73
C MET F 322 44.00 -19.50 0.26
N ILE F 323 43.84 -18.34 0.88
CA ILE F 323 42.69 -18.24 1.80
C ILE F 323 41.51 -17.64 1.05
N PHE F 324 40.30 -18.06 1.42
CA PHE F 324 39.10 -17.65 0.74
C PHE F 324 37.95 -17.40 1.71
N GLY F 325 37.32 -16.27 1.47
CA GLY F 325 35.91 -16.06 1.87
C GLY F 325 35.73 -15.79 3.37
N CYS F 326 34.50 -15.42 3.68
CA CYS F 326 34.07 -15.20 5.07
C CYS F 326 32.92 -16.13 5.31
N TRP F 327 33.29 -17.24 5.93
CA TRP F 327 32.44 -18.39 5.97
C TRP F 327 31.42 -18.30 7.11
N TRP F 328 30.11 -18.42 6.78
CA TRP F 328 29.02 -18.79 7.72
C TRP F 328 28.93 -17.76 8.88
N PHE F 329 29.46 -18.07 10.06
CA PHE F 329 29.40 -17.10 11.18
C PHE F 329 30.33 -15.89 11.00
N MET F 330 31.18 -15.96 9.97
CA MET F 330 31.98 -14.83 9.58
C MET F 330 31.29 -13.96 8.52
N ASN F 331 30.18 -14.42 7.96
CA ASN F 331 29.61 -13.77 6.82
C ASN F 331 28.60 -12.72 7.26
N ASN F 332 29.09 -11.78 8.07
CA ASN F 332 28.33 -10.69 8.65
C ASN F 332 29.11 -9.39 8.42
N PRO F 333 28.44 -8.29 8.02
CA PRO F 333 29.20 -7.05 7.66
C PRO F 333 30.35 -6.69 8.61
N GLU F 334 30.16 -6.75 9.92
CA GLU F 334 31.18 -6.27 10.87
C GLU F 334 32.42 -7.16 10.67
N ILE F 335 32.21 -8.46 10.41
CA ILE F 335 33.32 -9.36 10.32
C ILE F 335 33.89 -9.36 8.91
N ILE F 336 33.04 -9.35 7.90
CA ILE F 336 33.53 -9.20 6.54
C ILE F 336 34.48 -8.00 6.41
N ASN F 337 34.07 -6.88 6.98
CA ASN F 337 34.91 -5.70 6.88
C ASN F 337 36.27 -5.87 7.56
N GLU F 338 36.29 -6.26 8.85
CA GLU F 338 37.59 -6.45 9.53
C GLU F 338 38.43 -7.48 8.78
N MET F 339 37.83 -8.62 8.34
CA MET F 339 38.65 -9.67 7.68
C MET F 339 39.25 -9.16 6.36
N THR F 340 38.45 -8.45 5.58
CA THR F 340 38.86 -7.99 4.21
C THR F 340 40.00 -6.95 4.36
N ARG F 341 39.89 -6.10 5.38
CA ARG F 341 40.92 -5.08 5.65
C ARG F 341 42.22 -5.76 6.11
N MET F 342 42.16 -6.66 7.07
CA MET F 342 43.36 -7.38 7.55
C MET F 342 44.01 -8.13 6.39
N ARG F 343 43.19 -8.78 5.55
CA ARG F 343 43.70 -9.53 4.44
C ARG F 343 44.39 -8.60 3.43
N MET F 344 43.75 -7.51 3.05
CA MET F 344 44.38 -6.67 2.01
C MET F 344 45.62 -5.97 2.58
N GLU F 345 45.57 -5.59 3.85
CA GLU F 345 46.74 -4.94 4.48
C GLU F 345 47.99 -5.84 4.47
N MET F 346 47.81 -7.14 4.65
CA MET F 346 48.97 -8.06 4.77
C MET F 346 49.21 -8.92 3.53
N LEU F 347 48.21 -8.96 2.63
CA LEU F 347 48.34 -9.78 1.42
C LEU F 347 48.21 -9.03 0.10
N GLY F 348 47.89 -7.72 0.17
CA GLY F 348 47.64 -6.99 -1.09
C GLY F 348 46.39 -7.60 -1.78
N THR F 349 46.52 -8.03 -3.04
CA THR F 349 45.38 -8.62 -3.72
C THR F 349 45.49 -10.14 -3.84
N SER F 350 46.42 -10.72 -3.08
CA SER F 350 46.72 -12.18 -3.22
C SER F 350 45.84 -13.11 -2.32
N PHE F 351 44.52 -12.90 -2.40
CA PHE F 351 43.53 -13.74 -1.71
C PHE F 351 42.20 -13.69 -2.44
N ILE F 352 41.25 -14.48 -1.96
CA ILE F 352 39.93 -14.57 -2.58
C ILE F 352 38.98 -14.01 -1.49
N PRO F 353 38.57 -12.74 -1.64
CA PRO F 353 37.82 -12.19 -0.48
C PRO F 353 36.50 -12.85 -0.14
N GLN F 354 35.78 -13.45 -1.09
CA GLN F 354 34.46 -13.95 -0.69
C GLN F 354 33.98 -15.15 -1.55
N HIS F 355 33.08 -15.94 -0.96
CA HIS F 355 32.24 -16.93 -1.65
C HIS F 355 30.88 -16.82 -0.99
N SER F 356 29.83 -17.35 -1.61
CA SER F 356 28.46 -17.19 -1.06
C SER F 356 28.08 -18.34 -0.15
N ASP F 357 28.59 -19.55 -0.40
CA ASP F 357 28.09 -20.78 0.26
C ASP F 357 26.55 -20.89 0.02
N ALA F 358 26.04 -20.36 -1.09
CA ALA F 358 24.60 -20.35 -1.30
C ALA F 358 24.05 -21.77 -1.27
N ARG F 359 22.99 -21.95 -0.47
CA ARG F 359 22.23 -23.19 -0.46
C ARG F 359 20.97 -23.08 -1.28
N VAL F 360 20.50 -21.87 -1.47
CA VAL F 360 19.24 -21.57 -2.15
C VAL F 360 19.64 -20.61 -3.26
N LEU F 361 19.22 -20.90 -4.50
CA LEU F 361 19.66 -20.17 -5.70
C LEU F 361 19.65 -18.66 -5.60
N GLU F 362 18.52 -18.10 -5.14
CA GLU F 362 18.38 -16.63 -5.15
C GLU F 362 19.39 -15.96 -4.21
N GLN F 363 19.92 -16.72 -3.28
CA GLN F 363 20.87 -16.11 -2.30
C GLN F 363 22.11 -15.52 -2.97
N LEU F 364 22.42 -15.95 -4.19
CA LEU F 364 23.54 -15.34 -4.91
C LEU F 364 23.34 -13.83 -5.02
N ILE F 365 22.09 -13.39 -5.13
CA ILE F 365 21.82 -11.98 -5.32
C ILE F 365 22.33 -11.24 -4.06
N TYR F 366 21.81 -11.63 -2.88
CA TYR F 366 22.18 -10.86 -1.68
C TYR F 366 23.60 -11.12 -1.23
N LYS F 367 24.07 -12.36 -1.35
CA LYS F 367 25.41 -12.67 -0.86
C LYS F 367 26.42 -11.81 -1.61
N TRP F 368 26.24 -11.67 -2.92
CA TRP F 368 27.16 -10.88 -3.72
C TRP F 368 26.91 -9.38 -3.55
N HIS F 369 25.64 -8.94 -3.51
CA HIS F 369 25.33 -7.51 -3.33
CA HIS F 369 25.39 -7.51 -3.38
C HIS F 369 25.96 -6.99 -2.02
N HIS F 370 25.67 -7.69 -0.92
CA HIS F 370 26.11 -7.22 0.37
C HIS F 370 27.65 -7.22 0.50
N SER F 371 28.28 -8.24 -0.07
CA SER F 371 29.72 -8.41 0.03
C SER F 371 30.44 -7.41 -0.88
N LYS F 372 29.89 -7.23 -2.08
CA LYS F 372 30.54 -6.32 -3.00
C LYS F 372 30.60 -4.89 -2.46
N SER F 373 29.53 -4.41 -1.80
CA SER F 373 29.54 -3.01 -1.32
C SER F 373 30.66 -2.89 -0.25
N ILE F 374 30.84 -3.90 0.60
CA ILE F 374 31.93 -3.85 1.64
C ILE F 374 33.31 -3.88 0.96
N ILE F 375 33.51 -4.87 0.09
CA ILE F 375 34.80 -4.97 -0.63
C ILE F 375 35.11 -3.69 -1.43
N ALA F 376 34.11 -3.09 -2.09
CA ALA F 376 34.34 -1.80 -2.77
C ALA F 376 34.83 -0.73 -1.78
N GLU F 377 34.25 -0.68 -0.58
CA GLU F 377 34.66 0.34 0.42
C GLU F 377 36.12 0.12 0.81
N VAL F 378 36.50 -1.14 0.99
CA VAL F 378 37.89 -1.43 1.39
C VAL F 378 38.84 -1.00 0.28
N LEU F 379 38.52 -1.38 -0.95
CA LEU F 379 39.39 -0.98 -2.09
C LEU F 379 39.51 0.52 -2.22
N ILE F 380 38.39 1.22 -2.08
CA ILE F 380 38.42 2.69 -2.18
C ILE F 380 39.43 3.26 -1.17
N ASP F 381 39.34 2.83 0.09
CA ASP F 381 40.32 3.30 1.11
C ASP F 381 41.77 2.95 0.76
N LYS F 382 41.99 1.73 0.30
CA LYS F 382 43.36 1.30 -0.01
C LYS F 382 43.96 2.02 -1.22
N TYR F 383 43.15 2.21 -2.26
CA TYR F 383 43.58 3.01 -3.41
C TYR F 383 43.79 4.44 -3.01
N ASP F 384 42.86 5.00 -2.25
CA ASP F 384 43.06 6.37 -1.81
C ASP F 384 44.40 6.57 -1.08
N ASP F 385 44.76 5.61 -0.22
CA ASP F 385 45.95 5.73 0.61
C ASP F 385 47.14 5.74 -0.31
N ILE F 386 47.14 4.93 -1.38
CA ILE F 386 48.33 5.00 -2.30
C ILE F 386 48.31 6.23 -3.27
N LEU F 387 47.12 6.69 -3.64
CA LEU F 387 46.99 7.99 -4.31
C LEU F 387 47.58 9.10 -3.45
N GLN F 388 47.32 9.08 -2.15
CA GLN F 388 47.86 10.05 -1.21
C GLN F 388 49.36 9.99 -1.19
N ALA F 389 49.90 8.80 -1.45
CA ALA F 389 51.37 8.59 -1.45
C ALA F 389 51.98 8.99 -2.79
N GLY F 390 51.17 9.51 -3.70
CA GLY F 390 51.71 9.98 -5.01
C GLY F 390 51.61 8.95 -6.12
N TRP F 391 51.03 7.78 -5.83
CA TRP F 391 50.91 6.73 -6.84
C TRP F 391 49.77 7.09 -7.80
N GLU F 392 49.98 6.84 -9.10
CA GLU F 392 48.91 7.01 -10.05
C GLU F 392 48.18 5.69 -10.30
N VAL F 393 46.91 5.64 -9.88
CA VAL F 393 46.05 4.48 -10.13
C VAL F 393 45.18 4.75 -11.35
N THR F 394 45.14 3.80 -12.29
CA THR F 394 44.26 3.94 -13.45
C THR F 394 43.03 3.05 -13.31
N GLU F 395 41.97 3.42 -14.01
CA GLU F 395 40.80 2.60 -14.03
C GLU F 395 41.13 1.20 -14.58
N GLU F 396 42.05 1.09 -15.55
CA GLU F 396 42.37 -0.23 -16.05
C GLU F 396 42.98 -1.11 -14.99
N GLU F 397 43.84 -0.51 -14.17
CA GLU F 397 44.46 -1.25 -13.08
C GLU F 397 43.45 -1.69 -12.03
N ILE F 398 42.52 -0.81 -11.69
CA ILE F 398 41.41 -1.19 -10.79
C ILE F 398 40.63 -2.36 -11.39
N LYS F 399 40.28 -2.28 -12.68
CA LYS F 399 39.55 -3.42 -13.32
C LYS F 399 40.30 -4.74 -13.20
N ARG F 400 41.61 -4.71 -13.41
CA ARG F 400 42.49 -5.88 -13.32
C ARG F 400 42.47 -6.43 -11.89
N ASP F 401 42.72 -5.55 -10.91
CA ASP F 401 42.76 -5.99 -9.51
C ASP F 401 41.41 -6.60 -9.12
N VAL F 402 40.31 -5.97 -9.51
CA VAL F 402 38.97 -6.48 -9.18
C VAL F 402 38.74 -7.85 -9.83
N ALA F 403 39.17 -7.98 -11.09
CA ALA F 403 39.09 -9.31 -11.73
C ALA F 403 39.89 -10.36 -10.95
N ASP F 404 41.09 -10.03 -10.43
CA ASP F 404 41.86 -11.00 -9.67
C ASP F 404 41.06 -11.44 -8.46
N LEU F 405 40.56 -10.43 -7.74
CA LEU F 405 39.84 -10.71 -6.47
C LEU F 405 38.62 -11.61 -6.66
N PHE F 406 37.79 -11.30 -7.68
CA PHE F 406 36.45 -11.90 -7.84
C PHE F 406 36.47 -13.14 -8.74
N SER F 407 37.58 -13.35 -9.45
CA SER F 407 37.67 -14.48 -10.41
C SER F 407 39.07 -15.05 -10.70
N ARG F 408 40.01 -14.21 -11.14
CA ARG F 408 41.29 -14.78 -11.66
C ARG F 408 42.15 -15.45 -10.61
N ASN F 409 42.09 -14.98 -9.36
CA ASN F 409 42.95 -15.59 -8.36
C ASN F 409 42.56 -17.04 -8.15
N PHE F 410 41.26 -17.29 -8.19
CA PHE F 410 40.77 -18.66 -7.95
C PHE F 410 41.28 -19.54 -9.10
N TRP F 411 41.00 -19.10 -10.33
CA TRP F 411 41.33 -20.00 -11.47
C TRP F 411 42.81 -20.16 -11.63
N ARG F 412 43.57 -19.11 -11.32
CA ARG F 412 45.03 -19.22 -11.35
C ARG F 412 45.48 -20.26 -10.33
N PHE F 413 44.87 -20.29 -9.15
CA PHE F 413 45.37 -21.15 -8.11
C PHE F 413 44.98 -22.62 -8.43
N VAL F 414 43.79 -22.82 -8.95
CA VAL F 414 43.33 -24.21 -9.21
C VAL F 414 43.99 -24.73 -10.49
N GLY F 415 44.47 -23.81 -11.33
CA GLY F 415 45.03 -24.15 -12.65
C GLY F 415 43.94 -24.46 -13.68
N ARG F 416 42.94 -23.57 -13.82
CA ARG F 416 41.85 -23.79 -14.80
C ARG F 416 41.27 -22.48 -15.40
N ASN F 417 40.12 -22.57 -16.11
CA ASN F 417 39.27 -21.43 -16.53
C ASN F 417 39.61 -20.12 -15.82
N LEU G 3 -47.72 2.45 -60.64
CA LEU G 3 -46.72 2.31 -61.73
C LEU G 3 -46.08 0.92 -61.82
N SER G 4 -45.28 0.72 -62.87
CA SER G 4 -44.69 -0.57 -63.14
C SER G 4 -43.22 -0.50 -62.82
N ILE G 5 -42.71 -1.55 -62.23
CA ILE G 5 -41.28 -1.60 -62.02
C ILE G 5 -40.68 -2.13 -63.31
N ASN G 6 -40.16 -1.25 -64.17
CA ASN G 6 -39.71 -1.76 -65.45
C ASN G 6 -38.28 -1.39 -65.78
N SER G 7 -37.49 -1.03 -64.76
CA SER G 7 -36.05 -0.84 -65.03
C SER G 7 -35.24 -1.08 -63.79
N ARG G 8 -33.94 -1.32 -63.96
CA ARG G 8 -33.08 -1.42 -62.76
C ARG G 8 -33.18 -0.17 -61.90
N GLU G 9 -33.25 0.99 -62.56
CA GLU G 9 -33.31 2.24 -61.82
C GLU G 9 -34.56 2.30 -60.92
N VAL G 10 -35.70 1.91 -61.45
CA VAL G 10 -36.92 1.97 -60.66
C VAL G 10 -36.89 0.87 -59.56
N LEU G 11 -36.41 -0.31 -59.93
CA LEU G 11 -36.24 -1.41 -58.97
C LEU G 11 -35.39 -0.94 -57.79
N ALA G 12 -34.26 -0.27 -58.09
CA ALA G 12 -33.37 0.18 -57.00
C ALA G 12 -34.06 1.08 -55.98
N GLU G 13 -34.84 2.06 -56.45
CA GLU G 13 -35.63 2.89 -55.55
C GLU G 13 -36.63 2.05 -54.73
N LYS G 14 -37.38 1.17 -55.39
CA LYS G 14 -38.44 0.41 -54.70
C LYS G 14 -37.84 -0.53 -53.65
N VAL G 15 -36.74 -1.20 -54.03
CA VAL G 15 -36.07 -2.13 -53.09
C VAL G 15 -35.45 -1.36 -51.91
N LYS G 16 -34.70 -0.27 -52.15
CA LYS G 16 -34.12 0.50 -51.03
C LYS G 16 -35.21 0.99 -50.08
N ASN G 17 -36.31 1.51 -50.65
CA ASN G 17 -37.41 1.98 -49.81
C ASN G 17 -37.99 0.80 -49.01
N ALA G 18 -38.27 -0.32 -49.66
CA ALA G 18 -38.85 -1.47 -48.95
C ALA G 18 -37.90 -1.92 -47.82
N VAL G 19 -36.62 -2.09 -48.13
CA VAL G 19 -35.65 -2.52 -47.12
C VAL G 19 -35.53 -1.53 -45.95
N ASN G 20 -35.46 -0.25 -46.27
CA ASN G 20 -35.33 0.75 -45.23
C ASN G 20 -36.56 0.73 -44.31
N ASN G 21 -37.72 0.59 -44.92
CA ASN G 21 -38.99 0.70 -44.18
C ASN G 21 -39.46 -0.57 -43.45
N GLN G 22 -38.88 -1.73 -43.80
CA GLN G 22 -39.27 -2.99 -43.18
C GLN G 22 -38.82 -3.05 -41.69
N PRO G 23 -39.78 -3.16 -40.75
CA PRO G 23 -39.31 -3.38 -39.36
C PRO G 23 -38.56 -4.70 -39.17
N VAL G 24 -37.49 -4.64 -38.41
CA VAL G 24 -36.59 -5.76 -38.25
C VAL G 24 -36.94 -6.58 -36.98
N THR G 25 -36.89 -7.89 -37.11
CA THR G 25 -36.77 -8.73 -35.91
C THR G 25 -35.31 -9.09 -35.87
N ASP G 26 -34.64 -8.74 -34.79
CA ASP G 26 -33.21 -8.97 -34.62
C ASP G 26 -33.12 -10.25 -33.80
N MET G 27 -32.88 -11.37 -34.47
CA MET G 27 -33.10 -12.67 -33.80
C MET G 27 -31.99 -13.24 -32.94
N HIS G 28 -30.87 -12.52 -32.80
CA HIS G 28 -29.86 -12.86 -31.80
C HIS G 28 -29.08 -11.63 -31.36
N THR G 29 -29.24 -11.17 -30.09
CA THR G 29 -28.48 -10.03 -29.59
C THR G 29 -28.07 -10.34 -28.15
N HIS G 30 -27.26 -9.46 -27.58
CA HIS G 30 -26.89 -9.50 -26.16
C HIS G 30 -27.49 -8.32 -25.45
N LEU G 31 -28.66 -7.94 -25.91
CA LEU G 31 -29.38 -6.78 -25.32
C LEU G 31 -30.39 -7.34 -24.30
N PHE G 32 -30.88 -6.46 -23.40
CA PHE G 32 -31.86 -6.88 -22.39
C PHE G 32 -33.00 -5.87 -22.30
N SER G 33 -34.20 -6.37 -22.03
CA SER G 33 -35.36 -5.53 -21.69
C SER G 33 -34.93 -4.50 -20.63
N PRO G 34 -35.33 -3.22 -20.79
CA PRO G 34 -34.74 -2.20 -19.89
C PRO G 34 -35.10 -2.38 -18.38
N ASN G 35 -36.20 -3.06 -18.10
CA ASN G 35 -36.60 -3.33 -16.69
C ASN G 35 -35.69 -4.37 -15.98
N PHE G 36 -34.75 -4.95 -16.75
CA PHE G 36 -33.80 -5.90 -16.17
C PHE G 36 -32.62 -5.20 -15.54
N GLY G 37 -32.56 -3.87 -15.64
CA GLY G 37 -31.51 -3.11 -14.98
C GLY G 37 -30.27 -2.83 -15.80
N GLU G 38 -29.15 -2.64 -15.11
CA GLU G 38 -27.92 -2.12 -15.70
C GLU G 38 -27.23 -3.06 -16.67
N ILE G 39 -27.72 -4.29 -16.80
CA ILE G 39 -27.10 -5.21 -17.75
C ILE G 39 -27.41 -4.83 -19.19
N LEU G 40 -28.45 -4.01 -19.37
CA LEU G 40 -28.64 -3.36 -20.67
C LEU G 40 -27.60 -2.25 -20.81
N LEU G 41 -26.60 -2.46 -21.68
CA LEU G 41 -25.56 -1.51 -21.88
C LEU G 41 -25.98 -0.52 -22.96
N TRP G 42 -25.71 0.76 -22.73
CA TRP G 42 -26.03 1.80 -23.69
C TRP G 42 -25.17 3.01 -23.45
N ASP G 43 -24.91 3.76 -24.54
CA ASP G 43 -24.23 5.08 -24.58
C ASP G 43 -22.86 5.08 -25.29
N ILE G 44 -22.30 6.26 -25.54
CA ILE G 44 -21.10 6.39 -26.35
C ILE G 44 -19.90 5.70 -25.70
N ASP G 45 -19.82 5.73 -24.36
CA ASP G 45 -18.67 5.07 -23.73
C ASP G 45 -18.78 3.57 -23.84
N GLU G 46 -19.99 3.04 -23.73
CA GLU G 46 -20.22 1.62 -23.93
C GLU G 46 -19.88 1.26 -25.40
N LEU G 47 -20.27 2.13 -26.33
CA LEU G 47 -20.00 1.86 -27.79
C LEU G 47 -18.50 1.80 -28.05
N LEU G 48 -17.74 2.75 -27.52
CA LEU G 48 -16.30 2.79 -27.75
C LEU G 48 -15.54 1.68 -27.06
N THR G 49 -16.13 1.12 -26.00
CA THR G 49 -15.43 0.09 -25.23
C THR G 49 -15.89 -1.34 -25.54
N TYR G 50 -16.74 -1.47 -26.56
CA TYR G 50 -17.10 -2.76 -27.15
C TYR G 50 -15.82 -3.54 -27.35
N HIS G 51 -15.88 -4.86 -27.14
CA HIS G 51 -14.65 -5.67 -27.19
C HIS G 51 -14.04 -5.69 -28.58
N TYR G 52 -14.86 -5.50 -29.62
CA TYR G 52 -14.29 -5.36 -30.99
C TYR G 52 -13.29 -4.23 -31.05
N LEU G 53 -13.59 -3.10 -30.40
CA LEU G 53 -12.65 -1.99 -30.39
C LEU G 53 -11.46 -2.18 -29.43
N VAL G 54 -11.67 -2.97 -28.36
CA VAL G 54 -10.58 -3.31 -27.44
C VAL G 54 -9.49 -4.07 -28.19
N ALA G 55 -9.88 -5.08 -28.98
CA ALA G 55 -8.90 -5.76 -29.84
C ALA G 55 -8.16 -4.80 -30.75
N GLU G 56 -8.90 -3.90 -31.40
CA GLU G 56 -8.28 -3.02 -32.38
C GLU G 56 -7.30 -2.00 -31.72
N VAL G 57 -7.68 -1.50 -30.54
CA VAL G 57 -6.84 -0.51 -29.88
C VAL G 57 -5.51 -1.12 -29.44
N MET G 58 -5.58 -2.37 -28.99
CA MET G 58 -4.38 -3.08 -28.52
C MET G 58 -3.34 -3.32 -29.64
N ARG G 59 -3.80 -3.33 -30.89
CA ARG G 59 -2.85 -3.26 -32.04
C ARG G 59 -2.04 -1.99 -32.18
N TRP G 60 -2.49 -0.88 -31.58
CA TRP G 60 -1.79 0.39 -31.76
C TRP G 60 -1.16 0.89 -30.49
N THR G 61 -1.92 0.79 -29.40
CA THR G 61 -1.54 1.52 -28.19
C THR G 61 -0.36 0.91 -27.45
N ASP G 62 0.39 1.76 -26.75
CA ASP G 62 1.44 1.25 -25.87
C ASP G 62 1.00 1.03 -24.43
N VAL G 63 -0.22 1.44 -24.11
CA VAL G 63 -0.84 1.07 -22.83
C VAL G 63 -0.93 -0.46 -22.74
N SER G 64 -0.54 -1.02 -21.59
CA SER G 64 -0.61 -2.48 -21.40
C SER G 64 -2.03 -2.94 -21.23
N ILE G 65 -2.28 -4.21 -21.53
CA ILE G 65 -3.61 -4.74 -21.35
C ILE G 65 -4.04 -4.61 -19.85
N GLU G 66 -3.10 -4.84 -18.93
CA GLU G 66 -3.32 -4.67 -17.46
C GLU G 66 -3.76 -3.25 -17.15
N ALA G 67 -2.97 -2.28 -17.62
CA ALA G 67 -3.25 -0.88 -17.37
C ALA G 67 -4.57 -0.50 -17.99
N PHE G 68 -4.91 -1.09 -19.14
CA PHE G 68 -6.20 -0.83 -19.76
C PHE G 68 -7.38 -1.29 -18.89
N TRP G 69 -7.32 -2.52 -18.37
CA TRP G 69 -8.48 -3.00 -17.63
C TRP G 69 -8.65 -2.23 -16.31
N ALA G 70 -7.56 -1.64 -15.83
CA ALA G 70 -7.61 -0.90 -14.57
C ALA G 70 -8.28 0.47 -14.74
N MET G 71 -8.33 0.97 -15.98
CA MET G 71 -8.95 2.29 -16.27
C MET G 71 -10.47 2.23 -16.11
N SER G 72 -11.09 3.40 -15.89
CA SER G 72 -12.56 3.51 -15.88
C SER G 72 -13.06 3.37 -17.31
N LYS G 73 -14.35 3.14 -17.46
CA LYS G 73 -14.95 3.07 -18.80
C LYS G 73 -14.70 4.38 -19.55
N ARG G 74 -14.83 5.50 -18.85
CA ARG G 74 -14.59 6.78 -19.54
C ARG G 74 -13.17 6.95 -20.04
N GLU G 75 -12.19 6.55 -19.23
CA GLU G 75 -10.79 6.67 -19.63
C GLU G 75 -10.48 5.72 -20.79
N GLN G 76 -11.06 4.52 -20.75
CA GLN G 76 -10.88 3.52 -21.83
C GLN G 76 -11.46 4.08 -23.11
N ALA G 77 -12.69 4.61 -23.02
CA ALA G 77 -13.30 5.31 -24.18
C ALA G 77 -12.44 6.44 -24.76
N ASP G 78 -11.91 7.31 -23.89
CA ASP G 78 -10.96 8.33 -24.32
C ASP G 78 -9.75 7.78 -25.08
N LEU G 79 -9.17 6.70 -24.55
CA LEU G 79 -7.99 6.08 -25.16
C LEU G 79 -8.38 5.54 -26.57
N ILE G 80 -9.49 4.81 -26.63
CA ILE G 80 -9.97 4.22 -27.90
C ILE G 80 -10.27 5.31 -28.95
N TRP G 81 -10.90 6.41 -28.49
CA TRP G 81 -11.19 7.50 -29.41
C TRP G 81 -9.90 8.07 -29.98
N GLU G 82 -8.94 8.37 -29.10
CA GLU G 82 -7.71 8.94 -29.53
C GLU G 82 -6.92 8.02 -30.48
N GLU G 83 -6.79 6.76 -30.14
CA GLU G 83 -5.92 5.88 -30.89
C GLU G 83 -6.51 5.47 -32.23
N LEU G 84 -7.83 5.29 -32.28
CA LEU G 84 -8.50 4.67 -33.45
C LEU G 84 -9.24 5.65 -34.37
N PHE G 85 -9.52 6.86 -33.84
CA PHE G 85 -10.28 7.89 -34.56
C PHE G 85 -9.46 9.12 -34.90
N ILE G 86 -8.59 9.51 -33.95
CA ILE G 86 -7.85 10.73 -34.11
C ILE G 86 -6.46 10.47 -34.67
N LYS G 87 -5.73 9.50 -34.11
CA LYS G 87 -4.35 9.21 -34.57
C LYS G 87 -4.29 8.40 -35.88
N ARG G 88 -5.39 7.72 -36.20
CA ARG G 88 -5.58 7.11 -37.55
C ARG G 88 -7.05 7.29 -37.89
N SER G 89 -7.39 7.26 -39.19
CA SER G 89 -8.78 7.40 -39.62
C SER G 89 -9.57 6.17 -39.21
N PRO G 90 -10.80 6.38 -38.67
CA PRO G 90 -11.66 5.30 -38.18
C PRO G 90 -12.34 4.52 -39.32
N VAL G 91 -11.51 3.92 -40.19
CA VAL G 91 -11.99 3.22 -41.42
C VAL G 91 -12.46 1.77 -41.22
N SER G 92 -12.11 1.14 -40.08
CA SER G 92 -12.55 -0.25 -39.83
C SER G 92 -14.06 -0.33 -39.66
N GLU G 93 -14.60 -1.54 -39.82
CA GLU G 93 -16.07 -1.70 -39.74
C GLU G 93 -16.62 -1.26 -38.34
N ALA G 94 -15.94 -1.71 -37.27
CA ALA G 94 -16.39 -1.41 -35.91
C ALA G 94 -16.27 0.08 -35.60
N CYS G 95 -15.21 0.74 -36.07
CA CYS G 95 -15.06 2.18 -35.89
C CYS G 95 -16.08 2.96 -36.73
N ARG G 96 -16.19 2.63 -38.01
CA ARG G 96 -17.31 3.16 -38.81
C ARG G 96 -18.67 3.01 -38.11
N GLY G 97 -18.96 1.84 -37.51
CA GLY G 97 -20.21 1.63 -36.80
C GLY G 97 -20.48 2.70 -35.75
N VAL G 98 -19.45 3.09 -35.00
CA VAL G 98 -19.67 4.03 -33.89
C VAL G 98 -20.14 5.36 -34.50
N LEU G 99 -19.50 5.73 -35.62
CA LEU G 99 -19.89 6.97 -36.34
C LEU G 99 -21.33 6.93 -36.86
N THR G 100 -21.73 5.82 -37.47
CA THR G 100 -23.07 5.66 -37.92
C THR G 100 -24.07 5.83 -36.76
N CYS G 101 -23.75 5.25 -35.60
CA CYS G 101 -24.65 5.45 -34.44
C CYS G 101 -24.83 6.91 -34.06
N LEU G 102 -23.72 7.64 -33.95
CA LEU G 102 -23.72 9.05 -33.56
C LEU G 102 -24.59 9.82 -34.55
N GLN G 103 -24.40 9.57 -35.85
CA GLN G 103 -25.17 10.31 -36.84
C GLN G 103 -26.64 9.99 -36.73
N GLY G 104 -26.97 8.71 -36.52
CA GLY G 104 -28.33 8.24 -36.46
C GLY G 104 -29.08 8.93 -35.34
N LEU G 105 -28.37 9.24 -34.27
CA LEU G 105 -28.98 9.87 -33.07
C LEU G 105 -29.11 11.38 -33.25
N GLY G 106 -28.62 11.88 -34.38
CA GLY G 106 -28.62 13.32 -34.65
C GLY G 106 -27.44 14.05 -34.07
N LEU G 107 -26.44 13.32 -33.57
CA LEU G 107 -25.17 13.89 -33.17
C LEU G 107 -24.31 14.06 -34.39
N ASP G 108 -23.26 14.85 -34.30
CA ASP G 108 -22.55 15.18 -35.50
C ASP G 108 -21.09 14.72 -35.45
N PRO G 109 -20.77 13.59 -36.13
CA PRO G 109 -19.37 13.18 -36.14
C PRO G 109 -18.37 14.17 -36.72
N ALA G 110 -18.83 15.13 -37.52
CA ALA G 110 -17.90 16.13 -38.08
C ALA G 110 -17.09 16.87 -37.00
N THR G 111 -17.73 17.16 -35.86
CA THR G 111 -17.10 17.99 -34.82
C THR G 111 -16.08 17.21 -33.98
N ARG G 112 -16.21 15.87 -34.00
CA ARG G 112 -15.35 15.01 -33.18
C ARG G 112 -15.45 15.39 -31.71
N ASP G 113 -16.59 15.97 -31.35
CA ASP G 113 -16.73 16.55 -30.00
C ASP G 113 -17.34 15.53 -29.08
N LEU G 114 -16.49 14.68 -28.51
CA LEU G 114 -16.93 13.57 -27.67
C LEU G 114 -17.64 14.04 -26.40
N GLN G 115 -17.17 15.17 -25.87
CA GLN G 115 -17.86 15.85 -24.76
C GLN G 115 -19.34 16.12 -25.03
N VAL G 116 -19.63 16.76 -26.15
CA VAL G 116 -21.03 16.99 -26.54
C VAL G 116 -21.77 15.69 -26.77
N TYR G 117 -21.11 14.65 -27.33
CA TYR G 117 -21.82 13.40 -27.57
C TYR G 117 -22.22 12.78 -26.24
N ARG G 118 -21.31 12.83 -25.28
CA ARG G 118 -21.58 12.33 -23.94
C ARG G 118 -22.80 13.02 -23.28
N GLU G 119 -22.89 14.34 -23.44
CA GLU G 119 -24.04 15.09 -22.83
C GLU G 119 -25.40 14.54 -23.28
N TYR G 120 -25.46 14.04 -24.52
CA TYR G 120 -26.72 13.54 -25.07
C TYR G 120 -27.31 12.41 -24.24
N PHE G 121 -26.46 11.49 -23.81
CA PHE G 121 -26.93 10.31 -23.11
C PHE G 121 -27.19 10.64 -21.65
N ALA G 122 -26.46 11.62 -21.13
CA ALA G 122 -26.43 11.89 -19.69
C ALA G 122 -27.81 12.29 -19.18
N LYS G 123 -28.60 12.94 -20.03
CA LYS G 123 -29.95 13.38 -19.65
C LYS G 123 -31.11 12.40 -19.94
N LYS G 124 -30.80 11.15 -20.25
CA LYS G 124 -31.83 10.23 -20.72
C LYS G 124 -31.97 9.02 -19.82
N THR G 125 -33.17 8.44 -19.75
CA THR G 125 -33.33 7.13 -19.10
C THR G 125 -33.08 5.98 -20.07
N SER G 126 -32.77 4.79 -19.55
CA SER G 126 -32.73 3.55 -20.36
C SER G 126 -33.99 3.38 -21.20
N GLU G 127 -35.16 3.62 -20.60
CA GLU G 127 -36.43 3.29 -21.26
C GLU G 127 -36.65 4.21 -22.46
N GLU G 128 -36.29 5.48 -22.27
CA GLU G 128 -36.31 6.50 -23.32
C GLU G 128 -35.37 6.13 -24.46
N GLN G 129 -34.13 5.78 -24.10
CA GLN G 129 -33.11 5.45 -25.11
C GLN G 129 -33.50 4.20 -25.93
N VAL G 130 -34.17 3.25 -25.30
CA VAL G 130 -34.65 2.06 -26.03
C VAL G 130 -35.66 2.53 -27.07
N ASP G 131 -36.61 3.37 -26.63
CA ASP G 131 -37.63 3.89 -27.54
C ASP G 131 -37.00 4.65 -28.69
N THR G 132 -36.04 5.51 -28.39
CA THR G 132 -35.31 6.22 -29.43
C THR G 132 -34.59 5.25 -30.39
N VAL G 133 -33.81 4.33 -29.84
CA VAL G 133 -32.99 3.46 -30.70
C VAL G 133 -33.81 2.52 -31.57
N LEU G 134 -34.81 1.89 -30.98
CA LEU G 134 -35.65 0.96 -31.72
C LEU G 134 -36.42 1.67 -32.85
N GLN G 135 -36.82 2.92 -32.60
CA GLN G 135 -37.50 3.66 -33.65
C GLN G 135 -36.48 3.98 -34.78
N LEU G 136 -35.32 4.51 -34.39
CA LEU G 136 -34.29 4.92 -35.37
C LEU G 136 -33.71 3.75 -36.17
N ALA G 137 -33.52 2.58 -35.53
CA ALA G 137 -33.02 1.37 -36.23
C ALA G 137 -34.12 0.59 -36.91
N ASN G 138 -35.36 1.05 -36.74
CA ASN G 138 -36.54 0.35 -37.26
C ASN G 138 -36.54 -1.14 -36.87
N VAL G 139 -36.32 -1.40 -35.59
CA VAL G 139 -36.32 -2.77 -35.07
C VAL G 139 -37.62 -2.93 -34.24
N SER G 140 -38.44 -3.89 -34.62
CA SER G 140 -39.70 -4.10 -33.91
C SER G 140 -39.51 -5.07 -32.75
N ASP G 141 -38.59 -6.02 -32.89
CA ASP G 141 -38.51 -7.15 -31.97
C ASP G 141 -37.04 -7.51 -31.78
N VAL G 142 -36.63 -7.72 -30.52
CA VAL G 142 -35.25 -8.03 -30.15
C VAL G 142 -35.21 -9.37 -29.42
N VAL G 143 -34.37 -10.30 -29.88
CA VAL G 143 -34.23 -11.56 -29.14
C VAL G 143 -32.97 -11.43 -28.27
N MET G 144 -33.14 -11.66 -26.96
CA MET G 144 -32.06 -11.53 -26.00
C MET G 144 -31.26 -12.86 -25.92
N THR G 145 -30.14 -12.82 -25.18
CA THR G 145 -29.44 -14.03 -24.76
C THR G 145 -29.55 -14.11 -23.23
N ASN G 146 -30.33 -15.07 -22.76
CA ASN G 146 -30.65 -15.12 -21.33
C ASN G 146 -29.99 -16.35 -20.71
N ASP G 147 -29.16 -16.10 -19.73
CA ASP G 147 -28.28 -17.13 -19.18
C ASP G 147 -28.74 -17.42 -17.74
N PRO G 148 -29.39 -18.57 -17.54
CA PRO G 148 -29.87 -18.97 -16.20
C PRO G 148 -28.73 -19.37 -15.26
N PHE G 149 -27.50 -19.37 -15.77
CA PHE G 149 -26.31 -19.70 -14.97
C PHE G 149 -25.60 -18.44 -14.51
N ASP G 150 -26.14 -17.28 -14.90
CA ASP G 150 -25.62 -16.03 -14.39
C ASP G 150 -26.48 -15.64 -13.20
N ASP G 151 -25.86 -15.49 -12.03
CA ASP G 151 -26.55 -15.19 -10.77
C ASP G 151 -27.47 -14.00 -10.93
N ASN G 152 -26.86 -12.89 -11.32
CA ASN G 152 -27.55 -11.65 -11.61
C ASN G 152 -28.81 -11.87 -12.48
N GLU G 153 -28.66 -12.42 -13.69
CA GLU G 153 -29.82 -12.65 -14.58
C GLU G 153 -30.86 -13.60 -14.00
N ARG G 154 -30.38 -14.62 -13.28
CA ARG G 154 -31.23 -15.65 -12.69
C ARG G 154 -32.31 -14.98 -11.82
N ILE G 155 -31.93 -13.93 -11.08
CA ILE G 155 -32.83 -13.28 -10.10
C ILE G 155 -34.14 -12.76 -10.70
N SER G 156 -34.06 -11.93 -11.74
CA SER G 156 -35.26 -11.31 -12.31
C SER G 156 -36.22 -12.36 -12.81
N TRP G 157 -35.66 -13.41 -13.42
CA TRP G 157 -36.48 -14.53 -13.83
C TRP G 157 -37.14 -15.16 -12.61
N LEU G 158 -36.38 -15.33 -11.55
CA LEU G 158 -36.91 -16.03 -10.34
C LEU G 158 -37.98 -15.21 -9.64
N GLU G 159 -37.79 -13.88 -9.68
CA GLU G 159 -38.79 -12.91 -9.22
C GLU G 159 -39.98 -12.68 -10.16
N GLY G 160 -40.03 -13.38 -11.29
CA GLY G 160 -41.20 -13.31 -12.16
C GLY G 160 -41.28 -12.01 -12.98
N LYS G 161 -40.16 -11.31 -13.05
CA LYS G 161 -40.07 -10.11 -13.89
C LYS G 161 -40.15 -10.52 -15.37
N GLN G 162 -41.02 -9.85 -16.11
CA GLN G 162 -41.23 -10.24 -17.50
C GLN G 162 -40.61 -9.17 -18.39
N PRO G 163 -40.00 -9.60 -19.51
CA PRO G 163 -39.46 -8.57 -20.41
C PRO G 163 -40.59 -7.75 -21.06
N ASP G 164 -40.24 -6.51 -21.37
CA ASP G 164 -40.99 -5.66 -22.29
C ASP G 164 -41.42 -6.50 -23.50
N SER G 165 -42.57 -6.23 -24.10
CA SER G 165 -43.11 -7.12 -25.14
C SER G 165 -42.29 -7.10 -26.45
N ARG G 166 -41.40 -6.12 -26.56
CA ARG G 166 -40.51 -6.03 -27.76
C ARG G 166 -39.30 -6.96 -27.62
N PHE G 167 -39.09 -7.47 -26.40
CA PHE G 167 -37.89 -8.25 -26.06
C PHE G 167 -38.30 -9.69 -25.82
N HIS G 168 -37.60 -10.60 -26.48
CA HIS G 168 -37.98 -12.00 -26.44
C HIS G 168 -36.82 -12.78 -25.85
N ALA G 169 -37.12 -13.87 -25.15
CA ALA G 169 -36.04 -14.64 -24.54
C ALA G 169 -35.51 -15.75 -25.40
N ALA G 170 -34.23 -16.05 -25.16
CA ALA G 170 -33.63 -17.28 -25.69
C ALA G 170 -32.76 -17.88 -24.62
N LEU G 171 -32.86 -19.18 -24.43
CA LEU G 171 -32.22 -19.85 -23.29
C LEU G 171 -30.79 -20.23 -23.66
N ARG G 172 -29.79 -19.64 -23.02
CA ARG G 172 -28.38 -19.94 -23.34
C ARG G 172 -27.86 -21.10 -22.48
N LEU G 173 -27.30 -22.13 -23.13
CA LEU G 173 -26.99 -23.41 -22.46
C LEU G 173 -25.48 -23.77 -22.37
N ASP G 174 -24.62 -22.82 -22.71
CA ASP G 174 -23.18 -23.12 -22.81
C ASP G 174 -22.62 -23.78 -21.53
N PRO G 175 -22.93 -23.23 -20.32
CA PRO G 175 -22.39 -23.92 -19.11
C PRO G 175 -22.86 -25.37 -18.95
N LEU G 176 -24.13 -25.65 -19.23
CA LEU G 176 -24.67 -26.99 -19.13
C LEU G 176 -23.98 -27.95 -20.12
N LEU G 177 -23.86 -27.51 -21.37
CA LEU G 177 -23.41 -28.40 -22.46
C LEU G 177 -21.89 -28.46 -22.58
N ASN G 178 -21.23 -27.33 -22.34
CA ASN G 178 -19.79 -27.22 -22.50
C ASN G 178 -18.96 -27.38 -21.22
N GLU G 179 -19.58 -27.15 -20.06
CA GLU G 179 -18.84 -27.18 -18.81
C GLU G 179 -19.62 -28.01 -17.78
N TYR G 180 -20.16 -29.16 -18.22
CA TYR G 180 -21.01 -29.96 -17.36
C TYR G 180 -20.36 -30.36 -16.03
N GLU G 181 -19.13 -30.85 -16.07
CA GLU G 181 -18.41 -31.23 -14.83
C GLU G 181 -18.47 -30.16 -13.73
N GLN G 182 -18.23 -28.89 -14.09
CA GLN G 182 -18.30 -27.78 -13.14
C GLN G 182 -19.74 -27.39 -12.81
N THR G 183 -20.61 -27.45 -13.82
CA THR G 183 -21.98 -26.98 -13.71
C THR G 183 -22.88 -27.88 -12.87
N LYS G 184 -22.63 -29.19 -12.88
CA LYS G 184 -23.49 -30.14 -12.18
C LYS G 184 -23.57 -29.83 -10.68
N HIS G 185 -22.49 -29.32 -10.10
CA HIS G 185 -22.49 -28.94 -8.68
C HIS G 185 -23.51 -27.84 -8.42
N ARG G 186 -23.53 -26.82 -9.28
CA ARG G 186 -24.53 -25.75 -9.20
C ARG G 186 -25.94 -26.29 -9.38
N LEU G 187 -26.11 -27.21 -10.32
CA LEU G 187 -27.40 -27.85 -10.58
C LEU G 187 -27.95 -28.55 -9.34
N ARG G 188 -27.08 -29.31 -8.68
CA ARG G 188 -27.53 -30.02 -7.48
C ARG G 188 -27.85 -29.02 -6.35
N ASP G 189 -27.03 -27.99 -6.17
CA ASP G 189 -27.41 -26.99 -5.16
C ASP G 189 -28.56 -26.04 -5.58
N TRP G 190 -29.14 -26.27 -6.76
CA TRP G 190 -30.42 -25.70 -7.18
C TRP G 190 -31.53 -26.75 -7.13
N GLY G 191 -31.21 -27.92 -6.58
CA GLY G 191 -32.21 -28.96 -6.40
C GLY G 191 -32.33 -29.95 -7.53
N TYR G 192 -31.45 -29.84 -8.51
CA TYR G 192 -31.49 -30.78 -9.63
C TYR G 192 -30.59 -31.96 -9.31
N LYS G 193 -31.23 -33.12 -9.22
CA LYS G 193 -30.61 -34.30 -8.61
C LYS G 193 -29.86 -35.14 -9.61
N VAL G 194 -28.75 -34.58 -10.07
CA VAL G 194 -27.92 -35.25 -11.04
C VAL G 194 -26.87 -36.09 -10.32
N ASN G 195 -26.75 -37.33 -10.77
CA ASN G 195 -25.81 -38.30 -10.23
C ASN G 195 -24.46 -38.20 -10.94
N ASP G 196 -23.40 -38.69 -10.28
CA ASP G 196 -22.06 -38.73 -10.90
C ASP G 196 -22.06 -39.57 -12.17
N GLU G 197 -22.93 -40.57 -12.22
CA GLU G 197 -23.04 -41.37 -13.41
C GLU G 197 -24.22 -40.93 -14.27
N TRP G 198 -24.09 -41.12 -15.58
CA TRP G 198 -25.10 -40.67 -16.52
C TRP G 198 -26.17 -41.74 -16.62
N ASN G 199 -27.00 -41.83 -15.59
CA ASN G 199 -28.09 -42.79 -15.56
C ASN G 199 -29.40 -42.08 -15.78
N GLU G 200 -30.50 -42.85 -15.75
CA GLU G 200 -31.82 -42.31 -16.02
C GLU G 200 -32.24 -41.19 -15.06
N GLY G 201 -31.71 -41.23 -13.84
CA GLY G 201 -31.95 -40.17 -12.87
C GLY G 201 -31.38 -38.87 -13.38
N SER G 202 -30.07 -38.87 -13.65
CA SER G 202 -29.35 -37.71 -14.20
C SER G 202 -30.01 -37.14 -15.45
N ILE G 203 -30.39 -38.02 -16.37
CA ILE G 203 -31.12 -37.64 -17.58
C ILE G 203 -32.39 -36.87 -17.24
N GLN G 204 -33.21 -37.42 -16.34
CA GLN G 204 -34.50 -36.82 -16.02
C GLN G 204 -34.40 -35.48 -15.33
N GLU G 205 -33.37 -35.34 -14.50
CA GLU G 205 -33.13 -34.10 -13.75
C GLU G 205 -32.53 -32.98 -14.61
N VAL G 206 -31.78 -33.35 -15.66
CA VAL G 206 -31.34 -32.35 -16.64
C VAL G 206 -32.56 -31.89 -17.50
N LYS G 207 -33.41 -32.86 -17.86
CA LYS G 207 -34.65 -32.57 -18.62
C LYS G 207 -35.58 -31.66 -17.85
N ARG G 208 -35.70 -31.93 -16.54
CA ARG G 208 -36.51 -31.11 -15.66
C ARG G 208 -35.93 -29.68 -15.57
N PHE G 209 -34.60 -29.57 -15.48
CA PHE G 209 -33.95 -28.27 -15.52
C PHE G 209 -34.26 -27.50 -16.80
N LEU G 210 -34.11 -28.15 -17.96
CA LEU G 210 -34.49 -27.50 -19.23
C LEU G 210 -35.97 -27.09 -19.20
N THR G 211 -36.82 -28.01 -18.75
CA THR G 211 -38.26 -27.79 -18.77
C THR G 211 -38.72 -26.64 -17.88
N ASP G 212 -38.10 -26.52 -16.70
CA ASP G 212 -38.41 -25.44 -15.76
C ASP G 212 -38.06 -24.08 -16.37
N TRP G 213 -36.90 -24.03 -17.03
CA TRP G 213 -36.43 -22.79 -17.67
C TRP G 213 -37.21 -22.40 -18.94
N ILE G 214 -37.62 -23.41 -19.70
CA ILE G 214 -38.55 -23.17 -20.78
C ILE G 214 -39.81 -22.51 -20.20
N GLU G 215 -40.36 -23.11 -19.14
CA GLU G 215 -41.60 -22.58 -18.57
C GLU G 215 -41.42 -21.13 -18.10
N ARG G 216 -40.27 -20.85 -17.50
CA ARG G 216 -39.96 -19.59 -16.83
C ARG G 216 -39.63 -18.43 -17.81
N MET G 217 -38.98 -18.79 -18.91
CA MET G 217 -38.55 -17.81 -19.92
C MET G 217 -39.44 -17.72 -21.15
N ASP G 218 -40.10 -18.82 -21.50
CA ASP G 218 -40.83 -18.96 -22.74
C ASP G 218 -39.90 -18.59 -23.93
N PRO G 219 -38.74 -19.25 -24.03
CA PRO G 219 -37.75 -18.89 -25.06
C PRO G 219 -38.20 -19.25 -26.48
N VAL G 220 -37.75 -18.44 -27.44
CA VAL G 220 -37.99 -18.70 -28.84
C VAL G 220 -37.05 -19.79 -29.38
N TYR G 221 -35.86 -19.94 -28.79
CA TYR G 221 -34.98 -21.08 -29.10
C TYR G 221 -34.07 -21.33 -27.90
N MET G 222 -33.36 -22.47 -27.88
CA MET G 222 -32.31 -22.72 -26.89
C MET G 222 -31.01 -22.65 -27.66
N ALA G 223 -29.97 -22.07 -27.07
CA ALA G 223 -28.76 -21.71 -27.83
C ALA G 223 -27.50 -22.28 -27.21
N VAL G 224 -26.49 -22.57 -28.01
CA VAL G 224 -25.13 -22.87 -27.52
C VAL G 224 -24.10 -22.39 -28.55
N SER G 225 -22.92 -21.97 -28.08
CA SER G 225 -21.81 -21.68 -28.99
C SER G 225 -20.81 -22.83 -28.85
N LEU G 226 -20.20 -23.21 -29.97
CA LEU G 226 -19.47 -24.48 -30.06
C LEU G 226 -18.10 -24.27 -30.71
N PRO G 227 -17.10 -25.09 -30.34
CA PRO G 227 -15.77 -24.91 -30.90
C PRO G 227 -15.63 -25.51 -32.31
N PRO G 228 -14.51 -25.19 -33.00
CA PRO G 228 -14.27 -25.74 -34.35
C PRO G 228 -14.24 -27.29 -34.36
N THR G 229 -13.90 -27.87 -33.20
CA THR G 229 -13.75 -29.33 -33.05
C THR G 229 -15.10 -30.01 -32.76
N PHE G 230 -16.18 -29.24 -32.70
CA PHE G 230 -17.49 -29.83 -32.48
C PHE G 230 -17.80 -31.11 -33.30
N SER G 231 -18.21 -32.13 -32.58
CA SER G 231 -18.58 -33.39 -33.22
C SER G 231 -19.81 -33.94 -32.56
N PHE G 232 -20.61 -34.61 -33.37
CA PHE G 232 -21.80 -35.29 -32.92
C PHE G 232 -22.19 -36.43 -33.84
N PRO G 233 -22.51 -37.63 -33.28
CA PRO G 233 -22.57 -38.04 -31.87
C PRO G 233 -21.21 -38.03 -31.23
N GLU G 234 -21.17 -38.02 -29.91
CA GLU G 234 -19.89 -38.02 -29.23
C GLU G 234 -20.13 -38.55 -27.84
N GLU G 235 -19.26 -39.47 -27.37
CA GLU G 235 -19.31 -39.92 -25.98
C GLU G 235 -18.60 -38.91 -25.06
N SER G 236 -19.33 -37.82 -24.78
CA SER G 236 -18.91 -36.75 -23.91
C SER G 236 -20.14 -36.24 -23.18
N ASN G 237 -19.94 -35.39 -22.17
CA ASN G 237 -21.12 -34.81 -21.50
C ASN G 237 -21.96 -34.06 -22.52
N ARG G 238 -21.30 -33.26 -23.37
CA ARG G 238 -22.07 -32.51 -24.41
C ARG G 238 -22.83 -33.45 -25.32
N GLY G 239 -22.17 -34.48 -25.84
CA GLY G 239 -22.87 -35.42 -26.70
C GLY G 239 -24.03 -36.15 -26.04
N ARG G 240 -23.90 -36.49 -24.75
CA ARG G 240 -24.96 -37.19 -24.02
C ARG G 240 -26.14 -36.29 -23.64
N ILE G 241 -25.84 -35.11 -23.11
CA ILE G 241 -26.91 -34.12 -22.82
C ILE G 241 -27.67 -33.70 -24.08
N ILE G 242 -26.96 -33.43 -25.17
CA ILE G 242 -27.68 -33.15 -26.41
C ILE G 242 -28.58 -34.31 -26.82
N ARG G 243 -28.02 -35.52 -26.87
CA ARG G 243 -28.77 -36.70 -27.32
C ARG G 243 -29.94 -37.05 -26.41
N ASP G 244 -29.66 -37.10 -25.11
CA ASP G 244 -30.62 -37.71 -24.16
C ASP G 244 -31.61 -36.70 -23.60
N CYS G 245 -31.22 -35.42 -23.60
CA CYS G 245 -32.01 -34.38 -22.94
C CYS G 245 -32.51 -33.29 -23.87
N LEU G 246 -31.57 -32.55 -24.44
CA LEU G 246 -31.93 -31.31 -25.16
C LEU G 246 -32.81 -31.65 -26.35
N LEU G 247 -32.41 -32.61 -27.17
CA LEU G 247 -33.18 -32.88 -28.38
C LEU G 247 -34.60 -33.34 -28.12
N PRO G 248 -34.76 -34.29 -27.17
CA PRO G 248 -36.13 -34.71 -26.82
C PRO G 248 -37.03 -33.57 -26.28
N VAL G 249 -36.49 -32.74 -25.40
CA VAL G 249 -37.19 -31.60 -24.82
C VAL G 249 -37.52 -30.55 -25.90
N ALA G 250 -36.55 -30.27 -26.78
CA ALA G 250 -36.77 -29.35 -27.89
C ALA G 250 -37.87 -29.86 -28.81
N GLU G 251 -37.86 -31.15 -29.14
CA GLU G 251 -38.89 -31.72 -29.98
C GLU G 251 -40.27 -31.61 -29.31
N LYS G 252 -40.33 -31.94 -28.02
CA LYS G 252 -41.60 -31.90 -27.30
C LYS G 252 -42.24 -30.52 -27.22
N HIS G 253 -41.44 -29.49 -26.96
CA HIS G 253 -41.94 -28.11 -26.97
C HIS G 253 -41.85 -27.37 -28.33
N ASN G 254 -41.53 -28.10 -29.40
CA ASN G 254 -41.30 -27.54 -30.73
C ASN G 254 -40.45 -26.25 -30.72
N ILE G 255 -39.32 -26.32 -30.02
CA ILE G 255 -38.40 -25.17 -29.84
C ILE G 255 -37.11 -25.48 -30.63
N PRO G 256 -36.68 -24.56 -31.55
CA PRO G 256 -35.42 -24.89 -32.21
C PRO G 256 -34.19 -24.85 -31.30
N PHE G 257 -33.14 -25.49 -31.82
CA PHE G 257 -31.84 -25.50 -31.16
C PHE G 257 -30.90 -24.68 -32.03
N ALA G 258 -30.35 -23.61 -31.45
CA ALA G 258 -29.49 -22.67 -32.17
C ALA G 258 -28.08 -23.08 -31.84
N MET G 259 -27.31 -23.37 -32.87
CA MET G 259 -25.90 -23.71 -32.72
C MET G 259 -25.07 -22.63 -33.40
N MET G 260 -24.16 -22.03 -32.64
CA MET G 260 -23.23 -21.04 -33.20
C MET G 260 -21.83 -21.61 -33.14
N ILE G 261 -21.35 -22.07 -34.31
CA ILE G 261 -20.22 -22.98 -34.37
C ILE G 261 -18.97 -22.29 -34.88
N GLY G 262 -17.85 -22.46 -34.18
CA GLY G 262 -16.58 -22.08 -34.76
C GLY G 262 -15.72 -21.23 -33.87
N VAL G 263 -16.16 -20.88 -32.66
CA VAL G 263 -15.35 -19.98 -31.80
C VAL G 263 -14.35 -20.84 -30.99
N LYS G 264 -13.09 -20.41 -31.02
CA LYS G 264 -12.04 -21.03 -30.20
C LYS G 264 -11.78 -20.03 -29.04
N LYS G 265 -12.24 -20.39 -27.85
CA LYS G 265 -12.26 -19.45 -26.71
C LYS G 265 -10.89 -19.19 -26.11
N ARG G 266 -10.67 -17.95 -25.70
CA ARG G 266 -9.55 -17.62 -24.79
C ARG G 266 -8.17 -17.90 -25.39
N VAL G 267 -7.95 -17.63 -26.67
CA VAL G 267 -6.58 -17.81 -27.20
C VAL G 267 -5.63 -16.73 -26.71
N HIS G 268 -6.19 -15.58 -26.33
CA HIS G 268 -5.45 -14.53 -25.65
C HIS G 268 -6.24 -14.16 -24.39
N PRO G 269 -6.08 -14.94 -23.29
CA PRO G 269 -7.01 -14.81 -22.15
C PRO G 269 -7.01 -13.41 -21.55
N ALA G 270 -5.88 -12.73 -21.58
CA ALA G 270 -5.81 -11.36 -21.01
C ALA G 270 -6.81 -10.41 -21.69
N LEU G 271 -7.16 -10.69 -22.95
CA LEU G 271 -8.11 -9.83 -23.64
C LEU G 271 -9.58 -10.02 -23.28
N GLY G 272 -9.88 -11.01 -22.45
CA GLY G 272 -11.25 -11.28 -22.04
C GLY G 272 -12.10 -11.60 -23.24
N ASP G 273 -13.21 -10.90 -23.35
CA ASP G 273 -14.13 -11.09 -24.46
C ASP G 273 -13.51 -10.83 -25.82
N ALA G 274 -12.43 -10.04 -25.89
CA ALA G 274 -11.68 -9.77 -27.15
C ALA G 274 -10.60 -10.84 -27.46
N GLY G 275 -10.63 -11.97 -26.74
CA GLY G 275 -9.53 -12.92 -26.81
C GLY G 275 -9.92 -14.21 -27.53
N ASP G 276 -11.10 -14.23 -28.16
CA ASP G 276 -11.60 -15.45 -28.77
C ASP G 276 -11.23 -15.46 -30.24
N PHE G 277 -11.01 -16.67 -30.76
CA PHE G 277 -10.50 -16.84 -32.12
C PHE G 277 -11.50 -17.72 -32.90
N VAL G 278 -11.08 -18.21 -34.05
CA VAL G 278 -11.99 -18.89 -34.96
C VAL G 278 -11.31 -20.11 -35.58
N GLY G 279 -12.10 -21.13 -35.92
CA GLY G 279 -11.54 -22.24 -36.70
C GLY G 279 -12.65 -22.83 -37.55
N LYS G 280 -12.25 -23.43 -38.68
CA LYS G 280 -13.18 -24.11 -39.54
C LYS G 280 -13.64 -25.37 -38.85
N ALA G 281 -14.94 -25.63 -38.91
CA ALA G 281 -15.49 -26.88 -38.33
C ALA G 281 -15.79 -27.95 -39.39
N SER G 282 -15.86 -29.20 -38.95
CA SER G 282 -16.47 -30.23 -39.79
C SER G 282 -17.97 -30.00 -39.92
N MET G 283 -18.55 -30.34 -41.06
CA MET G 283 -20.02 -30.27 -41.18
C MET G 283 -20.72 -31.57 -40.64
N ASP G 284 -19.92 -32.56 -40.31
CA ASP G 284 -20.45 -33.93 -40.05
C ASP G 284 -21.46 -33.98 -38.93
N GLY G 285 -21.16 -33.25 -37.84
CA GLY G 285 -22.05 -33.30 -36.68
C GLY G 285 -23.35 -32.62 -36.98
N VAL G 286 -23.27 -31.47 -37.68
CA VAL G 286 -24.50 -30.77 -38.07
C VAL G 286 -25.32 -31.62 -39.05
N GLU G 287 -24.67 -32.23 -40.05
CA GLU G 287 -25.31 -33.09 -41.00
C GLU G 287 -26.03 -34.24 -40.24
N HIS G 288 -25.34 -34.87 -39.30
CA HIS G 288 -25.93 -36.00 -38.52
C HIS G 288 -27.18 -35.58 -37.78
N LEU G 289 -27.09 -34.45 -37.09
CA LEU G 289 -28.20 -33.91 -36.29
C LEU G 289 -29.38 -33.63 -37.19
N LEU G 290 -29.12 -32.98 -38.32
CA LEU G 290 -30.24 -32.71 -39.24
C LEU G 290 -30.94 -33.97 -39.78
N ARG G 291 -30.14 -34.93 -40.22
CA ARG G 291 -30.64 -36.16 -40.85
C ARG G 291 -31.37 -37.03 -39.79
N GLU G 292 -30.73 -37.21 -38.64
CA GLU G 292 -31.20 -38.20 -37.64
C GLU G 292 -32.26 -37.66 -36.71
N TYR G 293 -32.41 -36.33 -36.64
CA TYR G 293 -33.46 -35.72 -35.81
C TYR G 293 -34.44 -34.88 -36.66
N PRO G 294 -35.20 -35.54 -37.57
CA PRO G 294 -36.04 -34.78 -38.51
C PRO G 294 -37.14 -33.97 -37.89
N ASN G 295 -37.51 -34.28 -36.65
CA ASN G 295 -38.56 -33.53 -35.98
C ASN G 295 -38.00 -32.51 -35.05
N ASN G 296 -36.68 -32.31 -35.09
CA ASN G 296 -36.08 -31.18 -34.42
C ASN G 296 -35.73 -30.11 -35.47
N LYS G 297 -35.82 -28.87 -35.02
CA LYS G 297 -35.43 -27.69 -35.86
C LYS G 297 -34.12 -27.08 -35.32
N PHE G 298 -33.24 -26.63 -36.24
CA PHE G 298 -31.90 -26.18 -35.89
C PHE G 298 -31.69 -24.83 -36.56
N LEU G 299 -31.22 -23.86 -35.78
CA LEU G 299 -30.75 -22.59 -36.28
C LEU G 299 -29.25 -22.62 -36.20
N VAL G 300 -28.59 -22.33 -37.33
CA VAL G 300 -27.16 -22.40 -37.34
C VAL G 300 -26.53 -21.17 -37.94
N THR G 301 -25.50 -20.69 -37.26
CA THR G 301 -24.57 -19.75 -37.83
C THR G 301 -23.12 -20.23 -37.58
N MET G 302 -22.21 -19.98 -38.52
CA MET G 302 -20.83 -20.44 -38.31
C MET G 302 -19.85 -19.30 -38.45
N LEU G 303 -18.69 -19.45 -37.78
CA LEU G 303 -17.78 -18.34 -37.59
C LEU G 303 -16.70 -18.27 -38.68
N SER G 304 -16.37 -19.43 -39.26
CA SER G 304 -15.25 -19.46 -40.26
C SER G 304 -15.77 -19.06 -41.65
N ARG G 305 -15.00 -18.24 -42.35
CA ARG G 305 -15.34 -17.87 -43.72
C ARG G 305 -15.45 -19.14 -44.57
N GLU G 306 -14.61 -20.14 -44.25
CA GLU G 306 -14.44 -21.34 -45.07
C GLU G 306 -15.54 -22.37 -44.84
N ASN G 307 -16.44 -22.11 -43.88
CA ASN G 307 -17.64 -22.95 -43.70
C ASN G 307 -18.88 -22.44 -44.44
N GLN G 308 -18.85 -21.20 -44.95
CA GLN G 308 -20.12 -20.55 -45.32
C GLN G 308 -20.76 -21.18 -46.50
N HIS G 309 -19.97 -21.45 -47.54
CA HIS G 309 -20.60 -22.00 -48.77
C HIS G 309 -21.22 -23.40 -48.46
N GLU G 310 -20.48 -24.27 -47.78
CA GLU G 310 -20.99 -25.63 -47.50
C GLU G 310 -22.17 -25.60 -46.51
N LEU G 311 -22.20 -24.61 -45.60
CA LEU G 311 -23.40 -24.39 -44.78
C LEU G 311 -24.63 -24.14 -45.67
N VAL G 312 -24.50 -23.25 -46.67
CA VAL G 312 -25.60 -22.97 -47.60
C VAL G 312 -26.01 -24.25 -48.31
N VAL G 313 -25.05 -25.06 -48.75
CA VAL G 313 -25.39 -26.32 -49.43
C VAL G 313 -26.13 -27.25 -48.47
N LEU G 314 -25.70 -27.28 -47.21
CA LEU G 314 -26.37 -28.15 -46.23
C LEU G 314 -27.82 -27.71 -46.07
N ALA G 315 -28.06 -26.40 -46.06
CA ALA G 315 -29.44 -25.86 -46.03
C ALA G 315 -30.28 -26.34 -47.23
N ARG G 316 -29.67 -26.43 -48.41
CA ARG G 316 -30.39 -27.00 -49.56
C ARG G 316 -30.84 -28.45 -49.25
N LYS G 317 -30.11 -29.14 -48.39
CA LYS G 317 -30.37 -30.55 -48.16
C LYS G 317 -31.48 -30.79 -47.15
N PHE G 318 -31.58 -29.93 -46.15
CA PHE G 318 -32.44 -30.14 -44.96
C PHE G 318 -33.35 -28.99 -44.59
N SER G 319 -34.65 -29.20 -44.79
CA SER G 319 -35.65 -28.18 -44.42
C SER G 319 -35.74 -27.89 -42.93
N ASN G 320 -35.25 -28.79 -42.06
CA ASN G 320 -35.17 -28.48 -40.61
C ASN G 320 -33.93 -27.65 -40.21
N LEU G 321 -33.18 -27.18 -41.22
CA LEU G 321 -32.07 -26.24 -40.98
C LEU G 321 -32.49 -24.81 -41.40
N MET G 322 -32.34 -23.86 -40.49
CA MET G 322 -32.45 -22.45 -40.82
C MET G 322 -31.13 -21.80 -40.58
N ILE G 323 -30.53 -21.25 -41.64
CA ILE G 323 -29.24 -20.57 -41.42
C ILE G 323 -29.52 -19.08 -41.22
N PHE G 324 -28.72 -18.44 -40.39
CA PHE G 324 -28.92 -17.04 -40.03
C PHE G 324 -27.64 -16.27 -39.85
N GLY G 325 -27.63 -15.05 -40.40
CA GLY G 325 -26.68 -14.04 -39.98
C GLY G 325 -25.28 -14.21 -40.46
N CYS G 326 -24.55 -13.13 -40.25
CA CYS G 326 -23.13 -13.08 -40.55
C CYS G 326 -22.49 -12.76 -39.23
N TRP G 327 -22.02 -13.81 -38.59
CA TRP G 327 -21.63 -13.74 -37.18
C TRP G 327 -20.22 -13.20 -36.99
N TRP G 328 -20.11 -12.07 -36.29
CA TRP G 328 -18.86 -11.65 -35.63
C TRP G 328 -17.72 -11.33 -36.65
N PHE G 329 -16.73 -12.23 -36.79
CA PHE G 329 -15.69 -12.08 -37.83
C PHE G 329 -16.21 -12.15 -39.28
N MET G 330 -17.44 -12.64 -39.40
CA MET G 330 -18.14 -12.62 -40.72
C MET G 330 -18.87 -11.28 -40.93
N ASN G 331 -18.98 -10.45 -39.88
CA ASN G 331 -19.90 -9.30 -39.92
C ASN G 331 -19.17 -8.05 -40.46
N ASN G 332 -18.58 -8.24 -41.66
CA ASN G 332 -17.79 -7.24 -42.33
C ASN G 332 -18.29 -7.17 -43.77
N PRO G 333 -18.38 -5.95 -44.35
CA PRO G 333 -18.99 -5.84 -45.70
C PRO G 333 -18.53 -6.84 -46.76
N GLU G 334 -17.25 -7.10 -46.86
CA GLU G 334 -16.73 -7.97 -47.88
C GLU G 334 -17.33 -9.36 -47.68
N ILE G 335 -17.48 -9.79 -46.42
CA ILE G 335 -17.97 -11.15 -46.13
C ILE G 335 -19.50 -11.15 -46.16
N ILE G 336 -20.15 -10.12 -45.59
CA ILE G 336 -21.61 -10.02 -45.68
C ILE G 336 -22.04 -10.13 -47.15
N ASN G 337 -21.32 -9.44 -48.03
CA ASN G 337 -21.72 -9.45 -49.38
C ASN G 337 -21.58 -10.86 -50.00
N GLU G 338 -20.39 -11.49 -49.92
CA GLU G 338 -20.26 -12.83 -50.57
C GLU G 338 -21.25 -13.84 -49.96
N MET G 339 -21.44 -13.76 -48.64
CA MET G 339 -22.36 -14.72 -47.98
C MET G 339 -23.80 -14.57 -48.44
N THR G 340 -24.28 -13.32 -48.51
CA THR G 340 -25.67 -13.04 -48.82
C THR G 340 -25.92 -13.44 -50.27
N ARG G 341 -24.95 -13.21 -51.15
CA ARG G 341 -25.13 -13.62 -52.52
C ARG G 341 -25.16 -15.15 -52.67
N MET G 342 -24.23 -15.84 -51.99
CA MET G 342 -24.19 -17.31 -52.05
C MET G 342 -25.53 -17.86 -51.52
N ARG G 343 -25.97 -17.31 -50.39
CA ARG G 343 -27.24 -17.75 -49.79
C ARG G 343 -28.46 -17.51 -50.70
N MET G 344 -28.59 -16.30 -51.26
CA MET G 344 -29.72 -16.06 -52.14
C MET G 344 -29.66 -16.87 -53.43
N GLU G 345 -28.47 -17.07 -53.98
CA GLU G 345 -28.34 -17.87 -55.21
C GLU G 345 -28.80 -19.32 -55.04
N MET G 346 -28.49 -19.89 -53.88
CA MET G 346 -28.80 -21.30 -53.61
C MET G 346 -30.07 -21.54 -52.79
N LEU G 347 -30.60 -20.51 -52.16
CA LEU G 347 -31.76 -20.67 -51.29
C LEU G 347 -32.90 -19.72 -51.63
N GLY G 348 -32.74 -18.84 -52.63
CA GLY G 348 -33.83 -17.84 -52.84
C GLY G 348 -34.00 -16.99 -51.60
N THR G 349 -35.22 -16.92 -51.04
CA THR G 349 -35.45 -16.10 -49.85
C THR G 349 -35.59 -16.95 -48.56
N SER G 350 -35.23 -18.24 -48.65
CA SER G 350 -35.44 -19.20 -47.52
C SER G 350 -34.28 -19.20 -46.49
N PHE G 351 -33.90 -18.00 -46.06
CA PHE G 351 -32.84 -17.84 -45.04
C PHE G 351 -33.07 -16.54 -44.27
N ILE G 352 -32.33 -16.39 -43.18
CA ILE G 352 -32.35 -15.19 -42.41
C ILE G 352 -30.99 -14.49 -42.66
N PRO G 353 -30.98 -13.40 -43.48
CA PRO G 353 -29.66 -12.86 -43.85
C PRO G 353 -28.85 -12.29 -42.71
N GLN G 354 -29.46 -11.72 -41.68
CA GLN G 354 -28.64 -11.03 -40.71
C GLN G 354 -29.26 -11.04 -39.28
N HIS G 355 -28.38 -10.88 -38.28
CA HIS G 355 -28.70 -10.52 -36.88
C HIS G 355 -27.59 -9.58 -36.42
N SER G 356 -27.81 -8.82 -35.34
CA SER G 356 -26.81 -7.82 -34.94
C SER G 356 -25.78 -8.32 -33.93
N ASP G 357 -26.22 -9.24 -33.08
CA ASP G 357 -25.41 -9.63 -31.91
C ASP G 357 -25.04 -8.41 -31.07
N ALA G 358 -25.90 -7.39 -31.05
CA ALA G 358 -25.58 -6.13 -30.37
C ALA G 358 -25.35 -6.38 -28.86
N ARG G 359 -24.23 -5.89 -28.35
CA ARG G 359 -23.99 -5.89 -26.90
C ARG G 359 -24.34 -4.55 -26.27
N VAL G 360 -24.36 -3.51 -27.11
CA VAL G 360 -24.66 -2.15 -26.70
C VAL G 360 -25.84 -1.68 -27.53
N LEU G 361 -26.77 -1.05 -26.83
CA LEU G 361 -28.07 -0.74 -27.41
C LEU G 361 -27.94 -0.02 -28.73
N GLU G 362 -27.10 1.00 -28.79
CA GLU G 362 -27.07 1.88 -29.96
C GLU G 362 -26.52 1.18 -31.21
N GLN G 363 -25.84 0.06 -31.00
CA GLN G 363 -25.29 -0.73 -32.13
C GLN G 363 -26.38 -1.19 -33.09
N LEU G 364 -27.64 -1.26 -32.63
CA LEU G 364 -28.75 -1.65 -33.50
C LEU G 364 -28.80 -0.67 -34.68
N ILE G 365 -28.45 0.58 -34.44
CA ILE G 365 -28.49 1.56 -35.53
C ILE G 365 -27.49 1.15 -36.63
N TYR G 366 -26.22 1.04 -36.30
CA TYR G 366 -25.22 0.72 -37.36
C TYR G 366 -25.32 -0.70 -37.89
N LYS G 367 -25.56 -1.69 -37.03
CA LYS G 367 -25.59 -3.08 -37.52
C LYS G 367 -26.64 -3.21 -38.59
N TRP G 368 -27.79 -2.62 -38.37
CA TRP G 368 -28.91 -2.69 -39.31
C TRP G 368 -28.73 -1.77 -40.49
N HIS G 369 -28.27 -0.52 -40.28
CA HIS G 369 -27.98 0.37 -41.45
C HIS G 369 -26.93 -0.25 -42.41
N HIS G 370 -25.82 -0.72 -41.84
CA HIS G 370 -24.70 -1.18 -42.67
C HIS G 370 -25.12 -2.47 -43.42
N SER G 371 -25.83 -3.37 -42.72
CA SER G 371 -26.27 -4.60 -43.37
C SER G 371 -27.39 -4.40 -44.37
N LYS G 372 -28.33 -3.52 -44.05
CA LYS G 372 -29.42 -3.31 -44.96
C LYS G 372 -28.95 -2.78 -46.34
N SER G 373 -28.00 -1.88 -46.35
CA SER G 373 -27.52 -1.33 -47.66
C SER G 373 -26.93 -2.44 -48.54
N ILE G 374 -26.21 -3.37 -47.90
CA ILE G 374 -25.64 -4.53 -48.66
C ILE G 374 -26.74 -5.45 -49.14
N ILE G 375 -27.65 -5.81 -48.24
CA ILE G 375 -28.74 -6.70 -48.59
C ILE G 375 -29.66 -6.11 -49.71
N ALA G 376 -29.94 -4.80 -49.63
CA ALA G 376 -30.64 -4.11 -50.73
C ALA G 376 -29.93 -4.25 -52.11
N GLU G 377 -28.60 -4.06 -52.13
CA GLU G 377 -27.87 -4.16 -53.38
C GLU G 377 -27.96 -5.59 -53.94
N VAL G 378 -27.88 -6.58 -53.06
CA VAL G 378 -28.02 -7.95 -53.50
C VAL G 378 -29.39 -8.18 -54.10
N LEU G 379 -30.44 -7.72 -53.37
CA LEU G 379 -31.82 -7.87 -53.87
C LEU G 379 -32.03 -7.20 -55.24
N ILE G 380 -31.49 -6.00 -55.39
CA ILE G 380 -31.64 -5.27 -56.68
C ILE G 380 -31.02 -6.09 -57.81
N ASP G 381 -29.82 -6.63 -57.61
CA ASP G 381 -29.22 -7.47 -58.64
C ASP G 381 -30.09 -8.71 -59.01
N LYS G 382 -30.57 -9.37 -57.97
CA LYS G 382 -31.38 -10.58 -58.21
C LYS G 382 -32.73 -10.30 -58.85
N TYR G 383 -33.40 -9.25 -58.39
CA TYR G 383 -34.68 -8.85 -59.02
C TYR G 383 -34.43 -8.39 -60.43
N ASP G 384 -33.33 -7.70 -60.66
CA ASP G 384 -33.11 -7.21 -62.01
C ASP G 384 -32.92 -8.38 -62.96
N ASP G 385 -32.14 -9.39 -62.54
CA ASP G 385 -31.92 -10.54 -63.41
C ASP G 385 -33.24 -11.17 -63.85
N ILE G 386 -34.19 -11.29 -62.94
CA ILE G 386 -35.48 -11.87 -63.41
C ILE G 386 -36.37 -10.83 -64.15
N LEU G 387 -36.29 -9.56 -63.76
CA LEU G 387 -36.99 -8.50 -64.53
C LEU G 387 -36.51 -8.51 -66.00
N GLN G 388 -35.19 -8.58 -66.21
CA GLN G 388 -34.65 -8.57 -67.57
C GLN G 388 -34.99 -9.82 -68.38
N ALA G 389 -35.25 -10.92 -67.69
CA ALA G 389 -35.73 -12.18 -68.27
C ALA G 389 -37.23 -12.13 -68.61
N GLY G 390 -37.93 -11.07 -68.21
CA GLY G 390 -39.35 -10.91 -68.56
C GLY G 390 -40.28 -10.98 -67.36
N TRP G 391 -39.77 -11.31 -66.18
CA TRP G 391 -40.65 -11.42 -65.00
C TRP G 391 -41.13 -10.06 -64.48
N GLU G 392 -42.42 -9.91 -64.20
CA GLU G 392 -42.92 -8.68 -63.65
C GLU G 392 -42.82 -8.78 -62.13
N VAL G 393 -41.90 -8.04 -61.50
CA VAL G 393 -41.92 -7.93 -60.04
C VAL G 393 -42.76 -6.74 -59.61
N THR G 394 -43.66 -6.98 -58.67
CA THR G 394 -44.49 -5.90 -58.14
C THR G 394 -43.90 -5.41 -56.82
N GLU G 395 -44.20 -4.16 -56.48
CA GLU G 395 -43.76 -3.60 -55.20
C GLU G 395 -44.27 -4.45 -54.01
N GLU G 396 -45.49 -4.96 -54.13
CA GLU G 396 -46.08 -5.75 -53.06
C GLU G 396 -45.27 -7.05 -52.85
N GLU G 397 -44.80 -7.61 -53.96
CA GLU G 397 -43.96 -8.82 -53.93
C GLU G 397 -42.61 -8.54 -53.29
N ILE G 398 -41.99 -7.41 -53.67
CA ILE G 398 -40.75 -6.95 -53.00
C ILE G 398 -40.99 -6.81 -51.50
N LYS G 399 -42.07 -6.13 -51.12
CA LYS G 399 -42.37 -5.88 -49.71
C LYS G 399 -42.52 -7.18 -48.94
N ARG G 400 -43.16 -8.17 -49.59
CA ARG G 400 -43.35 -9.49 -49.00
C ARG G 400 -42.02 -10.19 -48.78
N ASP G 401 -41.20 -10.23 -49.84
CA ASP G 401 -39.91 -10.97 -49.76
C ASP G 401 -39.01 -10.35 -48.69
N VAL G 402 -38.98 -9.01 -48.64
CA VAL G 402 -38.19 -8.24 -47.68
C VAL G 402 -38.68 -8.55 -46.25
N ALA G 403 -40.00 -8.58 -46.08
CA ALA G 403 -40.58 -8.96 -44.75
C ALA G 403 -40.16 -10.38 -44.37
N ASP G 404 -40.15 -11.32 -45.31
CA ASP G 404 -39.68 -12.70 -45.05
C ASP G 404 -38.25 -12.66 -44.55
N LEU G 405 -37.43 -11.92 -45.27
CA LEU G 405 -35.99 -11.93 -44.91
C LEU G 405 -35.68 -11.32 -43.54
N PHE G 406 -36.31 -10.17 -43.24
CA PHE G 406 -35.97 -9.40 -42.04
C PHE G 406 -36.77 -9.75 -40.80
N SER G 407 -37.81 -10.56 -40.98
CA SER G 407 -38.76 -10.85 -39.87
C SER G 407 -39.51 -12.16 -39.95
N ARG G 408 -40.28 -12.38 -41.02
CA ARG G 408 -41.22 -13.50 -41.07
C ARG G 408 -40.59 -14.88 -41.08
N ASN G 409 -39.45 -15.01 -41.75
CA ASN G 409 -38.83 -16.32 -41.79
C ASN G 409 -38.48 -16.78 -40.40
N PHE G 410 -38.01 -15.85 -39.55
CA PHE G 410 -37.60 -16.24 -38.19
C PHE G 410 -38.84 -16.74 -37.42
N TRP G 411 -39.90 -15.94 -37.39
CA TRP G 411 -41.12 -16.31 -36.64
C TRP G 411 -41.79 -17.57 -37.16
N ARG G 412 -41.75 -17.78 -38.47
CA ARG G 412 -42.28 -18.98 -39.09
C ARG G 412 -41.47 -20.20 -38.66
N PHE G 413 -40.15 -20.08 -38.64
CA PHE G 413 -39.32 -21.21 -38.25
C PHE G 413 -39.48 -21.58 -36.77
N VAL G 414 -39.52 -20.57 -35.91
CA VAL G 414 -39.60 -20.87 -34.47
C VAL G 414 -41.04 -21.17 -34.06
N GLY G 415 -41.95 -21.05 -35.02
CA GLY G 415 -43.36 -21.41 -34.87
C GLY G 415 -44.04 -20.52 -33.87
N ARG G 416 -43.84 -19.20 -34.01
CA ARG G 416 -44.31 -18.18 -33.05
C ARG G 416 -44.64 -16.81 -33.69
N ASN G 417 -44.77 -15.78 -32.83
CA ASN G 417 -45.13 -14.38 -33.19
C ASN G 417 -44.77 -13.91 -34.61
N SER H 2 -9.31 -3.18 -87.89
CA SER H 2 -9.44 -1.93 -88.70
C SER H 2 -9.11 -0.67 -87.85
N LEU H 3 -10.08 -0.28 -87.04
CA LEU H 3 -9.92 0.75 -86.06
C LEU H 3 -9.38 0.08 -84.83
N SER H 4 -8.49 0.77 -84.11
CA SER H 4 -8.03 0.25 -82.82
C SER H 4 -9.22 0.32 -81.83
N ILE H 5 -9.18 -0.50 -80.79
CA ILE H 5 -10.28 -0.51 -79.81
C ILE H 5 -10.00 0.65 -78.86
N ASN H 6 -10.77 1.73 -79.05
CA ASN H 6 -10.47 3.04 -78.52
C ASN H 6 -11.01 3.31 -77.11
N SER H 7 -11.97 2.49 -76.69
CA SER H 7 -12.59 2.72 -75.39
C SER H 7 -13.07 1.42 -74.77
N ARG H 8 -13.28 1.50 -73.47
CA ARG H 8 -13.78 0.32 -72.75
C ARG H 8 -15.21 0.07 -73.21
N GLU H 9 -15.94 1.13 -73.51
CA GLU H 9 -17.34 0.91 -73.98
C GLU H 9 -17.38 0.15 -75.31
N VAL H 10 -16.48 0.49 -76.24
CA VAL H 10 -16.42 -0.20 -77.51
C VAL H 10 -15.90 -1.62 -77.30
N LEU H 11 -14.90 -1.75 -76.44
CA LEU H 11 -14.39 -3.09 -76.05
C LEU H 11 -15.55 -3.95 -75.54
N ALA H 12 -16.35 -3.40 -74.63
CA ALA H 12 -17.40 -4.21 -73.98
C ALA H 12 -18.35 -4.76 -75.07
N GLU H 13 -18.72 -3.91 -76.02
CA GLU H 13 -19.62 -4.37 -77.10
C GLU H 13 -19.00 -5.47 -77.97
N LYS H 14 -17.73 -5.30 -78.31
CA LYS H 14 -17.03 -6.29 -79.10
C LYS H 14 -16.93 -7.62 -78.34
N VAL H 15 -16.70 -7.54 -77.02
CA VAL H 15 -16.44 -8.78 -76.26
C VAL H 15 -17.77 -9.51 -76.11
N LYS H 16 -18.84 -8.79 -75.78
CA LYS H 16 -20.16 -9.42 -75.65
C LYS H 16 -20.59 -10.02 -76.99
N ASN H 17 -20.42 -9.30 -78.07
CA ASN H 17 -20.72 -9.90 -79.39
C ASN H 17 -19.93 -11.19 -79.67
N ALA H 18 -18.63 -11.17 -79.40
CA ALA H 18 -17.78 -12.31 -79.69
C ALA H 18 -18.25 -13.48 -78.86
N VAL H 19 -18.40 -13.21 -77.56
CA VAL H 19 -18.88 -14.29 -76.66
C VAL H 19 -20.25 -14.85 -77.09
N ASN H 20 -21.24 -13.98 -77.32
CA ASN H 20 -22.57 -14.44 -77.77
C ASN H 20 -22.54 -15.25 -79.05
N ASN H 21 -21.71 -14.81 -80.01
CA ASN H 21 -21.64 -15.41 -81.33
C ASN H 21 -20.86 -16.72 -81.38
N GLN H 22 -20.00 -16.98 -80.38
CA GLN H 22 -19.16 -18.13 -80.43
C GLN H 22 -19.88 -19.45 -80.12
N PRO H 23 -19.88 -20.38 -81.08
CA PRO H 23 -20.59 -21.65 -80.78
C PRO H 23 -19.86 -22.41 -79.68
N VAL H 24 -20.64 -23.04 -78.82
CA VAL H 24 -20.08 -23.65 -77.62
C VAL H 24 -19.98 -25.19 -77.79
N THR H 25 -18.86 -25.74 -77.36
CA THR H 25 -18.76 -27.18 -77.04
C THR H 25 -19.07 -27.25 -75.55
N ASP H 26 -20.16 -27.93 -75.23
CA ASP H 26 -20.58 -28.13 -73.84
C ASP H 26 -19.99 -29.48 -73.41
N MET H 27 -18.87 -29.47 -72.65
CA MET H 27 -18.10 -30.73 -72.57
C MET H 27 -18.46 -31.66 -71.43
N HIS H 28 -19.52 -31.37 -70.68
CA HIS H 28 -20.09 -32.36 -69.78
C HIS H 28 -21.56 -32.05 -69.56
N THR H 29 -22.45 -32.95 -70.03
CA THR H 29 -23.88 -32.76 -69.80
C THR H 29 -24.51 -34.12 -69.46
N HIS H 30 -25.79 -34.11 -69.10
CA HIS H 30 -26.57 -35.36 -68.91
C HIS H 30 -27.69 -35.42 -69.93
N LEU H 31 -27.38 -34.93 -71.13
CA LEU H 31 -28.32 -34.95 -72.24
C LEU H 31 -27.97 -36.13 -73.15
N PHE H 32 -28.89 -36.49 -74.08
CA PHE H 32 -28.65 -37.60 -74.98
C PHE H 32 -29.14 -37.21 -76.37
N SER H 33 -28.46 -37.73 -77.39
CA SER H 33 -28.91 -37.68 -78.78
C SER H 33 -30.38 -38.11 -78.81
N PRO H 34 -31.22 -37.37 -79.56
CA PRO H 34 -32.66 -37.62 -79.45
C PRO H 34 -33.07 -39.02 -79.94
N ASN H 35 -32.26 -39.62 -80.80
CA ASN H 35 -32.53 -40.97 -81.28
C ASN H 35 -32.41 -42.02 -80.18
N PHE H 36 -31.85 -41.63 -79.04
CA PHE H 36 -31.78 -42.51 -77.87
C PHE H 36 -33.10 -42.56 -77.12
N GLY H 37 -34.06 -41.75 -77.56
CA GLY H 37 -35.43 -41.85 -77.04
C GLY H 37 -35.67 -41.08 -75.75
N GLU H 38 -36.48 -41.66 -74.88
CA GLU H 38 -37.08 -40.93 -73.78
C GLU H 38 -36.12 -40.45 -72.70
N ILE H 39 -34.92 -41.04 -72.61
CA ILE H 39 -33.93 -40.60 -71.60
C ILE H 39 -33.50 -39.15 -71.85
N LEU H 40 -33.75 -38.62 -73.04
CA LEU H 40 -33.55 -37.16 -73.24
C LEU H 40 -34.74 -36.45 -72.66
N LEU H 41 -34.49 -35.75 -71.54
CA LEU H 41 -35.53 -35.03 -70.87
C LEU H 41 -35.64 -33.61 -71.46
N TRP H 42 -36.86 -33.18 -71.68
CA TRP H 42 -37.13 -31.82 -72.14
C TRP H 42 -38.57 -31.42 -71.81
N ASP H 43 -38.76 -30.10 -71.64
CA ASP H 43 -40.02 -29.36 -71.52
C ASP H 43 -40.09 -28.64 -70.18
N ILE H 44 -41.08 -27.78 -70.04
CA ILE H 44 -41.21 -26.90 -68.88
C ILE H 44 -41.45 -27.70 -67.58
N ASP H 45 -42.22 -28.77 -67.67
CA ASP H 45 -42.42 -29.61 -66.49
C ASP H 45 -41.11 -30.27 -66.05
N GLU H 46 -40.30 -30.74 -66.99
CA GLU H 46 -38.93 -31.26 -66.72
C GLU H 46 -38.02 -30.19 -66.14
N LEU H 47 -38.00 -29.00 -66.76
CA LEU H 47 -37.28 -27.86 -66.11
C LEU H 47 -37.70 -27.61 -64.67
N LEU H 48 -39.01 -27.53 -64.39
CA LEU H 48 -39.46 -27.22 -63.06
C LEU H 48 -39.16 -28.32 -62.04
N THR H 49 -39.12 -29.57 -62.50
CA THR H 49 -38.89 -30.70 -61.58
C THR H 49 -37.43 -31.17 -61.51
N TYR H 50 -36.53 -30.43 -62.14
CA TYR H 50 -35.05 -30.54 -61.97
C TYR H 50 -34.79 -30.71 -60.49
N HIS H 51 -33.83 -31.57 -60.16
CA HIS H 51 -33.55 -31.82 -58.75
C HIS H 51 -33.09 -30.56 -57.99
N TYR H 52 -32.46 -29.59 -58.66
CA TYR H 52 -32.11 -28.37 -57.90
C TYR H 52 -33.37 -27.73 -57.29
N LEU H 53 -34.48 -27.74 -58.01
CA LEU H 53 -35.72 -27.11 -57.55
C LEU H 53 -36.49 -27.96 -56.55
N VAL H 54 -36.35 -29.28 -56.66
CA VAL H 54 -36.86 -30.16 -55.60
C VAL H 54 -36.26 -29.77 -54.23
N ALA H 55 -34.92 -29.64 -54.17
CA ALA H 55 -34.28 -29.21 -52.92
C ALA H 55 -34.92 -27.91 -52.44
N GLU H 56 -35.07 -26.93 -53.34
CA GLU H 56 -35.45 -25.59 -52.94
C GLU H 56 -36.92 -25.57 -52.49
N VAL H 57 -37.78 -26.33 -53.19
CA VAL H 57 -39.21 -26.37 -52.84
C VAL H 57 -39.46 -27.02 -51.47
N MET H 58 -38.68 -28.06 -51.17
CA MET H 58 -38.73 -28.72 -49.85
C MET H 58 -38.37 -27.79 -48.70
N ARG H 59 -37.59 -26.73 -48.95
CA ARG H 59 -37.39 -25.75 -47.88
C ARG H 59 -38.62 -24.92 -47.54
N TRP H 60 -39.60 -24.88 -48.45
CA TRP H 60 -40.77 -24.05 -48.24
C TRP H 60 -42.06 -24.83 -48.00
N THR H 61 -42.25 -25.90 -48.76
CA THR H 61 -43.59 -26.50 -48.84
C THR H 61 -43.90 -27.36 -47.62
N ASP H 62 -45.20 -27.42 -47.30
CA ASP H 62 -45.72 -28.29 -46.23
C ASP H 62 -45.98 -29.72 -46.71
N VAL H 63 -45.98 -29.90 -48.03
CA VAL H 63 -46.11 -31.21 -48.64
C VAL H 63 -44.93 -32.07 -48.23
N SER H 64 -45.20 -33.29 -47.80
CA SER H 64 -44.14 -34.16 -47.32
C SER H 64 -43.37 -34.66 -48.53
N ILE H 65 -42.12 -35.07 -48.33
CA ILE H 65 -41.34 -35.61 -49.44
C ILE H 65 -41.98 -36.85 -50.07
N GLU H 66 -42.59 -37.71 -49.26
CA GLU H 66 -43.28 -38.89 -49.78
C GLU H 66 -44.48 -38.48 -50.64
N ALA H 67 -45.28 -37.54 -50.16
CA ALA H 67 -46.40 -37.00 -50.96
C ALA H 67 -45.91 -36.38 -52.29
N PHE H 68 -44.76 -35.70 -52.24
CA PHE H 68 -44.18 -35.12 -53.46
C PHE H 68 -43.84 -36.15 -54.53
N TRP H 69 -43.17 -37.23 -54.10
CA TRP H 69 -42.82 -38.28 -55.04
C TRP H 69 -44.06 -39.00 -55.59
N ALA H 70 -45.10 -39.10 -54.76
CA ALA H 70 -46.39 -39.68 -55.19
C ALA H 70 -47.10 -38.85 -56.29
N MET H 71 -46.93 -37.52 -56.28
CA MET H 71 -47.47 -36.64 -57.34
C MET H 71 -47.01 -37.00 -58.76
N SER H 72 -47.86 -36.71 -59.75
CA SER H 72 -47.43 -36.79 -61.15
C SER H 72 -46.43 -35.65 -61.41
N LYS H 73 -45.68 -35.75 -62.52
CA LYS H 73 -44.68 -34.73 -62.89
C LYS H 73 -45.37 -33.37 -63.03
N ARG H 74 -46.52 -33.34 -63.69
CA ARG H 74 -47.36 -32.12 -63.74
C ARG H 74 -47.73 -31.49 -62.40
N GLU H 75 -48.16 -32.32 -61.45
CA GLU H 75 -48.55 -31.83 -60.13
C GLU H 75 -47.33 -31.30 -59.36
N GLN H 76 -46.20 -31.99 -59.51
CA GLN H 76 -44.88 -31.55 -58.97
C GLN H 76 -44.49 -30.18 -59.49
N ALA H 77 -44.55 -30.04 -60.81
CA ALA H 77 -44.32 -28.76 -61.50
C ALA H 77 -45.23 -27.62 -61.00
N ASP H 78 -46.52 -27.91 -60.82
CA ASP H 78 -47.51 -26.93 -60.36
C ASP H 78 -47.18 -26.45 -58.95
N LEU H 79 -46.78 -27.40 -58.11
CA LEU H 79 -46.42 -27.12 -56.73
C LEU H 79 -45.14 -26.23 -56.70
N ILE H 80 -44.14 -26.66 -57.45
CA ILE H 80 -42.83 -25.91 -57.50
C ILE H 80 -43.07 -24.49 -58.06
N TRP H 81 -43.90 -24.39 -59.11
CA TRP H 81 -44.29 -23.06 -59.62
C TRP H 81 -44.94 -22.21 -58.53
N GLU H 82 -45.97 -22.75 -57.86
CA GLU H 82 -46.63 -21.97 -56.85
C GLU H 82 -45.73 -21.56 -55.70
N GLU H 83 -44.90 -22.49 -55.20
CA GLU H 83 -44.14 -22.26 -53.98
C GLU H 83 -42.92 -21.38 -54.22
N LEU H 84 -42.29 -21.53 -55.38
CA LEU H 84 -40.98 -20.86 -55.59
C LEU H 84 -41.06 -19.62 -56.53
N PHE H 85 -42.14 -19.52 -57.31
CA PHE H 85 -42.32 -18.40 -58.27
C PHE H 85 -43.46 -17.49 -57.89
N ILE H 86 -44.54 -18.08 -57.36
CA ILE H 86 -45.71 -17.26 -57.00
C ILE H 86 -45.71 -16.77 -55.56
N LYS H 87 -45.46 -17.65 -54.58
CA LYS H 87 -45.55 -17.28 -53.18
C LYS H 87 -44.32 -16.54 -52.66
N ARG H 88 -43.21 -16.72 -53.38
CA ARG H 88 -41.95 -15.96 -53.16
C ARG H 88 -41.40 -15.60 -54.56
N SER H 89 -40.63 -14.52 -54.68
CA SER H 89 -40.05 -14.15 -55.97
C SER H 89 -38.99 -15.16 -56.32
N PRO H 90 -38.95 -15.59 -57.61
CA PRO H 90 -38.11 -16.63 -58.18
C PRO H 90 -36.68 -16.12 -58.38
N VAL H 91 -36.11 -15.61 -57.26
CA VAL H 91 -34.76 -14.98 -57.33
C VAL H 91 -33.56 -15.90 -57.31
N SER H 92 -33.72 -17.14 -56.83
CA SER H 92 -32.59 -18.07 -56.88
C SER H 92 -32.05 -18.35 -58.29
N GLU H 93 -30.78 -18.77 -58.39
CA GLU H 93 -30.19 -19.03 -59.69
C GLU H 93 -30.99 -20.07 -60.48
N ALA H 94 -31.44 -21.14 -59.82
CA ALA H 94 -32.13 -22.19 -60.56
C ALA H 94 -33.54 -21.77 -61.04
N CYS H 95 -34.22 -20.95 -60.24
CA CYS H 95 -35.54 -20.39 -60.58
C CYS H 95 -35.34 -19.35 -61.68
N ARG H 96 -34.41 -18.42 -61.49
CA ARG H 96 -34.05 -17.50 -62.59
C ARG H 96 -33.81 -18.26 -63.87
N GLY H 97 -33.10 -19.38 -63.78
CA GLY H 97 -32.82 -20.15 -64.98
C GLY H 97 -34.05 -20.55 -65.77
N VAL H 98 -35.07 -21.01 -65.07
CA VAL H 98 -36.34 -21.46 -65.75
C VAL H 98 -36.87 -20.27 -66.58
N LEU H 99 -36.87 -19.06 -65.98
CA LEU H 99 -37.36 -17.84 -66.68
C LEU H 99 -36.57 -17.51 -67.94
N THR H 100 -35.23 -17.58 -67.82
CA THR H 100 -34.40 -17.33 -68.98
C THR H 100 -34.71 -18.33 -70.09
N CYS H 101 -35.01 -19.59 -69.72
CA CYS H 101 -35.36 -20.56 -70.77
C CYS H 101 -36.68 -20.18 -71.43
N LEU H 102 -37.70 -19.87 -70.63
CA LEU H 102 -39.02 -19.45 -71.19
C LEU H 102 -38.82 -18.28 -72.14
N GLN H 103 -38.11 -17.24 -71.68
CA GLN H 103 -37.90 -16.09 -72.52
C GLN H 103 -37.15 -16.41 -73.79
N GLY H 104 -36.13 -17.27 -73.72
CA GLY H 104 -35.32 -17.61 -74.89
C GLY H 104 -36.19 -18.31 -75.97
N LEU H 105 -37.16 -19.07 -75.48
CA LEU H 105 -38.10 -19.82 -76.36
C LEU H 105 -39.26 -18.96 -76.87
N GLY H 106 -39.31 -17.70 -76.46
CA GLY H 106 -40.35 -16.80 -76.90
C GLY H 106 -41.62 -16.94 -76.06
N LEU H 107 -41.51 -17.56 -74.88
CA LEU H 107 -42.64 -17.71 -73.97
C LEU H 107 -42.51 -16.71 -72.88
N ASP H 108 -43.47 -15.81 -72.81
CA ASP H 108 -43.32 -14.59 -72.00
C ASP H 108 -43.52 -14.81 -70.50
N PRO H 109 -42.43 -14.71 -69.72
CA PRO H 109 -42.64 -14.79 -68.28
C PRO H 109 -43.55 -13.75 -67.68
N ALA H 110 -43.78 -12.64 -68.40
CA ALA H 110 -44.67 -11.61 -67.89
C ALA H 110 -46.09 -12.13 -67.62
N THR H 111 -46.51 -13.14 -68.36
CA THR H 111 -47.91 -13.62 -68.21
C THR H 111 -48.05 -14.59 -67.05
N ARG H 112 -46.95 -15.28 -66.70
CA ARG H 112 -46.97 -16.34 -65.67
C ARG H 112 -47.97 -17.45 -66.05
N ASP H 113 -48.21 -17.59 -67.34
CA ASP H 113 -49.22 -18.53 -67.87
C ASP H 113 -48.67 -19.93 -68.17
N LEU H 114 -48.51 -20.70 -67.10
CA LEU H 114 -47.87 -22.01 -67.20
C LEU H 114 -48.63 -22.93 -68.18
N GLN H 115 -49.96 -22.82 -68.20
CA GLN H 115 -50.74 -23.64 -69.13
C GLN H 115 -50.40 -23.31 -70.57
N VAL H 116 -50.28 -22.03 -70.90
CA VAL H 116 -49.85 -21.63 -72.24
C VAL H 116 -48.41 -22.07 -72.51
N TYR H 117 -47.54 -21.96 -71.49
CA TYR H 117 -46.16 -22.43 -71.73
C TYR H 117 -46.13 -23.91 -72.12
N ARG H 118 -46.90 -24.72 -71.38
CA ARG H 118 -46.96 -26.16 -71.65
C ARG H 118 -47.41 -26.49 -73.07
N GLU H 119 -48.33 -25.68 -73.61
CA GLU H 119 -48.84 -25.90 -74.98
C GLU H 119 -47.75 -25.83 -76.04
N TYR H 120 -46.76 -24.97 -75.80
CA TYR H 120 -45.65 -24.85 -76.71
C TYR H 120 -44.98 -26.21 -76.96
N PHE H 121 -44.72 -26.98 -75.89
CA PHE H 121 -43.89 -28.19 -76.01
C PHE H 121 -44.74 -29.32 -76.53
N ALA H 122 -46.02 -29.29 -76.15
CA ALA H 122 -46.93 -30.37 -76.56
C ALA H 122 -47.03 -30.53 -78.09
N LYS H 123 -46.57 -29.55 -78.86
CA LYS H 123 -46.66 -29.68 -80.32
C LYS H 123 -45.37 -29.90 -81.12
N LYS H 124 -44.32 -30.34 -80.44
CA LYS H 124 -43.03 -30.53 -81.09
C LYS H 124 -42.54 -31.93 -80.83
N THR H 125 -41.67 -32.41 -81.71
CA THR H 125 -40.98 -33.66 -81.47
C THR H 125 -39.68 -33.32 -80.72
N SER H 126 -39.07 -34.34 -80.11
CA SER H 126 -37.75 -34.24 -79.49
C SER H 126 -36.72 -33.64 -80.44
N GLU H 127 -36.70 -34.13 -81.67
CA GLU H 127 -35.72 -33.71 -82.66
C GLU H 127 -35.85 -32.23 -83.00
N GLU H 128 -37.09 -31.75 -83.14
CA GLU H 128 -37.33 -30.34 -83.40
C GLU H 128 -36.88 -29.49 -82.21
N GLN H 129 -37.22 -29.92 -81.00
CA GLN H 129 -36.77 -29.22 -79.78
C GLN H 129 -35.24 -29.17 -79.63
N VAL H 130 -34.54 -30.27 -79.95
CA VAL H 130 -33.08 -30.24 -80.00
C VAL H 130 -32.58 -29.18 -81.01
N ASP H 131 -33.13 -29.17 -82.23
CA ASP H 131 -32.74 -28.15 -83.22
C ASP H 131 -33.01 -26.74 -82.69
N THR H 132 -34.18 -26.53 -82.06
CA THR H 132 -34.53 -25.19 -81.52
C THR H 132 -33.51 -24.78 -80.43
N VAL H 133 -33.28 -25.71 -79.51
CA VAL H 133 -32.52 -25.36 -78.32
C VAL H 133 -31.05 -25.13 -78.65
N LEU H 134 -30.45 -25.99 -79.47
CA LEU H 134 -29.04 -25.87 -79.85
C LEU H 134 -28.78 -24.57 -80.62
N GLN H 135 -29.79 -24.15 -81.39
CA GLN H 135 -29.72 -22.90 -82.13
C GLN H 135 -29.76 -21.74 -81.15
N LEU H 136 -30.77 -21.75 -80.29
CA LEU H 136 -30.95 -20.68 -79.34
C LEU H 136 -29.76 -20.52 -78.40
N ALA H 137 -29.18 -21.62 -77.91
CA ALA H 137 -28.05 -21.60 -76.94
C ALA H 137 -26.72 -21.48 -77.64
N ASN H 138 -26.78 -21.51 -78.97
CA ASN H 138 -25.53 -21.50 -79.75
C ASN H 138 -24.55 -22.59 -79.31
N VAL H 139 -25.05 -23.81 -79.15
CA VAL H 139 -24.20 -24.97 -78.77
C VAL H 139 -24.06 -25.86 -80.01
N SER H 140 -22.84 -26.05 -80.46
CA SER H 140 -22.53 -26.83 -81.64
C SER H 140 -22.36 -28.32 -81.27
N ASP H 141 -21.85 -28.58 -80.06
CA ASP H 141 -21.41 -29.94 -79.67
C ASP H 141 -21.76 -30.18 -78.19
N VAL H 142 -22.38 -31.33 -77.92
CA VAL H 142 -22.85 -31.70 -76.58
C VAL H 142 -22.09 -33.00 -76.22
N VAL H 143 -21.32 -32.98 -75.10
CA VAL H 143 -20.80 -34.24 -74.55
C VAL H 143 -21.82 -34.86 -73.57
N MET H 144 -22.21 -36.14 -73.83
CA MET H 144 -23.19 -36.79 -72.97
C MET H 144 -22.46 -37.47 -71.80
N THR H 145 -23.23 -38.03 -70.87
CA THR H 145 -22.71 -38.92 -69.85
C THR H 145 -23.37 -40.30 -70.13
N ASN H 146 -22.56 -41.26 -70.51
CA ASN H 146 -23.05 -42.57 -70.98
C ASN H 146 -22.58 -43.67 -70.03
N ASP H 147 -23.55 -44.31 -69.40
CA ASP H 147 -23.32 -45.22 -68.32
C ASP H 147 -23.67 -46.65 -68.79
N PRO H 148 -22.64 -47.46 -69.08
CA PRO H 148 -22.90 -48.86 -69.50
C PRO H 148 -23.55 -49.71 -68.43
N PHE H 149 -23.61 -49.20 -67.20
CA PHE H 149 -24.22 -49.95 -66.09
C PHE H 149 -25.71 -49.72 -66.04
N ASP H 150 -26.21 -48.75 -66.82
CA ASP H 150 -27.63 -48.49 -66.79
C ASP H 150 -28.31 -49.37 -67.85
N ASP H 151 -29.24 -50.22 -67.41
CA ASP H 151 -29.72 -51.29 -68.28
C ASP H 151 -30.36 -50.73 -69.51
N ASN H 152 -31.13 -49.67 -69.34
CA ASN H 152 -31.70 -48.99 -70.48
C ASN H 152 -30.66 -48.48 -71.45
N GLU H 153 -29.74 -47.63 -70.98
CA GLU H 153 -28.74 -47.04 -71.87
C GLU H 153 -27.91 -48.14 -72.55
N ARG H 154 -27.57 -49.15 -71.75
CA ARG H 154 -26.72 -50.24 -72.24
C ARG H 154 -27.33 -50.82 -73.54
N ILE H 155 -28.65 -51.02 -73.51
CA ILE H 155 -29.36 -51.72 -74.59
C ILE H 155 -29.20 -50.97 -75.92
N SER H 156 -29.36 -49.64 -75.88
CA SER H 156 -29.18 -48.86 -77.11
C SER H 156 -27.77 -48.96 -77.73
N TRP H 157 -26.73 -48.92 -76.90
CA TRP H 157 -25.40 -49.14 -77.43
C TRP H 157 -25.20 -50.56 -78.01
N LEU H 158 -25.79 -51.55 -77.34
CA LEU H 158 -25.67 -52.96 -77.78
C LEU H 158 -26.37 -53.13 -79.13
N GLU H 159 -27.44 -52.37 -79.35
CA GLU H 159 -28.10 -52.35 -80.67
C GLU H 159 -27.38 -51.55 -81.74
N GLY H 160 -26.26 -50.93 -81.40
CA GLY H 160 -25.43 -50.25 -82.39
C GLY H 160 -25.91 -48.86 -82.76
N LYS H 161 -26.91 -48.35 -82.02
CA LYS H 161 -27.35 -46.95 -82.14
C LYS H 161 -26.16 -46.01 -81.95
N GLN H 162 -26.01 -45.07 -82.89
CA GLN H 162 -24.97 -44.09 -82.79
C GLN H 162 -25.61 -42.73 -82.53
N PRO H 163 -24.92 -41.90 -81.72
CA PRO H 163 -25.53 -40.60 -81.51
C PRO H 163 -25.47 -39.77 -82.81
N ASP H 164 -26.43 -38.86 -82.94
CA ASP H 164 -26.37 -37.71 -83.81
C ASP H 164 -24.98 -37.04 -83.76
N SER H 165 -24.51 -36.49 -84.87
CA SER H 165 -23.14 -36.06 -84.95
C SER H 165 -22.82 -34.87 -83.99
N ARG H 166 -23.86 -34.24 -83.46
CA ARG H 166 -23.67 -33.13 -82.52
C ARG H 166 -23.40 -33.62 -81.09
N PHE H 167 -23.69 -34.90 -80.84
CA PHE H 167 -23.58 -35.51 -79.52
C PHE H 167 -22.36 -36.42 -79.47
N HIS H 168 -21.58 -36.30 -78.41
CA HIS H 168 -20.39 -37.09 -78.24
C HIS H 168 -20.49 -37.92 -76.98
N ALA H 169 -19.89 -39.12 -77.01
CA ALA H 169 -20.08 -40.02 -75.87
C ALA H 169 -18.99 -39.73 -74.84
N ALA H 170 -19.29 -39.99 -73.57
CA ALA H 170 -18.23 -40.10 -72.55
C ALA H 170 -18.60 -41.24 -71.60
N LEU H 171 -17.61 -42.06 -71.28
CA LEU H 171 -17.84 -43.34 -70.59
C LEU H 171 -17.81 -43.11 -69.09
N ARG H 172 -19.00 -43.22 -68.49
CA ARG H 172 -19.19 -42.98 -67.05
C ARG H 172 -18.82 -44.26 -66.29
N LEU H 173 -17.99 -44.15 -65.25
CA LEU H 173 -17.43 -45.36 -64.64
C LEU H 173 -17.73 -45.51 -63.15
N ASP H 174 -18.56 -44.62 -62.61
CA ASP H 174 -18.83 -44.58 -61.17
C ASP H 174 -19.15 -45.98 -60.59
N PRO H 175 -20.04 -46.75 -61.22
CA PRO H 175 -20.31 -48.07 -60.56
C PRO H 175 -19.11 -49.01 -60.49
N LEU H 176 -18.23 -48.96 -61.49
CA LEU H 176 -17.06 -49.81 -61.52
C LEU H 176 -16.07 -49.35 -60.46
N LEU H 177 -15.87 -48.04 -60.39
CA LEU H 177 -14.81 -47.50 -59.54
C LEU H 177 -15.25 -47.36 -58.08
N ASN H 178 -16.50 -46.96 -57.85
CA ASN H 178 -16.95 -46.59 -56.52
C ASN H 178 -17.77 -47.71 -55.90
N GLU H 179 -18.23 -48.65 -56.71
CA GLU H 179 -19.15 -49.66 -56.18
C GLU H 179 -18.76 -51.06 -56.67
N TYR H 180 -17.46 -51.31 -56.72
CA TYR H 180 -16.95 -52.54 -57.35
C TYR H 180 -17.49 -53.81 -56.67
N GLU H 181 -17.61 -53.80 -55.35
CA GLU H 181 -18.16 -54.97 -54.63
C GLU H 181 -19.53 -55.41 -55.15
N GLN H 182 -20.37 -54.44 -55.48
CA GLN H 182 -21.69 -54.71 -56.04
C GLN H 182 -21.63 -55.00 -57.51
N THR H 183 -20.78 -54.25 -58.21
CA THR H 183 -20.69 -54.32 -59.65
C THR H 183 -20.00 -55.58 -60.20
N LYS H 184 -19.07 -56.13 -59.43
CA LYS H 184 -18.33 -57.30 -59.95
C LYS H 184 -19.32 -58.46 -60.33
N HIS H 185 -20.44 -58.58 -59.62
CA HIS H 185 -21.43 -59.62 -59.93
C HIS H 185 -22.05 -59.39 -61.32
N ARG H 186 -22.30 -58.13 -61.63
CA ARG H 186 -22.84 -57.75 -62.92
C ARG H 186 -21.78 -57.99 -63.98
N LEU H 187 -20.51 -57.68 -63.68
CA LEU H 187 -19.42 -57.95 -64.62
C LEU H 187 -19.41 -59.45 -64.93
N ARG H 188 -19.52 -60.27 -63.89
CA ARG H 188 -19.57 -61.73 -64.08
C ARG H 188 -20.73 -62.16 -65.00
N ASP H 189 -21.95 -61.72 -64.72
CA ASP H 189 -23.10 -62.00 -65.60
C ASP H 189 -22.84 -61.68 -67.08
N TRP H 190 -22.08 -60.59 -67.32
CA TRP H 190 -21.81 -60.10 -68.67
C TRP H 190 -20.64 -60.82 -69.25
N GLY H 191 -20.09 -61.79 -68.51
CA GLY H 191 -18.97 -62.60 -69.03
C GLY H 191 -17.58 -62.17 -68.66
N TYR H 192 -17.47 -61.21 -67.74
CA TYR H 192 -16.18 -60.73 -67.30
C TYR H 192 -15.91 -61.34 -65.93
N LYS H 193 -15.22 -62.48 -65.93
CA LYS H 193 -15.10 -63.32 -64.73
C LYS H 193 -13.99 -62.82 -63.82
N VAL H 194 -14.25 -61.69 -63.19
CA VAL H 194 -13.26 -61.13 -62.25
C VAL H 194 -13.18 -62.07 -61.04
N ASN H 195 -12.00 -62.14 -60.43
CA ASN H 195 -11.80 -62.98 -59.29
C ASN H 195 -12.13 -62.22 -58.03
N ASP H 196 -12.35 -62.92 -56.93
CA ASP H 196 -12.47 -62.15 -55.71
C ASP H 196 -11.17 -61.54 -55.22
N GLU H 197 -10.05 -62.18 -55.50
CA GLU H 197 -8.72 -61.58 -55.32
C GLU H 197 -8.41 -60.60 -56.47
N TRP H 198 -7.78 -59.46 -56.16
CA TRP H 198 -7.27 -58.57 -57.21
C TRP H 198 -5.94 -59.12 -57.71
N ASN H 199 -5.98 -59.81 -58.85
CA ASN H 199 -4.80 -60.47 -59.41
C ASN H 199 -4.81 -60.22 -60.90
N GLU H 200 -3.89 -60.85 -61.67
CA GLU H 200 -3.80 -60.64 -63.14
C GLU H 200 -5.11 -61.00 -63.85
N GLY H 201 -5.78 -62.06 -63.42
CA GLY H 201 -7.07 -62.43 -64.03
C GLY H 201 -8.08 -61.28 -63.95
N SER H 202 -8.16 -60.66 -62.77
CA SER H 202 -9.17 -59.65 -62.51
C SER H 202 -8.78 -58.40 -63.31
N ILE H 203 -7.50 -58.12 -63.33
CA ILE H 203 -6.96 -56.96 -64.02
C ILE H 203 -7.26 -57.09 -65.51
N GLN H 204 -7.00 -58.28 -66.08
CA GLN H 204 -7.27 -58.43 -67.51
C GLN H 204 -8.75 -58.37 -67.83
N GLU H 205 -9.61 -58.89 -66.96
CA GLU H 205 -11.04 -58.85 -67.23
C GLU H 205 -11.61 -57.42 -67.20
N VAL H 206 -11.17 -56.65 -66.22
CA VAL H 206 -11.58 -55.24 -66.13
C VAL H 206 -11.10 -54.41 -67.30
N LYS H 207 -9.85 -54.63 -67.74
CA LYS H 207 -9.30 -53.94 -68.91
C LYS H 207 -10.07 -54.33 -70.15
N ARG H 208 -10.48 -55.61 -70.24
CA ARG H 208 -11.29 -56.03 -71.39
C ARG H 208 -12.66 -55.30 -71.40
N PHE H 209 -13.29 -55.18 -70.23
CA PHE H 209 -14.55 -54.46 -70.11
C PHE H 209 -14.40 -53.01 -70.64
N LEU H 210 -13.37 -52.33 -70.12
CA LEU H 210 -13.12 -50.95 -70.55
C LEU H 210 -12.86 -50.86 -72.04
N THR H 211 -12.03 -51.76 -72.55
CA THR H 211 -11.66 -51.78 -73.97
C THR H 211 -12.94 -52.00 -74.81
N ASP H 212 -13.77 -52.96 -74.39
CA ASP H 212 -15.02 -53.22 -75.11
C ASP H 212 -15.91 -51.97 -75.20
N TRP H 213 -16.03 -51.23 -74.09
CA TRP H 213 -16.88 -50.05 -74.09
C TRP H 213 -16.24 -48.87 -74.79
N ILE H 214 -14.91 -48.79 -74.76
CA ILE H 214 -14.21 -47.76 -75.53
C ILE H 214 -14.53 -47.98 -77.03
N GLU H 215 -14.43 -49.24 -77.45
CA GLU H 215 -14.79 -49.64 -78.83
C GLU H 215 -16.25 -49.30 -79.19
N ARG H 216 -17.20 -49.62 -78.34
CA ARG H 216 -18.61 -49.37 -78.66
C ARG H 216 -18.93 -47.89 -78.71
N MET H 217 -18.47 -47.16 -77.67
CA MET H 217 -18.85 -45.76 -77.49
C MET H 217 -17.98 -44.73 -78.14
N ASP H 218 -16.70 -45.04 -78.36
CA ASP H 218 -15.74 -44.07 -78.90
C ASP H 218 -15.80 -42.78 -78.02
N PRO H 219 -15.58 -42.93 -76.70
CA PRO H 219 -15.81 -41.80 -75.76
C PRO H 219 -14.70 -40.76 -75.89
N VAL H 220 -15.04 -39.49 -75.64
CA VAL H 220 -14.04 -38.42 -75.70
C VAL H 220 -13.20 -38.39 -74.41
N TYR H 221 -13.79 -38.92 -73.33
CA TYR H 221 -13.06 -39.14 -72.09
C TYR H 221 -13.77 -40.24 -71.30
N MET H 222 -13.09 -40.79 -70.29
CA MET H 222 -13.73 -41.64 -69.26
C MET H 222 -13.84 -40.79 -67.99
N ALA H 223 -14.96 -40.90 -67.31
CA ALA H 223 -15.38 -40.03 -66.19
C ALA H 223 -15.75 -40.74 -64.91
N VAL H 224 -15.52 -40.09 -63.76
CA VAL H 224 -15.99 -40.60 -62.48
C VAL H 224 -16.22 -39.42 -61.55
N SER H 225 -17.21 -39.53 -60.68
CA SER H 225 -17.37 -38.54 -59.60
CA SER H 225 -17.41 -38.55 -59.60
C SER H 225 -16.89 -39.17 -58.32
N LEU H 226 -16.24 -38.35 -57.49
CA LEU H 226 -15.50 -38.86 -56.36
C LEU H 226 -15.80 -38.10 -55.10
N PRO H 227 -15.72 -38.77 -53.95
CA PRO H 227 -16.07 -38.13 -52.68
C PRO H 227 -14.95 -37.24 -52.15
N PRO H 228 -15.25 -36.41 -51.14
CA PRO H 228 -14.24 -35.56 -50.52
C PRO H 228 -13.02 -36.27 -49.95
N THR H 229 -13.23 -37.53 -49.56
CA THR H 229 -12.16 -38.36 -48.98
C THR H 229 -11.38 -39.12 -50.08
N PHE H 230 -11.62 -38.81 -51.35
CA PHE H 230 -10.79 -39.40 -52.42
C PHE H 230 -9.28 -39.32 -52.17
N SER H 231 -8.63 -40.48 -52.20
CA SER H 231 -7.20 -40.54 -52.10
C SER H 231 -6.60 -41.47 -53.14
N PHE H 232 -5.38 -41.18 -53.53
CA PHE H 232 -4.63 -41.98 -54.46
C PHE H 232 -3.14 -41.75 -54.32
N PRO H 233 -2.36 -42.84 -54.26
CA PRO H 233 -2.72 -44.28 -54.30
C PRO H 233 -3.56 -44.74 -53.13
N GLU H 234 -4.24 -45.87 -53.30
CA GLU H 234 -4.99 -46.39 -52.20
C GLU H 234 -5.15 -47.90 -52.41
N GLU H 235 -4.95 -48.69 -51.35
CA GLU H 235 -5.24 -50.11 -51.44
C GLU H 235 -6.75 -50.34 -51.17
N SER H 236 -7.56 -50.03 -52.19
CA SER H 236 -9.02 -50.18 -52.19
C SER H 236 -9.29 -50.67 -53.60
N ASN H 237 -10.51 -51.15 -53.86
CA ASN H 237 -10.92 -51.55 -55.19
C ASN H 237 -10.69 -50.36 -56.13
N ARG H 238 -11.10 -49.17 -55.67
CA ARG H 238 -10.97 -48.00 -56.55
C ARG H 238 -9.52 -47.71 -56.90
N GLY H 239 -8.63 -47.69 -55.88
CA GLY H 239 -7.22 -47.34 -56.10
C GLY H 239 -6.62 -48.37 -57.05
N ARG H 240 -7.02 -49.64 -56.87
CA ARG H 240 -6.35 -50.70 -57.64
C ARG H 240 -6.85 -50.71 -59.09
N ILE H 241 -8.14 -50.47 -59.26
CA ILE H 241 -8.70 -50.36 -60.62
C ILE H 241 -8.10 -49.17 -61.37
N ILE H 242 -7.98 -48.03 -60.72
CA ILE H 242 -7.41 -46.87 -61.41
C ILE H 242 -5.94 -47.13 -61.83
N ARG H 243 -5.14 -47.63 -60.89
CA ARG H 243 -3.71 -47.87 -61.15
C ARG H 243 -3.51 -48.96 -62.21
N ASP H 244 -4.19 -50.08 -62.04
CA ASP H 244 -3.87 -51.27 -62.84
C ASP H 244 -4.63 -51.39 -64.15
N CYS H 245 -5.78 -50.74 -64.24
CA CYS H 245 -6.66 -50.89 -65.42
C CYS H 245 -6.90 -49.58 -66.14
N LEU H 246 -7.49 -48.63 -65.42
CA LEU H 246 -7.98 -47.40 -66.05
C LEU H 246 -6.82 -46.61 -66.68
N LEU H 247 -5.77 -46.34 -65.90
CA LEU H 247 -4.70 -45.49 -66.39
C LEU H 247 -3.96 -46.07 -67.61
N PRO H 248 -3.57 -47.36 -67.54
CA PRO H 248 -2.87 -47.95 -68.68
C PRO H 248 -3.76 -47.95 -69.95
N VAL H 249 -5.02 -48.31 -69.80
CA VAL H 249 -5.95 -48.27 -70.91
C VAL H 249 -6.15 -46.83 -71.46
N ALA H 250 -6.43 -45.88 -70.56
CA ALA H 250 -6.50 -44.45 -70.95
C ALA H 250 -5.26 -44.00 -71.76
N GLU H 251 -4.08 -44.40 -71.31
CA GLU H 251 -2.83 -44.03 -71.98
C GLU H 251 -2.71 -44.70 -73.36
N LYS H 252 -2.99 -45.99 -73.40
CA LYS H 252 -2.88 -46.69 -74.67
C LYS H 252 -3.78 -46.06 -75.76
N HIS H 253 -5.01 -45.73 -75.40
CA HIS H 253 -5.98 -45.13 -76.30
C HIS H 253 -5.92 -43.61 -76.38
N ASN H 254 -5.05 -43.01 -75.57
CA ASN H 254 -4.92 -41.55 -75.43
C ASN H 254 -6.26 -40.86 -75.15
N ILE H 255 -6.98 -41.39 -74.16
CA ILE H 255 -8.28 -40.86 -73.76
C ILE H 255 -8.05 -40.23 -72.37
N PRO H 256 -8.49 -38.96 -72.18
CA PRO H 256 -8.35 -38.41 -70.83
C PRO H 256 -9.26 -39.04 -69.82
N PHE H 257 -8.88 -38.85 -68.57
CA PHE H 257 -9.65 -39.30 -67.44
C PHE H 257 -10.23 -38.07 -66.75
N ALA H 258 -11.57 -37.98 -66.71
CA ALA H 258 -12.28 -36.89 -66.02
C ALA H 258 -12.62 -37.28 -64.61
N MET H 259 -12.19 -36.44 -63.67
CA MET H 259 -12.51 -36.65 -62.29
C MET H 259 -13.29 -35.45 -61.73
N MET H 260 -14.45 -35.74 -61.18
CA MET H 260 -15.32 -34.72 -60.66
C MET H 260 -15.34 -34.96 -59.16
N ILE H 261 -14.60 -34.13 -58.43
CA ILE H 261 -14.29 -34.49 -57.03
C ILE H 261 -15.01 -33.62 -56.02
N GLY H 262 -15.56 -34.26 -54.98
CA GLY H 262 -16.08 -33.51 -53.82
C GLY H 262 -17.52 -33.81 -53.43
N VAL H 263 -18.19 -34.74 -54.12
CA VAL H 263 -19.61 -34.98 -53.87
C VAL H 263 -19.75 -36.05 -52.77
N LYS H 264 -20.51 -35.69 -51.75
CA LYS H 264 -20.78 -36.65 -50.67
C LYS H 264 -22.20 -37.17 -50.96
N LYS H 265 -22.27 -38.41 -51.45
CA LYS H 265 -23.57 -38.98 -51.87
C LYS H 265 -24.60 -39.25 -50.77
N ARG H 266 -25.83 -38.92 -51.13
CA ARG H 266 -27.03 -39.34 -50.38
CA ARG H 266 -27.05 -39.29 -50.38
C ARG H 266 -27.00 -39.03 -48.88
N VAL H 267 -26.64 -37.80 -48.52
CA VAL H 267 -26.72 -37.40 -47.12
C VAL H 267 -28.16 -37.24 -46.66
N HIS H 268 -29.07 -37.05 -47.62
CA HIS H 268 -30.51 -37.00 -47.35
C HIS H 268 -31.19 -37.93 -48.38
N PRO H 269 -31.17 -39.24 -48.09
CA PRO H 269 -31.54 -40.25 -49.09
C PRO H 269 -32.91 -39.99 -49.71
N ALA H 270 -33.87 -39.53 -48.91
CA ALA H 270 -35.24 -39.41 -49.41
C ALA H 270 -35.38 -38.35 -50.50
N LEU H 271 -34.40 -37.44 -50.59
CA LEU H 271 -34.43 -36.41 -51.63
C LEU H 271 -33.89 -36.92 -52.96
N GLY H 272 -33.43 -38.16 -53.01
CA GLY H 272 -32.88 -38.76 -54.24
C GLY H 272 -31.73 -37.95 -54.80
N ASP H 273 -31.81 -37.60 -56.07
CA ASP H 273 -30.77 -36.80 -56.72
C ASP H 273 -30.49 -35.46 -56.02
N ALA H 274 -31.49 -34.94 -55.32
CA ALA H 274 -31.38 -33.70 -54.54
C ALA H 274 -30.74 -33.91 -53.14
N GLY H 275 -30.32 -35.15 -52.84
CA GLY H 275 -29.82 -35.47 -51.49
C GLY H 275 -28.30 -35.50 -51.30
N ASP H 276 -27.56 -35.00 -52.28
CA ASP H 276 -26.10 -35.08 -52.32
C ASP H 276 -25.49 -33.79 -51.75
N PHE H 277 -24.38 -33.95 -51.01
CA PHE H 277 -23.74 -32.80 -50.32
C PHE H 277 -22.31 -32.63 -50.85
N VAL H 278 -21.52 -31.83 -50.16
CA VAL H 278 -20.18 -31.46 -50.69
C VAL H 278 -19.14 -31.52 -49.54
N GLY H 279 -17.87 -31.79 -49.88
CA GLY H 279 -16.82 -31.49 -48.90
C GLY H 279 -15.55 -31.14 -49.59
N LYS H 280 -14.67 -30.46 -48.85
CA LYS H 280 -13.34 -30.18 -49.34
C LYS H 280 -12.50 -31.46 -49.44
N ALA H 281 -11.80 -31.59 -50.58
CA ALA H 281 -10.92 -32.75 -50.77
C ALA H 281 -9.48 -32.37 -50.54
N SER H 282 -8.65 -33.37 -50.19
CA SER H 282 -7.19 -33.23 -50.32
C SER H 282 -6.81 -33.10 -51.80
N MET H 283 -5.82 -32.26 -52.10
CA MET H 283 -5.27 -32.22 -53.47
C MET H 283 -4.21 -33.34 -53.71
N ASP H 284 -3.78 -34.06 -52.66
CA ASP H 284 -2.61 -34.96 -52.78
C ASP H 284 -2.80 -36.05 -53.86
N GLY H 285 -4.01 -36.63 -53.95
CA GLY H 285 -4.30 -37.74 -54.93
C GLY H 285 -4.22 -37.18 -56.31
N VAL H 286 -4.84 -36.02 -56.52
CA VAL H 286 -4.73 -35.41 -57.85
C VAL H 286 -3.29 -35.03 -58.20
N GLU H 287 -2.59 -34.42 -57.27
CA GLU H 287 -1.16 -34.12 -57.45
C GLU H 287 -0.33 -35.36 -57.81
N HIS H 288 -0.52 -36.42 -57.05
CA HIS H 288 0.16 -37.70 -57.35
C HIS H 288 -0.15 -38.22 -58.76
N LEU H 289 -1.43 -38.26 -59.09
CA LEU H 289 -1.83 -38.72 -60.44
C LEU H 289 -1.13 -37.90 -61.55
N LEU H 290 -1.16 -36.58 -61.41
CA LEU H 290 -0.59 -35.74 -62.42
C LEU H 290 0.91 -35.95 -62.59
N ARG H 291 1.62 -36.01 -61.47
CA ARG H 291 3.08 -36.12 -61.48
C ARG H 291 3.57 -37.51 -61.95
N GLU H 292 2.93 -38.54 -61.42
CA GLU H 292 3.40 -39.91 -61.63
C GLU H 292 2.87 -40.55 -62.93
N TYR H 293 1.81 -39.96 -63.51
CA TYR H 293 1.24 -40.41 -64.81
C TYR H 293 1.32 -39.32 -65.89
N PRO H 294 2.54 -38.91 -66.25
CA PRO H 294 2.76 -37.78 -67.15
C PRO H 294 2.28 -38.00 -68.56
N ASN H 295 2.11 -39.27 -68.92
CA ASN H 295 1.56 -39.62 -70.24
C ASN H 295 0.04 -39.80 -70.25
N ASN H 296 -0.61 -39.54 -69.10
CA ASN H 296 -2.08 -39.56 -69.02
C ASN H 296 -2.57 -38.13 -68.94
N LYS H 297 -3.77 -37.90 -69.48
CA LYS H 297 -4.39 -36.56 -69.43
C LYS H 297 -5.57 -36.55 -68.49
N PHE H 298 -5.70 -35.47 -67.70
CA PHE H 298 -6.70 -35.49 -66.68
C PHE H 298 -7.56 -34.27 -66.81
N LEU H 299 -8.87 -34.44 -66.80
CA LEU H 299 -9.84 -33.31 -66.74
C LEU H 299 -10.40 -33.26 -65.34
N VAL H 300 -10.34 -32.11 -64.67
CA VAL H 300 -10.79 -32.12 -63.29
C VAL H 300 -11.67 -30.92 -62.98
N THR H 301 -12.75 -31.16 -62.24
CA THR H 301 -13.60 -30.11 -61.70
C THR H 301 -13.88 -30.49 -60.26
N MET H 302 -14.00 -29.50 -59.35
CA MET H 302 -14.14 -29.85 -57.95
C MET H 302 -15.34 -29.12 -57.38
N LEU H 303 -15.95 -29.74 -56.39
CA LEU H 303 -17.22 -29.28 -55.94
C LEU H 303 -17.14 -28.22 -54.83
N SER H 304 -16.08 -28.29 -54.02
CA SER H 304 -16.02 -27.38 -52.85
C SER H 304 -15.45 -26.01 -53.26
N ARG H 305 -16.05 -24.94 -52.72
CA ARG H 305 -15.57 -23.57 -52.97
C ARG H 305 -14.10 -23.49 -52.54
N GLU H 306 -13.79 -24.18 -51.44
CA GLU H 306 -12.49 -24.12 -50.81
C GLU H 306 -11.37 -24.88 -51.50
N ASN H 307 -11.72 -25.60 -52.57
CA ASN H 307 -10.70 -26.28 -53.40
C ASN H 307 -10.35 -25.48 -54.66
N GLN H 308 -11.10 -24.41 -54.97
CA GLN H 308 -10.98 -23.80 -56.34
C GLN H 308 -9.63 -23.11 -56.55
N HIS H 309 -9.19 -22.31 -55.55
CA HIS H 309 -7.92 -21.60 -55.73
C HIS H 309 -6.75 -22.57 -55.88
N GLU H 310 -6.70 -23.59 -55.01
CA GLU H 310 -5.54 -24.51 -55.07
C GLU H 310 -5.58 -25.41 -56.31
N LEU H 311 -6.79 -25.68 -56.78
CA LEU H 311 -6.96 -26.35 -58.13
C LEU H 311 -6.34 -25.54 -59.27
N VAL H 312 -6.55 -24.23 -59.24
CA VAL H 312 -5.94 -23.36 -60.23
C VAL H 312 -4.42 -23.45 -60.11
N VAL H 313 -3.89 -23.36 -58.89
CA VAL H 313 -2.43 -23.42 -58.72
C VAL H 313 -1.93 -24.78 -59.21
N LEU H 314 -2.70 -25.84 -59.00
CA LEU H 314 -2.17 -27.15 -59.45
C LEU H 314 -2.10 -27.19 -60.98
N ALA H 315 -3.06 -26.55 -61.65
CA ALA H 315 -3.00 -26.39 -63.11
C ALA H 315 -1.74 -25.65 -63.58
N ARG H 316 -1.28 -24.64 -62.82
CA ARG H 316 0.00 -23.98 -63.16
C ARG H 316 1.16 -24.98 -63.14
N LYS H 317 1.04 -26.04 -62.34
CA LYS H 317 2.18 -26.95 -62.17
C LYS H 317 2.19 -28.03 -63.26
N PHE H 318 1.01 -28.42 -63.72
CA PHE H 318 0.88 -29.65 -64.58
C PHE H 318 0.09 -29.42 -65.86
N SER H 319 0.81 -29.54 -66.97
CA SER H 319 0.22 -29.30 -68.31
C SER H 319 -0.70 -30.45 -68.72
N ASN H 320 -0.55 -31.61 -68.07
CA ASN H 320 -1.49 -32.73 -68.30
C ASN H 320 -2.78 -32.60 -67.47
N LEU H 321 -2.94 -31.45 -66.78
CA LEU H 321 -4.18 -31.14 -66.09
C LEU H 321 -4.97 -30.10 -66.87
N MET H 322 -6.21 -30.43 -67.17
CA MET H 322 -7.10 -29.39 -67.79
C MET H 322 -8.23 -29.20 -66.79
N ILE H 323 -8.39 -27.98 -66.26
CA ILE H 323 -9.49 -27.80 -65.34
C ILE H 323 -10.70 -27.28 -66.12
N PHE H 324 -11.88 -27.66 -65.70
CA PHE H 324 -13.07 -27.23 -66.39
C PHE H 324 -14.22 -26.88 -65.48
N GLY H 325 -14.93 -25.82 -65.80
CA GLY H 325 -16.32 -25.70 -65.32
C GLY H 325 -16.45 -25.25 -63.90
N CYS H 326 -17.68 -24.81 -63.61
CA CYS H 326 -18.09 -24.49 -62.29
C CYS H 326 -19.29 -25.40 -61.98
N TRP H 327 -18.96 -26.49 -61.30
CA TRP H 327 -19.84 -27.62 -61.17
C TRP H 327 -20.86 -27.39 -60.06
N TRP H 328 -22.14 -27.56 -60.42
CA TRP H 328 -23.21 -27.82 -59.44
C TRP H 328 -23.31 -26.67 -58.37
N PHE H 329 -22.82 -26.90 -57.15
CA PHE H 329 -22.89 -25.89 -56.09
C PHE H 329 -21.94 -24.70 -56.38
N MET H 330 -21.08 -24.89 -57.38
CA MET H 330 -20.18 -23.85 -57.83
C MET H 330 -20.88 -23.01 -58.91
N ASN H 331 -22.06 -23.46 -59.36
CA ASN H 331 -22.62 -22.90 -60.62
C ASN H 331 -23.61 -21.79 -60.29
N ASN H 332 -23.10 -20.79 -59.54
CA ASN H 332 -23.91 -19.70 -59.07
C ASN H 332 -23.10 -18.43 -59.33
N PRO H 333 -23.77 -17.35 -59.80
CA PRO H 333 -22.93 -16.14 -60.21
C PRO H 333 -21.79 -15.69 -59.28
N GLU H 334 -22.00 -15.62 -57.96
CA GLU H 334 -20.94 -15.13 -57.07
C GLU H 334 -19.70 -16.04 -57.20
N ILE H 335 -19.93 -17.35 -57.35
CA ILE H 335 -18.84 -18.30 -57.42
C ILE H 335 -18.25 -18.35 -58.83
N ILE H 336 -19.12 -18.42 -59.85
CA ILE H 336 -18.61 -18.40 -61.22
C ILE H 336 -17.66 -17.23 -61.46
N ASN H 337 -18.06 -16.08 -60.91
CA ASN H 337 -17.25 -14.88 -61.08
C ASN H 337 -15.90 -15.00 -60.42
N GLU H 338 -15.87 -15.37 -59.13
CA GLU H 338 -14.57 -15.46 -58.44
C GLU H 338 -13.72 -16.56 -59.06
N MET H 339 -14.32 -17.71 -59.39
CA MET H 339 -13.54 -18.76 -60.04
C MET H 339 -12.95 -18.37 -61.35
N THR H 340 -13.77 -17.73 -62.21
CA THR H 340 -13.29 -17.36 -63.59
C THR H 340 -12.16 -16.33 -63.50
N ARG H 341 -12.29 -15.42 -62.52
CA ARG H 341 -11.24 -14.42 -62.32
C ARG H 341 -9.96 -15.05 -61.81
N MET H 342 -10.07 -15.93 -60.81
CA MET H 342 -8.84 -16.55 -60.30
C MET H 342 -8.13 -17.37 -61.43
N ARG H 343 -8.93 -18.09 -62.21
CA ARG H 343 -8.45 -18.95 -63.27
C ARG H 343 -7.73 -18.07 -64.34
N MET H 344 -8.35 -16.98 -64.75
CA MET H 344 -7.77 -16.20 -65.84
C MET H 344 -6.49 -15.50 -65.33
N GLU H 345 -6.59 -14.98 -64.12
CA GLU H 345 -5.41 -14.34 -63.49
C GLU H 345 -4.15 -15.22 -63.46
N MET H 346 -4.35 -16.51 -63.18
CA MET H 346 -3.25 -17.46 -63.02
C MET H 346 -2.96 -18.36 -64.24
N LEU H 347 -3.94 -18.49 -65.13
CA LEU H 347 -3.82 -19.44 -66.29
C LEU H 347 -3.99 -18.77 -67.64
N GLY H 348 -4.24 -17.45 -67.67
CA GLY H 348 -4.51 -16.82 -68.93
C GLY H 348 -5.76 -17.42 -69.57
N THR H 349 -5.63 -17.95 -70.78
CA THR H 349 -6.82 -18.54 -71.42
C THR H 349 -6.69 -20.07 -71.48
N SER H 350 -5.76 -20.63 -70.70
CA SER H 350 -5.48 -22.09 -70.68
C SER H 350 -6.35 -22.90 -69.74
N PHE H 351 -7.66 -22.69 -69.84
CA PHE H 351 -8.65 -23.50 -69.10
C PHE H 351 -9.99 -23.53 -69.80
N ILE H 352 -10.93 -24.30 -69.29
CA ILE H 352 -12.27 -24.37 -69.85
C ILE H 352 -13.20 -23.76 -68.82
N PRO H 353 -13.66 -22.51 -69.07
CA PRO H 353 -14.41 -21.88 -68.00
C PRO H 353 -15.71 -22.52 -67.56
N GLN H 354 -16.46 -23.19 -68.44
CA GLN H 354 -17.75 -23.65 -68.03
C GLN H 354 -18.23 -24.88 -68.82
N HIS H 355 -19.18 -25.59 -68.20
CA HIS H 355 -19.96 -26.69 -68.81
C HIS H 355 -21.35 -26.55 -68.17
N SER H 356 -22.38 -27.11 -68.80
CA SER H 356 -23.73 -26.87 -68.25
C SER H 356 -24.14 -27.93 -67.25
N ASP H 357 -23.69 -29.17 -67.48
CA ASP H 357 -24.22 -30.32 -66.72
C ASP H 357 -25.73 -30.43 -66.93
N ALA H 358 -26.24 -29.99 -68.08
CA ALA H 358 -27.69 -29.95 -68.26
C ALA H 358 -28.27 -31.36 -68.17
N ARG H 359 -29.34 -31.50 -67.38
CA ARG H 359 -30.09 -32.77 -67.31
C ARG H 359 -31.34 -32.66 -68.13
N VAL H 360 -31.81 -31.45 -68.39
CA VAL H 360 -33.03 -31.19 -69.19
C VAL H 360 -32.60 -30.29 -70.34
N LEU H 361 -33.03 -30.65 -71.54
CA LEU H 361 -32.54 -30.01 -72.75
C LEU H 361 -32.53 -28.49 -72.72
N GLU H 362 -33.63 -27.89 -72.28
CA GLU H 362 -33.75 -26.43 -72.41
C GLU H 362 -32.81 -25.69 -71.48
N GLN H 363 -32.30 -26.37 -70.47
CA GLN H 363 -31.28 -25.76 -69.58
C GLN H 363 -30.08 -25.23 -70.36
N LEU H 364 -29.78 -25.76 -71.56
CA LEU H 364 -28.67 -25.23 -72.33
C LEU H 364 -28.85 -23.71 -72.55
N ILE H 365 -30.11 -23.26 -72.64
CA ILE H 365 -30.37 -21.85 -72.89
C ILE H 365 -29.86 -21.03 -71.69
N TYR H 366 -30.34 -21.36 -70.50
CA TYR H 366 -29.97 -20.56 -69.35
C TYR H 366 -28.52 -20.79 -68.92
N LYS H 367 -28.06 -22.04 -68.96
CA LYS H 367 -26.74 -22.32 -68.40
C LYS H 367 -25.75 -21.49 -69.16
N TRP H 368 -25.88 -21.47 -70.48
CA TRP H 368 -24.96 -20.69 -71.31
C TRP H 368 -25.24 -19.18 -71.26
N HIS H 369 -26.51 -18.76 -71.25
CA HIS H 369 -26.83 -17.32 -71.17
C HIS H 369 -26.17 -16.72 -69.89
N HIS H 370 -26.41 -17.34 -68.75
CA HIS H 370 -26.01 -16.82 -67.43
C HIS H 370 -24.49 -16.81 -67.30
N SER H 371 -23.84 -17.87 -67.78
CA SER H 371 -22.40 -18.00 -67.71
C SER H 371 -21.71 -17.10 -68.69
N LYS H 372 -22.25 -17.00 -69.91
CA LYS H 372 -21.59 -16.16 -70.91
C LYS H 372 -21.57 -14.70 -70.48
N SER H 373 -22.66 -14.21 -69.85
CA SER H 373 -22.67 -12.81 -69.37
C SER H 373 -21.49 -12.58 -68.38
N ILE H 374 -21.30 -13.50 -67.44
CA ILE H 374 -20.24 -13.36 -66.45
C ILE H 374 -18.88 -13.47 -67.10
N ILE H 375 -18.65 -14.50 -67.93
CA ILE H 375 -17.39 -14.69 -68.62
C ILE H 375 -17.04 -13.43 -69.49
N ALA H 376 -18.04 -12.88 -70.18
CA ALA H 376 -17.83 -11.64 -70.93
C ALA H 376 -17.33 -10.51 -70.02
N GLU H 377 -17.96 -10.33 -68.86
CA GLU H 377 -17.55 -9.29 -67.88
CA GLU H 377 -17.52 -9.23 -67.98
C GLU H 377 -16.07 -9.46 -67.50
N VAL H 378 -15.66 -10.70 -67.18
CA VAL H 378 -14.28 -10.94 -66.79
C VAL H 378 -13.33 -10.64 -67.94
N LEU H 379 -13.65 -11.13 -69.15
CA LEU H 379 -12.81 -10.79 -70.33
C LEU H 379 -12.67 -9.28 -70.54
N ILE H 380 -13.78 -8.57 -70.44
CA ILE H 380 -13.74 -7.08 -70.63
C ILE H 380 -12.75 -6.47 -69.64
N ASP H 381 -12.86 -6.82 -68.36
CA ASP H 381 -11.88 -6.32 -67.36
C ASP H 381 -10.46 -6.71 -67.73
N LYS H 382 -10.22 -7.98 -68.11
CA LYS H 382 -8.83 -8.41 -68.44
C LYS H 382 -8.26 -7.78 -69.70
N TYR H 383 -9.08 -7.64 -70.73
CA TYR H 383 -8.62 -6.92 -71.94
C TYR H 383 -8.42 -5.45 -71.64
N ASP H 384 -9.33 -4.88 -70.84
CA ASP H 384 -9.18 -3.45 -70.51
C ASP H 384 -7.87 -3.17 -69.79
N ASP H 385 -7.47 -4.09 -68.90
CA ASP H 385 -6.23 -3.89 -68.14
C ASP H 385 -5.05 -3.92 -69.08
N ILE H 386 -5.08 -4.78 -70.11
CA ILE H 386 -3.89 -4.80 -71.01
C ILE H 386 -3.93 -3.68 -72.03
N LEU H 387 -5.13 -3.24 -72.42
CA LEU H 387 -5.28 -2.03 -73.27
C LEU H 387 -4.67 -0.84 -72.52
N GLN H 388 -4.92 -0.77 -71.22
CA GLN H 388 -4.41 0.30 -70.34
C GLN H 388 -2.90 0.27 -70.29
N ALA H 389 -2.34 -0.94 -70.36
CA ALA H 389 -0.90 -1.14 -70.34
C ALA H 389 -0.28 -0.91 -71.71
N GLY H 390 -1.09 -0.47 -72.68
CA GLY H 390 -0.61 -0.11 -74.03
C GLY H 390 -0.67 -1.21 -75.08
N TRP H 391 -1.17 -2.40 -74.71
CA TRP H 391 -1.32 -3.49 -75.67
C TRP H 391 -2.47 -3.17 -76.59
N GLU H 392 -2.31 -3.47 -77.87
CA GLU H 392 -3.41 -3.26 -78.81
C GLU H 392 -4.12 -4.57 -79.16
N VAL H 393 -5.14 -4.91 -78.38
CA VAL H 393 -5.94 -6.08 -78.63
C VAL H 393 -6.75 -5.85 -79.88
N THR H 394 -6.75 -6.84 -80.78
CA THR H 394 -7.63 -6.80 -81.95
C THR H 394 -8.91 -7.61 -81.78
N GLU H 395 -9.94 -7.23 -82.54
CA GLU H 395 -11.18 -7.98 -82.46
C GLU H 395 -10.98 -9.43 -82.91
N GLU H 396 -10.07 -9.68 -83.85
CA GLU H 396 -9.83 -11.07 -84.29
C GLU H 396 -9.17 -11.87 -83.17
N GLU H 397 -8.33 -11.21 -82.41
CA GLU H 397 -7.67 -11.90 -81.28
C GLU H 397 -8.69 -12.22 -80.19
N ILE H 398 -9.57 -11.26 -79.94
CA ILE H 398 -10.71 -11.50 -79.00
C ILE H 398 -11.52 -12.73 -79.46
N LYS H 399 -11.77 -12.84 -80.77
CA LYS H 399 -12.60 -13.90 -81.29
C LYS H 399 -11.87 -15.22 -81.12
N ARG H 400 -10.56 -15.22 -81.36
CA ARG H 400 -9.74 -16.41 -81.19
C ARG H 400 -9.76 -16.91 -79.73
N ASP H 401 -9.53 -15.97 -78.81
CA ASP H 401 -9.43 -16.33 -77.37
C ASP H 401 -10.75 -16.90 -76.92
N VAL H 402 -11.85 -16.29 -77.37
CA VAL H 402 -13.22 -16.72 -77.01
C VAL H 402 -13.45 -18.13 -77.56
N ALA H 403 -13.05 -18.35 -78.81
CA ALA H 403 -13.11 -19.73 -79.38
C ALA H 403 -12.34 -20.73 -78.54
N ASP H 404 -11.17 -20.34 -78.03
CA ASP H 404 -10.35 -21.24 -77.19
C ASP H 404 -11.13 -21.62 -75.96
N LEU H 405 -11.70 -20.62 -75.31
CA LEU H 405 -12.36 -20.85 -74.00
C LEU H 405 -13.62 -21.72 -74.13
N PHE H 406 -14.42 -21.48 -75.18
CA PHE H 406 -15.76 -22.10 -75.31
C PHE H 406 -15.79 -23.39 -76.11
N SER H 407 -14.69 -23.66 -76.82
CA SER H 407 -14.64 -24.88 -77.68
C SER H 407 -13.25 -25.47 -77.93
N ARG H 408 -12.31 -24.66 -78.39
CA ARG H 408 -11.04 -25.22 -78.93
C ARG H 408 -10.15 -25.84 -77.87
N ASN H 409 -10.18 -25.29 -76.64
CA ASN H 409 -9.28 -25.80 -75.63
C ASN H 409 -9.67 -27.23 -75.32
N PHE H 410 -10.98 -27.52 -75.31
CA PHE H 410 -11.45 -28.88 -74.98
C PHE H 410 -10.95 -29.88 -76.08
N TRP H 411 -11.29 -29.59 -77.34
CA TRP H 411 -10.88 -30.49 -78.44
C TRP H 411 -9.37 -30.65 -78.56
N ARG H 412 -8.64 -29.57 -78.32
CA ARG H 412 -7.20 -29.64 -78.33
C ARG H 412 -6.73 -30.58 -77.25
N PHE H 413 -7.41 -30.58 -76.11
CA PHE H 413 -6.90 -31.35 -74.97
C PHE H 413 -7.23 -32.82 -75.18
N VAL H 414 -8.45 -33.10 -75.61
CA VAL H 414 -8.88 -34.49 -75.75
C VAL H 414 -8.30 -35.11 -77.02
N GLY H 415 -7.69 -34.27 -77.86
CA GLY H 415 -6.98 -34.74 -79.04
C GLY H 415 -7.95 -35.37 -80.02
N ARG H 416 -9.14 -34.78 -80.10
CA ARG H 416 -10.20 -35.18 -81.08
C ARG H 416 -10.49 -33.94 -81.90
N ASN H 417 -11.51 -34.02 -82.77
CA ASN H 417 -12.11 -32.86 -83.48
C ASN H 417 -11.45 -31.50 -83.14
N SER I 2 -15.59 22.29 -40.46
CA SER I 2 -14.13 22.60 -40.70
C SER I 2 -13.68 22.08 -42.07
N LEU I 3 -12.42 22.35 -42.45
CA LEU I 3 -11.86 21.97 -43.79
C LEU I 3 -10.86 20.79 -43.80
N SER I 4 -11.10 19.61 -44.43
CA SER I 4 -12.37 18.92 -44.78
C SER I 4 -12.77 18.72 -46.29
N ILE I 5 -12.69 17.46 -46.72
CA ILE I 5 -13.07 17.09 -48.08
C ILE I 5 -14.58 16.92 -48.18
N ASN I 6 -15.18 17.67 -49.12
CA ASN I 6 -16.65 17.87 -49.19
C ASN I 6 -17.32 17.23 -50.40
N SER I 7 -16.55 16.50 -51.22
CA SER I 7 -17.15 15.70 -52.28
C SER I 7 -16.38 14.43 -52.56
N ARG I 8 -17.14 13.45 -53.05
CA ARG I 8 -16.61 12.16 -53.48
C ARG I 8 -15.52 12.29 -54.53
N GLU I 9 -15.66 13.25 -55.44
CA GLU I 9 -14.66 13.42 -56.50
C GLU I 9 -13.33 13.92 -55.93
N VAL I 10 -13.41 14.87 -54.99
CA VAL I 10 -12.19 15.38 -54.36
C VAL I 10 -11.56 14.29 -53.47
N LEU I 11 -12.39 13.51 -52.80
CA LEU I 11 -11.86 12.41 -52.02
C LEU I 11 -11.07 11.42 -52.92
N ALA I 12 -11.66 11.01 -54.05
CA ALA I 12 -10.97 10.06 -54.95
C ALA I 12 -9.65 10.68 -55.44
N GLU I 13 -9.71 11.97 -55.79
CA GLU I 13 -8.51 12.68 -56.22
C GLU I 13 -7.41 12.62 -55.16
N LYS I 14 -7.74 12.99 -53.93
CA LYS I 14 -6.72 13.10 -52.88
C LYS I 14 -6.15 11.74 -52.45
N VAL I 15 -7.00 10.71 -52.48
CA VAL I 15 -6.54 9.36 -52.13
C VAL I 15 -5.60 8.88 -53.18
N LYS I 16 -5.99 8.98 -54.46
CA LYS I 16 -5.12 8.47 -55.52
C LYS I 16 -3.77 9.21 -55.54
N ASN I 17 -3.84 10.53 -55.31
CA ASN I 17 -2.61 11.35 -55.20
C ASN I 17 -1.70 10.85 -54.09
N ALA I 18 -2.29 10.62 -52.93
CA ALA I 18 -1.50 10.24 -51.76
C ALA I 18 -0.86 8.88 -52.03
N VAL I 19 -1.67 7.95 -52.52
CA VAL I 19 -1.17 6.60 -52.87
C VAL I 19 -0.06 6.65 -53.93
N ASN I 20 -0.24 7.45 -54.97
CA ASN I 20 0.78 7.58 -56.02
C ASN I 20 2.03 8.32 -55.57
N ASN I 21 1.88 9.25 -54.62
CA ASN I 21 3.01 10.09 -54.20
C ASN I 21 3.81 9.56 -52.99
N GLN I 22 3.19 8.72 -52.17
CA GLN I 22 3.86 8.16 -50.99
C GLN I 22 4.98 7.22 -51.38
N PRO I 23 6.23 7.57 -50.97
CA PRO I 23 7.35 6.66 -51.20
C PRO I 23 7.12 5.30 -50.53
N VAL I 24 7.28 4.25 -51.32
CA VAL I 24 7.07 2.90 -50.82
C VAL I 24 8.32 2.27 -50.20
N THR I 25 8.14 1.62 -49.07
CA THR I 25 9.08 0.62 -48.57
C THR I 25 8.52 -0.74 -48.96
N ASP I 26 9.31 -1.47 -49.77
CA ASP I 26 8.92 -2.81 -50.24
C ASP I 26 9.63 -3.81 -49.34
N MET I 27 8.89 -4.35 -48.40
CA MET I 27 9.53 -5.06 -47.29
C MET I 27 9.85 -6.52 -47.46
N HIS I 28 9.66 -7.05 -48.67
CA HIS I 28 10.17 -8.38 -48.98
C HIS I 28 10.33 -8.52 -50.47
N THR I 29 11.59 -8.64 -50.90
CA THR I 29 11.92 -8.81 -52.33
C THR I 29 13.03 -9.84 -52.48
N HIS I 30 13.33 -10.16 -53.75
CA HIS I 30 14.53 -10.93 -54.10
C HIS I 30 15.45 -10.09 -55.01
N LEU I 31 15.52 -8.78 -54.72
CA LEU I 31 16.43 -7.90 -55.43
C LEU I 31 17.68 -7.70 -54.57
N PHE I 32 18.74 -7.23 -55.22
CA PHE I 32 19.98 -6.94 -54.50
C PHE I 32 20.47 -5.53 -54.86
N SER I 33 21.17 -4.88 -53.92
CA SER I 33 21.84 -3.61 -54.20
C SER I 33 22.69 -3.84 -55.45
N PRO I 34 22.73 -2.85 -56.36
CA PRO I 34 23.41 -3.07 -57.66
C PRO I 34 24.93 -3.32 -57.52
N ASN I 35 25.54 -2.80 -56.44
CA ASN I 35 26.95 -3.13 -56.17
C ASN I 35 27.19 -4.60 -55.82
N PHE I 36 26.13 -5.39 -55.62
CA PHE I 36 26.29 -6.85 -55.36
C PHE I 36 26.51 -7.64 -56.66
N GLY I 37 26.35 -6.97 -57.79
CA GLY I 37 26.67 -7.58 -59.06
C GLY I 37 25.54 -8.20 -59.82
N GLU I 38 25.87 -9.31 -60.47
CA GLU I 38 25.02 -9.93 -61.48
C GLU I 38 23.80 -10.60 -60.88
N ILE I 39 23.84 -10.90 -59.57
CA ILE I 39 22.67 -11.49 -58.92
C ILE I 39 21.47 -10.52 -58.93
N LEU I 40 21.72 -9.22 -59.04
CA LEU I 40 20.62 -8.31 -59.43
C LEU I 40 20.21 -8.62 -60.88
N LEU I 41 19.02 -9.23 -61.01
CA LEU I 41 18.46 -9.51 -62.34
C LEU I 41 17.66 -8.35 -62.89
N TRP I 42 17.80 -8.11 -64.21
CA TRP I 42 17.02 -7.07 -64.86
C TRP I 42 16.97 -7.19 -66.35
N ASP I 43 15.98 -6.53 -66.94
CA ASP I 43 15.74 -6.46 -68.38
C ASP I 43 14.57 -7.31 -68.88
N ILE I 44 14.15 -7.06 -70.11
CA ILE I 44 12.95 -7.71 -70.70
C ILE I 44 13.06 -9.22 -70.83
N ASP I 45 14.25 -9.74 -71.11
CA ASP I 45 14.42 -11.19 -71.19
C ASP I 45 14.29 -11.81 -69.80
N GLU I 46 14.74 -11.10 -68.77
CA GLU I 46 14.64 -11.60 -67.41
C GLU I 46 13.15 -11.57 -67.03
N LEU I 47 12.43 -10.52 -67.46
CA LEU I 47 10.97 -10.40 -67.17
C LEU I 47 10.21 -11.55 -67.80
N LEU I 48 10.52 -11.80 -69.05
CA LEU I 48 9.81 -12.84 -69.77
C LEU I 48 10.10 -14.24 -69.23
N THR I 49 11.29 -14.44 -68.65
CA THR I 49 11.66 -15.76 -68.15
C THR I 49 11.50 -15.94 -66.61
N TYR I 50 10.94 -14.94 -65.95
CA TYR I 50 10.37 -15.09 -64.60
C TYR I 50 9.67 -16.45 -64.49
N HIS I 51 9.87 -17.16 -63.37
CA HIS I 51 9.32 -18.52 -63.26
C HIS I 51 7.78 -18.55 -63.37
N TYR I 52 7.08 -17.46 -63.04
CA TYR I 52 5.60 -17.50 -63.16
C TYR I 52 5.28 -17.72 -64.63
N LEU I 53 6.09 -17.12 -65.51
CA LEU I 53 5.80 -17.24 -66.94
C LEU I 53 6.25 -18.59 -67.49
N VAL I 54 7.31 -19.17 -66.91
CA VAL I 54 7.67 -20.57 -67.27
C VAL I 54 6.49 -21.54 -67.04
N ALA I 55 5.90 -21.49 -65.85
CA ALA I 55 4.71 -22.31 -65.55
C ALA I 55 3.63 -22.10 -66.63
N GLU I 56 3.29 -20.84 -66.90
CA GLU I 56 2.25 -20.54 -67.90
C GLU I 56 2.58 -21.03 -69.31
N VAL I 57 3.83 -20.89 -69.75
CA VAL I 57 4.14 -21.24 -71.14
C VAL I 57 4.07 -22.77 -71.27
N MET I 58 4.47 -23.46 -70.22
CA MET I 58 4.41 -24.95 -70.28
C MET I 58 3.00 -25.51 -70.38
N ARG I 59 1.96 -24.74 -70.01
CA ARG I 59 0.59 -25.18 -70.25
C ARG I 59 0.19 -25.17 -71.72
N TRP I 60 0.95 -24.45 -72.55
CA TRP I 60 0.60 -24.24 -73.93
C TRP I 60 1.58 -24.89 -74.92
N THR I 61 2.86 -24.73 -74.67
CA THR I 61 3.89 -25.07 -75.66
C THR I 61 4.02 -26.59 -75.87
N ASP I 62 4.41 -26.99 -77.09
CA ASP I 62 4.84 -28.38 -77.44
C ASP I 62 6.29 -28.68 -77.00
N VAL I 63 7.08 -27.62 -76.84
CA VAL I 63 8.49 -27.73 -76.44
C VAL I 63 8.59 -28.41 -75.07
N SER I 64 9.53 -29.36 -74.94
CA SER I 64 9.61 -30.14 -73.72
C SER I 64 10.30 -29.30 -72.65
N ILE I 65 10.10 -29.66 -71.38
CA ILE I 65 10.76 -28.89 -70.32
C ILE I 65 12.30 -28.96 -70.38
N GLU I 66 12.82 -30.12 -70.79
CA GLU I 66 14.24 -30.29 -71.06
C GLU I 66 14.72 -29.37 -72.18
N ALA I 67 14.02 -29.39 -73.33
CA ALA I 67 14.38 -28.54 -74.45
C ALA I 67 14.32 -27.06 -74.05
N PHE I 68 13.37 -26.75 -73.17
CA PHE I 68 13.23 -25.38 -72.68
C PHE I 68 14.44 -24.92 -71.87
N TRP I 69 14.86 -25.70 -70.87
CA TRP I 69 16.00 -25.34 -70.02
C TRP I 69 17.30 -25.27 -70.82
N ALA I 70 17.39 -26.08 -71.89
CA ALA I 70 18.60 -26.09 -72.74
C ALA I 70 18.68 -24.87 -73.68
N MET I 71 17.58 -24.13 -73.84
CA MET I 71 17.55 -22.93 -74.70
C MET I 71 18.26 -21.80 -74.00
N SER I 72 18.78 -20.84 -74.76
CA SER I 72 19.37 -19.64 -74.18
C SER I 72 18.26 -18.76 -73.58
N LYS I 73 18.61 -17.87 -72.65
CA LYS I 73 17.61 -16.96 -72.08
C LYS I 73 16.81 -16.22 -73.17
N ARG I 74 17.50 -15.74 -74.21
CA ARG I 74 16.82 -15.06 -75.33
C ARG I 74 15.85 -15.98 -76.06
N GLU I 75 16.25 -17.22 -76.26
CA GLU I 75 15.39 -18.23 -76.89
C GLU I 75 14.15 -18.54 -76.03
N GLN I 76 14.37 -18.68 -74.72
CA GLN I 76 13.27 -18.87 -73.80
C GLN I 76 12.29 -17.67 -73.88
N ALA I 77 12.82 -16.46 -73.74
CA ALA I 77 12.01 -15.24 -73.81
C ALA I 77 11.26 -15.15 -75.14
N ASP I 78 11.93 -15.50 -76.25
CA ASP I 78 11.24 -15.53 -77.55
C ASP I 78 10.03 -16.48 -77.55
N LEU I 79 10.25 -17.67 -77.00
CA LEU I 79 9.22 -18.68 -76.96
C LEU I 79 8.03 -18.18 -76.09
N ILE I 80 8.36 -17.60 -74.94
CA ILE I 80 7.32 -17.14 -74.00
C ILE I 80 6.49 -16.02 -74.66
N TRP I 81 7.20 -15.09 -75.33
CA TRP I 81 6.53 -14.02 -76.04
C TRP I 81 5.56 -14.58 -77.07
N GLU I 82 6.04 -15.50 -77.91
CA GLU I 82 5.18 -16.03 -78.97
C GLU I 82 3.98 -16.81 -78.38
N GLU I 83 4.23 -17.66 -77.38
CA GLU I 83 3.17 -18.54 -76.88
C GLU I 83 2.13 -17.83 -76.00
N LEU I 84 2.57 -16.81 -75.26
CA LEU I 84 1.71 -16.18 -74.24
C LEU I 84 1.20 -14.79 -74.61
N PHE I 85 1.84 -14.14 -75.59
CA PHE I 85 1.47 -12.80 -75.99
C PHE I 85 0.94 -12.73 -77.41
N ILE I 86 1.54 -13.53 -78.31
CA ILE I 86 1.16 -13.46 -79.73
C ILE I 86 0.10 -14.49 -80.08
N LYS I 87 0.29 -15.74 -79.65
CA LYS I 87 -0.69 -16.82 -80.00
C LYS I 87 -1.96 -16.82 -79.12
N ARG I 88 -1.89 -16.24 -77.92
CA ARG I 88 -3.09 -15.99 -77.08
C ARG I 88 -2.88 -14.59 -76.48
N SER I 89 -3.96 -13.91 -76.14
CA SER I 89 -3.83 -12.56 -75.55
C SER I 89 -3.20 -12.64 -74.19
N PRO I 90 -2.27 -11.70 -73.86
CA PRO I 90 -1.53 -11.76 -72.61
C PRO I 90 -2.35 -11.25 -71.45
N VAL I 91 -3.48 -11.94 -71.16
CA VAL I 91 -4.43 -11.47 -70.16
C VAL I 91 -4.10 -11.87 -68.73
N SER I 92 -3.23 -12.88 -68.50
CA SER I 92 -2.91 -13.31 -67.15
C SER I 92 -2.27 -12.16 -66.36
N GLU I 93 -2.31 -12.23 -65.02
CA GLU I 93 -1.65 -11.16 -64.21
C GLU I 93 -0.15 -11.05 -64.54
N ALA I 94 0.54 -12.19 -64.70
CA ALA I 94 2.00 -12.11 -64.92
C ALA I 94 2.30 -11.53 -66.29
N CYS I 95 1.50 -11.89 -67.30
CA CYS I 95 1.70 -11.36 -68.66
C CYS I 95 1.36 -9.87 -68.69
N ARG I 96 0.21 -9.49 -68.13
CA ARG I 96 -0.12 -8.06 -67.96
C ARG I 96 1.02 -7.28 -67.28
N GLY I 97 1.63 -7.89 -66.24
CA GLY I 97 2.76 -7.22 -65.56
C GLY I 97 3.89 -6.85 -66.50
N VAL I 98 4.26 -7.77 -67.39
CA VAL I 98 5.36 -7.47 -68.33
C VAL I 98 5.05 -6.21 -69.16
N LEU I 99 3.84 -6.16 -69.71
CA LEU I 99 3.40 -4.99 -70.46
C LEU I 99 3.44 -3.69 -69.63
N THR I 100 2.90 -3.74 -68.40
CA THR I 100 2.94 -2.57 -67.52
C THR I 100 4.40 -2.05 -67.34
N CYS I 101 5.36 -2.98 -67.19
CA CYS I 101 6.79 -2.61 -67.07
C CYS I 101 7.27 -1.87 -68.32
N LEU I 102 7.06 -2.48 -69.49
CA LEU I 102 7.42 -1.85 -70.77
C LEU I 102 6.86 -0.45 -70.91
N GLN I 103 5.55 -0.32 -70.70
CA GLN I 103 4.94 0.98 -70.76
C GLN I 103 5.50 1.98 -69.75
N GLY I 104 5.80 1.55 -68.53
CA GLY I 104 6.31 2.45 -67.51
C GLY I 104 7.69 3.02 -67.92
N LEU I 105 8.46 2.20 -68.62
CA LEU I 105 9.80 2.63 -69.07
C LEU I 105 9.72 3.48 -70.35
N GLY I 106 8.50 3.74 -70.81
CA GLY I 106 8.29 4.55 -72.00
C GLY I 106 8.39 3.81 -73.31
N LEU I 107 8.58 2.49 -73.25
CA LEU I 107 8.45 1.65 -74.44
C LEU I 107 6.96 1.54 -74.83
N ASP I 108 6.69 1.08 -76.06
CA ASP I 108 5.34 1.03 -76.58
C ASP I 108 4.90 -0.41 -76.89
N PRO I 109 4.09 -1.04 -75.98
CA PRO I 109 3.56 -2.38 -76.25
C PRO I 109 2.72 -2.46 -77.52
N ALA I 110 2.19 -1.33 -78.00
CA ALA I 110 1.35 -1.38 -79.19
C ALA I 110 2.08 -2.00 -80.36
N THR I 111 3.39 -1.77 -80.44
CA THR I 111 4.19 -2.21 -81.59
C THR I 111 4.59 -3.69 -81.53
N ARG I 112 4.63 -4.26 -80.31
CA ARG I 112 5.02 -5.68 -80.12
C ARG I 112 6.46 -5.90 -80.61
N ASP I 113 7.27 -4.83 -80.53
CA ASP I 113 8.62 -4.85 -81.11
C ASP I 113 9.65 -5.24 -80.07
N LEU I 114 9.73 -6.54 -79.83
CA LEU I 114 10.60 -7.09 -78.83
C LEU I 114 12.05 -6.72 -79.11
N GLN I 115 12.46 -6.68 -80.39
CA GLN I 115 13.85 -6.28 -80.68
C GLN I 115 14.11 -4.84 -80.24
N VAL I 116 13.21 -3.94 -80.57
CA VAL I 116 13.30 -2.57 -80.07
C VAL I 116 13.29 -2.54 -78.55
N TYR I 117 12.38 -3.30 -77.92
CA TYR I 117 12.40 -3.30 -76.43
C TYR I 117 13.76 -3.71 -75.91
N ARG I 118 14.32 -4.75 -76.47
CA ARG I 118 15.62 -5.22 -75.99
C ARG I 118 16.72 -4.14 -76.10
N GLU I 119 16.61 -3.32 -77.15
CA GLU I 119 17.64 -2.32 -77.46
C GLU I 119 17.70 -1.25 -76.40
N TYR I 120 16.53 -0.94 -75.85
CA TYR I 120 16.40 -0.01 -74.72
C TYR I 120 17.31 -0.49 -73.59
N PHE I 121 17.28 -1.79 -73.31
CA PHE I 121 17.99 -2.30 -72.13
C PHE I 121 19.49 -2.38 -72.35
N ALA I 122 19.87 -2.74 -73.57
CA ALA I 122 21.28 -2.87 -73.95
C ALA I 122 22.03 -1.55 -73.83
N LYS I 123 21.32 -0.43 -74.02
CA LYS I 123 21.95 0.88 -73.98
C LYS I 123 21.91 1.50 -72.58
N LYS I 124 21.80 0.65 -71.55
CA LYS I 124 21.74 1.10 -70.16
C LYS I 124 22.62 0.24 -69.29
N THR I 125 22.93 0.76 -68.11
CA THR I 125 23.67 0.05 -67.07
C THR I 125 22.76 -0.23 -65.88
N SER I 126 23.20 -1.16 -65.02
CA SER I 126 22.54 -1.60 -63.78
C SER I 126 22.17 -0.48 -62.80
N GLU I 127 23.11 0.43 -62.50
CA GLU I 127 22.86 1.51 -61.55
C GLU I 127 21.85 2.49 -62.11
N GLU I 128 22.00 2.79 -63.40
CA GLU I 128 21.11 3.69 -64.10
C GLU I 128 19.67 3.12 -64.10
N GLN I 129 19.56 1.83 -64.37
CA GLN I 129 18.25 1.16 -64.42
C GLN I 129 17.58 1.13 -63.02
N VAL I 130 18.38 0.85 -61.98
CA VAL I 130 17.89 0.94 -60.59
C VAL I 130 17.34 2.33 -60.30
N ASP I 131 18.06 3.37 -60.69
CA ASP I 131 17.56 4.72 -60.46
C ASP I 131 16.23 4.95 -61.18
N THR I 132 16.16 4.53 -62.43
CA THR I 132 14.96 4.67 -63.26
C THR I 132 13.76 3.93 -62.64
N VAL I 133 13.99 2.68 -62.29
CA VAL I 133 12.91 1.81 -61.80
C VAL I 133 12.44 2.26 -60.42
N LEU I 134 13.38 2.61 -59.53
CA LEU I 134 12.96 3.06 -58.18
C LEU I 134 12.16 4.38 -58.28
N GLN I 135 12.52 5.22 -59.25
CA GLN I 135 11.79 6.45 -59.52
C GLN I 135 10.38 6.13 -60.03
N LEU I 136 10.29 5.26 -61.03
CA LEU I 136 9.02 4.93 -61.68
C LEU I 136 8.07 4.25 -60.72
N ALA I 137 8.60 3.37 -59.87
CA ALA I 137 7.77 2.64 -58.89
C ALA I 137 7.56 3.46 -57.61
N ASN I 138 8.22 4.62 -57.52
CA ASN I 138 8.21 5.41 -56.25
C ASN I 138 8.55 4.53 -55.03
N VAL I 139 9.59 3.73 -55.15
CA VAL I 139 10.03 2.88 -54.04
C VAL I 139 11.27 3.53 -53.46
N SER I 140 11.20 3.92 -52.21
CA SER I 140 12.33 4.56 -51.58
C SER I 140 13.28 3.54 -50.95
N ASP I 141 12.74 2.35 -50.62
CA ASP I 141 13.48 1.37 -49.81
C ASP I 141 13.12 -0.05 -50.15
N VAL I 142 14.15 -0.85 -50.41
CA VAL I 142 13.98 -2.23 -50.87
C VAL I 142 14.55 -3.13 -49.78
N VAL I 143 13.78 -4.12 -49.34
CA VAL I 143 14.31 -5.10 -48.44
C VAL I 143 14.67 -6.32 -49.29
N MET I 144 15.94 -6.72 -49.18
CA MET I 144 16.43 -7.90 -49.89
C MET I 144 16.15 -9.20 -49.15
N THR I 145 16.42 -10.33 -49.83
CA THR I 145 16.49 -11.62 -49.19
C THR I 145 17.92 -12.10 -49.28
N ASN I 146 18.58 -12.14 -48.12
CA ASN I 146 20.03 -12.46 -48.08
C ASN I 146 20.28 -13.78 -47.41
N ASP I 147 20.88 -14.68 -48.18
CA ASP I 147 21.01 -16.07 -47.78
C ASP I 147 22.50 -16.36 -47.55
N PRO I 148 22.90 -16.47 -46.28
CA PRO I 148 24.31 -16.72 -46.01
C PRO I 148 24.73 -18.14 -46.40
N PHE I 149 23.77 -19.00 -46.72
CA PHE I 149 24.07 -20.36 -47.22
C PHE I 149 24.35 -20.41 -48.71
N ASP I 150 24.08 -19.32 -49.41
CA ASP I 150 24.47 -19.26 -50.79
C ASP I 150 25.97 -18.85 -50.84
N ASP I 151 26.77 -19.73 -51.44
CA ASP I 151 28.22 -19.48 -51.60
C ASP I 151 28.52 -18.13 -52.22
N ASN I 152 27.82 -17.80 -53.30
CA ASN I 152 28.08 -16.53 -53.96
C ASN I 152 27.75 -15.35 -53.06
N GLU I 153 26.51 -15.33 -52.53
CA GLU I 153 26.09 -14.25 -51.63
C GLU I 153 27.01 -14.07 -50.43
N ARG I 154 27.40 -15.19 -49.82
CA ARG I 154 28.37 -15.21 -48.73
C ARG I 154 29.62 -14.35 -48.99
N ILE I 155 30.28 -14.59 -50.13
CA ILE I 155 31.50 -13.85 -50.52
C ILE I 155 31.40 -12.35 -50.23
N SER I 156 30.39 -11.71 -50.81
CA SER I 156 30.25 -10.25 -50.71
CA SER I 156 30.26 -10.26 -50.72
C SER I 156 30.14 -9.80 -49.27
N TRP I 157 29.38 -10.57 -48.46
CA TRP I 157 29.26 -10.25 -47.05
C TRP I 157 30.59 -10.43 -46.28
N LEU I 158 31.29 -11.52 -46.55
CA LEU I 158 32.59 -11.79 -45.89
C LEU I 158 33.65 -10.77 -46.31
N GLU I 159 33.57 -10.32 -47.56
CA GLU I 159 34.50 -9.34 -48.11
C GLU I 159 34.19 -7.90 -47.72
N GLY I 160 33.18 -7.72 -46.86
CA GLY I 160 32.88 -6.43 -46.24
C GLY I 160 31.95 -5.50 -47.01
N LYS I 161 31.50 -5.96 -48.17
CA LYS I 161 30.66 -5.19 -49.07
C LYS I 161 29.32 -4.81 -48.42
N GLN I 162 28.97 -3.53 -48.48
CA GLN I 162 27.72 -3.06 -47.88
C GLN I 162 26.73 -2.59 -48.96
N PRO I 163 25.43 -2.89 -48.78
CA PRO I 163 24.47 -2.41 -49.78
C PRO I 163 24.32 -0.89 -49.80
N ASP I 164 23.85 -0.35 -50.93
CA ASP I 164 23.56 1.08 -50.91
C ASP I 164 22.39 1.38 -49.96
N SER I 165 22.30 2.63 -49.52
CA SER I 165 21.41 2.97 -48.44
C SER I 165 19.92 2.73 -48.75
N ARG I 166 19.56 2.45 -50.02
CA ARG I 166 18.14 2.19 -50.38
C ARG I 166 17.79 0.71 -50.17
N PHE I 167 18.81 -0.10 -49.96
CA PHE I 167 18.63 -1.54 -49.91
C PHE I 167 18.96 -2.05 -48.54
N HIS I 168 18.02 -2.77 -47.95
CA HIS I 168 18.12 -3.30 -46.58
C HIS I 168 18.21 -4.82 -46.55
N ALA I 169 19.01 -5.37 -45.62
CA ALA I 169 19.18 -6.80 -45.57
C ALA I 169 18.09 -7.46 -44.72
N ALA I 170 17.77 -8.70 -45.06
CA ALA I 170 17.00 -9.58 -44.22
C ALA I 170 17.60 -11.00 -44.27
N LEU I 171 17.75 -11.58 -43.10
CA LEU I 171 18.50 -12.83 -42.95
C LEU I 171 17.66 -14.06 -43.23
N ARG I 172 17.86 -14.69 -44.38
CA ARG I 172 17.11 -15.89 -44.76
C ARG I 172 17.70 -17.12 -44.08
N LEU I 173 16.85 -17.89 -43.40
CA LEU I 173 17.30 -19.04 -42.60
C LEU I 173 16.81 -20.42 -42.98
N ASP I 174 16.13 -20.58 -44.12
CA ASP I 174 15.56 -21.88 -44.45
C ASP I 174 16.51 -23.06 -44.33
N PRO I 175 17.76 -22.94 -44.84
CA PRO I 175 18.55 -24.15 -44.75
C PRO I 175 18.85 -24.58 -43.30
N LEU I 176 19.04 -23.59 -42.42
CA LEU I 176 19.33 -23.86 -41.01
C LEU I 176 18.15 -24.49 -40.35
N LEU I 177 17.00 -23.84 -40.54
CA LEU I 177 15.79 -24.27 -39.86
C LEU I 177 15.13 -25.51 -40.50
N ASN I 178 15.12 -25.61 -41.83
CA ASN I 178 14.42 -26.73 -42.49
C ASN I 178 15.31 -27.91 -42.93
N GLU I 179 16.61 -27.68 -43.00
CA GLU I 179 17.54 -28.71 -43.52
C GLU I 179 18.75 -28.82 -42.59
N TYR I 180 18.53 -28.72 -41.28
CA TYR I 180 19.64 -28.64 -40.32
C TYR I 180 20.64 -29.82 -40.47
N GLU I 181 20.08 -31.00 -40.63
CA GLU I 181 20.90 -32.21 -40.77
C GLU I 181 21.96 -32.13 -41.88
N GLN I 182 21.62 -31.51 -43.00
CA GLN I 182 22.63 -31.26 -44.01
C GLN I 182 23.41 -30.01 -43.67
N THR I 183 22.74 -29.00 -43.15
CA THR I 183 23.40 -27.74 -42.92
C THR I 183 24.42 -27.77 -41.76
N LYS I 184 24.19 -28.63 -40.77
CA LYS I 184 25.14 -28.70 -39.63
C LYS I 184 26.62 -28.89 -40.04
N HIS I 185 26.83 -29.65 -41.11
CA HIS I 185 28.19 -29.82 -41.68
C HIS I 185 28.77 -28.55 -42.29
N ARG I 186 27.93 -27.74 -42.92
CA ARG I 186 28.40 -26.43 -43.38
C ARG I 186 28.87 -25.60 -42.20
N LEU I 187 28.06 -25.56 -41.15
CA LEU I 187 28.33 -24.71 -39.98
C LEU I 187 29.71 -25.04 -39.42
N ARG I 188 29.99 -26.33 -39.24
CA ARG I 188 31.31 -26.81 -38.78
C ARG I 188 32.44 -26.32 -39.67
N ASP I 189 32.28 -26.46 -40.98
CA ASP I 189 33.27 -25.93 -41.90
C ASP I 189 33.53 -24.45 -41.67
N TRP I 190 32.47 -23.71 -41.33
CA TRP I 190 32.61 -22.26 -41.14
C TRP I 190 33.03 -21.90 -39.70
N GLY I 191 33.28 -22.92 -38.88
CA GLY I 191 33.92 -22.66 -37.59
C GLY I 191 32.93 -22.69 -36.46
N TYR I 192 31.68 -23.02 -36.77
CA TYR I 192 30.63 -23.05 -35.75
C TYR I 192 30.56 -24.47 -35.25
N LYS I 193 31.10 -24.66 -34.04
CA LYS I 193 31.42 -25.99 -33.59
C LYS I 193 30.21 -26.71 -33.03
N VAL I 194 29.21 -26.93 -33.89
CA VAL I 194 28.02 -27.65 -33.49
C VAL I 194 28.33 -29.11 -33.35
N ASN I 195 27.80 -29.68 -32.28
CA ASN I 195 28.03 -31.06 -31.94
C ASN I 195 26.90 -31.84 -32.53
N ASP I 196 26.98 -33.17 -32.41
CA ASP I 196 26.03 -34.04 -33.07
C ASP I 196 24.73 -34.12 -32.30
N GLU I 197 24.81 -34.14 -30.98
CA GLU I 197 23.59 -34.04 -30.21
C GLU I 197 23.25 -32.57 -29.93
N TRP I 198 21.97 -32.32 -29.68
CA TRP I 198 21.49 -31.00 -29.40
C TRP I 198 21.72 -30.77 -27.89
N ASN I 199 22.83 -30.09 -27.60
CA ASN I 199 23.30 -29.84 -26.24
C ASN I 199 23.73 -28.39 -26.14
N GLU I 200 24.25 -27.99 -24.97
CA GLU I 200 24.66 -26.63 -24.76
C GLU I 200 25.58 -26.08 -25.84
N GLY I 201 26.65 -26.82 -26.18
CA GLY I 201 27.63 -26.35 -27.20
C GLY I 201 26.97 -26.01 -28.54
N SER I 202 26.07 -26.88 -28.96
CA SER I 202 25.34 -26.75 -30.24
C SER I 202 24.41 -25.53 -30.27
N ILE I 203 23.72 -25.32 -29.15
CA ILE I 203 22.83 -24.17 -28.97
C ILE I 203 23.62 -22.89 -28.99
N GLN I 204 24.75 -22.87 -28.27
CA GLN I 204 25.54 -21.66 -28.21
C GLN I 204 26.08 -21.33 -29.58
N GLU I 205 26.47 -22.36 -30.32
CA GLU I 205 27.18 -22.18 -31.57
C GLU I 205 26.22 -21.78 -32.71
N VAL I 206 25.02 -22.35 -32.70
CA VAL I 206 23.93 -21.86 -33.61
C VAL I 206 23.55 -20.42 -33.27
N LYS I 207 23.38 -20.10 -31.98
CA LYS I 207 23.21 -18.71 -31.60
C LYS I 207 24.31 -17.80 -32.09
N ARG I 208 25.57 -18.26 -31.98
CA ARG I 208 26.70 -17.46 -32.46
C ARG I 208 26.65 -17.21 -33.98
N PHE I 209 26.26 -18.25 -34.73
CA PHE I 209 26.03 -18.11 -36.18
C PHE I 209 25.01 -16.99 -36.42
N LEU I 210 23.87 -17.03 -35.73
CA LEU I 210 22.86 -15.98 -35.88
C LEU I 210 23.42 -14.60 -35.54
N THR I 211 24.04 -14.53 -34.36
CA THR I 211 24.62 -13.30 -33.89
C THR I 211 25.66 -12.77 -34.85
N ASP I 212 26.45 -13.68 -35.41
CA ASP I 212 27.51 -13.28 -36.35
C ASP I 212 26.90 -12.65 -37.56
N TRP I 213 25.86 -13.30 -38.08
CA TRP I 213 25.20 -12.79 -39.29
C TRP I 213 24.34 -11.53 -39.07
N ILE I 214 23.71 -11.43 -37.90
CA ILE I 214 23.09 -10.17 -37.50
C ILE I 214 24.09 -9.02 -37.45
N GLU I 215 25.27 -9.29 -36.91
CA GLU I 215 26.27 -8.23 -36.83
C GLU I 215 26.74 -7.85 -38.23
N ARG I 216 26.86 -8.85 -39.09
CA ARG I 216 27.35 -8.65 -40.43
C ARG I 216 26.35 -7.92 -41.32
N MET I 217 25.09 -8.33 -41.25
CA MET I 217 24.06 -7.85 -42.19
C MET I 217 23.24 -6.67 -41.70
N ASP I 218 23.15 -6.52 -40.39
CA ASP I 218 22.24 -5.59 -39.73
C ASP I 218 20.84 -5.83 -40.32
N PRO I 219 20.32 -7.06 -40.20
CA PRO I 219 19.06 -7.40 -40.91
C PRO I 219 17.84 -6.73 -40.26
N VAL I 220 16.85 -6.33 -41.08
CA VAL I 220 15.59 -5.76 -40.54
C VAL I 220 14.71 -6.87 -39.89
N TYR I 221 14.83 -8.10 -40.38
CA TYR I 221 14.17 -9.26 -39.81
C TYR I 221 14.95 -10.54 -40.22
N MET I 222 14.71 -11.64 -39.50
CA MET I 222 15.13 -13.00 -39.95
C MET I 222 13.88 -13.74 -40.50
N ALA I 223 14.07 -14.47 -41.60
CA ALA I 223 12.92 -15.05 -42.34
C ALA I 223 13.06 -16.54 -42.60
N VAL I 224 11.92 -17.23 -42.70
CA VAL I 224 11.90 -18.62 -43.17
C VAL I 224 10.58 -18.84 -43.92
N SER I 225 10.64 -19.72 -44.92
CA SER I 225 9.42 -20.20 -45.56
CA SER I 225 9.43 -20.22 -45.57
C SER I 225 9.10 -21.60 -45.05
N LEU I 226 7.83 -21.87 -44.81
CA LEU I 226 7.44 -23.07 -44.09
C LEU I 226 6.32 -23.82 -44.78
N PRO I 227 6.27 -25.16 -44.59
CA PRO I 227 5.26 -25.96 -45.34
C PRO I 227 3.88 -25.82 -44.72
N PRO I 228 2.81 -26.27 -45.42
CA PRO I 228 1.47 -26.32 -44.86
C PRO I 228 1.36 -27.13 -43.56
N THR I 229 2.30 -28.05 -43.35
CA THR I 229 2.29 -28.95 -42.20
C THR I 229 2.98 -28.33 -40.97
N PHE I 230 3.43 -27.08 -41.09
CA PHE I 230 4.23 -26.47 -40.03
C PHE I 230 3.52 -26.54 -38.68
N SER I 231 4.24 -27.00 -37.66
CA SER I 231 3.65 -27.13 -36.32
C SER I 231 4.68 -26.63 -35.31
N PHE I 232 4.15 -26.08 -34.23
CA PHE I 232 5.01 -25.59 -33.14
C PHE I 232 4.20 -25.51 -31.86
N PRO I 233 4.75 -26.01 -30.73
CA PRO I 233 6.05 -26.69 -30.55
C PRO I 233 6.20 -28.00 -31.31
N GLU I 234 7.44 -28.45 -31.49
CA GLU I 234 7.70 -29.73 -32.19
C GLU I 234 9.09 -30.20 -31.79
N GLU I 235 9.20 -31.49 -31.48
CA GLU I 235 10.51 -32.09 -31.21
C GLU I 235 11.06 -32.52 -32.57
N SER I 236 11.79 -31.61 -33.19
CA SER I 236 12.44 -31.76 -34.50
C SER I 236 13.57 -30.76 -34.47
N ASN I 237 14.53 -30.84 -35.39
CA ASN I 237 15.51 -29.82 -35.42
C ASN I 237 14.86 -28.45 -35.56
N ARG I 238 13.79 -28.35 -36.37
CA ARG I 238 13.26 -27.01 -36.58
C ARG I 238 12.67 -26.43 -35.28
N GLY I 239 11.91 -27.24 -34.55
CA GLY I 239 11.24 -26.82 -33.30
C GLY I 239 12.27 -26.42 -32.24
N ARG I 240 13.31 -27.24 -32.14
CA ARG I 240 14.44 -26.98 -31.21
C ARG I 240 15.24 -25.73 -31.53
N ILE I 241 15.60 -25.51 -32.82
CA ILE I 241 16.33 -24.33 -33.18
C ILE I 241 15.47 -23.07 -32.98
N ILE I 242 14.19 -23.17 -33.33
CA ILE I 242 13.32 -22.01 -33.10
C ILE I 242 13.25 -21.70 -31.60
N ARG I 243 12.96 -22.71 -30.80
CA ARG I 243 12.77 -22.54 -29.33
C ARG I 243 14.07 -22.11 -28.62
N ASP I 244 15.17 -22.80 -28.89
CA ASP I 244 16.43 -22.58 -28.13
C ASP I 244 17.38 -21.53 -28.66
N CYS I 245 17.28 -21.20 -29.95
CA CYS I 245 18.21 -20.26 -30.54
C CYS I 245 17.58 -19.04 -31.16
N LEU I 246 16.67 -19.26 -32.10
CA LEU I 246 16.17 -18.17 -32.91
C LEU I 246 15.41 -17.16 -32.04
N LEU I 247 14.50 -17.67 -31.21
CA LEU I 247 13.58 -16.81 -30.49
C LEU I 247 14.34 -15.97 -29.46
N PRO I 248 15.18 -16.61 -28.65
CA PRO I 248 16.01 -15.81 -27.68
C PRO I 248 16.91 -14.75 -28.32
N VAL I 249 17.51 -15.08 -29.48
CA VAL I 249 18.35 -14.13 -30.17
C VAL I 249 17.52 -12.99 -30.75
N ALA I 250 16.35 -13.34 -31.30
CA ALA I 250 15.44 -12.37 -31.94
C ALA I 250 14.98 -11.37 -30.89
N GLU I 251 14.60 -11.91 -29.73
CA GLU I 251 14.21 -11.08 -28.61
C GLU I 251 15.33 -10.15 -28.13
N LYS I 252 16.55 -10.67 -28.00
CA LYS I 252 17.66 -9.91 -27.45
C LYS I 252 18.00 -8.74 -28.33
N HIS I 253 17.96 -8.96 -29.64
CA HIS I 253 18.21 -7.87 -30.58
C HIS I 253 16.96 -7.13 -31.05
N ASN I 254 15.80 -7.52 -30.54
CA ASN I 254 14.54 -6.92 -30.95
C ASN I 254 14.33 -6.97 -32.49
N ILE I 255 14.56 -8.14 -33.07
CA ILE I 255 14.43 -8.31 -34.52
C ILE I 255 13.25 -9.24 -34.72
N PRO I 256 12.28 -8.84 -35.57
CA PRO I 256 11.18 -9.77 -35.79
C PRO I 256 11.64 -11.02 -36.58
N PHE I 257 10.80 -12.05 -36.51
CA PHE I 257 10.93 -13.31 -37.20
C PHE I 257 9.80 -13.36 -38.26
N ALA I 258 10.17 -13.42 -39.54
CA ALA I 258 9.18 -13.41 -40.64
C ALA I 258 8.96 -14.87 -41.04
N MET I 259 7.69 -15.28 -41.09
CA MET I 259 7.35 -16.67 -41.42
C MET I 259 6.44 -16.59 -42.63
N MET I 260 6.89 -17.19 -43.73
CA MET I 260 6.08 -17.21 -44.94
C MET I 260 5.56 -18.65 -45.05
N ILE I 261 4.28 -18.86 -44.76
CA ILE I 261 3.79 -20.18 -44.44
C ILE I 261 2.87 -20.68 -45.55
N GLY I 262 3.08 -21.94 -45.99
CA GLY I 262 2.12 -22.59 -46.88
C GLY I 262 2.69 -23.14 -48.18
N VAL I 263 3.99 -23.00 -48.43
CA VAL I 263 4.56 -23.46 -49.70
C VAL I 263 4.86 -24.95 -49.62
N LYS I 264 4.46 -25.71 -50.65
CA LYS I 264 4.80 -27.15 -50.72
C LYS I 264 5.84 -27.30 -51.84
N LYS I 265 7.08 -27.56 -51.44
CA LYS I 265 8.19 -27.46 -52.37
C LYS I 265 8.26 -28.61 -53.37
N ARG I 266 8.59 -28.27 -54.62
CA ARG I 266 9.03 -29.22 -55.65
C ARG I 266 8.01 -30.32 -55.90
N VAL I 267 6.73 -29.95 -56.10
CA VAL I 267 5.75 -30.97 -56.48
C VAL I 267 5.93 -31.39 -57.94
N HIS I 268 6.66 -30.56 -58.70
CA HIS I 268 6.99 -30.82 -60.11
C HIS I 268 8.45 -30.35 -60.25
N PRO I 269 9.41 -31.22 -59.80
CA PRO I 269 10.84 -30.88 -59.70
C PRO I 269 11.40 -30.30 -61.01
N ALA I 270 11.01 -30.88 -62.15
CA ALA I 270 11.50 -30.44 -63.47
C ALA I 270 11.23 -28.95 -63.75
N LEU I 271 10.27 -28.36 -63.04
CA LEU I 271 9.93 -26.99 -63.31
C LEU I 271 10.80 -25.99 -62.54
N GLY I 272 11.62 -26.47 -61.63
CA GLY I 272 12.50 -25.59 -60.85
C GLY I 272 11.71 -24.73 -59.90
N ASP I 273 12.04 -23.44 -59.90
CA ASP I 273 11.33 -22.44 -59.12
C ASP I 273 9.83 -22.36 -59.47
N ALA I 274 9.45 -22.83 -60.66
CA ALA I 274 8.03 -22.92 -61.08
C ALA I 274 7.33 -24.21 -60.62
N GLY I 275 8.01 -25.04 -59.83
CA GLY I 275 7.45 -26.34 -59.48
C GLY I 275 6.86 -26.44 -58.05
N ASP I 276 6.65 -25.29 -57.39
CA ASP I 276 6.17 -25.30 -55.98
C ASP I 276 4.67 -25.10 -55.95
N PHE I 277 4.03 -25.65 -54.91
CA PHE I 277 2.57 -25.72 -54.84
C PHE I 277 2.19 -25.10 -53.49
N VAL I 278 0.95 -25.27 -53.08
CA VAL I 278 0.40 -24.57 -51.92
C VAL I 278 -0.49 -25.52 -51.10
N GLY I 279 -0.59 -25.27 -49.80
CA GLY I 279 -1.55 -25.98 -48.96
C GLY I 279 -1.99 -25.06 -47.83
N LYS I 280 -3.21 -25.29 -47.34
CA LYS I 280 -3.72 -24.63 -46.14
C LYS I 280 -2.98 -25.16 -44.92
N ALA I 281 -2.57 -24.24 -44.06
CA ALA I 281 -1.86 -24.61 -42.81
C ALA I 281 -2.74 -24.50 -41.61
N SER I 282 -2.34 -25.15 -40.50
CA SER I 282 -3.08 -24.98 -39.25
C SER I 282 -2.55 -23.66 -38.69
N MET I 283 -3.42 -22.89 -38.03
CA MET I 283 -3.01 -21.67 -37.36
C MET I 283 -2.39 -21.95 -35.96
N ASP I 284 -2.48 -23.20 -35.48
CA ASP I 284 -2.10 -23.51 -34.08
C ASP I 284 -0.67 -23.13 -33.75
N GLY I 285 0.26 -23.41 -34.67
CA GLY I 285 1.70 -23.06 -34.40
C GLY I 285 1.92 -21.56 -34.28
N VAL I 286 1.24 -20.82 -35.16
CA VAL I 286 1.43 -19.38 -35.18
C VAL I 286 0.76 -18.81 -33.92
N GLU I 287 -0.40 -19.34 -33.57
CA GLU I 287 -1.13 -18.92 -32.36
C GLU I 287 -0.26 -19.17 -31.11
N HIS I 288 0.33 -20.35 -31.03
CA HIS I 288 1.26 -20.64 -29.92
C HIS I 288 2.42 -19.66 -29.83
N LEU I 289 3.14 -19.49 -30.94
CA LEU I 289 4.27 -18.59 -30.98
C LEU I 289 3.87 -17.21 -30.47
N LEU I 290 2.72 -16.71 -30.93
CA LEU I 290 2.35 -15.35 -30.61
C LEU I 290 2.04 -15.19 -29.12
N ARG I 291 1.28 -16.15 -28.58
CA ARG I 291 0.83 -16.14 -27.18
C ARG I 291 2.00 -16.36 -26.22
N GLU I 292 2.80 -17.38 -26.53
CA GLU I 292 3.83 -17.84 -25.58
C GLU I 292 5.12 -17.06 -25.64
N TYR I 293 5.32 -16.28 -26.69
CA TYR I 293 6.51 -15.46 -26.84
C TYR I 293 6.09 -13.99 -27.03
N PRO I 294 5.49 -13.41 -25.98
CA PRO I 294 4.98 -12.01 -26.10
C PRO I 294 6.07 -10.96 -26.33
N ASN I 295 7.33 -11.28 -26.01
CA ASN I 295 8.40 -10.32 -26.22
C ASN I 295 9.09 -10.50 -27.56
N ASN I 296 8.49 -11.37 -28.38
CA ASN I 296 8.97 -11.57 -29.75
C ASN I 296 7.95 -10.96 -30.72
N LYS I 297 8.45 -10.42 -31.82
CA LYS I 297 7.65 -9.82 -32.92
C LYS I 297 7.68 -10.80 -34.11
N PHE I 298 6.53 -10.96 -34.76
CA PHE I 298 6.42 -11.93 -35.86
C PHE I 298 5.77 -11.26 -37.07
N LEU I 299 6.42 -11.37 -38.24
CA LEU I 299 5.81 -10.89 -39.48
C LEU I 299 5.28 -12.11 -40.17
N VAL I 300 4.06 -12.08 -40.69
CA VAL I 300 3.59 -13.37 -41.24
C VAL I 300 2.81 -13.10 -42.52
N THR I 301 3.09 -13.94 -43.53
CA THR I 301 2.28 -13.94 -44.76
C THR I 301 1.98 -15.41 -45.05
N MET I 302 0.80 -15.72 -45.60
CA MET I 302 0.45 -17.12 -45.85
C MET I 302 0.03 -17.33 -47.29
N LEU I 303 0.25 -18.55 -47.78
CA LEU I 303 0.10 -18.83 -49.23
C LEU I 303 -1.32 -19.26 -49.70
N SER I 304 -2.08 -19.90 -48.83
CA SER I 304 -3.42 -20.46 -49.15
C SER I 304 -4.47 -19.36 -49.04
N ARG I 305 -5.39 -19.33 -50.02
CA ARG I 305 -6.46 -18.37 -50.00
C ARG I 305 -7.25 -18.63 -48.73
N GLU I 306 -7.33 -19.91 -48.34
CA GLU I 306 -8.23 -20.32 -47.26
C GLU I 306 -7.65 -20.01 -45.88
N ASN I 307 -6.40 -19.56 -45.81
CA ASN I 307 -5.86 -19.09 -44.53
C ASN I 307 -6.07 -17.57 -44.28
N GLN I 308 -6.53 -16.83 -45.30
CA GLN I 308 -6.36 -15.36 -45.21
C GLN I 308 -7.29 -14.74 -44.16
N HIS I 309 -8.53 -15.16 -44.12
CA HIS I 309 -9.48 -14.53 -43.18
C HIS I 309 -9.08 -14.85 -41.74
N GLU I 310 -8.73 -16.11 -41.45
CA GLU I 310 -8.35 -16.44 -40.06
C GLU I 310 -7.04 -15.82 -39.63
N LEU I 311 -6.14 -15.60 -40.58
CA LEU I 311 -4.92 -14.82 -40.30
C LEU I 311 -5.25 -13.38 -39.88
N VAL I 312 -6.20 -12.73 -40.58
CA VAL I 312 -6.66 -11.42 -40.14
C VAL I 312 -7.22 -11.50 -38.72
N VAL I 313 -8.04 -12.50 -38.44
CA VAL I 313 -8.60 -12.56 -37.06
C VAL I 313 -7.47 -12.78 -36.05
N LEU I 314 -6.45 -13.55 -36.43
CA LEU I 314 -5.38 -13.78 -35.46
C LEU I 314 -4.65 -12.46 -35.15
N ALA I 315 -4.53 -11.59 -36.16
CA ALA I 315 -3.91 -10.27 -35.99
C ALA I 315 -4.76 -9.41 -35.00
N ARG I 316 -6.07 -9.60 -35.01
CA ARG I 316 -6.95 -8.94 -34.03
C ARG I 316 -6.60 -9.39 -32.62
N LYS I 317 -6.10 -10.62 -32.45
CA LYS I 317 -5.83 -11.15 -31.10
C LYS I 317 -4.46 -10.74 -30.55
N PHE I 318 -3.49 -10.51 -31.43
CA PHE I 318 -2.08 -10.34 -31.01
C PHE I 318 -1.35 -9.19 -31.63
N SER I 319 -0.92 -8.23 -30.79
CA SER I 319 -0.27 -7.05 -31.28
C SER I 319 1.16 -7.32 -31.67
N ASN I 320 1.68 -8.50 -31.30
CA ASN I 320 3.06 -8.87 -31.70
C ASN I 320 3.06 -9.64 -33.06
N LEU I 321 1.89 -9.65 -33.71
CA LEU I 321 1.76 -10.12 -35.09
C LEU I 321 1.55 -8.93 -36.01
N MET I 322 2.34 -8.86 -37.06
CA MET I 322 2.15 -7.90 -38.16
C MET I 322 1.97 -8.80 -39.41
N ILE I 323 0.79 -8.68 -40.02
CA ILE I 323 0.59 -9.41 -41.27
C ILE I 323 0.98 -8.54 -42.46
N PHE I 324 1.55 -9.16 -43.47
CA PHE I 324 1.98 -8.41 -44.64
C PHE I 324 1.70 -9.10 -45.96
N GLY I 325 1.30 -8.29 -46.93
CA GLY I 325 1.32 -8.61 -48.37
C GLY I 325 0.37 -9.68 -48.84
N CYS I 326 0.34 -9.80 -50.17
CA CYS I 326 -0.40 -10.86 -50.81
C CYS I 326 0.61 -11.67 -51.58
N TRP I 327 0.97 -12.79 -50.99
CA TRP I 327 2.17 -13.48 -51.41
C TRP I 327 1.86 -14.39 -52.60
N TRP I 328 2.59 -14.21 -53.70
CA TRP I 328 2.73 -15.25 -54.76
C TRP I 328 1.37 -15.63 -55.42
N PHE I 329 0.83 -16.80 -55.09
CA PHE I 329 -0.49 -17.23 -55.63
C PHE I 329 -1.65 -16.38 -55.07
N MET I 330 -1.37 -15.58 -54.03
CA MET I 330 -2.35 -14.57 -53.56
C MET I 330 -2.19 -13.24 -54.33
N ASN I 331 -1.11 -13.12 -55.11
CA ASN I 331 -0.79 -11.79 -55.72
C ASN I 331 -1.46 -11.57 -57.07
N ASN I 332 -2.80 -11.70 -57.04
CA ASN I 332 -3.63 -11.63 -58.22
C ASN I 332 -4.81 -10.69 -57.88
N PRO I 333 -5.23 -9.80 -58.82
CA PRO I 333 -6.30 -8.79 -58.50
C PRO I 333 -7.48 -9.33 -57.65
N GLU I 334 -8.02 -10.48 -58.02
CA GLU I 334 -9.24 -10.95 -57.33
C GLU I 334 -8.95 -11.23 -55.83
N ILE I 335 -7.75 -11.74 -55.54
CA ILE I 335 -7.34 -12.08 -54.19
C ILE I 335 -6.81 -10.85 -53.44
N ILE I 336 -5.97 -10.07 -54.12
CA ILE I 336 -5.52 -8.80 -53.52
C ILE I 336 -6.71 -7.98 -53.01
N ASN I 337 -7.75 -7.86 -53.83
CA ASN I 337 -8.94 -7.12 -53.46
C ASN I 337 -9.66 -7.71 -52.23
N GLU I 338 -9.93 -9.04 -52.22
CA GLU I 338 -10.69 -9.55 -51.08
C GLU I 338 -9.84 -9.51 -49.83
N MET I 339 -8.53 -9.74 -49.98
CA MET I 339 -7.65 -9.73 -48.79
C MET I 339 -7.57 -8.34 -48.22
N THR I 340 -7.34 -7.36 -49.09
CA THR I 340 -7.15 -5.95 -48.61
C THR I 340 -8.44 -5.45 -47.87
N ARG I 341 -9.59 -5.85 -48.42
CA ARG I 341 -10.86 -5.44 -47.83
C ARG I 341 -11.09 -6.11 -46.50
N MET I 342 -10.85 -7.42 -46.43
CA MET I 342 -10.99 -8.11 -45.15
C MET I 342 -10.04 -7.50 -44.10
N ARG I 343 -8.80 -7.28 -44.50
CA ARG I 343 -7.81 -6.69 -43.60
C ARG I 343 -8.23 -5.30 -43.09
N MET I 344 -8.66 -4.42 -43.97
CA MET I 344 -9.03 -3.08 -43.47
C MET I 344 -10.32 -3.10 -42.63
N GLU I 345 -11.26 -3.92 -43.04
CA GLU I 345 -12.50 -4.07 -42.25
C GLU I 345 -12.26 -4.50 -40.82
N MET I 346 -11.30 -5.41 -40.62
CA MET I 346 -11.04 -5.92 -39.28
C MET I 346 -9.81 -5.33 -38.57
N LEU I 347 -8.96 -4.59 -39.29
CA LEU I 347 -7.72 -4.11 -38.68
C LEU I 347 -7.55 -2.63 -38.86
N GLY I 348 -8.51 -1.99 -39.54
CA GLY I 348 -8.31 -0.57 -39.92
C GLY I 348 -7.01 -0.41 -40.73
N THR I 349 -6.07 0.42 -40.28
CA THR I 349 -4.81 0.62 -41.00
C THR I 349 -3.61 -0.13 -40.37
N SER I 350 -3.86 -1.04 -39.43
CA SER I 350 -2.80 -1.74 -38.70
C SER I 350 -2.26 -3.00 -39.39
N PHE I 351 -2.01 -2.90 -40.69
CA PHE I 351 -1.34 -3.97 -41.42
C PHE I 351 -0.47 -3.42 -42.55
N ILE I 352 0.32 -4.30 -43.18
CA ILE I 352 1.14 -3.94 -44.31
C ILE I 352 0.45 -4.58 -45.54
N PRO I 353 -0.28 -3.78 -46.33
CA PRO I 353 -1.13 -4.40 -47.38
C PRO I 353 -0.33 -5.13 -48.48
N GLN I 354 0.90 -4.72 -48.81
CA GLN I 354 1.58 -5.37 -49.95
C GLN I 354 3.10 -5.36 -49.88
N HIS I 355 3.72 -6.39 -50.51
CA HIS I 355 5.14 -6.40 -50.89
C HIS I 355 5.24 -6.95 -52.32
N SER I 356 6.38 -6.75 -53.01
CA SER I 356 6.44 -7.19 -54.43
C SER I 356 6.97 -8.60 -54.64
N ASP I 357 7.88 -9.04 -53.74
CA ASP I 357 8.64 -10.27 -53.95
C ASP I 357 9.36 -10.24 -55.30
N ALA I 358 9.73 -9.04 -55.76
CA ALA I 358 10.32 -8.90 -57.07
C ALA I 358 11.61 -9.73 -57.16
N ARG I 359 11.73 -10.55 -58.20
CA ARG I 359 13.00 -11.24 -58.51
C ARG I 359 13.78 -10.51 -59.63
N VAL I 360 13.07 -9.72 -60.43
CA VAL I 360 13.64 -9.01 -61.56
C VAL I 360 13.34 -7.54 -61.35
N LEU I 361 14.38 -6.71 -61.41
CA LEU I 361 14.27 -5.29 -61.09
C LEU I 361 12.97 -4.62 -61.55
N GLU I 362 12.67 -4.75 -62.84
CA GLU I 362 11.60 -3.96 -63.46
C GLU I 362 10.22 -4.32 -62.89
N GLN I 363 10.13 -5.47 -62.24
CA GLN I 363 8.85 -5.94 -61.67
C GLN I 363 8.37 -5.00 -60.61
N LEU I 364 9.26 -4.19 -60.04
CA LEU I 364 8.79 -3.18 -59.09
C LEU I 364 7.75 -2.27 -59.72
N ILE I 365 7.87 -2.01 -61.03
CA ILE I 365 6.96 -1.10 -61.67
C ILE I 365 5.56 -1.71 -61.64
N TYR I 366 5.41 -2.92 -62.20
CA TYR I 366 4.04 -3.51 -62.26
C TYR I 366 3.50 -3.94 -60.89
N LYS I 367 4.35 -4.57 -60.09
CA LYS I 367 3.91 -5.04 -58.79
C LYS I 367 3.26 -3.93 -57.98
N TRP I 368 3.91 -2.76 -57.98
CA TRP I 368 3.41 -1.62 -57.28
C TRP I 368 2.28 -0.91 -58.01
N HIS I 369 2.37 -0.78 -59.33
CA HIS I 369 1.31 -0.11 -60.12
CA HIS I 369 1.30 -0.06 -60.02
C HIS I 369 -0.02 -0.85 -59.89
N HIS I 370 0.04 -2.18 -60.07
CA HIS I 370 -1.18 -2.97 -60.05
C HIS I 370 -1.77 -3.03 -58.66
N SER I 371 -0.90 -3.11 -57.65
CA SER I 371 -1.37 -3.13 -56.25
C SER I 371 -1.88 -1.78 -55.73
N LYS I 372 -1.15 -0.71 -56.02
CA LYS I 372 -1.60 0.60 -55.59
CA LYS I 372 -1.58 0.63 -55.64
C LYS I 372 -3.01 0.94 -56.13
N SER I 373 -3.31 0.61 -57.39
CA SER I 373 -4.65 0.97 -57.89
C SER I 373 -5.75 0.27 -57.07
N ILE I 374 -5.53 -1.01 -56.69
CA ILE I 374 -6.53 -1.74 -55.87
C ILE I 374 -6.60 -1.16 -54.44
N ILE I 375 -5.43 -0.90 -53.87
CA ILE I 375 -5.40 -0.33 -52.52
C ILE I 375 -6.09 1.06 -52.49
N ALA I 376 -5.90 1.86 -53.54
CA ALA I 376 -6.57 3.17 -53.66
C ALA I 376 -8.08 2.99 -53.70
N GLU I 377 -8.54 1.99 -54.45
CA GLU I 377 -9.99 1.73 -54.59
C GLU I 377 -10.56 1.37 -53.21
N VAL I 378 -9.81 0.56 -52.47
CA VAL I 378 -10.32 0.09 -51.16
C VAL I 378 -10.42 1.31 -50.22
N LEU I 379 -9.34 2.12 -50.20
CA LEU I 379 -9.30 3.31 -49.30
C LEU I 379 -10.44 4.25 -49.68
N ILE I 380 -10.62 4.50 -50.97
CA ILE I 380 -11.74 5.37 -51.40
C ILE I 380 -13.08 4.87 -50.82
N ASP I 381 -13.39 3.58 -51.00
CA ASP I 381 -14.65 3.06 -50.44
C ASP I 381 -14.71 3.23 -48.92
N LYS I 382 -13.61 2.95 -48.23
CA LYS I 382 -13.64 3.06 -46.77
C LYS I 382 -13.76 4.51 -46.25
N TYR I 383 -13.07 5.44 -46.87
CA TYR I 383 -13.22 6.86 -46.53
C TYR I 383 -14.59 7.34 -46.90
N ASP I 384 -15.12 6.84 -48.02
CA ASP I 384 -16.44 7.32 -48.40
C ASP I 384 -17.48 6.85 -47.44
N ASP I 385 -17.34 5.61 -46.94
CA ASP I 385 -18.30 5.11 -45.94
C ASP I 385 -18.30 5.98 -44.66
N ILE I 386 -17.14 6.40 -44.19
CA ILE I 386 -17.16 7.21 -42.92
C ILE I 386 -17.59 8.66 -43.22
N LEU I 387 -17.28 9.13 -44.43
CA LEU I 387 -17.83 10.43 -44.91
C LEU I 387 -19.36 10.39 -44.91
N GLN I 388 -19.95 9.28 -45.39
CA GLN I 388 -21.42 9.16 -45.41
C GLN I 388 -21.99 9.15 -43.99
N ALA I 389 -21.18 8.70 -43.04
CA ALA I 389 -21.58 8.64 -41.61
C ALA I 389 -21.34 9.99 -40.92
N GLY I 390 -20.80 10.96 -41.67
CA GLY I 390 -20.69 12.33 -41.19
C GLY I 390 -19.31 12.74 -40.75
N TRP I 391 -18.33 11.84 -40.87
CA TRP I 391 -16.98 12.15 -40.47
C TRP I 391 -16.39 13.09 -41.55
N GLU I 392 -15.46 13.95 -41.15
CA GLU I 392 -14.80 14.81 -42.14
C GLU I 392 -13.38 14.28 -42.19
N VAL I 393 -12.88 13.96 -43.37
CA VAL I 393 -11.47 13.57 -43.49
C VAL I 393 -10.66 14.68 -44.20
N THR I 394 -9.43 14.90 -43.76
CA THR I 394 -8.54 15.87 -44.39
C THR I 394 -7.51 15.15 -45.25
N GLU I 395 -6.97 15.87 -46.21
CA GLU I 395 -5.90 15.32 -47.04
C GLU I 395 -4.65 14.96 -46.20
N GLU I 396 -4.35 15.74 -45.16
CA GLU I 396 -3.25 15.38 -44.26
C GLU I 396 -3.50 14.03 -43.58
N GLU I 397 -4.75 13.79 -43.18
CA GLU I 397 -5.08 12.51 -42.52
C GLU I 397 -4.92 11.40 -43.57
N ILE I 398 -5.43 11.60 -44.79
CA ILE I 398 -5.24 10.57 -45.86
C ILE I 398 -3.74 10.30 -46.06
N LYS I 399 -2.93 11.35 -46.19
CA LYS I 399 -1.47 11.15 -46.40
C LYS I 399 -0.83 10.39 -45.25
N ARG I 400 -1.29 10.66 -44.02
CA ARG I 400 -0.80 9.97 -42.84
C ARG I 400 -1.13 8.44 -42.93
N ASP I 401 -2.40 8.16 -43.25
CA ASP I 401 -2.86 6.77 -43.28
C ASP I 401 -2.11 5.97 -44.37
N VAL I 402 -1.92 6.59 -45.53
CA VAL I 402 -1.24 5.97 -46.67
C VAL I 402 0.24 5.75 -46.31
N ALA I 403 0.86 6.75 -45.70
CA ALA I 403 2.22 6.54 -45.17
C ALA I 403 2.32 5.33 -44.20
N ASP I 404 1.34 5.14 -43.32
CA ASP I 404 1.43 4.03 -42.37
C ASP I 404 1.39 2.74 -43.23
N LEU I 405 0.46 2.70 -44.18
CA LEU I 405 0.30 1.43 -44.94
C LEU I 405 1.52 1.10 -45.79
N PHE I 406 2.13 2.10 -46.43
CA PHE I 406 3.19 1.81 -47.40
C PHE I 406 4.61 1.84 -46.81
N SER I 407 4.75 2.27 -45.55
CA SER I 407 6.12 2.47 -45.02
C SER I 407 6.21 2.42 -43.49
N ARG I 408 5.48 3.30 -42.83
CA ARG I 408 5.71 3.51 -41.40
C ARG I 408 5.28 2.30 -40.57
N ASN I 409 4.24 1.58 -40.98
CA ASN I 409 3.88 0.42 -40.17
C ASN I 409 5.05 -0.57 -40.09
N PHE I 410 5.76 -0.73 -41.19
CA PHE I 410 6.85 -1.70 -41.27
C PHE I 410 8.00 -1.17 -40.38
N TRP I 411 8.43 0.05 -40.64
CA TRP I 411 9.57 0.55 -39.85
C TRP I 411 9.29 0.59 -38.35
N ARG I 412 8.09 0.96 -37.93
CA ARG I 412 7.71 0.96 -36.52
CA ARG I 412 7.73 0.96 -36.51
C ARG I 412 7.78 -0.47 -35.95
N PHE I 413 7.26 -1.42 -36.73
CA PHE I 413 7.24 -2.79 -36.26
C PHE I 413 8.64 -3.37 -36.10
N VAL I 414 9.52 -3.10 -37.05
CA VAL I 414 10.84 -3.70 -36.98
C VAL I 414 11.74 -2.94 -36.00
N GLY I 415 11.21 -1.85 -35.44
CA GLY I 415 11.95 -1.15 -34.37
C GLY I 415 13.02 -0.28 -34.96
N ARG I 416 12.76 0.25 -36.14
CA ARG I 416 13.66 1.20 -36.79
C ARG I 416 12.92 2.49 -37.14
N ASN I 417 12.38 3.13 -36.10
CA ASN I 417 11.86 4.52 -36.10
C ASN I 417 10.38 4.59 -35.76
N LEU J 3 -9.64 -32.61 47.97
CA LEU J 3 -10.45 -33.61 47.21
C LEU J 3 -11.01 -33.04 45.91
N SER J 4 -11.75 -33.89 45.20
CA SER J 4 -12.50 -33.49 44.03
C SER J 4 -13.90 -33.16 44.49
N ILE J 5 -14.51 -32.18 43.85
CA ILE J 5 -15.87 -31.87 44.18
C ILE J 5 -16.75 -32.61 43.20
N ASN J 6 -17.35 -33.74 43.63
CA ASN J 6 -18.08 -34.54 42.66
C ASN J 6 -19.52 -34.90 43.03
N SER J 7 -20.14 -34.14 43.93
CA SER J 7 -21.56 -34.38 44.24
C SER J 7 -22.19 -33.09 44.70
N ARG J 8 -23.51 -32.99 44.56
CA ARG J 8 -24.15 -31.81 45.16
C ARG J 8 -23.85 -31.69 46.66
N GLU J 9 -23.76 -32.84 47.36
CA GLU J 9 -23.53 -32.81 48.79
C GLU J 9 -22.16 -32.22 49.11
N VAL J 10 -21.14 -32.58 48.33
CA VAL J 10 -19.80 -32.02 48.59
C VAL J 10 -19.77 -30.54 48.18
N LEU J 11 -20.33 -30.25 47.01
CA LEU J 11 -20.50 -28.84 46.62
C LEU J 11 -21.14 -28.01 47.72
N ALA J 12 -22.23 -28.49 48.34
CA ALA J 12 -22.91 -27.68 49.35
C ALA J 12 -21.96 -27.28 50.48
N GLU J 13 -21.20 -28.26 50.98
CA GLU J 13 -20.25 -28.01 52.02
C GLU J 13 -19.23 -26.96 51.59
N LYS J 14 -18.62 -27.17 50.43
CA LYS J 14 -17.54 -26.28 49.98
C LYS J 14 -18.06 -24.86 49.75
N VAL J 15 -19.26 -24.74 49.15
CA VAL J 15 -19.83 -23.41 48.86
C VAL J 15 -20.19 -22.69 50.16
N LYS J 16 -20.85 -23.41 51.06
CA LYS J 16 -21.24 -22.83 52.34
C LYS J 16 -19.99 -22.34 53.09
N ASN J 17 -18.91 -23.15 53.05
CA ASN J 17 -17.68 -22.78 53.75
C ASN J 17 -17.08 -21.52 53.10
N ALA J 18 -17.05 -21.50 51.76
CA ALA J 18 -16.36 -20.41 51.02
C ALA J 18 -17.16 -19.13 51.25
N VAL J 19 -18.48 -19.23 51.15
CA VAL J 19 -19.34 -18.06 51.41
C VAL J 19 -19.20 -17.54 52.84
N ASN J 20 -19.23 -18.46 53.83
CA ASN J 20 -19.11 -18.07 55.23
C ASN J 20 -17.80 -17.36 55.49
N ASN J 21 -16.73 -17.88 54.90
CA ASN J 21 -15.39 -17.37 55.18
C ASN J 21 -14.93 -16.16 54.37
N GLN J 22 -15.65 -15.83 53.30
CA GLN J 22 -15.28 -14.72 52.45
C GLN J 22 -15.49 -13.40 53.20
N PRO J 23 -14.41 -12.62 53.39
CA PRO J 23 -14.61 -11.28 53.99
C PRO J 23 -15.43 -10.38 53.02
N VAL J 24 -16.36 -9.60 53.57
CA VAL J 24 -17.32 -8.87 52.76
C VAL J 24 -16.91 -7.41 52.70
N THR J 25 -16.96 -6.84 51.51
CA THR J 25 -17.03 -5.38 51.36
C THR J 25 -18.52 -5.08 51.27
N ASP J 26 -18.98 -4.26 52.21
CA ASP J 26 -20.37 -3.82 52.26
C ASP J 26 -20.45 -2.45 51.57
N MET J 27 -20.89 -2.42 50.32
CA MET J 27 -20.63 -1.23 49.48
C MET J 27 -21.63 -0.10 49.60
N HIS J 28 -22.59 -0.22 50.50
CA HIS J 28 -23.51 0.88 50.85
C HIS J 28 -24.10 0.69 52.23
N THR J 29 -23.73 1.56 53.18
CA THR J 29 -24.28 1.51 54.51
C THR J 29 -24.54 2.94 55.01
N HIS J 30 -25.20 3.04 56.16
CA HIS J 30 -25.38 4.28 56.92
C HIS J 30 -24.63 4.25 58.26
N LEU J 31 -23.46 3.59 58.22
CA LEU J 31 -22.51 3.53 59.34
C LEU J 31 -21.42 4.55 59.16
N PHE J 32 -20.76 4.91 60.26
CA PHE J 32 -19.70 5.91 60.21
C PHE J 32 -18.46 5.41 60.96
N SER J 33 -17.27 5.76 60.49
CA SER J 33 -16.05 5.55 61.30
C SER J 33 -16.30 6.02 62.74
N PRO J 34 -15.93 5.20 63.73
CA PRO J 34 -16.35 5.54 65.09
C PRO J 34 -15.75 6.82 65.70
N ASN J 35 -14.67 7.33 65.11
CA ASN J 35 -14.08 8.63 65.51
C ASN J 35 -14.96 9.79 65.06
N PHE J 36 -15.96 9.49 64.23
CA PHE J 36 -16.90 10.52 63.79
C PHE J 36 -17.95 10.78 64.86
N GLY J 37 -17.90 10.00 65.94
CA GLY J 37 -18.72 10.23 67.11
C GLY J 37 -20.09 9.58 67.13
N GLU J 38 -21.04 10.27 67.74
CA GLU J 38 -22.36 9.69 68.05
C GLU J 38 -23.24 9.40 66.82
N ILE J 39 -22.84 9.84 65.62
CA ILE J 39 -23.62 9.50 64.40
C ILE J 39 -23.44 8.03 64.01
N LEU J 40 -22.46 7.37 64.64
CA LEU J 40 -22.38 5.93 64.52
C LEU J 40 -23.30 5.37 65.57
N LEU J 41 -24.41 4.77 65.12
CA LEU J 41 -25.41 4.18 65.99
C LEU J 41 -25.12 2.70 66.22
N TRP J 42 -25.29 2.25 67.47
CA TRP J 42 -25.01 0.88 67.85
C TRP J 42 -25.67 0.58 69.15
N ASP J 43 -25.90 -0.72 69.36
CA ASP J 43 -26.48 -1.32 70.58
C ASP J 43 -27.93 -1.79 70.41
N ILE J 44 -28.44 -2.54 71.39
CA ILE J 44 -29.73 -3.19 71.28
C ILE J 44 -30.92 -2.23 71.19
N ASP J 45 -30.86 -1.12 71.94
CA ASP J 45 -31.96 -0.15 71.90
C ASP J 45 -32.01 0.51 70.53
N GLU J 46 -30.86 0.69 69.89
CA GLU J 46 -30.76 1.24 68.51
C GLU J 46 -31.29 0.20 67.51
N LEU J 47 -30.89 -1.07 67.69
CA LEU J 47 -31.42 -2.17 66.84
C LEU J 47 -32.93 -2.23 66.88
N LEU J 48 -33.51 -2.11 68.07
CA LEU J 48 -34.96 -2.25 68.23
C LEU J 48 -35.76 -1.04 67.70
N THR J 49 -35.10 0.11 67.69
CA THR J 49 -35.75 1.38 67.28
C THR J 49 -35.41 1.78 65.82
N TYR J 50 -34.78 0.86 65.09
CA TYR J 50 -34.56 0.95 63.64
C TYR J 50 -35.92 1.29 63.05
N HIS J 51 -35.96 2.16 62.04
CA HIS J 51 -37.25 2.57 61.48
C HIS J 51 -38.07 1.42 60.92
N TYR J 52 -37.43 0.32 60.49
CA TYR J 52 -38.20 -0.84 60.01
C TYR J 52 -39.11 -1.33 61.12
N LEU J 53 -38.63 -1.33 62.37
CA LEU J 53 -39.44 -1.83 63.46
C LEU J 53 -40.48 -0.81 63.93
N VAL J 54 -40.17 0.46 63.73
CA VAL J 54 -41.14 1.51 64.05
C VAL J 54 -42.42 1.33 63.21
N ALA J 55 -42.24 1.12 61.90
CA ALA J 55 -43.38 0.84 61.01
C ALA J 55 -44.16 -0.35 61.55
N GLU J 56 -43.46 -1.46 61.85
CA GLU J 56 -44.13 -2.66 62.26
C GLU J 56 -44.90 -2.51 63.60
N VAL J 57 -44.29 -1.80 64.56
CA VAL J 57 -44.91 -1.67 65.87
C VAL J 57 -46.21 -0.87 65.74
N MET J 58 -46.16 0.12 64.86
CA MET J 58 -47.32 0.99 64.65
C MET J 58 -48.53 0.28 64.08
N ARG J 59 -48.32 -0.84 63.40
CA ARG J 59 -49.43 -1.69 62.95
C ARG J 59 -50.14 -2.41 64.06
N TRP J 60 -49.50 -2.50 65.22
CA TRP J 60 -50.05 -3.27 66.30
C TRP J 60 -50.47 -2.45 67.50
N THR J 61 -49.60 -1.52 67.89
CA THR J 61 -49.75 -0.77 69.16
C THR J 61 -50.91 0.24 69.17
N ASP J 62 -51.50 0.41 70.35
CA ASP J 62 -52.51 1.46 70.56
C ASP J 62 -51.83 2.80 70.88
N VAL J 63 -50.54 2.75 71.17
CA VAL J 63 -49.80 3.97 71.44
C VAL J 63 -49.77 4.84 70.20
N SER J 64 -50.20 6.09 70.37
CA SER J 64 -50.14 7.09 69.31
C SER J 64 -48.70 7.34 68.82
N ILE J 65 -48.55 7.72 67.55
CA ILE J 65 -47.25 8.03 67.02
C ILE J 65 -46.61 9.23 67.73
N GLU J 66 -47.45 10.18 68.18
CA GLU J 66 -46.99 11.31 69.02
C GLU J 66 -46.33 10.82 70.32
N ALA J 67 -47.08 10.01 71.05
CA ALA J 67 -46.61 9.43 72.31
C ALA J 67 -45.33 8.64 72.08
N PHE J 68 -45.32 7.84 71.00
CA PHE J 68 -44.15 7.05 70.69
C PHE J 68 -42.91 7.95 70.58
N TRP J 69 -43.02 9.05 69.83
CA TRP J 69 -41.85 9.90 69.64
C TRP J 69 -41.45 10.67 70.89
N ALA J 70 -42.40 10.80 71.82
CA ALA J 70 -42.20 11.46 73.11
C ALA J 70 -41.48 10.57 74.11
N MET J 71 -41.52 9.25 73.87
CA MET J 71 -40.81 8.29 74.73
C MET J 71 -39.29 8.38 74.56
N SER J 72 -38.55 7.97 75.60
CA SER J 72 -37.10 7.84 75.51
C SER J 72 -36.76 6.65 74.61
N LYS J 73 -35.52 6.61 74.12
CA LYS J 73 -35.12 5.45 73.32
C LYS J 73 -35.35 4.12 74.07
N ARG J 74 -34.99 4.06 75.35
CA ARG J 74 -35.21 2.84 76.10
C ARG J 74 -36.68 2.49 76.19
N GLU J 75 -37.54 3.48 76.42
CA GLU J 75 -38.97 3.19 76.48
C GLU J 75 -39.50 2.77 75.09
N GLN J 76 -38.95 3.34 74.02
CA GLN J 76 -39.39 2.95 72.67
C GLN J 76 -39.03 1.47 72.42
N ALA J 77 -37.77 1.13 72.74
CA ALA J 77 -37.25 -0.25 72.67
C ALA J 77 -38.08 -1.20 73.52
N ASP J 78 -38.43 -0.80 74.74
CA ASP J 78 -39.28 -1.67 75.55
C ASP J 78 -40.60 -1.91 74.90
N LEU J 79 -41.10 -0.88 74.20
CA LEU J 79 -42.43 -1.01 73.59
C LEU J 79 -42.35 -1.95 72.37
N ILE J 80 -41.33 -1.75 71.55
CA ILE J 80 -41.15 -2.58 70.33
C ILE J 80 -40.91 -4.06 70.74
N TRP J 81 -40.09 -4.25 71.78
CA TRP J 81 -39.85 -5.59 72.30
C TRP J 81 -41.16 -6.26 72.71
N GLU J 82 -41.97 -5.57 73.49
CA GLU J 82 -43.21 -6.15 73.97
C GLU J 82 -44.22 -6.44 72.84
N GLU J 83 -44.37 -5.49 71.93
CA GLU J 83 -45.41 -5.60 70.89
C GLU J 83 -45.04 -6.59 69.81
N LEU J 84 -43.75 -6.68 69.47
CA LEU J 84 -43.36 -7.45 68.27
C LEU J 84 -42.70 -8.78 68.55
N PHE J 85 -42.21 -8.93 69.80
CA PHE J 85 -41.50 -10.16 70.19
C PHE J 85 -42.28 -10.94 71.24
N ILE J 86 -42.97 -10.25 72.16
CA ILE J 86 -43.66 -10.95 73.25
C ILE J 86 -45.16 -11.25 73.00
N LYS J 87 -45.87 -10.25 72.51
CA LYS J 87 -47.30 -10.36 72.25
C LYS J 87 -47.63 -11.10 70.93
N ARG J 88 -46.66 -11.11 70.00
CA ARG J 88 -46.71 -11.96 68.77
C ARG J 88 -45.31 -12.51 68.55
N SER J 89 -45.18 -13.67 67.92
CA SER J 89 -43.84 -14.21 67.65
C SER J 89 -43.09 -13.30 66.68
N PRO J 90 -41.76 -13.06 66.91
CA PRO J 90 -40.94 -12.17 66.06
C PRO J 90 -40.55 -12.81 64.74
N VAL J 91 -41.57 -13.17 63.95
CA VAL J 91 -41.34 -13.84 62.66
C VAL J 91 -40.96 -12.96 61.44
N SER J 92 -41.17 -11.63 61.49
CA SER J 92 -40.82 -10.81 60.33
C SER J 92 -39.30 -10.80 60.13
N GLU J 93 -38.88 -10.39 58.94
CA GLU J 93 -37.43 -10.38 58.66
C GLU J 93 -36.70 -9.46 59.65
N ALA J 94 -37.25 -8.25 59.84
CA ALA J 94 -36.59 -7.25 60.73
C ALA J 94 -36.50 -7.77 62.17
N CYS J 95 -37.56 -8.37 62.65
CA CYS J 95 -37.54 -8.92 64.01
C CYS J 95 -36.54 -10.07 64.14
N ARG J 96 -36.70 -11.08 63.28
CA ARG J 96 -35.68 -12.14 63.15
C ARG J 96 -34.24 -11.59 63.18
N GLY J 97 -34.00 -10.51 62.43
CA GLY J 97 -32.71 -9.83 62.36
C GLY J 97 -32.15 -9.47 63.73
N VAL J 98 -33.00 -8.91 64.58
CA VAL J 98 -32.58 -8.51 65.94
C VAL J 98 -32.06 -9.76 66.69
N LEU J 99 -32.78 -10.87 66.53
CA LEU J 99 -32.44 -12.16 67.16
C LEU J 99 -31.10 -12.69 66.66
N THR J 100 -30.88 -12.69 65.35
CA THR J 100 -29.58 -13.08 64.81
C THR J 100 -28.40 -12.26 65.38
N CYS J 101 -28.60 -10.94 65.48
CA CYS J 101 -27.55 -10.09 66.06
C CYS J 101 -27.20 -10.50 67.47
N LEU J 102 -28.20 -10.61 68.33
CA LEU J 102 -28.02 -10.99 69.71
C LEU J 102 -27.24 -12.32 69.78
N GLN J 103 -27.71 -13.32 69.04
CA GLN J 103 -27.04 -14.61 69.10
C GLN J 103 -25.58 -14.51 68.60
N GLY J 104 -25.36 -13.72 67.56
CA GLY J 104 -24.06 -13.54 66.95
C GLY J 104 -23.10 -12.94 67.99
N LEU J 105 -23.63 -12.14 68.90
CA LEU J 105 -22.75 -11.48 69.89
C LEU J 105 -22.47 -12.39 71.08
N GLY J 106 -23.14 -13.54 71.09
CA GLY J 106 -22.99 -14.51 72.16
C GLY J 106 -24.01 -14.26 73.25
N LEU J 107 -24.94 -13.36 72.98
CA LEU J 107 -26.07 -13.19 73.88
C LEU J 107 -27.07 -14.23 73.50
N ASP J 108 -28.03 -14.47 74.38
CA ASP J 108 -28.91 -15.59 74.12
C ASP J 108 -30.40 -15.22 74.02
N PRO J 109 -30.94 -15.23 72.77
CA PRO J 109 -32.35 -14.91 72.61
C PRO J 109 -33.30 -15.79 73.38
N ALA J 110 -32.86 -17.02 73.66
CA ALA J 110 -33.70 -17.94 74.42
C ALA J 110 -34.29 -17.35 75.71
N THR J 111 -33.51 -16.56 76.47
CA THR J 111 -33.99 -16.00 77.76
C THR J 111 -34.93 -14.81 77.61
N ARG J 112 -34.82 -14.08 76.49
CA ARG J 112 -35.60 -12.85 76.27
C ARG J 112 -35.32 -11.82 77.35
N ASP J 113 -34.11 -11.88 77.88
CA ASP J 113 -33.67 -10.99 78.95
C ASP J 113 -33.08 -9.69 78.41
N LEU J 114 -33.95 -8.76 78.01
CA LEU J 114 -33.50 -7.51 77.41
C LEU J 114 -32.54 -6.73 78.34
N GLN J 115 -32.80 -6.84 79.63
CA GLN J 115 -31.95 -6.21 80.65
C GLN J 115 -30.52 -6.69 80.54
N VAL J 116 -30.34 -8.00 80.53
CA VAL J 116 -29.01 -8.59 80.38
C VAL J 116 -28.41 -8.24 79.03
N TYR J 117 -29.23 -8.22 77.97
CA TYR J 117 -28.65 -7.84 76.68
C TYR J 117 -28.09 -6.45 76.76
N ARG J 118 -28.84 -5.57 77.42
CA ARG J 118 -28.44 -4.18 77.60
C ARG J 118 -27.05 -4.04 78.30
N GLU J 119 -26.85 -4.86 79.32
CA GLU J 119 -25.57 -4.82 80.06
C GLU J 119 -24.36 -5.08 79.16
N TYR J 120 -24.53 -5.90 78.12
CA TYR J 120 -23.44 -6.23 77.23
C TYR J 120 -22.87 -4.97 76.62
N PHE J 121 -23.76 -4.09 76.13
CA PHE J 121 -23.34 -2.93 75.36
C PHE J 121 -22.84 -1.81 76.25
N ALA J 122 -23.35 -1.76 77.48
CA ALA J 122 -22.95 -0.75 78.46
C ALA J 122 -21.44 -0.84 78.73
N LYS J 123 -20.98 -2.08 78.90
CA LYS J 123 -19.58 -2.37 79.24
C LYS J 123 -18.60 -2.08 78.12
N LYS J 124 -19.07 -1.66 76.94
CA LYS J 124 -18.17 -1.49 75.81
C LYS J 124 -18.14 -0.06 75.30
N THR J 125 -17.09 0.27 74.57
CA THR J 125 -16.99 1.52 73.82
C THR J 125 -17.47 1.30 72.37
N SER J 126 -17.42 2.36 71.56
CA SER J 126 -17.74 2.29 70.13
C SER J 126 -16.66 1.57 69.35
N GLU J 127 -15.40 1.95 69.62
CA GLU J 127 -14.27 1.40 68.91
C GLU J 127 -14.16 -0.11 69.12
N GLU J 128 -14.45 -0.53 70.34
CA GLU J 128 -14.48 -1.95 70.72
C GLU J 128 -15.56 -2.67 69.92
N GLN J 129 -16.77 -2.09 69.89
CA GLN J 129 -17.90 -2.68 69.15
C GLN J 129 -17.63 -2.77 67.65
N VAL J 130 -17.07 -1.73 67.05
CA VAL J 130 -16.67 -1.85 65.67
C VAL J 130 -15.77 -3.08 65.45
N ASP J 131 -14.73 -3.20 66.26
CA ASP J 131 -13.83 -4.34 66.11
C ASP J 131 -14.55 -5.69 66.24
N THR J 132 -15.42 -5.77 67.24
CA THR J 132 -16.18 -6.98 67.53
C THR J 132 -17.06 -7.32 66.33
N VAL J 133 -17.83 -6.34 65.87
CA VAL J 133 -18.83 -6.59 64.83
C VAL J 133 -18.23 -6.89 63.48
N LEU J 134 -17.22 -6.12 63.06
CA LEU J 134 -16.60 -6.41 61.78
C LEU J 134 -16.06 -7.84 61.82
N GLN J 135 -15.60 -8.26 63.00
CA GLN J 135 -15.01 -9.62 63.07
C GLN J 135 -16.10 -10.70 62.93
N LEU J 136 -17.13 -10.55 63.74
CA LEU J 136 -18.21 -11.50 63.82
C LEU J 136 -19.06 -11.54 62.56
N ALA J 137 -19.21 -10.41 61.88
CA ALA J 137 -19.97 -10.38 60.64
C ALA J 137 -19.07 -10.64 59.47
N ASN J 138 -17.77 -10.76 59.73
CA ASN J 138 -16.77 -10.96 58.68
C ASN J 138 -16.83 -9.92 57.53
N VAL J 139 -16.84 -8.65 57.93
CA VAL J 139 -16.86 -7.53 56.99
C VAL J 139 -15.50 -6.83 57.10
N SER J 140 -14.79 -6.76 55.98
CA SER J 140 -13.46 -6.20 55.92
C SER J 140 -13.54 -4.67 55.67
N ASP J 141 -14.57 -4.27 54.91
CA ASP J 141 -14.70 -2.89 54.42
C ASP J 141 -16.16 -2.46 54.40
N VAL J 142 -16.41 -1.28 54.96
CA VAL J 142 -17.70 -0.62 55.02
C VAL J 142 -17.62 0.67 54.14
N VAL J 143 -18.55 0.79 53.18
CA VAL J 143 -18.75 2.06 52.49
C VAL J 143 -19.82 2.90 53.21
N MET J 144 -19.47 4.13 53.62
CA MET J 144 -20.38 4.96 54.41
C MET J 144 -21.29 5.78 53.49
N THR J 145 -22.25 6.46 54.09
CA THR J 145 -23.02 7.48 53.34
C THR J 145 -22.70 8.86 53.95
N ASN J 146 -21.96 9.64 53.18
CA ASN J 146 -21.41 10.91 53.68
C ASN J 146 -22.06 12.07 52.96
N ASP J 147 -22.79 12.83 53.77
CA ASP J 147 -23.65 13.92 53.31
C ASP J 147 -23.05 15.30 53.71
N PRO J 148 -22.40 16.00 52.78
CA PRO J 148 -21.75 17.26 53.14
C PRO J 148 -22.74 18.35 53.59
N PHE J 149 -24.04 18.10 53.33
CA PHE J 149 -25.11 19.01 53.76
C PHE J 149 -25.59 18.82 55.20
N ASP J 150 -25.12 17.75 55.88
CA ASP J 150 -25.43 17.56 57.31
C ASP J 150 -24.41 18.27 58.23
N ASP J 151 -24.90 19.16 59.08
CA ASP J 151 -24.04 19.94 59.98
C ASP J 151 -23.22 19.05 60.90
N ASN J 152 -23.87 18.06 61.51
CA ASN J 152 -23.21 17.10 62.41
C ASN J 152 -22.04 16.32 61.79
N GLU J 153 -22.15 15.98 60.50
CA GLU J 153 -21.11 15.25 59.78
C GLU J 153 -20.08 16.18 59.17
N ARG J 154 -20.53 17.30 58.59
CA ARG J 154 -19.61 18.23 57.94
C ARG J 154 -18.52 18.69 58.92
N ILE J 155 -18.89 18.91 60.18
CA ILE J 155 -17.94 19.36 61.23
C ILE J 155 -16.69 18.48 61.31
N SER J 156 -16.90 17.16 61.50
CA SER J 156 -15.78 16.22 61.56
C SER J 156 -14.92 16.26 60.31
N TRP J 157 -15.54 16.37 59.13
CA TRP J 157 -14.74 16.50 57.92
C TRP J 157 -13.91 17.79 57.90
N LEU J 158 -14.50 18.85 58.43
CA LEU J 158 -13.88 20.18 58.39
C LEU J 158 -12.80 20.30 59.44
N GLU J 159 -13.04 19.68 60.61
CA GLU J 159 -12.03 19.50 61.67
C GLU J 159 -10.88 18.55 61.27
N GLY J 160 -10.95 17.98 60.07
CA GLY J 160 -9.81 17.25 59.50
C GLY J 160 -9.75 15.77 59.87
N LYS J 161 -10.78 15.28 60.56
CA LYS J 161 -10.92 13.83 60.79
C LYS J 161 -10.91 12.99 59.52
N GLN J 162 -10.19 11.88 59.58
CA GLN J 162 -10.19 10.90 58.52
C GLN J 162 -10.85 9.60 58.99
N PRO J 163 -11.49 8.88 58.06
CA PRO J 163 -12.07 7.62 58.51
C PRO J 163 -10.98 6.56 58.75
N ASP J 164 -11.21 5.70 59.74
CA ASP J 164 -10.55 4.41 59.87
C ASP J 164 -10.33 3.71 58.51
N SER J 165 -9.25 2.95 58.34
CA SER J 165 -8.91 2.39 57.03
C SER J 165 -10.01 1.40 56.54
N ARG J 166 -10.79 0.93 57.49
CA ARG J 166 -11.93 0.01 57.18
C ARG J 166 -13.16 0.70 56.61
N PHE J 167 -13.26 2.01 56.83
CA PHE J 167 -14.49 2.76 56.46
C PHE J 167 -14.18 3.64 55.29
N HIS J 168 -15.05 3.60 54.29
CA HIS J 168 -14.79 4.30 53.07
C HIS J 168 -15.93 5.29 52.84
N ALA J 169 -15.57 6.40 52.18
CA ALA J 169 -16.49 7.49 51.96
C ALA J 169 -17.24 7.30 50.65
N ALA J 170 -18.49 7.75 50.67
CA ALA J 170 -19.24 7.97 49.43
C ALA J 170 -20.08 9.24 49.55
N LEU J 171 -20.02 10.04 48.49
CA LEU J 171 -20.54 11.43 48.54
C LEU J 171 -22.04 11.44 48.22
N ARG J 172 -22.87 11.67 49.23
CA ARG J 172 -24.34 11.73 49.08
C ARG J 172 -24.76 13.14 48.61
N LEU J 173 -25.51 13.19 47.51
CA LEU J 173 -25.80 14.45 46.83
C LEU J 173 -27.28 14.83 46.75
N ASP J 174 -28.14 14.13 47.50
CA ASP J 174 -29.60 14.34 47.48
C ASP J 174 -30.05 15.80 47.65
N PRO J 175 -29.56 16.49 48.70
CA PRO J 175 -29.94 17.91 48.79
C PRO J 175 -29.55 18.77 47.58
N LEU J 176 -28.42 18.50 46.96
CA LEU J 176 -27.97 19.26 45.81
C LEU J 176 -28.82 18.98 44.59
N LEU J 177 -29.07 17.71 44.32
CA LEU J 177 -29.73 17.30 43.07
C LEU J 177 -31.24 17.38 43.15
N ASN J 178 -31.81 17.09 44.31
CA ASN J 178 -33.27 16.97 44.49
C ASN J 178 -33.90 18.20 45.11
N GLU J 179 -33.07 19.06 45.70
CA GLU J 179 -33.58 20.18 46.48
C GLU J 179 -32.77 21.45 46.20
N TYR J 180 -32.25 21.55 44.99
CA TYR J 180 -31.37 22.66 44.58
C TYR J 180 -31.88 24.07 44.91
N GLU J 181 -33.18 24.30 44.74
CA GLU J 181 -33.75 25.62 45.04
C GLU J 181 -33.52 26.06 46.50
N GLN J 182 -33.67 25.14 47.43
CA GLN J 182 -33.41 25.44 48.85
C GLN J 182 -31.90 25.41 49.14
N THR J 183 -31.17 24.62 48.35
CA THR J 183 -29.78 24.31 48.62
C THR J 183 -28.80 25.33 48.06
N LYS J 184 -29.11 25.89 46.90
CA LYS J 184 -28.19 26.80 46.19
C LYS J 184 -27.76 27.98 47.08
N HIS J 185 -28.57 28.25 48.09
CA HIS J 185 -28.31 29.33 49.03
C HIS J 185 -27.25 28.98 50.05
N ARG J 186 -27.17 27.71 50.39
CA ARG J 186 -26.07 27.21 51.22
C ARG J 186 -24.79 27.17 50.40
N LEU J 187 -24.89 26.82 49.13
CA LEU J 187 -23.71 26.88 48.27
C LEU J 187 -23.06 28.26 48.27
N ARG J 188 -23.88 29.30 48.10
CA ARG J 188 -23.33 30.66 48.10
C ARG J 188 -22.76 31.07 49.47
N ASP J 189 -23.52 30.79 50.52
CA ASP J 189 -23.02 30.91 51.88
C ASP J 189 -21.66 30.19 52.14
N TRP J 190 -21.35 29.14 51.37
CA TRP J 190 -20.04 28.46 51.48
C TRP J 190 -19.06 28.96 50.42
N GLY J 191 -19.47 30.03 49.73
CA GLY J 191 -18.59 30.70 48.78
C GLY J 191 -18.67 30.13 47.39
N TYR J 192 -19.71 29.34 47.16
CA TYR J 192 -19.96 28.75 45.85
C TYR J 192 -20.91 29.65 45.09
N LYS J 193 -20.34 30.47 44.22
CA LYS J 193 -21.05 31.61 43.64
C LYS J 193 -22.06 31.21 42.57
N VAL J 194 -23.07 30.44 42.98
CA VAL J 194 -24.12 30.02 42.05
C VAL J 194 -25.06 31.19 41.80
N ASN J 195 -25.37 31.43 40.52
CA ASN J 195 -26.24 32.53 40.12
C ASN J 195 -27.67 32.05 40.07
N ASP J 196 -28.63 32.98 40.13
CA ASP J 196 -30.03 32.65 39.94
C ASP J 196 -30.23 31.92 38.61
N GLU J 197 -29.43 32.27 37.61
CA GLU J 197 -29.53 31.66 36.30
C GLU J 197 -28.59 30.48 36.18
N TRP J 198 -29.00 29.48 35.38
CA TRP J 198 -28.17 28.31 35.11
C TRP J 198 -27.20 28.62 33.97
N ASN J 199 -26.15 29.37 34.32
CA ASN J 199 -25.18 29.84 33.36
C ASN J 199 -23.83 29.19 33.62
N GLU J 200 -22.85 29.49 32.76
CA GLU J 200 -21.54 28.84 32.80
C GLU J 200 -20.85 29.01 34.15
N GLY J 201 -21.15 30.12 34.81
CA GLY J 201 -20.63 30.39 36.15
C GLY J 201 -21.30 29.50 37.19
N SER J 202 -22.58 29.21 36.96
CA SER J 202 -23.29 28.33 37.86
C SER J 202 -22.71 26.91 37.70
N ILE J 203 -22.57 26.49 36.44
CA ILE J 203 -21.99 25.20 36.10
C ILE J 203 -20.65 25.03 36.83
N GLN J 204 -19.69 25.94 36.56
CA GLN J 204 -18.37 25.89 37.23
C GLN J 204 -18.41 25.87 38.75
N GLU J 205 -19.34 26.58 39.38
CA GLU J 205 -19.30 26.65 40.84
C GLU J 205 -19.85 25.40 41.56
N VAL J 206 -20.94 24.84 41.04
CA VAL J 206 -21.45 23.58 41.57
C VAL J 206 -20.38 22.52 41.40
N LYS J 207 -19.74 22.51 40.23
CA LYS J 207 -18.60 21.63 39.93
C LYS J 207 -17.44 21.74 40.93
N ARG J 208 -17.09 22.98 41.28
CA ARG J 208 -16.12 23.25 42.34
C ARG J 208 -16.59 22.66 43.68
N PHE J 209 -17.88 22.76 43.94
CA PHE J 209 -18.43 22.16 45.15
C PHE J 209 -18.18 20.64 45.13
N LEU J 210 -18.40 20.02 43.98
CA LEU J 210 -18.20 18.57 43.82
C LEU J 210 -16.72 18.22 43.96
N THR J 211 -15.86 18.91 43.19
CA THR J 211 -14.41 18.66 43.16
C THR J 211 -13.77 18.84 44.55
N ASP J 212 -14.17 19.88 45.27
CA ASP J 212 -13.69 20.10 46.63
C ASP J 212 -13.98 18.92 47.55
N TRP J 213 -15.23 18.46 47.54
CA TRP J 213 -15.67 17.39 48.46
C TRP J 213 -15.14 16.04 48.05
N ILE J 214 -14.93 15.85 46.75
CA ILE J 214 -14.20 14.68 46.28
C ILE J 214 -12.79 14.72 46.87
N GLU J 215 -12.15 15.89 46.78
CA GLU J 215 -10.79 16.04 47.27
C GLU J 215 -10.72 15.75 48.76
N ARG J 216 -11.72 16.20 49.50
CA ARG J 216 -11.71 16.09 50.95
C ARG J 216 -12.04 14.66 51.43
N MET J 217 -13.01 14.05 50.75
CA MET J 217 -13.53 12.73 51.14
C MET J 217 -12.88 11.55 50.46
N ASP J 218 -12.33 11.76 49.27
CA ASP J 218 -11.85 10.68 48.42
C ASP J 218 -12.92 9.57 48.30
N PRO J 219 -14.16 9.94 47.97
CA PRO J 219 -15.26 8.94 48.00
C PRO J 219 -15.09 7.90 46.90
N VAL J 220 -15.58 6.67 47.16
CA VAL J 220 -15.56 5.62 46.15
C VAL J 220 -16.66 5.75 45.11
N TYR J 221 -17.74 6.46 45.43
CA TYR J 221 -18.68 6.88 44.39
C TYR J 221 -19.44 8.12 44.85
N MET J 222 -20.14 8.79 43.93
CA MET J 222 -21.18 9.76 44.33
C MET J 222 -22.54 9.13 44.13
N ALA J 223 -23.44 9.40 45.07
CA ALA J 223 -24.75 8.74 45.23
C ALA J 223 -25.93 9.74 45.26
N VAL J 224 -27.07 9.30 44.74
CA VAL J 224 -28.35 10.02 44.94
C VAL J 224 -29.48 8.98 45.00
N SER J 225 -30.50 9.24 45.82
CA SER J 225 -31.74 8.43 45.75
C SER J 225 -32.81 9.23 44.99
N LEU J 226 -33.67 8.53 44.23
CA LEU J 226 -34.52 9.15 43.23
C LEU J 226 -35.91 8.56 43.26
N PRO J 227 -36.93 9.38 42.92
CA PRO J 227 -38.31 8.91 43.05
C PRO J 227 -38.69 8.03 41.86
N PRO J 228 -39.84 7.35 41.92
CA PRO J 228 -40.31 6.52 40.80
C PRO J 228 -40.51 7.29 39.49
N THR J 229 -40.74 8.59 39.63
CA THR J 229 -40.93 9.50 38.50
C THR J 229 -39.61 9.94 37.84
N PHE J 230 -38.47 9.44 38.33
CA PHE J 230 -37.19 9.85 37.73
C PHE J 230 -37.11 9.80 36.20
N SER J 231 -36.72 10.92 35.60
CA SER J 231 -36.57 11.05 34.14
C SER J 231 -35.22 11.68 33.80
N PHE J 232 -34.64 11.27 32.68
CA PHE J 232 -33.40 11.85 32.15
C PHE J 232 -33.31 11.61 30.66
N PRO J 233 -33.01 12.67 29.86
CA PRO J 233 -32.76 14.08 30.27
C PRO J 233 -34.00 14.77 30.83
N GLU J 234 -33.81 15.80 31.62
CA GLU J 234 -34.95 16.55 32.13
C GLU J 234 -34.55 18.02 32.24
N GLU J 235 -35.41 18.92 31.75
CA GLU J 235 -35.17 20.34 31.96
C GLU J 235 -35.62 20.75 33.37
N SER J 236 -34.85 20.33 34.37
CA SER J 236 -35.09 20.62 35.77
C SER J 236 -33.73 20.84 36.39
N ASN J 237 -33.69 21.27 37.64
CA ASN J 237 -32.37 21.47 38.28
C ASN J 237 -31.59 20.15 38.30
N ARG J 238 -32.27 19.10 38.75
CA ARG J 238 -31.62 17.77 38.79
C ARG J 238 -31.11 17.40 37.43
N GLY J 239 -31.93 17.56 36.40
CA GLY J 239 -31.51 17.19 35.05
C GLY J 239 -30.29 17.98 34.56
N ARG J 240 -30.25 19.27 34.86
CA ARG J 240 -29.11 20.08 34.38
C ARG J 240 -27.83 19.84 35.22
N ILE J 241 -28.00 19.77 36.53
CA ILE J 241 -26.88 19.48 37.44
C ILE J 241 -26.20 18.15 37.04
N ILE J 242 -27.01 17.10 36.84
CA ILE J 242 -26.47 15.83 36.36
C ILE J 242 -25.74 15.97 35.03
N ARG J 243 -26.37 16.63 34.04
CA ARG J 243 -25.79 16.73 32.70
C ARG J 243 -24.51 17.54 32.68
N ASP J 244 -24.54 18.65 33.41
CA ASP J 244 -23.54 19.70 33.24
C ASP J 244 -22.40 19.60 34.23
N CYS J 245 -22.67 19.04 35.39
CA CYS J 245 -21.73 19.09 36.50
C CYS J 245 -21.29 17.71 36.97
N LEU J 246 -22.27 16.92 37.43
CA LEU J 246 -22.01 15.59 38.00
C LEU J 246 -21.28 14.65 37.01
N LEU J 247 -21.83 14.46 35.81
CA LEU J 247 -21.27 13.47 34.89
C LEU J 247 -19.89 13.82 34.32
N PRO J 248 -19.67 15.12 34.00
CA PRO J 248 -18.30 15.46 33.61
C PRO J 248 -17.29 15.32 34.75
N VAL J 249 -17.65 15.69 35.97
CA VAL J 249 -16.73 15.53 37.12
C VAL J 249 -16.45 14.04 37.38
N ALA J 250 -17.52 13.28 37.68
CA ALA J 250 -17.45 11.82 37.81
C ALA J 250 -16.56 11.15 36.77
N GLU J 251 -16.74 11.53 35.50
CA GLU J 251 -15.90 11.01 34.45
C GLU J 251 -14.42 11.39 34.64
N LYS J 252 -14.19 12.63 35.06
CA LYS J 252 -12.83 13.14 35.18
C LYS J 252 -12.07 12.47 36.31
N HIS J 253 -12.74 12.27 37.44
CA HIS J 253 -12.14 11.55 38.56
C HIS J 253 -12.39 10.02 38.49
N ASN J 254 -12.89 9.55 37.34
CA ASN J 254 -13.24 8.15 37.13
C ASN J 254 -14.03 7.54 38.32
N ILE J 255 -15.01 8.29 38.80
CA ILE J 255 -15.84 7.91 39.95
C ILE J 255 -17.22 7.44 39.43
N PRO J 256 -17.69 6.26 39.86
CA PRO J 256 -19.06 5.89 39.49
C PRO J 256 -20.14 6.81 40.10
N PHE J 257 -21.29 6.87 39.43
CA PHE J 257 -22.48 7.55 39.96
C PHE J 257 -23.48 6.45 40.40
N ALA J 258 -23.82 6.46 41.69
CA ALA J 258 -24.80 5.52 42.27
C ALA J 258 -26.18 6.14 42.34
N MET J 259 -27.13 5.46 41.70
CA MET J 259 -28.50 5.89 41.68
C MET J 259 -29.35 4.82 42.37
N MET J 260 -30.07 5.21 43.42
CA MET J 260 -30.98 4.30 44.12
C MET J 260 -32.41 4.77 43.88
N ILE J 261 -33.10 4.07 42.98
CA ILE J 261 -34.30 4.65 42.33
C ILE J 261 -35.53 3.94 42.79
N GLY J 262 -36.51 4.74 43.18
CA GLY J 262 -37.87 4.21 43.41
C GLY J 262 -38.49 4.57 44.74
N VAL J 263 -37.82 5.38 45.56
CA VAL J 263 -38.37 5.73 46.83
C VAL J 263 -39.27 6.94 46.65
N LYS J 264 -40.46 6.84 47.23
CA LYS J 264 -41.41 7.93 47.29
C LYS J 264 -41.41 8.46 48.71
N LYS J 265 -40.85 9.64 48.89
CA LYS J 265 -40.56 10.15 50.26
C LYS J 265 -41.82 10.64 50.98
N ARG J 266 -41.88 10.39 52.28
CA ARG J 266 -42.86 10.97 53.19
C ARG J 266 -44.31 10.83 52.77
N VAL J 267 -44.75 9.62 52.47
CA VAL J 267 -46.19 9.40 52.25
C VAL J 267 -46.99 9.35 53.58
N HIS J 268 -46.28 9.04 54.68
CA HIS J 268 -46.79 9.13 56.05
C HIS J 268 -45.74 9.95 56.82
N PRO J 269 -45.83 11.30 56.73
CA PRO J 269 -44.80 12.20 57.28
C PRO J 269 -44.52 11.98 58.78
N ALA J 270 -45.56 11.76 59.56
CA ALA J 270 -45.43 11.54 61.01
C ALA J 270 -44.58 10.34 61.40
N LEU J 271 -44.39 9.38 60.49
CA LEU J 271 -43.56 8.20 60.78
C LEU J 271 -42.08 8.46 60.57
N GLY J 272 -41.74 9.61 60.02
CA GLY J 272 -40.37 9.96 59.75
C GLY J 272 -39.70 9.00 58.77
N ASP J 273 -38.56 8.47 59.19
CA ASP J 273 -37.77 7.57 58.36
C ASP J 273 -38.56 6.32 57.96
N ALA J 274 -39.59 5.98 58.74
CA ALA J 274 -40.52 4.86 58.46
C ALA J 274 -41.70 5.24 57.56
N GLY J 275 -41.72 6.46 57.03
CA GLY J 275 -42.87 6.90 56.24
C GLY J 275 -42.65 6.98 54.74
N ASP J 276 -41.59 6.35 54.24
CA ASP J 276 -41.29 6.36 52.81
C ASP J 276 -41.90 5.14 52.13
N PHE J 277 -42.30 5.33 50.87
CA PHE J 277 -43.06 4.31 50.08
C PHE J 277 -42.24 3.98 48.85
N VAL J 278 -42.84 3.24 47.91
CA VAL J 278 -42.14 2.74 46.74
C VAL J 278 -43.03 2.88 45.51
N GLY J 279 -42.41 3.00 44.33
CA GLY J 279 -43.15 2.91 43.07
C GLY J 279 -42.21 2.37 42.01
N LYS J 280 -42.80 1.78 40.97
CA LYS J 280 -42.06 1.33 39.83
C LYS J 280 -41.64 2.53 38.98
N ALA J 281 -40.39 2.48 38.49
CA ALA J 281 -39.85 3.58 37.67
C ALA J 281 -39.75 3.17 36.22
N SER J 282 -39.64 4.16 35.31
CA SER J 282 -39.36 3.88 33.93
C SER J 282 -37.88 3.56 33.90
N MET J 283 -37.49 2.69 32.97
CA MET J 283 -36.04 2.42 32.74
C MET J 283 -35.41 3.42 31.76
N ASP J 284 -36.25 4.26 31.14
CA ASP J 284 -35.79 5.15 30.05
C ASP J 284 -34.62 6.03 30.46
N GLY J 285 -34.73 6.67 31.61
CA GLY J 285 -33.67 7.58 32.11
C GLY J 285 -32.33 6.88 32.27
N VAL J 286 -32.39 5.72 32.92
CA VAL J 286 -31.20 4.90 33.12
C VAL J 286 -30.59 4.45 31.82
N GLU J 287 -31.43 3.92 30.91
CA GLU J 287 -31.01 3.46 29.59
C GLU J 287 -30.28 4.63 28.85
N HIS J 288 -30.88 5.82 28.90
CA HIS J 288 -30.29 7.01 28.28
C HIS J 288 -28.89 7.25 28.82
N LEU J 289 -28.81 7.36 30.14
CA LEU J 289 -27.56 7.69 30.82
C LEU J 289 -26.46 6.69 30.44
N LEU J 290 -26.80 5.40 30.42
CA LEU J 290 -25.81 4.36 30.08
C LEU J 290 -25.30 4.48 28.68
N ARG J 291 -26.22 4.66 27.72
CA ARG J 291 -25.89 4.66 26.30
C ARG J 291 -25.16 5.94 25.92
N GLU J 292 -25.64 7.07 26.43
CA GLU J 292 -25.17 8.39 25.98
C GLU J 292 -23.92 8.83 26.70
N TYR J 293 -23.65 8.21 27.85
CA TYR J 293 -22.44 8.50 28.60
C TYR J 293 -21.57 7.26 28.83
N PRO J 294 -21.01 6.69 27.73
CA PRO J 294 -20.27 5.41 27.79
C PRO J 294 -19.01 5.49 28.59
N ASN J 295 -18.50 6.70 28.80
CA ASN J 295 -17.30 6.86 29.61
C ASN J 295 -17.59 7.17 31.04
N ASN J 296 -18.86 7.07 31.46
CA ASN J 296 -19.22 7.17 32.87
C ASN J 296 -19.63 5.77 33.41
N LYS J 297 -19.39 5.55 34.69
CA LYS J 297 -19.76 4.28 35.37
C LYS J 297 -20.96 4.51 36.27
N PHE J 298 -21.92 3.57 36.26
CA PHE J 298 -23.10 3.75 37.06
C PHE J 298 -23.35 2.52 37.94
N LEU J 299 -23.70 2.76 39.20
CA LEU J 299 -24.11 1.72 40.15
C LEU J 299 -25.60 1.91 40.39
N VAL J 300 -26.41 0.87 40.17
CA VAL J 300 -27.87 1.07 40.32
C VAL J 300 -28.46 -0.03 41.18
N THR J 301 -29.35 0.37 42.08
CA THR J 301 -30.26 -0.52 42.78
C THR J 301 -31.66 0.14 42.71
N MET J 302 -32.71 -0.68 42.66
CA MET J 302 -34.06 -0.10 42.49
C MET J 302 -34.98 -0.70 43.53
N LEU J 303 -36.06 0.00 43.85
CA LEU J 303 -36.78 -0.29 45.06
C LEU J 303 -38.01 -1.18 44.77
N SER J 304 -38.52 -1.08 43.55
CA SER J 304 -39.74 -1.86 43.19
C SER J 304 -39.40 -3.28 42.78
N ARG J 305 -40.19 -4.22 43.32
CA ARG J 305 -40.07 -5.60 42.88
C ARG J 305 -40.16 -5.67 41.36
N GLU J 306 -41.02 -4.82 40.78
CA GLU J 306 -41.40 -4.93 39.39
C GLU J 306 -40.35 -4.33 38.41
N ASN J 307 -39.30 -3.68 38.97
CA ASN J 307 -38.21 -3.21 38.14
C ASN J 307 -37.04 -4.23 38.09
N GLN J 308 -37.08 -5.29 38.92
CA GLN J 308 -35.81 -6.04 39.10
C GLN J 308 -35.41 -6.83 37.86
N HIS J 309 -36.36 -7.48 37.20
CA HIS J 309 -35.99 -8.31 36.07
C HIS J 309 -35.42 -7.43 34.93
N GLU J 310 -36.12 -6.35 34.62
CA GLU J 310 -35.69 -5.47 33.53
C GLU J 310 -34.37 -4.74 33.87
N LEU J 311 -34.11 -4.48 35.14
CA LEU J 311 -32.81 -3.96 35.55
C LEU J 311 -31.70 -4.95 35.18
N VAL J 312 -31.90 -6.26 35.44
CA VAL J 312 -30.91 -7.29 35.04
C VAL J 312 -30.74 -7.29 33.54
N VAL J 313 -31.84 -7.17 32.80
CA VAL J 313 -31.71 -7.21 31.38
C VAL J 313 -30.90 -5.97 30.92
N LEU J 314 -31.13 -4.85 31.56
CA LEU J 314 -30.41 -3.64 31.16
C LEU J 314 -28.90 -3.80 31.44
N ALA J 315 -28.54 -4.47 32.54
CA ALA J 315 -27.12 -4.85 32.79
C ALA J 315 -26.52 -5.72 31.70
N ARG J 316 -27.31 -6.62 31.11
CA ARG J 316 -26.84 -7.39 29.96
C ARG J 316 -26.44 -6.47 28.79
N LYS J 317 -27.13 -5.33 28.67
CA LYS J 317 -26.96 -4.43 27.53
C LYS J 317 -25.75 -3.51 27.72
N PHE J 318 -25.42 -3.16 28.95
CA PHE J 318 -24.42 -2.10 29.22
C PHE J 318 -23.34 -2.44 30.24
N SER J 319 -22.08 -2.55 29.78
CA SER J 319 -20.98 -2.87 30.70
C SER J 319 -20.65 -1.77 31.70
N ASN J 320 -21.06 -0.53 31.38
CA ASN J 320 -20.96 0.56 32.34
C ASN J 320 -22.02 0.64 33.45
N LEU J 321 -22.91 -0.35 33.49
CA LEU J 321 -23.83 -0.51 34.58
C LEU J 321 -23.36 -1.66 35.47
N MET J 322 -23.28 -1.38 36.75
CA MET J 322 -23.11 -2.41 37.76
C MET J 322 -24.31 -2.33 38.67
N ILE J 323 -25.06 -3.44 38.76
CA ILE J 323 -26.20 -3.49 39.69
C ILE J 323 -25.80 -4.08 41.03
N PHE J 324 -26.40 -3.59 42.09
CA PHE J 324 -26.06 -4.05 43.42
C PHE J 324 -27.24 -4.17 44.35
N GLY J 325 -27.26 -5.25 45.11
CA GLY J 325 -28.01 -5.29 46.33
C GLY J 325 -29.48 -5.48 46.11
N CYS J 326 -30.12 -5.77 47.23
CA CYS J 326 -31.54 -6.01 47.38
C CYS J 326 -31.90 -4.97 48.38
N TRP J 327 -32.29 -3.82 47.83
CA TRP J 327 -32.49 -2.62 48.62
C TRP J 327 -33.80 -2.61 49.39
N TRP J 328 -33.68 -2.51 50.72
CA TRP J 328 -34.78 -2.05 51.64
C TRP J 328 -36.04 -2.96 51.52
N PHE J 329 -37.06 -2.51 50.79
CA PHE J 329 -38.27 -3.39 50.61
C PHE J 329 -37.98 -4.67 49.79
N MET J 330 -36.82 -4.68 49.14
CA MET J 330 -36.31 -5.84 48.41
C MET J 330 -35.55 -6.79 49.35
N ASN J 331 -35.20 -6.31 50.56
CA ASN J 331 -34.28 -7.03 51.44
C ASN J 331 -35.02 -8.05 52.36
N ASN J 332 -35.80 -8.95 51.71
CA ASN J 332 -36.57 -9.94 52.39
C ASN J 332 -36.32 -11.27 51.65
N PRO J 333 -36.20 -12.35 52.41
CA PRO J 333 -35.81 -13.64 51.76
C PRO J 333 -36.50 -13.99 50.45
N GLU J 334 -37.81 -13.90 50.42
CA GLU J 334 -38.55 -14.23 49.17
C GLU J 334 -37.98 -13.43 47.97
N ILE J 335 -37.69 -12.16 48.19
CA ILE J 335 -37.25 -11.28 47.11
C ILE J 335 -35.77 -11.45 46.90
N ILE J 336 -34.94 -11.50 47.97
CA ILE J 336 -33.51 -11.80 47.79
C ILE J 336 -33.30 -13.02 46.91
N ASN J 337 -34.10 -14.06 47.16
CA ASN J 337 -33.98 -15.29 46.40
C ASN J 337 -34.28 -15.12 44.90
N GLU J 338 -35.44 -14.52 44.57
CA GLU J 338 -35.78 -14.47 43.17
C GLU J 338 -34.82 -13.53 42.45
N MET J 339 -34.43 -12.42 43.10
CA MET J 339 -33.50 -11.44 42.49
C MET J 339 -32.13 -12.05 42.23
N THR J 340 -31.60 -12.79 43.19
CA THR J 340 -30.26 -13.34 43.09
C THR J 340 -30.24 -14.41 41.98
N ARG J 341 -31.33 -15.18 41.87
CA ARG J 341 -31.44 -16.19 40.84
C ARG J 341 -31.56 -15.55 39.44
N MET J 342 -32.39 -14.53 39.31
CA MET J 342 -32.53 -13.87 37.99
C MET J 342 -31.16 -13.27 37.59
N ARG J 343 -30.52 -12.65 38.56
CA ARG J 343 -29.22 -11.98 38.28
C ARG J 343 -28.18 -12.98 37.86
N MET J 344 -28.04 -14.07 38.62
CA MET J 344 -27.01 -15.04 38.24
C MET J 344 -27.31 -15.74 36.90
N GLU J 345 -28.58 -16.09 36.68
CA GLU J 345 -28.98 -16.68 35.43
C GLU J 345 -28.63 -15.83 34.21
N MET J 346 -28.82 -14.51 34.29
CA MET J 346 -28.58 -13.64 33.13
C MET J 346 -27.22 -12.92 33.13
N LEU J 347 -26.55 -12.90 34.27
CA LEU J 347 -25.29 -12.17 34.37
C LEU J 347 -24.09 -13.03 34.83
N GLY J 348 -24.33 -14.31 35.08
CA GLY J 348 -23.29 -15.15 35.75
C GLY J 348 -22.85 -14.53 37.07
N THR J 349 -21.55 -14.21 37.22
CA THR J 349 -21.02 -13.57 38.43
C THR J 349 -20.75 -12.06 38.31
N SER J 350 -21.16 -11.47 37.20
CA SER J 350 -20.92 -10.00 36.93
C SER J 350 -21.91 -9.02 37.63
N PHE J 351 -22.16 -9.20 38.93
CA PHE J 351 -23.00 -8.30 39.70
C PHE J 351 -22.62 -8.33 41.15
N ILE J 352 -23.18 -7.44 41.95
CA ILE J 352 -22.93 -7.37 43.35
C ILE J 352 -24.23 -7.81 44.04
N PRO J 353 -24.27 -9.06 44.55
CA PRO J 353 -25.62 -9.50 44.99
C PRO J 353 -26.20 -8.75 46.15
N GLN J 354 -25.39 -8.19 47.07
CA GLN J 354 -25.96 -7.60 48.25
C GLN J 354 -25.13 -6.43 48.85
N HIS J 355 -25.82 -5.57 49.60
CA HIS J 355 -25.24 -4.58 50.55
C HIS J 355 -26.15 -4.59 51.75
N SER J 356 -25.74 -4.06 52.90
CA SER J 356 -26.61 -4.13 54.08
C SER J 356 -27.50 -2.94 54.31
N ASP J 357 -27.07 -1.78 53.83
CA ASP J 357 -27.72 -0.53 54.19
C ASP J 357 -27.82 -0.33 55.70
N ALA J 358 -26.90 -0.92 56.46
CA ALA J 358 -27.03 -0.91 57.90
C ALA J 358 -27.06 0.52 58.41
N ARG J 359 -28.00 0.80 59.30
CA ARG J 359 -28.06 2.10 59.98
C ARG J 359 -27.51 1.94 61.36
N VAL J 360 -27.46 0.70 61.84
CA VAL J 360 -27.02 0.39 63.21
C VAL J 360 -25.92 -0.65 63.10
N LEU J 361 -24.88 -0.52 63.92
CA LEU J 361 -23.64 -1.25 63.65
C LEU J 361 -23.89 -2.76 63.65
N GLU J 362 -24.63 -3.23 64.63
CA GLU J 362 -24.81 -4.69 64.87
C GLU J 362 -25.54 -5.35 63.71
N GLN J 363 -26.28 -4.56 62.94
CA GLN J 363 -27.02 -5.10 61.78
C GLN J 363 -26.14 -5.78 60.75
N LEU J 364 -24.86 -5.48 60.73
CA LEU J 364 -23.98 -6.13 59.81
C LEU J 364 -24.05 -7.67 60.03
N ILE J 365 -24.30 -8.07 61.28
CA ILE J 365 -24.29 -9.50 61.62
C ILE J 365 -25.46 -10.18 60.90
N TYR J 366 -26.68 -9.71 61.19
CA TYR J 366 -27.87 -10.33 60.52
C TYR J 366 -27.96 -10.07 59.03
N LYS J 367 -27.70 -8.85 58.57
CA LYS J 367 -27.83 -8.58 57.15
C LYS J 367 -26.97 -9.54 56.36
N TRP J 368 -25.73 -9.79 56.83
CA TRP J 368 -24.82 -10.60 56.07
C TRP J 368 -25.13 -12.08 56.32
N HIS J 369 -25.50 -12.42 57.54
CA HIS J 369 -25.81 -13.83 57.85
C HIS J 369 -27.02 -14.30 57.04
N HIS J 370 -28.11 -13.52 57.12
CA HIS J 370 -29.34 -13.89 56.40
C HIS J 370 -29.13 -13.93 54.89
N SER J 371 -28.42 -12.94 54.34
CA SER J 371 -28.14 -12.92 52.90
C SER J 371 -27.18 -13.99 52.40
N LYS J 372 -26.12 -14.26 53.18
CA LYS J 372 -25.15 -15.25 52.73
C LYS J 372 -25.81 -16.64 52.62
N SER J 373 -26.74 -16.96 53.51
CA SER J 373 -27.33 -18.32 53.48
C SER J 373 -28.12 -18.52 52.17
N ILE J 374 -28.79 -17.45 51.76
CA ILE J 374 -29.56 -17.47 50.47
C ILE J 374 -28.63 -17.54 49.30
N ILE J 375 -27.67 -16.62 49.27
CA ILE J 375 -26.69 -16.59 48.22
C ILE J 375 -25.95 -17.94 48.06
N ALA J 376 -25.58 -18.54 49.18
CA ALA J 376 -24.91 -19.85 49.14
C ALA J 376 -25.80 -20.89 48.47
N GLU J 377 -27.09 -20.90 48.79
CA GLU J 377 -28.00 -21.88 48.18
C GLU J 377 -28.16 -21.67 46.67
N VAL J 378 -28.18 -20.41 46.24
CA VAL J 378 -28.20 -20.13 44.86
C VAL J 378 -26.95 -20.65 44.16
N LEU J 379 -25.78 -20.36 44.73
CA LEU J 379 -24.53 -20.80 44.17
C LEU J 379 -24.53 -22.36 44.10
N ILE J 380 -25.06 -23.04 45.11
CA ILE J 380 -25.00 -24.53 45.12
C ILE J 380 -25.81 -25.04 43.97
N ASP J 381 -27.01 -24.49 43.80
CA ASP J 381 -27.79 -24.88 42.62
C ASP J 381 -27.06 -24.66 41.29
N LYS J 382 -26.50 -23.46 41.13
CA LYS J 382 -25.87 -23.12 39.84
C LYS J 382 -24.64 -23.96 39.56
N TYR J 383 -23.83 -24.20 40.58
CA TYR J 383 -22.61 -25.00 40.38
C TYR J 383 -23.01 -26.43 40.10
N ASP J 384 -24.02 -26.88 40.84
CA ASP J 384 -24.46 -28.26 40.60
C ASP J 384 -24.93 -28.53 39.18
N ASP J 385 -25.71 -27.60 38.61
CA ASP J 385 -26.14 -27.72 37.23
C ASP J 385 -24.96 -27.88 36.26
N ILE J 386 -23.87 -27.16 36.47
CA ILE J 386 -22.73 -27.34 35.59
C ILE J 386 -21.87 -28.58 35.94
N LEU J 387 -21.76 -28.88 37.23
CA LEU J 387 -21.14 -30.16 37.68
C LEU J 387 -21.82 -31.35 37.03
N GLN J 388 -23.17 -31.39 37.06
CA GLN J 388 -23.92 -32.52 36.48
C GLN J 388 -23.79 -32.59 34.95
N ALA J 389 -23.43 -31.44 34.38
CA ALA J 389 -23.19 -31.33 32.93
C ALA J 389 -21.76 -31.76 32.55
N GLY J 390 -20.94 -32.07 33.54
CA GLY J 390 -19.55 -32.54 33.23
C GLY J 390 -18.46 -31.56 33.62
N TRP J 391 -18.84 -30.36 34.08
CA TRP J 391 -17.83 -29.35 34.46
C TRP J 391 -17.16 -29.66 35.80
N GLU J 392 -15.83 -29.62 35.83
CA GLU J 392 -15.15 -29.79 37.09
C GLU J 392 -14.98 -28.42 37.76
N VAL J 393 -15.76 -28.13 38.81
CA VAL J 393 -15.55 -26.92 39.60
C VAL J 393 -14.58 -27.25 40.72
N THR J 394 -13.54 -26.43 40.86
CA THR J 394 -12.57 -26.60 41.94
C THR J 394 -12.92 -25.71 43.10
N GLU J 395 -12.47 -26.09 44.30
CA GLU J 395 -12.65 -25.26 45.44
C GLU J 395 -12.00 -23.87 45.23
N GLU J 396 -10.83 -23.82 44.60
CA GLU J 396 -10.19 -22.51 44.33
C GLU J 396 -11.06 -21.61 43.41
N GLU J 397 -11.73 -22.22 42.44
CA GLU J 397 -12.67 -21.51 41.56
C GLU J 397 -13.88 -20.99 42.33
N ILE J 398 -14.48 -21.82 43.20
CA ILE J 398 -15.57 -21.32 44.07
C ILE J 398 -15.08 -20.13 44.90
N LYS J 399 -13.90 -20.27 45.50
CA LYS J 399 -13.36 -19.20 46.33
C LYS J 399 -13.21 -17.92 45.54
N ARG J 400 -12.77 -18.04 44.29
CA ARG J 400 -12.55 -16.86 43.42
C ARG J 400 -13.89 -16.18 43.15
N ASP J 401 -14.86 -16.99 42.68
CA ASP J 401 -16.21 -16.49 42.33
C ASP J 401 -16.86 -15.79 43.53
N VAL J 402 -16.79 -16.42 44.70
CA VAL J 402 -17.33 -15.88 45.90
C VAL J 402 -16.65 -14.56 46.30
N ALA J 403 -15.33 -14.51 46.14
CA ALA J 403 -14.61 -13.22 46.34
C ALA J 403 -15.12 -12.17 45.36
N ASP J 404 -15.30 -12.51 44.08
CA ASP J 404 -15.85 -11.56 43.13
C ASP J 404 -17.19 -11.01 43.60
N LEU J 405 -18.10 -11.90 44.05
CA LEU J 405 -19.46 -11.45 44.45
C LEU J 405 -19.49 -10.56 45.66
N PHE J 406 -18.73 -10.92 46.70
CA PHE J 406 -18.81 -10.25 47.97
C PHE J 406 -17.84 -9.08 48.17
N SER J 407 -16.88 -8.96 47.27
CA SER J 407 -15.84 -7.90 47.40
C SER J 407 -15.17 -7.39 46.11
N ARG J 408 -14.60 -8.27 45.30
CA ARG J 408 -13.75 -7.83 44.18
C ARG J 408 -14.51 -7.13 43.06
N ASN J 409 -15.79 -7.51 42.86
CA ASN J 409 -16.51 -6.91 41.73
C ASN J 409 -16.67 -5.40 41.96
N PHE J 410 -16.93 -5.09 43.21
CA PHE J 410 -17.13 -3.68 43.59
C PHE J 410 -15.83 -2.90 43.37
N TRP J 411 -14.72 -3.40 43.92
CA TRP J 411 -13.47 -2.63 43.81
C TRP J 411 -12.98 -2.54 42.39
N ARG J 412 -13.26 -3.54 41.57
CA ARG J 412 -12.83 -3.50 40.20
C ARG J 412 -13.66 -2.45 39.43
N PHE J 413 -14.93 -2.29 39.83
CA PHE J 413 -15.82 -1.39 39.06
C PHE J 413 -15.49 0.07 39.39
N VAL J 414 -15.25 0.32 40.67
CA VAL J 414 -14.98 1.67 41.11
C VAL J 414 -13.52 2.06 40.94
N GLY J 415 -12.65 1.08 40.77
CA GLY J 415 -11.25 1.23 41.12
C GLY J 415 -10.43 1.84 40.02
N ARG J 416 -9.35 2.56 40.39
CA ARG J 416 -8.79 2.71 41.77
C ARG J 416 -7.91 1.54 42.22
N SER K 2 -52.94 -52.58 35.32
CA SER K 2 -51.70 -51.84 35.72
C SER K 2 -51.61 -51.75 37.24
N LEU K 3 -50.45 -51.33 37.72
CA LEU K 3 -50.26 -50.98 39.12
C LEU K 3 -50.64 -49.51 39.26
N SER K 4 -51.33 -49.16 40.34
CA SER K 4 -51.61 -47.73 40.63
C SER K 4 -50.29 -47.02 40.95
N ILE K 5 -50.28 -45.70 40.83
CA ILE K 5 -49.05 -44.94 41.10
C ILE K 5 -49.12 -44.72 42.60
N ASN K 6 -48.25 -45.48 43.29
CA ASN K 6 -48.33 -45.69 44.72
C ASN K 6 -47.61 -44.63 45.53
N SER K 7 -46.64 -43.95 44.92
CA SER K 7 -45.88 -42.99 45.69
C SER K 7 -45.45 -41.84 44.83
N ARG K 8 -45.07 -40.76 45.50
CA ARG K 8 -44.54 -39.60 44.77
C ARG K 8 -43.19 -39.98 44.09
N GLU K 9 -42.39 -40.82 44.75
CA GLU K 9 -41.14 -41.32 44.12
C GLU K 9 -41.40 -42.08 42.79
N VAL K 10 -42.36 -42.98 42.78
CA VAL K 10 -42.71 -43.68 41.56
C VAL K 10 -43.29 -42.74 40.53
N LEU K 11 -44.20 -41.87 40.98
CA LEU K 11 -44.75 -40.82 40.10
C LEU K 11 -43.62 -40.05 39.38
N ALA K 12 -42.59 -39.67 40.12
CA ALA K 12 -41.52 -38.79 39.62
C ALA K 12 -40.77 -39.49 38.53
N GLU K 13 -40.54 -40.79 38.72
CA GLU K 13 -39.83 -41.56 37.70
C GLU K 13 -40.66 -41.67 36.45
N LYS K 14 -41.95 -41.96 36.60
CA LYS K 14 -42.85 -42.05 35.45
C LYS K 14 -42.99 -40.73 34.68
N VAL K 15 -43.05 -39.62 35.41
CA VAL K 15 -43.22 -38.30 34.75
C VAL K 15 -41.93 -37.96 34.01
N LYS K 16 -40.78 -38.15 34.66
CA LYS K 16 -39.47 -37.84 33.99
C LYS K 16 -39.27 -38.66 32.75
N ASN K 17 -39.64 -39.94 32.83
CA ASN K 17 -39.55 -40.81 31.68
C ASN K 17 -40.47 -40.34 30.54
N ALA K 18 -41.71 -40.01 30.86
CA ALA K 18 -42.70 -39.62 29.88
C ALA K 18 -42.20 -38.37 29.21
N VAL K 19 -41.81 -37.36 30.02
CA VAL K 19 -41.28 -36.07 29.49
C VAL K 19 -40.05 -36.29 28.61
N ASN K 20 -39.08 -37.05 29.12
CA ASN K 20 -37.88 -37.33 28.34
C ASN K 20 -38.15 -38.04 27.01
N ASN K 21 -39.05 -39.03 27.02
CA ASN K 21 -39.35 -39.85 25.86
C ASN K 21 -40.25 -39.18 24.85
N GLN K 22 -40.94 -38.09 25.22
CA GLN K 22 -41.90 -37.48 24.30
C GLN K 22 -41.19 -36.68 23.22
N PRO K 23 -41.42 -37.05 21.94
CA PRO K 23 -40.81 -36.25 20.86
C PRO K 23 -41.37 -34.82 20.88
N VAL K 24 -40.49 -33.86 20.70
CA VAL K 24 -40.84 -32.45 20.80
C VAL K 24 -41.11 -31.81 19.46
N THR K 25 -42.19 -31.06 19.35
CA THR K 25 -42.34 -30.11 18.23
C THR K 25 -41.86 -28.82 18.83
N ASP K 26 -40.82 -28.24 18.23
CA ASP K 26 -40.28 -26.98 18.69
C ASP K 26 -40.94 -25.90 17.82
N MET K 27 -41.92 -25.17 18.37
CA MET K 27 -42.77 -24.35 17.47
C MET K 27 -42.29 -22.96 17.10
N HIS K 28 -41.12 -22.60 17.58
CA HIS K 28 -40.45 -21.38 17.11
C HIS K 28 -38.94 -21.44 17.27
N THR K 29 -38.20 -21.49 16.15
CA THR K 29 -36.74 -21.47 16.18
C THR K 29 -36.25 -20.53 15.08
N HIS K 30 -34.94 -20.28 15.08
CA HIS K 30 -34.25 -19.67 13.94
C HIS K 30 -33.30 -20.65 13.27
N LEU K 31 -33.74 -21.91 13.14
CA LEU K 31 -33.00 -22.94 12.42
C LEU K 31 -33.62 -23.13 11.04
N PHE K 32 -32.87 -23.76 10.12
CA PHE K 32 -33.34 -24.00 8.76
C PHE K 32 -33.01 -25.44 8.35
N SER K 33 -33.87 -26.01 7.50
CA SER K 33 -33.61 -27.29 6.81
C SER K 33 -32.21 -27.22 6.20
N PRO K 34 -31.39 -28.29 6.36
CA PRO K 34 -29.99 -28.14 5.92
C PRO K 34 -29.83 -27.92 4.40
N ASN K 35 -30.82 -28.32 3.61
CA ASN K 35 -30.78 -28.08 2.16
C ASN K 35 -30.88 -26.60 1.81
N PHE K 36 -30.99 -25.75 2.85
CA PHE K 36 -31.02 -24.29 2.68
C PHE K 36 -29.64 -23.68 2.86
N GLY K 37 -28.67 -24.55 3.12
CA GLY K 37 -27.27 -24.14 3.13
C GLY K 37 -26.76 -23.51 4.41
N GLU K 38 -25.82 -22.58 4.25
CA GLU K 38 -24.99 -22.06 5.34
C GLU K 38 -25.74 -21.20 6.36
N ILE K 39 -26.99 -20.86 6.09
CA ILE K 39 -27.75 -20.10 7.08
C ILE K 39 -28.12 -20.99 8.28
N LEU K 40 -28.12 -22.30 8.08
CA LEU K 40 -28.21 -23.22 9.23
C LEU K 40 -26.89 -23.13 9.96
N LEU K 41 -26.91 -22.44 11.09
CA LEU K 41 -25.74 -22.29 11.91
C LEU K 41 -25.61 -23.50 12.81
N TRP K 42 -24.37 -23.95 12.98
CA TRP K 42 -24.01 -25.08 13.87
C TRP K 42 -22.53 -25.15 14.17
N ASP K 43 -22.23 -25.81 15.28
CA ASP K 43 -20.90 -26.08 15.87
C ASP K 43 -20.57 -25.27 17.11
N ILE K 44 -19.47 -25.65 17.75
CA ILE K 44 -19.11 -25.09 19.06
C ILE K 44 -18.77 -23.62 18.99
N ASP K 45 -18.11 -23.19 17.91
CA ASP K 45 -17.80 -21.76 17.75
C ASP K 45 -19.07 -20.92 17.57
N GLU K 46 -20.07 -21.44 16.87
CA GLU K 46 -21.40 -20.79 16.75
C GLU K 46 -22.08 -20.75 18.13
N LEU K 47 -22.01 -21.86 18.85
CA LEU K 47 -22.61 -21.93 20.19
C LEU K 47 -22.02 -20.86 21.08
N LEU K 48 -20.69 -20.73 21.10
CA LEU K 48 -20.05 -19.77 21.98
C LEU K 48 -20.20 -18.30 21.56
N THR K 49 -20.48 -18.08 20.27
CA THR K 49 -20.60 -16.70 19.73
C THR K 49 -22.07 -16.23 19.58
N TYR K 50 -23.01 -17.09 20.04
CA TYR K 50 -24.42 -16.77 20.27
C TYR K 50 -24.49 -15.40 20.88
N HIS K 51 -25.45 -14.60 20.47
CA HIS K 51 -25.47 -13.21 20.95
C HIS K 51 -25.70 -13.10 22.47
N TYR K 52 -26.39 -14.07 23.08
CA TYR K 52 -26.51 -14.05 24.54
C TYR K 52 -25.14 -13.96 25.18
N LEU K 53 -24.19 -14.71 24.64
CA LEU K 53 -22.83 -14.76 25.21
C LEU K 53 -21.99 -13.56 24.81
N VAL K 54 -22.26 -12.99 23.63
CA VAL K 54 -21.69 -11.64 23.31
C VAL K 54 -22.04 -10.61 24.41
N ALA K 55 -23.34 -10.48 24.75
CA ALA K 55 -23.73 -9.59 25.88
C ALA K 55 -22.92 -9.86 27.13
N GLU K 56 -22.85 -11.13 27.53
CA GLU K 56 -22.23 -11.50 28.79
C GLU K 56 -20.71 -11.27 28.78
N VAL K 57 -20.04 -11.58 27.67
CA VAL K 57 -18.59 -11.38 27.61
C VAL K 57 -18.25 -9.89 27.67
N MET K 58 -19.10 -9.07 27.04
CA MET K 58 -18.85 -7.63 27.05
C MET K 58 -18.94 -7.03 28.47
N ARG K 59 -19.62 -7.70 29.41
CA ARG K 59 -19.58 -7.25 30.82
C ARG K 59 -18.27 -7.47 31.56
N TRP K 60 -17.41 -8.33 31.02
CA TRP K 60 -16.17 -8.71 31.72
C TRP K 60 -14.91 -8.24 30.97
N THR K 61 -14.92 -8.41 29.67
CA THR K 61 -13.69 -8.25 28.86
C THR K 61 -13.29 -6.78 28.67
N ASP K 62 -11.97 -6.60 28.53
CA ASP K 62 -11.35 -5.31 28.20
C ASP K 62 -11.37 -5.05 26.71
N VAL K 63 -11.55 -6.10 25.92
CA VAL K 63 -11.65 -6.00 24.46
C VAL K 63 -12.83 -5.10 24.05
N SER K 64 -12.58 -4.18 23.12
CA SER K 64 -13.62 -3.25 22.69
C SER K 64 -14.61 -3.98 21.79
N ILE K 65 -15.85 -3.48 21.75
CA ILE K 65 -16.85 -4.06 20.88
C ILE K 65 -16.43 -4.12 19.39
N GLU K 66 -15.80 -3.06 18.87
CA GLU K 66 -15.33 -3.10 17.47
C GLU K 66 -14.18 -4.10 17.27
N ALA K 67 -13.24 -4.15 18.22
CA ALA K 67 -12.20 -5.16 18.21
C ALA K 67 -12.81 -6.55 18.23
N PHE K 68 -13.84 -6.74 19.07
CA PHE K 68 -14.54 -8.01 19.09
C PHE K 68 -15.11 -8.35 17.70
N TRP K 69 -15.75 -7.36 17.08
CA TRP K 69 -16.37 -7.62 15.79
C TRP K 69 -15.35 -7.90 14.69
N ALA K 70 -14.14 -7.35 14.83
CA ALA K 70 -13.06 -7.56 13.84
C ALA K 70 -12.43 -8.98 13.88
N MET K 71 -12.65 -9.71 14.98
CA MET K 71 -12.06 -11.05 15.12
C MET K 71 -12.77 -12.09 14.27
N SER K 72 -12.05 -13.16 13.95
CA SER K 72 -12.66 -14.33 13.31
C SER K 72 -13.62 -14.91 14.33
N LYS K 73 -14.55 -15.73 13.87
CA LYS K 73 -15.46 -16.42 14.78
C LYS K 73 -14.64 -17.23 15.79
N ARG K 74 -13.55 -17.84 15.32
CA ARG K 74 -12.70 -18.65 16.21
C ARG K 74 -12.02 -17.83 17.31
N GLU K 75 -11.51 -16.65 16.97
CA GLU K 75 -10.97 -15.76 18.00
C GLU K 75 -12.05 -15.28 18.96
N GLN K 76 -13.24 -15.04 18.43
CA GLN K 76 -14.41 -14.67 19.22
C GLN K 76 -14.72 -15.78 20.23
N ALA K 77 -14.82 -17.01 19.73
CA ALA K 77 -15.09 -18.17 20.61
C ALA K 77 -14.01 -18.37 21.65
N ASP K 78 -12.74 -18.19 21.29
CA ASP K 78 -11.66 -18.34 22.25
C ASP K 78 -11.75 -17.31 23.38
N LEU K 79 -12.10 -16.07 23.02
CA LEU K 79 -12.24 -15.03 24.02
C LEU K 79 -13.40 -15.33 24.99
N ILE K 80 -14.55 -15.73 24.43
CA ILE K 80 -15.76 -15.94 25.24
C ILE K 80 -15.48 -17.14 26.19
N TRP K 81 -14.80 -18.16 25.65
CA TRP K 81 -14.40 -19.34 26.46
C TRP K 81 -13.51 -18.93 27.63
N GLU K 82 -12.46 -18.14 27.36
CA GLU K 82 -11.58 -17.70 28.44
C GLU K 82 -12.23 -16.81 29.50
N GLU K 83 -13.04 -15.85 29.06
CA GLU K 83 -13.58 -14.83 29.97
C GLU K 83 -14.76 -15.38 30.75
N LEU K 84 -15.54 -16.24 30.12
CA LEU K 84 -16.80 -16.69 30.77
C LEU K 84 -16.76 -18.08 31.35
N PHE K 85 -15.78 -18.89 30.92
CA PHE K 85 -15.69 -20.28 31.42
C PHE K 85 -14.47 -20.54 32.29
N ILE K 86 -13.35 -19.88 31.93
CA ILE K 86 -12.07 -20.12 32.63
C ILE K 86 -11.83 -19.09 33.73
N LYS K 87 -12.01 -17.81 33.39
CA LYS K 87 -11.76 -16.76 34.37
C LYS K 87 -12.85 -16.54 35.41
N ARG K 88 -14.04 -17.02 35.07
CA ARG K 88 -15.18 -17.08 36.00
C ARG K 88 -15.88 -18.39 35.72
N SER K 89 -16.52 -18.95 36.74
CA SER K 89 -17.23 -20.23 36.52
C SER K 89 -18.44 -19.99 35.63
N PRO K 90 -18.68 -20.89 34.63
CA PRO K 90 -19.74 -20.68 33.63
C PRO K 90 -21.12 -20.98 34.19
N VAL K 91 -21.53 -20.21 35.21
CA VAL K 91 -22.79 -20.49 35.97
C VAL K 91 -24.05 -19.93 35.34
N SER K 92 -23.90 -18.97 34.40
CA SER K 92 -25.08 -18.37 33.79
C SER K 92 -25.83 -19.40 32.97
N GLU K 93 -27.13 -19.16 32.71
CA GLU K 93 -27.91 -20.10 31.90
C GLU K 93 -27.32 -20.36 30.51
N ALA K 94 -26.90 -19.29 29.83
CA ALA K 94 -26.38 -19.43 28.47
C ALA K 94 -25.04 -20.20 28.45
N CYS K 95 -24.22 -19.98 29.46
CA CYS K 95 -22.95 -20.69 29.56
C CYS K 95 -23.21 -22.14 29.94
N ARG K 96 -24.00 -22.36 30.99
CA ARG K 96 -24.48 -23.69 31.28
C ARG K 96 -24.93 -24.44 30.02
N GLY K 97 -25.76 -23.77 29.21
CA GLY K 97 -26.24 -24.36 27.98
C GLY K 97 -25.17 -24.94 27.08
N VAL K 98 -24.09 -24.18 26.90
CA VAL K 98 -22.96 -24.67 26.08
C VAL K 98 -22.45 -26.00 26.60
N LEU K 99 -22.23 -26.07 27.92
CA LEU K 99 -21.80 -27.33 28.57
C LEU K 99 -22.75 -28.53 28.38
N THR K 100 -24.05 -28.30 28.52
CA THR K 100 -25.06 -29.34 28.27
C THR K 100 -25.01 -29.87 26.85
N CYS K 101 -24.79 -28.96 25.89
CA CYS K 101 -24.67 -29.35 24.50
C CYS K 101 -23.47 -30.25 24.31
N LEU K 102 -22.32 -29.84 24.87
CA LEU K 102 -21.08 -30.61 24.76
C LEU K 102 -21.27 -32.00 25.32
N GLN K 103 -21.71 -32.06 26.58
CA GLN K 103 -22.03 -33.33 27.19
C GLN K 103 -22.89 -34.21 26.34
N GLY K 104 -23.99 -33.63 25.82
CA GLY K 104 -24.95 -34.37 25.01
C GLY K 104 -24.34 -35.01 23.79
N LEU K 105 -23.35 -34.34 23.21
CA LEU K 105 -22.66 -34.85 22.02
C LEU K 105 -21.53 -35.82 22.35
N GLY K 106 -21.28 -36.07 23.62
CA GLY K 106 -20.22 -37.00 24.03
C GLY K 106 -18.89 -36.30 24.16
N LEU K 107 -18.93 -34.96 24.15
CA LEU K 107 -17.75 -34.13 24.31
C LEU K 107 -17.63 -33.67 25.74
N ASP K 108 -16.59 -34.16 26.40
CA ASP K 108 -16.49 -34.09 27.85
C ASP K 108 -16.06 -32.72 28.39
N PRO K 109 -17.01 -31.99 29.03
CA PRO K 109 -16.61 -30.70 29.62
C PRO K 109 -15.51 -30.77 30.68
N ALA K 110 -15.28 -31.94 31.27
CA ALA K 110 -14.26 -32.08 32.29
C ALA K 110 -12.87 -31.74 31.76
N THR K 111 -12.65 -31.95 30.46
CA THR K 111 -11.30 -31.72 29.91
C THR K 111 -11.05 -30.24 29.63
N ARG K 112 -12.14 -29.48 29.46
CA ARG K 112 -12.08 -28.10 28.98
C ARG K 112 -11.30 -27.98 27.66
N ASP K 113 -11.39 -29.01 26.81
CA ASP K 113 -10.54 -29.08 25.61
C ASP K 113 -11.23 -28.60 24.34
N LEU K 114 -11.33 -27.27 24.23
CA LEU K 114 -11.96 -26.63 23.09
C LEU K 114 -11.41 -27.10 21.72
N GLN K 115 -10.07 -27.27 21.60
CA GLN K 115 -9.50 -27.80 20.33
C GLN K 115 -10.03 -29.19 20.00
N VAL K 116 -10.04 -30.08 20.99
CA VAL K 116 -10.67 -31.38 20.79
C VAL K 116 -12.17 -31.28 20.44
N TYR K 117 -12.93 -30.41 21.12
CA TYR K 117 -14.33 -30.22 20.79
C TYR K 117 -14.52 -29.84 19.34
N ARG K 118 -13.71 -28.89 18.88
CA ARG K 118 -13.79 -28.44 17.48
C ARG K 118 -13.63 -29.56 16.47
N GLU K 119 -12.70 -30.49 16.75
CA GLU K 119 -12.40 -31.60 15.86
C GLU K 119 -13.64 -32.44 15.60
N TYR K 120 -14.54 -32.52 16.59
CA TYR K 120 -15.78 -33.28 16.41
C TYR K 120 -16.57 -32.75 15.23
N PHE K 121 -16.66 -31.43 15.13
CA PHE K 121 -17.59 -30.80 14.19
C PHE K 121 -16.91 -30.78 12.81
N ALA K 122 -15.60 -30.54 12.83
CA ALA K 122 -14.80 -30.46 11.59
C ALA K 122 -15.04 -31.62 10.63
N LYS K 123 -15.52 -32.76 11.14
CA LYS K 123 -15.64 -33.97 10.35
C LYS K 123 -17.06 -34.40 9.98
N LYS K 124 -18.03 -33.52 10.17
CA LYS K 124 -19.41 -33.89 9.90
C LYS K 124 -20.03 -32.99 8.83
N THR K 125 -21.07 -33.48 8.15
CA THR K 125 -21.87 -32.62 7.30
C THR K 125 -23.00 -31.99 8.14
N SER K 126 -23.61 -30.93 7.61
CA SER K 126 -24.82 -30.34 8.19
C SER K 126 -25.91 -31.38 8.30
N GLU K 127 -26.08 -32.16 7.25
CA GLU K 127 -27.14 -33.16 7.21
C GLU K 127 -26.99 -34.19 8.33
N GLU K 128 -25.74 -34.57 8.62
CA GLU K 128 -25.44 -35.57 9.64
C GLU K 128 -25.67 -35.00 11.03
N GLN K 129 -25.24 -33.75 11.19
CA GLN K 129 -25.34 -33.07 12.48
C GLN K 129 -26.81 -32.77 12.83
N VAL K 130 -27.64 -32.46 11.83
CA VAL K 130 -29.08 -32.38 12.07
C VAL K 130 -29.64 -33.70 12.56
N ASP K 131 -29.27 -34.82 11.94
CA ASP K 131 -29.73 -36.12 12.40
C ASP K 131 -29.31 -36.40 13.84
N THR K 132 -28.04 -36.15 14.15
CA THR K 132 -27.48 -36.32 15.47
C THR K 132 -28.24 -35.47 16.50
N VAL K 133 -28.42 -34.18 16.19
CA VAL K 133 -28.97 -33.26 17.17
C VAL K 133 -30.44 -33.54 17.40
N LEU K 134 -31.19 -33.77 16.32
CA LEU K 134 -32.62 -34.03 16.47
C LEU K 134 -32.85 -35.28 17.30
N GLN K 135 -31.93 -36.24 17.17
CA GLN K 135 -32.05 -37.50 17.87
C GLN K 135 -31.77 -37.25 19.35
N LEU K 136 -30.64 -36.61 19.62
CA LEU K 136 -30.23 -36.33 20.99
C LEU K 136 -31.24 -35.47 21.73
N ALA K 137 -31.81 -34.47 21.05
CA ALA K 137 -32.76 -33.58 21.71
C ALA K 137 -34.20 -34.14 21.65
N ASN K 138 -34.37 -35.30 21.02
CA ASN K 138 -35.72 -35.87 20.81
C ASN K 138 -36.72 -34.82 20.28
N VAL K 139 -36.29 -34.08 19.25
CA VAL K 139 -37.17 -33.13 18.55
C VAL K 139 -37.61 -33.70 17.20
N SER K 140 -38.90 -33.90 17.03
CA SER K 140 -39.44 -34.52 15.80
C SER K 140 -39.68 -33.50 14.68
N ASP K 141 -39.95 -32.27 15.08
CA ASP K 141 -40.43 -31.22 14.18
C ASP K 141 -39.91 -29.87 14.68
N VAL K 142 -39.37 -29.09 13.73
CA VAL K 142 -38.78 -27.78 13.99
C VAL K 142 -39.53 -26.75 13.15
N VAL K 143 -40.10 -25.71 13.79
CA VAL K 143 -40.67 -24.60 13.01
C VAL K 143 -39.60 -23.53 12.84
N MET K 144 -39.33 -23.17 11.56
CA MET K 144 -38.31 -22.16 11.27
C MET K 144 -38.90 -20.75 11.37
N THR K 145 -38.03 -19.76 11.19
CA THR K 145 -38.46 -18.38 10.98
C THR K 145 -38.03 -17.99 9.57
N ASN K 146 -39.01 -17.81 8.69
CA ASN K 146 -38.70 -17.58 7.27
C ASN K 146 -39.10 -16.18 6.83
N ASP K 147 -38.12 -15.42 6.40
CA ASP K 147 -38.23 -13.98 6.17
C ASP K 147 -38.04 -13.72 4.67
N PRO K 148 -39.14 -13.49 3.94
CA PRO K 148 -39.02 -13.31 2.48
C PRO K 148 -38.30 -12.00 2.11
N PHE K 149 -37.98 -11.18 3.11
CA PHE K 149 -37.24 -9.94 2.94
C PHE K 149 -35.74 -10.14 3.05
N ASP K 150 -35.31 -11.31 3.52
CA ASP K 150 -33.87 -11.58 3.50
C ASP K 150 -33.49 -12.11 2.11
N ASP K 151 -32.50 -11.47 1.50
CA ASP K 151 -32.16 -11.79 0.11
C ASP K 151 -31.66 -13.20 -0.01
N ASN K 152 -30.73 -13.55 0.88
CA ASN K 152 -30.26 -14.91 0.97
C ASN K 152 -31.44 -15.90 0.97
N GLU K 153 -32.27 -15.81 2.02
CA GLU K 153 -33.38 -16.74 2.21
C GLU K 153 -34.35 -16.70 1.06
N ARG K 154 -34.66 -15.50 0.56
CA ARG K 154 -35.69 -15.37 -0.49
C ARG K 154 -35.33 -16.21 -1.72
N ILE K 155 -34.07 -16.20 -2.12
CA ILE K 155 -33.70 -16.87 -3.37
C ILE K 155 -33.93 -18.39 -3.30
N SER K 156 -33.62 -19.02 -2.16
CA SER K 156 -33.87 -20.44 -1.97
CA SER K 156 -33.87 -20.44 -1.97
C SER K 156 -35.36 -20.76 -2.21
N TRP K 157 -36.22 -19.93 -1.65
CA TRP K 157 -37.64 -20.10 -1.86
C TRP K 157 -38.02 -19.89 -3.33
N LEU K 158 -37.46 -18.84 -3.93
CA LEU K 158 -37.67 -18.51 -5.37
C LEU K 158 -37.23 -19.67 -6.28
N GLU K 159 -36.13 -20.33 -5.92
CA GLU K 159 -35.64 -21.49 -6.66
C GLU K 159 -36.50 -22.74 -6.52
N GLY K 160 -37.46 -22.71 -5.61
CA GLY K 160 -38.34 -23.85 -5.35
C GLY K 160 -37.82 -24.88 -4.35
N LYS K 161 -36.75 -24.57 -3.60
CA LYS K 161 -36.29 -25.47 -2.54
C LYS K 161 -37.40 -25.62 -1.50
N GLN K 162 -37.70 -26.85 -1.13
CA GLN K 162 -38.67 -27.13 -0.07
C GLN K 162 -37.90 -27.63 1.16
N PRO K 163 -38.40 -27.31 2.38
CA PRO K 163 -37.71 -27.91 3.50
C PRO K 163 -37.85 -29.41 3.56
N ASP K 164 -36.84 -30.01 4.16
CA ASP K 164 -36.87 -31.32 4.79
C ASP K 164 -38.17 -31.50 5.60
N SER K 165 -38.76 -32.69 5.57
CA SER K 165 -40.11 -32.88 6.12
C SER K 165 -40.24 -32.65 7.65
N ARG K 166 -39.10 -32.63 8.35
CA ARG K 166 -39.02 -32.34 9.80
C ARG K 166 -39.04 -30.83 10.09
N PHE K 167 -38.86 -30.03 9.03
CA PHE K 167 -38.80 -28.57 9.15
C PHE K 167 -40.02 -27.94 8.57
N HIS K 168 -40.61 -27.02 9.34
CA HIS K 168 -41.84 -26.38 8.93
C HIS K 168 -41.58 -24.90 8.81
N ALA K 169 -42.29 -24.25 7.87
CA ALA K 169 -42.09 -22.82 7.68
C ALA K 169 -43.04 -21.97 8.51
N ALA K 170 -42.57 -20.79 8.85
CA ALA K 170 -43.44 -19.76 9.42
C ALA K 170 -43.07 -18.40 8.79
N LEU K 171 -44.09 -17.67 8.36
CA LEU K 171 -43.86 -16.46 7.55
C LEU K 171 -43.63 -15.25 8.48
N ARG K 172 -42.40 -14.80 8.53
CA ARG K 172 -41.97 -13.67 9.37
C ARG K 172 -42.24 -12.34 8.67
N LEU K 173 -43.01 -11.45 9.30
CA LEU K 173 -43.50 -10.24 8.61
C LEU K 173 -43.02 -8.88 9.11
N ASP K 174 -42.04 -8.88 9.99
CA ASP K 174 -41.58 -7.65 10.65
C ASP K 174 -41.28 -6.50 9.68
N PRO K 175 -40.52 -6.74 8.60
CA PRO K 175 -40.28 -5.57 7.72
C PRO K 175 -41.55 -5.02 7.09
N LEU K 176 -42.50 -5.87 6.74
CA LEU K 176 -43.77 -5.38 6.24
C LEU K 176 -44.53 -4.56 7.28
N LEU K 177 -44.67 -5.12 8.48
CA LEU K 177 -45.55 -4.56 9.49
C LEU K 177 -44.90 -3.40 10.19
N ASN K 178 -43.62 -3.54 10.53
CA ASN K 178 -42.93 -2.55 11.32
C ASN K 178 -42.19 -1.48 10.51
N GLU K 179 -41.87 -1.79 9.26
CA GLU K 179 -40.93 -0.94 8.50
C GLU K 179 -41.48 -0.61 7.13
N TYR K 180 -42.79 -0.45 7.05
CA TYR K 180 -43.48 -0.35 5.77
C TYR K 180 -43.00 0.83 4.92
N GLU K 181 -42.62 1.93 5.56
CA GLU K 181 -42.15 3.05 4.77
C GLU K 181 -40.95 2.70 3.91
N GLN K 182 -39.98 1.98 4.49
CA GLN K 182 -38.83 1.52 3.74
C GLN K 182 -39.20 0.35 2.84
N THR K 183 -40.14 -0.48 3.31
CA THR K 183 -40.44 -1.76 2.68
C THR K 183 -41.35 -1.70 1.46
N LYS K 184 -42.21 -0.68 1.38
CA LYS K 184 -43.11 -0.56 0.23
C LYS K 184 -42.32 -0.50 -1.11
N HIS K 185 -41.15 0.13 -1.08
CA HIS K 185 -40.25 0.22 -2.24
C HIS K 185 -39.83 -1.14 -2.78
N ARG K 186 -39.49 -2.07 -1.88
CA ARG K 186 -39.16 -3.42 -2.29
C ARG K 186 -40.37 -4.14 -2.84
N LEU K 187 -41.53 -4.00 -2.19
CA LEU K 187 -42.75 -4.63 -2.70
C LEU K 187 -42.97 -4.29 -4.18
N ARG K 188 -42.84 -3.01 -4.51
CA ARG K 188 -43.02 -2.58 -5.90
C ARG K 188 -41.88 -3.07 -6.81
N ASP K 189 -40.64 -3.05 -6.33
CA ASP K 189 -39.53 -3.72 -7.03
C ASP K 189 -39.88 -5.14 -7.45
N TRP K 190 -40.62 -5.84 -6.58
CA TRP K 190 -40.92 -7.26 -6.77
C TRP K 190 -42.25 -7.35 -7.48
N GLY K 191 -42.77 -6.18 -7.85
CA GLY K 191 -43.97 -6.12 -8.67
C GLY K 191 -45.27 -6.08 -7.91
N TYR K 192 -45.22 -5.73 -6.63
CA TYR K 192 -46.45 -5.53 -5.87
C TYR K 192 -46.84 -4.06 -5.88
N LYS K 193 -48.00 -3.79 -6.48
CA LYS K 193 -48.33 -2.44 -6.95
C LYS K 193 -48.92 -1.55 -5.86
N VAL K 194 -48.11 -1.28 -4.84
CA VAL K 194 -48.59 -0.46 -3.71
C VAL K 194 -48.48 1.05 -3.93
N ASN K 195 -49.63 1.71 -3.79
CA ASN K 195 -49.76 3.15 -3.97
C ASN K 195 -49.32 3.86 -2.72
N ASP K 196 -48.87 5.11 -2.87
CA ASP K 196 -48.34 5.88 -1.75
C ASP K 196 -49.40 6.14 -0.71
N GLU K 197 -50.65 6.07 -1.15
CA GLU K 197 -51.77 6.24 -0.25
C GLU K 197 -52.39 4.86 0.00
N TRP K 198 -52.88 4.67 1.22
CA TRP K 198 -53.48 3.40 1.62
C TRP K 198 -54.91 3.31 1.07
N ASN K 199 -55.02 2.77 -0.15
CA ASN K 199 -56.30 2.69 -0.88
C ASN K 199 -56.56 1.25 -1.29
N GLU K 200 -57.68 1.00 -1.96
CA GLU K 200 -58.06 -0.37 -2.29
C GLU K 200 -56.94 -1.12 -3.02
N GLY K 201 -56.23 -0.42 -3.89
CA GLY K 201 -55.12 -0.99 -4.64
C GLY K 201 -54.07 -1.55 -3.70
N SER K 202 -53.46 -0.65 -2.93
CA SER K 202 -52.49 -0.98 -1.88
C SER K 202 -52.85 -2.20 -1.00
N ILE K 203 -54.08 -2.22 -0.51
CA ILE K 203 -54.64 -3.30 0.30
C ILE K 203 -54.67 -4.61 -0.48
N GLN K 204 -55.13 -4.57 -1.72
CA GLN K 204 -55.22 -5.79 -2.50
C GLN K 204 -53.85 -6.37 -2.84
N GLU K 205 -52.89 -5.49 -3.08
CA GLU K 205 -51.55 -5.87 -3.43
C GLU K 205 -50.70 -6.35 -2.24
N VAL K 206 -50.93 -5.76 -1.06
CA VAL K 206 -50.31 -6.30 0.15
C VAL K 206 -50.88 -7.70 0.40
N LYS K 207 -52.18 -7.85 0.21
CA LYS K 207 -52.80 -9.15 0.35
C LYS K 207 -52.23 -10.22 -0.60
N ARG K 208 -51.83 -9.81 -1.81
CA ARG K 208 -51.35 -10.73 -2.85
C ARG K 208 -49.94 -11.17 -2.47
N PHE K 209 -49.17 -10.22 -1.93
CA PHE K 209 -47.85 -10.53 -1.43
C PHE K 209 -47.96 -11.62 -0.37
N LEU K 210 -48.88 -11.41 0.57
CA LEU K 210 -49.10 -12.37 1.65
C LEU K 210 -49.52 -13.71 1.09
N THR K 211 -50.53 -13.68 0.22
CA THR K 211 -51.05 -14.86 -0.42
C THR K 211 -49.99 -15.60 -1.25
N ASP K 212 -49.20 -14.87 -2.04
CA ASP K 212 -48.08 -15.49 -2.77
C ASP K 212 -47.11 -16.21 -1.85
N TRP K 213 -46.88 -15.66 -0.65
CA TRP K 213 -45.88 -16.23 0.24
C TRP K 213 -46.41 -17.37 1.07
N ILE K 214 -47.68 -17.31 1.44
CA ILE K 214 -48.41 -18.44 1.99
C ILE K 214 -48.41 -19.63 1.02
N GLU K 215 -48.56 -19.36 -0.27
CA GLU K 215 -48.60 -20.45 -1.24
C GLU K 215 -47.19 -21.05 -1.41
N ARG K 216 -46.18 -20.19 -1.43
CA ARG K 216 -44.80 -20.61 -1.54
C ARG K 216 -44.29 -21.41 -0.32
N MET K 217 -44.66 -20.98 0.88
CA MET K 217 -44.07 -21.52 2.12
C MET K 217 -44.97 -22.52 2.86
N ASP K 218 -46.27 -22.46 2.62
CA ASP K 218 -47.23 -23.26 3.36
C ASP K 218 -46.93 -23.10 4.88
N PRO K 219 -46.85 -21.83 5.35
CA PRO K 219 -46.40 -21.57 6.73
C PRO K 219 -47.44 -22.03 7.73
N VAL K 220 -46.98 -22.49 8.91
CA VAL K 220 -47.88 -22.92 9.97
C VAL K 220 -48.50 -21.73 10.73
N TYR K 221 -47.80 -20.61 10.66
CA TYR K 221 -48.28 -19.32 11.15
C TYR K 221 -47.51 -18.15 10.50
N MET K 222 -48.10 -16.95 10.56
CA MET K 222 -47.43 -15.70 10.22
C MET K 222 -47.05 -15.00 11.53
N ALA K 223 -45.85 -14.42 11.58
CA ALA K 223 -45.26 -13.96 12.86
C ALA K 223 -44.79 -12.54 12.77
N VAL K 224 -44.83 -11.83 13.91
CA VAL K 224 -44.20 -10.52 14.00
C VAL K 224 -43.73 -10.34 15.43
N SER K 225 -42.63 -9.63 15.60
CA SER K 225 -42.15 -9.23 16.92
C SER K 225 -42.50 -7.73 17.10
N LEU K 226 -42.91 -7.34 18.32
CA LEU K 226 -43.53 -6.02 18.53
C LEU K 226 -42.97 -5.34 19.77
N PRO K 227 -42.93 -3.98 19.75
CA PRO K 227 -42.41 -3.23 20.87
C PRO K 227 -43.37 -3.17 22.06
N PRO K 228 -42.85 -2.72 23.22
CA PRO K 228 -43.67 -2.58 24.45
C PRO K 228 -44.81 -1.61 24.29
N THR K 229 -44.64 -0.66 23.35
CA THR K 229 -45.65 0.35 23.05
C THR K 229 -46.71 -0.14 22.02
N PHE K 230 -46.66 -1.41 21.61
CA PHE K 230 -47.66 -1.95 20.70
C PHE K 230 -49.11 -1.59 21.10
N SER K 231 -49.82 -0.95 20.19
CA SER K 231 -51.25 -0.68 20.39
CA SER K 231 -51.25 -0.69 20.40
C SER K 231 -52.03 -1.13 19.17
N PHE K 232 -53.25 -1.57 19.40
CA PHE K 232 -54.17 -1.90 18.34
C PHE K 232 -55.61 -1.67 18.82
N PRO K 233 -56.44 -0.99 18.01
CA PRO K 233 -56.26 -0.42 16.69
C PRO K 233 -55.30 0.71 16.71
N GLU K 234 -54.67 0.98 15.56
CA GLU K 234 -53.81 2.13 15.47
C GLU K 234 -53.89 2.68 14.06
N GLU K 235 -53.94 4.01 13.93
CA GLU K 235 -53.79 4.64 12.62
C GLU K 235 -52.30 4.76 12.31
N SER K 236 -51.70 3.65 11.93
CA SER K 236 -50.31 3.58 11.54
C SER K 236 -50.25 2.60 10.40
N ASN K 237 -49.11 2.52 9.72
CA ASN K 237 -48.96 1.48 8.70
C ASN K 237 -49.23 0.10 9.30
N ARG K 238 -48.59 -0.18 10.43
CA ARG K 238 -48.80 -1.50 11.10
C ARG K 238 -50.28 -1.77 11.40
N GLY K 239 -50.95 -0.77 11.94
CA GLY K 239 -52.34 -0.92 12.32
C GLY K 239 -53.24 -1.18 11.12
N ARG K 240 -52.99 -0.49 10.01
CA ARG K 240 -53.84 -0.64 8.81
C ARG K 240 -53.57 -1.94 8.06
N ILE K 241 -52.30 -2.33 7.97
CA ILE K 241 -51.94 -3.62 7.37
C ILE K 241 -52.55 -4.79 8.17
N ILE K 242 -52.39 -4.78 9.50
CA ILE K 242 -52.97 -5.86 10.28
C ILE K 242 -54.47 -5.90 10.05
N ARG K 243 -55.11 -4.74 10.12
CA ARG K 243 -56.57 -4.68 9.99
C ARG K 243 -57.09 -5.12 8.59
N ASP K 244 -56.50 -4.55 7.56
CA ASP K 244 -57.09 -4.61 6.21
C ASP K 244 -56.52 -5.75 5.41
N CYS K 245 -55.29 -6.17 5.76
CA CYS K 245 -54.59 -7.21 5.01
C CYS K 245 -54.34 -8.53 5.73
N LEU K 246 -53.53 -8.49 6.80
CA LEU K 246 -53.11 -9.72 7.54
C LEU K 246 -54.27 -10.53 8.10
N LEU K 247 -55.17 -9.86 8.83
CA LEU K 247 -56.23 -10.60 9.53
C LEU K 247 -57.19 -11.33 8.58
N PRO K 248 -57.72 -10.61 7.56
CA PRO K 248 -58.54 -11.21 6.51
C PRO K 248 -57.84 -12.39 5.83
N VAL K 249 -56.56 -12.22 5.47
CA VAL K 249 -55.77 -13.27 4.83
C VAL K 249 -55.60 -14.48 5.76
N ALA K 250 -55.19 -14.20 7.01
CA ALA K 250 -55.11 -15.23 8.08
C ALA K 250 -56.43 -15.97 8.30
N GLU K 251 -57.55 -15.24 8.35
CA GLU K 251 -58.84 -15.89 8.51
C GLU K 251 -59.14 -16.80 7.32
N LYS K 252 -58.93 -16.28 6.11
CA LYS K 252 -59.28 -17.03 4.91
C LYS K 252 -58.53 -18.37 4.84
N HIS K 253 -57.23 -18.35 5.17
CA HIS K 253 -56.36 -19.52 5.11
C HIS K 253 -56.30 -20.32 6.40
N ASN K 254 -56.99 -19.82 7.43
CA ASN K 254 -57.06 -20.46 8.73
C ASN K 254 -55.67 -20.64 9.32
N ILE K 255 -54.87 -19.57 9.18
CA ILE K 255 -53.50 -19.49 9.67
C ILE K 255 -53.45 -18.59 10.93
N PRO K 256 -52.95 -19.11 12.06
CA PRO K 256 -52.73 -18.23 13.23
C PRO K 256 -51.76 -17.06 12.99
N PHE K 257 -51.94 -15.98 13.75
CA PHE K 257 -51.06 -14.84 13.76
C PHE K 257 -50.24 -14.87 15.07
N ALA K 258 -48.92 -15.01 14.93
CA ALA K 258 -48.05 -15.08 16.09
C ALA K 258 -47.49 -13.71 16.37
N MET K 259 -47.73 -13.24 17.60
CA MET K 259 -47.20 -11.96 18.05
C MET K 259 -46.23 -12.15 19.20
N MET K 260 -44.98 -11.70 19.01
CA MET K 260 -44.01 -11.80 20.08
C MET K 260 -43.76 -10.40 20.58
N ILE K 261 -44.28 -10.11 21.77
CA ILE K 261 -44.43 -8.71 22.18
C ILE K 261 -43.52 -8.34 23.34
N GLY K 262 -42.86 -7.17 23.21
CA GLY K 262 -42.15 -6.58 24.33
C GLY K 262 -40.70 -6.24 24.08
N VAL K 263 -40.23 -6.46 22.85
CA VAL K 263 -38.79 -6.21 22.55
C VAL K 263 -38.58 -4.72 22.16
N LYS K 264 -37.67 -4.06 22.85
CA LYS K 264 -37.29 -2.68 22.50
C LYS K 264 -35.97 -2.79 21.70
N LYS K 265 -36.07 -2.65 20.37
CA LYS K 265 -34.89 -2.83 19.50
C LYS K 265 -33.73 -1.85 19.68
N ARG K 266 -32.53 -2.38 19.53
CA ARG K 266 -31.27 -1.63 19.45
C ARG K 266 -31.09 -0.52 20.45
N VAL K 267 -31.26 -0.81 21.74
CA VAL K 267 -30.93 0.18 22.76
C VAL K 267 -29.42 0.37 22.93
N HIS K 268 -28.66 -0.63 22.46
CA HIS K 268 -27.19 -0.56 22.39
C HIS K 268 -26.77 -1.04 20.98
N PRO K 269 -26.85 -0.13 19.98
CA PRO K 269 -26.67 -0.52 18.57
C PRO K 269 -25.38 -1.34 18.28
N ALA K 270 -24.27 -0.95 18.91
CA ALA K 270 -22.94 -1.58 18.64
C ALA K 270 -22.92 -3.07 18.95
N LEU K 271 -23.84 -3.50 19.82
CA LEU K 271 -23.99 -4.93 20.19
C LEU K 271 -24.77 -5.79 19.19
N GLY K 272 -25.33 -5.17 18.16
CA GLY K 272 -26.11 -5.87 17.15
C GLY K 272 -27.28 -6.63 17.73
N ASP K 273 -27.36 -7.93 17.40
CA ASP K 273 -28.37 -8.82 17.97
C ASP K 273 -28.38 -8.86 19.51
N ALA K 274 -27.24 -8.58 20.15
CA ALA K 274 -27.17 -8.50 21.60
C ALA K 274 -27.63 -7.15 22.18
N GLY K 275 -28.18 -6.28 21.33
CA GLY K 275 -28.46 -4.91 21.74
C GLY K 275 -29.92 -4.61 22.07
N ASP K 276 -30.74 -5.64 22.17
CA ASP K 276 -32.16 -5.44 22.30
C ASP K 276 -32.56 -5.54 23.77
N PHE K 277 -33.59 -4.77 24.14
CA PHE K 277 -33.97 -4.64 25.55
C PHE K 277 -35.46 -5.01 25.63
N VAL K 278 -36.09 -4.72 26.75
CA VAL K 278 -37.44 -5.23 27.02
C VAL K 278 -38.31 -4.16 27.69
N GLY K 279 -39.63 -4.21 27.52
CA GLY K 279 -40.52 -3.36 28.32
C GLY K 279 -41.85 -4.06 28.49
N LYS K 280 -42.56 -3.71 29.56
CA LYS K 280 -43.91 -4.17 29.77
C LYS K 280 -44.81 -3.51 28.75
N ALA K 281 -45.72 -4.30 28.20
CA ALA K 281 -46.69 -3.81 27.24
C ALA K 281 -48.06 -3.71 27.89
N SER K 282 -48.90 -2.85 27.31
CA SER K 282 -50.33 -2.90 27.60
C SER K 282 -50.89 -4.18 27.01
N MET K 283 -51.87 -4.74 27.69
CA MET K 283 -52.59 -5.87 27.15
C MET K 283 -53.78 -5.40 26.26
N ASP K 284 -54.07 -4.10 26.24
CA ASP K 284 -55.28 -3.63 25.50
C ASP K 284 -55.36 -4.05 24.04
N GLY K 285 -54.24 -3.98 23.32
CA GLY K 285 -54.25 -4.37 21.90
C GLY K 285 -54.51 -5.82 21.68
N VAL K 286 -53.92 -6.67 22.53
CA VAL K 286 -54.11 -8.11 22.37
C VAL K 286 -55.54 -8.44 22.72
N GLU K 287 -56.03 -7.83 23.80
CA GLU K 287 -57.40 -8.02 24.23
C GLU K 287 -58.39 -7.67 23.11
N HIS K 288 -58.21 -6.50 22.52
CA HIS K 288 -59.01 -6.08 21.36
C HIS K 288 -58.97 -7.09 20.22
N LEU K 289 -57.76 -7.50 19.84
CA LEU K 289 -57.60 -8.45 18.75
C LEU K 289 -58.36 -9.76 19.00
N LEU K 290 -58.15 -10.32 20.17
CA LEU K 290 -58.86 -11.53 20.57
C LEU K 290 -60.39 -11.43 20.51
N ARG K 291 -60.92 -10.35 21.10
CA ARG K 291 -62.36 -10.10 21.17
C ARG K 291 -62.97 -9.80 19.81
N GLU K 292 -62.35 -8.89 19.08
CA GLU K 292 -62.94 -8.33 17.87
C GLU K 292 -62.72 -9.19 16.63
N TYR K 293 -61.79 -10.15 16.72
CA TYR K 293 -61.50 -11.09 15.64
C TYR K 293 -61.65 -12.56 16.08
N PRO K 294 -62.90 -12.96 16.42
CA PRO K 294 -63.11 -14.27 17.00
C PRO K 294 -62.88 -15.42 16.03
N ASN K 295 -62.85 -15.11 14.73
CA ASN K 295 -62.54 -16.13 13.74
C ASN K 295 -61.07 -16.17 13.35
N ASN K 296 -60.24 -15.42 14.07
CA ASN K 296 -58.78 -15.44 13.85
C ASN K 296 -58.09 -16.11 15.03
N LYS K 297 -56.97 -16.76 14.77
CA LYS K 297 -56.24 -17.42 15.84
C LYS K 297 -54.96 -16.70 16.15
N PHE K 298 -54.62 -16.58 17.44
CA PHE K 298 -53.43 -15.85 17.79
C PHE K 298 -52.54 -16.67 18.69
N LEU K 299 -51.27 -16.76 18.32
CA LEU K 299 -50.20 -17.30 19.18
C LEU K 299 -49.47 -16.13 19.83
N VAL K 300 -49.32 -16.10 21.15
CA VAL K 300 -48.67 -14.94 21.75
C VAL K 300 -47.64 -15.38 22.81
N THR K 301 -46.51 -14.69 22.78
CA THR K 301 -45.46 -14.82 23.81
C THR K 301 -45.02 -13.42 24.13
N MET K 302 -44.75 -13.13 25.41
CA MET K 302 -44.36 -11.78 25.78
C MET K 302 -43.01 -11.75 26.48
N LEU K 303 -42.35 -10.61 26.42
CA LEU K 303 -40.97 -10.53 26.85
C LEU K 303 -40.80 -10.07 28.29
N SER K 304 -41.72 -9.25 28.80
CA SER K 304 -41.57 -8.74 30.17
C SER K 304 -42.05 -9.77 31.21
N ARG K 305 -41.26 -9.92 32.29
CA ARG K 305 -41.69 -10.75 33.44
C ARG K 305 -43.07 -10.28 33.90
N GLU K 306 -43.29 -8.95 33.86
CA GLU K 306 -44.44 -8.32 34.48
C GLU K 306 -45.73 -8.45 33.64
N ASN K 307 -45.57 -8.98 32.43
CA ASN K 307 -46.75 -9.31 31.59
C ASN K 307 -47.23 -10.74 31.72
N GLN K 308 -46.46 -11.60 32.41
CA GLN K 308 -46.73 -13.03 32.27
C GLN K 308 -48.03 -13.47 32.94
N HIS K 309 -48.28 -12.98 34.14
CA HIS K 309 -49.48 -13.40 34.86
C HIS K 309 -50.72 -12.91 34.12
N GLU K 310 -50.76 -11.63 33.75
CA GLU K 310 -51.98 -11.15 33.06
C GLU K 310 -52.15 -11.79 31.68
N LEU K 311 -51.05 -12.13 31.01
CA LEU K 311 -51.15 -12.99 29.78
C LEU K 311 -51.89 -14.32 30.03
N VAL K 312 -51.59 -14.99 31.14
CA VAL K 312 -52.28 -16.25 31.47
C VAL K 312 -53.77 -15.96 31.70
N VAL K 313 -54.07 -14.87 32.40
CA VAL K 313 -55.46 -14.54 32.68
C VAL K 313 -56.16 -14.27 31.34
N LEU K 314 -55.46 -13.60 30.43
CA LEU K 314 -56.09 -13.31 29.11
C LEU K 314 -56.44 -14.60 28.38
N ALA K 315 -55.58 -15.61 28.52
CA ALA K 315 -55.82 -16.95 27.93
C ALA K 315 -57.07 -17.61 28.52
N ARG K 316 -57.30 -17.41 29.82
CA ARG K 316 -58.55 -17.89 30.42
C ARG K 316 -59.76 -17.28 29.73
N LYS K 317 -59.64 -16.04 29.24
CA LYS K 317 -60.79 -15.31 28.66
C LYS K 317 -61.05 -15.71 27.22
N PHE K 318 -59.99 -16.02 26.47
CA PHE K 318 -60.12 -16.18 25.00
C PHE K 318 -59.58 -17.48 24.46
N SER K 319 -60.46 -18.34 23.94
CA SER K 319 -60.01 -19.63 23.42
C SER K 319 -59.27 -19.50 22.11
N ASN K 320 -59.36 -18.34 21.44
CA ASN K 320 -58.60 -18.13 20.19
C ASN K 320 -57.18 -17.57 20.51
N LEU K 321 -56.84 -17.54 21.82
CA LEU K 321 -55.48 -17.25 22.27
C LEU K 321 -54.75 -18.54 22.66
N MET K 322 -53.61 -18.78 22.04
CA MET K 322 -52.73 -19.84 22.53
C MET K 322 -51.45 -19.15 22.94
N ILE K 323 -51.12 -19.28 24.21
CA ILE K 323 -49.85 -18.73 24.71
C ILE K 323 -48.76 -19.76 24.63
N PHE K 324 -47.54 -19.31 24.37
CA PHE K 324 -46.45 -20.25 24.15
C PHE K 324 -45.16 -19.75 24.73
N GLY K 325 -44.42 -20.63 25.41
CA GLY K 325 -42.97 -20.43 25.60
C GLY K 325 -42.57 -19.41 26.64
N CYS K 326 -41.29 -19.49 26.96
CA CYS K 326 -40.64 -18.57 27.84
C CYS K 326 -39.55 -17.94 26.99
N TRP K 327 -39.87 -16.77 26.44
CA TRP K 327 -39.08 -16.17 25.36
C TRP K 327 -37.91 -15.39 25.92
N TRP K 328 -36.70 -15.75 25.50
CA TRP K 328 -35.51 -14.90 25.60
C TRP K 328 -35.11 -14.55 27.06
N PHE K 329 -35.34 -13.29 27.50
CA PHE K 329 -35.11 -12.89 28.89
C PHE K 329 -36.00 -13.64 29.91
N MET K 330 -36.99 -14.37 29.40
CA MET K 330 -37.87 -15.19 30.26
C MET K 330 -37.30 -16.62 30.30
N ASN K 331 -36.32 -16.91 29.45
CA ASN K 331 -35.87 -18.30 29.25
C ASN K 331 -34.74 -18.64 30.25
N ASN K 332 -35.02 -18.44 31.54
CA ASN K 332 -34.09 -18.69 32.61
C ASN K 332 -34.84 -19.50 33.69
N PRO K 333 -34.17 -20.49 34.30
CA PRO K 333 -34.91 -21.39 35.25
C PRO K 333 -35.88 -20.70 36.24
N GLU K 334 -35.47 -19.60 36.86
CA GLU K 334 -36.32 -18.97 37.92
C GLU K 334 -37.64 -18.51 37.29
N ILE K 335 -37.53 -17.96 36.08
CA ILE K 335 -38.70 -17.48 35.36
C ILE K 335 -39.50 -18.61 34.70
N ILE K 336 -38.83 -19.55 34.04
CA ILE K 336 -39.52 -20.70 33.42
C ILE K 336 -40.38 -21.39 34.48
N ASN K 337 -39.80 -21.57 35.66
CA ASN K 337 -40.52 -22.24 36.76
C ASN K 337 -41.79 -21.46 37.14
N GLU K 338 -41.64 -20.16 37.47
CA GLU K 338 -42.82 -19.42 37.93
C GLU K 338 -43.83 -19.29 36.79
N MET K 339 -43.38 -19.05 35.55
CA MET K 339 -44.35 -19.01 34.42
C MET K 339 -45.09 -20.32 34.26
N THR K 340 -44.38 -21.44 34.31
CA THR K 340 -45.01 -22.73 33.98
C THR K 340 -46.00 -23.08 35.11
N ARG K 341 -45.66 -22.69 36.35
CA ARG K 341 -46.62 -22.92 37.47
C ARG K 341 -47.88 -22.07 37.34
N MET K 342 -47.70 -20.79 37.04
CA MET K 342 -48.88 -19.92 36.92
C MET K 342 -49.75 -20.43 35.78
N ARG K 343 -49.09 -20.82 34.68
CA ARG K 343 -49.83 -21.28 33.52
C ARG K 343 -50.63 -22.55 33.84
N MET K 344 -50.00 -23.53 34.48
CA MET K 344 -50.71 -24.81 34.69
C MET K 344 -51.83 -24.60 35.72
N GLU K 345 -51.55 -23.76 36.73
CA GLU K 345 -52.57 -23.53 37.78
C GLU K 345 -53.88 -22.92 37.22
N MET K 346 -53.74 -22.04 36.22
CA MET K 346 -54.88 -21.30 35.65
C MET K 346 -55.41 -21.87 34.34
N LEU K 347 -54.61 -22.72 33.69
CA LEU K 347 -54.99 -23.27 32.38
C LEU K 347 -54.94 -24.79 32.26
N GLY K 348 -54.58 -25.51 33.33
CA GLY K 348 -54.41 -26.95 33.22
C GLY K 348 -53.34 -27.25 32.17
N THR K 349 -53.70 -28.02 31.14
CA THR K 349 -52.72 -28.37 30.11
C THR K 349 -52.99 -27.64 28.77
N SER K 350 -53.85 -26.62 28.80
CA SER K 350 -54.22 -25.86 27.59
C SER K 350 -53.24 -24.74 27.19
N PHE K 351 -51.95 -25.05 27.14
CA PHE K 351 -50.96 -24.08 26.70
C PHE K 351 -49.71 -24.82 26.18
N ILE K 352 -48.79 -24.09 25.56
CA ILE K 352 -47.55 -24.66 25.03
C ILE K 352 -46.47 -24.13 25.96
N PRO K 353 -45.96 -25.00 26.86
CA PRO K 353 -45.00 -24.48 27.82
C PRO K 353 -43.69 -23.90 27.25
N GLN K 354 -43.21 -24.39 26.11
CA GLN K 354 -41.89 -23.96 25.74
C GLN K 354 -41.58 -24.03 24.23
N HIS K 355 -40.60 -23.24 23.82
CA HIS K 355 -40.04 -23.31 22.45
C HIS K 355 -38.59 -22.96 22.68
N SER K 356 -37.70 -23.31 21.72
CA SER K 356 -36.29 -23.08 21.99
C SER K 356 -35.77 -21.74 21.48
N ASP K 357 -36.39 -21.21 20.42
CA ASP K 357 -35.82 -20.01 19.74
C ASP K 357 -34.36 -20.26 19.32
N ALA K 358 -34.00 -21.52 19.11
CA ALA K 358 -32.59 -21.88 18.84
C ALA K 358 -32.12 -21.14 17.57
N ARG K 359 -30.98 -20.52 17.69
CA ARG K 359 -30.32 -19.90 16.51
C ARG K 359 -29.17 -20.77 15.99
N VAL K 360 -28.67 -21.65 16.84
CA VAL K 360 -27.57 -22.55 16.48
C VAL K 360 -28.11 -23.96 16.74
N LEU K 361 -27.92 -24.84 15.77
CA LEU K 361 -28.47 -26.21 15.83
C LEU K 361 -28.32 -26.92 17.18
N GLU K 362 -27.13 -26.86 17.79
CA GLU K 362 -26.83 -27.71 18.94
C GLU K 362 -27.62 -27.24 20.14
N GLN K 363 -28.14 -26.01 20.06
CA GLN K 363 -28.89 -25.43 21.17
C GLN K 363 -30.16 -26.21 21.47
N LEU K 364 -30.66 -26.96 20.49
CA LEU K 364 -31.82 -27.79 20.75
C LEU K 364 -31.52 -28.70 21.95
N ILE K 365 -30.29 -29.18 22.04
CA ILE K 365 -29.93 -30.10 23.13
C ILE K 365 -30.19 -29.44 24.50
N TYR K 366 -29.58 -28.29 24.74
CA TYR K 366 -29.72 -27.66 26.05
C TYR K 366 -31.08 -27.02 26.32
N LYS K 367 -31.64 -26.37 25.30
CA LYS K 367 -32.91 -25.68 25.50
C LYS K 367 -33.93 -26.68 25.98
N TRP K 368 -33.92 -27.86 25.38
CA TRP K 368 -34.94 -28.87 25.67
C TRP K 368 -34.60 -29.63 26.94
N HIS K 369 -33.33 -29.97 27.10
CA HIS K 369 -32.86 -30.55 28.37
C HIS K 369 -33.20 -29.69 29.61
N HIS K 370 -32.88 -28.38 29.56
CA HIS K 370 -32.98 -27.53 30.75
C HIS K 370 -34.46 -27.30 31.03
N SER K 371 -35.27 -27.19 29.98
CA SER K 371 -36.70 -26.91 30.14
C SER K 371 -37.50 -28.14 30.53
N LYS K 372 -37.19 -29.26 29.92
CA LYS K 372 -37.85 -30.50 30.29
C LYS K 372 -37.70 -30.82 31.77
N SER K 373 -36.53 -30.58 32.36
CA SER K 373 -36.37 -30.96 33.77
C SER K 373 -37.30 -30.10 34.64
N ILE K 374 -37.39 -28.81 34.32
CA ILE K 374 -38.31 -27.92 35.05
C ILE K 374 -39.75 -28.27 34.84
N ILE K 375 -40.16 -28.49 33.58
CA ILE K 375 -41.52 -28.87 33.29
C ILE K 375 -41.90 -30.22 34.00
N ALA K 376 -40.97 -31.18 34.04
CA ALA K 376 -41.24 -32.44 34.72
C ALA K 376 -41.53 -32.12 36.21
N GLU K 377 -40.71 -31.28 36.83
CA GLU K 377 -40.86 -30.88 38.25
CA GLU K 377 -40.91 -31.04 38.26
C GLU K 377 -42.27 -30.37 38.50
N VAL K 378 -42.72 -29.48 37.62
CA VAL K 378 -44.01 -28.87 37.80
C VAL K 378 -45.13 -29.93 37.71
N LEU K 379 -45.04 -30.76 36.64
CA LEU K 379 -46.01 -31.85 36.47
C LEU K 379 -46.07 -32.78 37.69
N ILE K 380 -44.91 -33.15 38.21
CA ILE K 380 -44.86 -34.07 39.38
C ILE K 380 -45.67 -33.43 40.54
N ASP K 381 -45.40 -32.17 40.81
CA ASP K 381 -46.15 -31.43 41.83
C ASP K 381 -47.67 -31.42 41.58
N LYS K 382 -48.06 -31.09 40.35
CA LYS K 382 -49.50 -31.06 40.01
C LYS K 382 -50.19 -32.42 40.07
N TYR K 383 -49.52 -33.46 39.58
CA TYR K 383 -50.10 -34.81 39.65
C TYR K 383 -50.16 -35.27 41.08
N ASP K 384 -49.09 -34.99 41.83
CA ASP K 384 -49.07 -35.41 43.24
C ASP K 384 -50.23 -34.77 43.98
N ASP K 385 -50.49 -33.48 43.72
CA ASP K 385 -51.58 -32.80 44.40
C ASP K 385 -52.95 -33.44 44.11
N ILE K 386 -53.19 -33.87 42.87
CA ILE K 386 -54.48 -34.56 42.59
C ILE K 386 -54.50 -36.00 43.12
N LEU K 387 -53.34 -36.66 43.14
CA LEU K 387 -53.25 -38.00 43.78
C LEU K 387 -53.64 -37.87 45.23
N GLN K 388 -53.15 -36.81 45.89
CA GLN K 388 -53.45 -36.58 47.29
C GLN K 388 -54.94 -36.40 47.54
N ALA K 389 -55.62 -35.83 46.54
CA ALA K 389 -57.06 -35.53 46.55
C ALA K 389 -57.85 -36.77 46.14
N GLY K 390 -57.17 -37.89 45.93
CA GLY K 390 -57.92 -39.15 45.69
C GLY K 390 -58.04 -39.56 44.23
N TRP K 391 -57.63 -38.72 43.29
CA TRP K 391 -57.62 -39.04 41.87
C TRP K 391 -56.58 -40.10 41.50
N GLU K 392 -56.97 -41.11 40.70
CA GLU K 392 -56.05 -42.12 40.22
C GLU K 392 -55.49 -41.74 38.83
N VAL K 393 -54.36 -41.03 38.80
CA VAL K 393 -53.67 -40.75 37.56
C VAL K 393 -53.03 -42.01 36.99
N THR K 394 -53.25 -42.30 35.71
CA THR K 394 -52.59 -43.47 35.11
C THR K 394 -51.40 -43.00 34.29
N GLU K 395 -50.45 -43.92 34.04
CA GLU K 395 -49.28 -43.62 33.24
C GLU K 395 -49.69 -43.24 31.78
N GLU K 396 -50.75 -43.84 31.27
CA GLU K 396 -51.18 -43.47 29.90
C GLU K 396 -51.72 -42.03 29.86
N GLU K 397 -52.40 -41.61 30.91
CA GLU K 397 -52.91 -40.25 30.98
C GLU K 397 -51.74 -39.26 31.09
N ILE K 398 -50.75 -39.62 31.89
CA ILE K 398 -49.53 -38.80 31.95
C ILE K 398 -48.91 -38.63 30.56
N LYS K 399 -48.76 -39.75 29.85
CA LYS K 399 -48.15 -39.74 28.53
C LYS K 399 -48.95 -38.87 27.57
N ARG K 400 -50.28 -38.88 27.69
CA ARG K 400 -51.16 -38.11 26.82
C ARG K 400 -50.99 -36.64 27.12
N ASP K 401 -51.07 -36.26 28.40
CA ASP K 401 -50.89 -34.84 28.78
C ASP K 401 -49.53 -34.30 28.31
N VAL K 402 -48.46 -35.07 28.46
CA VAL K 402 -47.12 -34.69 28.04
C VAL K 402 -47.04 -34.51 26.52
N ALA K 403 -47.71 -35.42 25.80
CA ALA K 403 -47.82 -35.27 24.33
C ALA K 403 -48.56 -33.96 23.94
N ASP K 404 -49.62 -33.61 24.70
CA ASP K 404 -50.31 -32.35 24.49
C ASP K 404 -49.37 -31.19 24.67
N LEU K 405 -48.64 -31.16 25.80
CA LEU K 405 -47.83 -29.97 26.13
C LEU K 405 -46.67 -29.80 25.13
N PHE K 406 -46.05 -30.91 24.68
CA PHE K 406 -44.81 -30.82 23.93
C PHE K 406 -45.01 -30.87 22.40
N SER K 407 -46.22 -31.21 22.00
CA SER K 407 -46.52 -31.40 20.56
C SER K 407 -47.96 -31.19 20.09
N ARG K 408 -48.93 -31.94 20.65
CA ARG K 408 -50.30 -31.94 20.09
C ARG K 408 -51.06 -30.63 20.23
N ASN K 409 -50.80 -29.86 21.30
CA ASN K 409 -51.48 -28.60 21.47
C ASN K 409 -51.22 -27.64 20.33
N PHE K 410 -49.98 -27.58 19.89
CA PHE K 410 -49.56 -26.69 18.81
C PHE K 410 -50.25 -27.11 17.51
N TRP K 411 -50.10 -28.38 17.17
CA TRP K 411 -50.67 -28.88 15.90
C TRP K 411 -52.19 -28.76 15.90
N ARG K 412 -52.80 -28.99 17.05
CA ARG K 412 -54.23 -28.83 17.19
C ARG K 412 -54.62 -27.37 16.88
N PHE K 413 -53.89 -26.42 17.46
CA PHE K 413 -54.23 -25.01 17.33
C PHE K 413 -54.03 -24.49 15.93
N VAL K 414 -52.93 -24.87 15.30
CA VAL K 414 -52.65 -24.38 13.96
C VAL K 414 -53.49 -25.14 12.93
N GLY K 415 -54.06 -26.28 13.33
CA GLY K 415 -54.97 -27.04 12.49
C GLY K 415 -54.22 -27.81 11.42
N SER L 2 -36.96 -22.80 80.40
CA SER L 2 -36.96 -22.61 78.92
C SER L 2 -37.71 -23.75 78.21
N LEU L 3 -38.82 -24.17 78.81
CA LEU L 3 -39.63 -25.28 78.30
C LEU L 3 -40.34 -24.94 76.96
N SER L 4 -39.72 -25.33 75.85
CA SER L 4 -40.18 -24.87 74.55
C SER L 4 -40.02 -25.98 73.53
N ILE L 5 -40.24 -25.65 72.26
CA ILE L 5 -40.14 -26.65 71.19
C ILE L 5 -38.69 -26.78 70.70
N ASN L 6 -38.16 -28.01 70.75
CA ASN L 6 -36.70 -28.25 70.59
C ASN L 6 -36.29 -29.03 69.33
N SER L 7 -37.23 -29.48 68.51
CA SER L 7 -36.90 -30.08 67.23
C SER L 7 -37.74 -29.50 66.12
N ARG L 8 -37.18 -29.53 64.92
CA ARG L 8 -37.91 -29.15 63.70
C ARG L 8 -39.15 -30.05 63.50
N GLU L 9 -39.05 -31.33 63.89
CA GLU L 9 -40.17 -32.26 63.75
C GLU L 9 -41.36 -31.88 64.64
N VAL L 10 -41.07 -31.52 65.88
CA VAL L 10 -42.12 -31.16 66.80
C VAL L 10 -42.70 -29.79 66.39
N LEU L 11 -41.83 -28.89 65.94
CA LEU L 11 -42.27 -27.61 65.37
C LEU L 11 -43.28 -27.86 64.26
N ALA L 12 -42.92 -28.67 63.29
CA ALA L 12 -43.84 -28.89 62.15
C ALA L 12 -45.14 -29.50 62.60
N GLU L 13 -45.07 -30.49 63.48
CA GLU L 13 -46.26 -31.12 64.07
C GLU L 13 -47.18 -30.07 64.69
N LYS L 14 -46.64 -29.25 65.58
CA LYS L 14 -47.49 -28.33 66.35
C LYS L 14 -48.07 -27.20 65.49
N VAL L 15 -47.31 -26.73 64.51
CA VAL L 15 -47.82 -25.74 63.54
C VAL L 15 -48.97 -26.35 62.73
N LYS L 16 -48.74 -27.51 62.12
CA LYS L 16 -49.80 -28.11 61.29
C LYS L 16 -51.04 -28.36 62.14
N ASN L 17 -50.84 -28.84 63.37
CA ASN L 17 -51.94 -29.01 64.31
C ASN L 17 -52.74 -27.72 64.57
N ALA L 18 -52.03 -26.65 64.94
CA ALA L 18 -52.67 -25.38 65.27
C ALA L 18 -53.45 -24.88 64.02
N VAL L 19 -52.79 -24.91 62.85
CA VAL L 19 -53.44 -24.45 61.61
C VAL L 19 -54.70 -25.26 61.29
N ASN L 20 -54.62 -26.58 61.37
CA ASN L 20 -55.78 -27.43 61.08
C ASN L 20 -56.93 -27.29 62.09
N ASN L 21 -56.58 -27.10 63.35
CA ASN L 21 -57.58 -27.01 64.41
C ASN L 21 -58.18 -25.63 64.61
N GLN L 22 -57.51 -24.58 64.14
CA GLN L 22 -58.00 -23.20 64.33
C GLN L 22 -59.25 -22.92 63.51
N PRO L 23 -60.37 -22.60 64.20
CA PRO L 23 -61.59 -22.19 63.52
C PRO L 23 -61.34 -20.95 62.61
N VAL L 24 -61.76 -21.06 61.36
CA VAL L 24 -61.56 -20.02 60.38
C VAL L 24 -62.73 -19.03 60.33
N THR L 25 -62.41 -17.75 60.38
CA THR L 25 -63.32 -16.69 59.91
C THR L 25 -62.94 -16.42 58.46
N ASP L 26 -63.89 -16.70 57.56
CA ASP L 26 -63.72 -16.46 56.12
C ASP L 26 -64.36 -15.09 55.80
N MET L 27 -63.53 -14.07 55.70
CA MET L 27 -64.07 -12.71 55.77
C MET L 27 -64.58 -12.10 54.47
N HIS L 28 -64.57 -12.85 53.39
CA HIS L 28 -65.25 -12.44 52.17
C HIS L 28 -65.64 -13.65 51.34
N THR L 29 -66.96 -13.87 51.19
CA THR L 29 -67.49 -14.97 50.38
C THR L 29 -68.70 -14.47 49.60
N HIS L 30 -69.20 -15.30 48.70
CA HIS L 30 -70.49 -15.13 48.01
C HIS L 30 -71.50 -16.22 48.41
N LEU L 31 -71.38 -16.63 49.67
CA LEU L 31 -72.31 -17.59 50.23
C LEU L 31 -73.40 -16.80 50.99
N PHE L 32 -74.51 -17.49 51.27
CA PHE L 32 -75.61 -16.88 52.03
C PHE L 32 -76.09 -17.91 53.07
N SER L 33 -76.52 -17.38 54.22
CA SER L 33 -77.22 -18.19 55.24
C SER L 33 -78.30 -19.01 54.56
N PRO L 34 -78.43 -20.31 54.92
CA PRO L 34 -79.33 -21.14 54.13
C PRO L 34 -80.80 -20.72 54.25
N ASN L 35 -81.14 -19.93 55.28
CA ASN L 35 -82.52 -19.39 55.41
C ASN L 35 -82.86 -18.35 54.34
N PHE L 36 -81.83 -17.79 53.70
CA PHE L 36 -82.04 -16.83 52.59
C PHE L 36 -82.48 -17.53 51.34
N GLY L 37 -82.51 -18.87 51.35
CA GLY L 37 -83.08 -19.63 50.22
C GLY L 37 -82.10 -20.12 49.18
N GLU L 38 -82.58 -20.27 47.94
CA GLU L 38 -81.79 -20.90 46.88
C GLU L 38 -80.64 -20.07 46.30
N ILE L 39 -80.46 -18.83 46.76
CA ILE L 39 -79.29 -18.06 46.38
C ILE L 39 -78.02 -18.69 46.96
N LEU L 40 -78.18 -19.53 47.98
CA LEU L 40 -77.08 -20.36 48.48
C LEU L 40 -76.93 -21.51 47.50
N LEU L 41 -75.79 -21.52 46.79
CA LEU L 41 -75.54 -22.52 45.76
C LEU L 41 -74.68 -23.61 46.38
N TRP L 42 -75.07 -24.86 46.14
CA TRP L 42 -74.32 -26.02 46.60
C TRP L 42 -74.53 -27.23 45.73
N ASP L 43 -73.58 -28.16 45.80
CA ASP L 43 -73.56 -29.48 45.15
C ASP L 43 -72.53 -29.59 44.05
N ILE L 44 -72.32 -30.82 43.59
CA ILE L 44 -71.22 -31.11 42.67
C ILE L 44 -71.47 -30.48 41.32
N ASP L 45 -72.72 -30.47 40.87
CA ASP L 45 -73.03 -29.80 39.59
C ASP L 45 -72.68 -28.31 39.63
N GLU L 46 -72.98 -27.66 40.75
CA GLU L 46 -72.65 -26.25 40.96
C GLU L 46 -71.13 -26.08 41.04
N LEU L 47 -70.43 -26.99 41.73
CA LEU L 47 -68.95 -26.96 41.79
C LEU L 47 -68.39 -26.99 40.37
N LEU L 48 -68.85 -27.94 39.59
CA LEU L 48 -68.36 -28.09 38.23
C LEU L 48 -68.66 -26.95 37.27
N THR L 49 -69.78 -26.25 37.49
CA THR L 49 -70.17 -25.15 36.60
C THR L 49 -69.79 -23.75 37.19
N TYR L 50 -69.01 -23.75 38.27
CA TYR L 50 -68.34 -22.55 38.80
C TYR L 50 -67.75 -21.80 37.58
N HIS L 51 -67.81 -20.48 37.61
CA HIS L 51 -67.32 -19.75 36.45
C HIS L 51 -65.83 -19.96 36.15
N TYR L 52 -64.99 -20.24 37.17
CA TYR L 52 -63.60 -20.57 36.85
C TYR L 52 -63.50 -21.75 35.88
N LEU L 53 -64.37 -22.74 36.05
CA LEU L 53 -64.38 -23.95 35.22
C LEU L 53 -65.01 -23.72 33.83
N VAL L 54 -65.95 -22.79 33.73
CA VAL L 54 -66.48 -22.39 32.40
C VAL L 54 -65.37 -21.81 31.51
N ALA L 55 -64.58 -20.87 32.05
CA ALA L 55 -63.43 -20.31 31.32
C ALA L 55 -62.53 -21.45 30.85
N GLU L 56 -62.22 -22.38 31.77
CA GLU L 56 -61.30 -23.44 31.45
C GLU L 56 -61.88 -24.36 30.37
N VAL L 57 -63.15 -24.72 30.47
CA VAL L 57 -63.70 -25.72 29.53
C VAL L 57 -63.72 -25.10 28.11
N MET L 58 -64.00 -23.80 28.04
CA MET L 58 -64.06 -23.08 26.75
C MET L 58 -62.74 -23.08 26.02
N ARG L 59 -61.62 -23.23 26.74
CA ARG L 59 -60.34 -23.36 26.02
C ARG L 59 -60.17 -24.67 25.31
N TRP L 60 -61.01 -25.66 25.64
CA TRP L 60 -60.83 -26.98 25.06
C TRP L 60 -61.97 -27.45 24.15
N THR L 61 -63.20 -27.15 24.56
CA THR L 61 -64.37 -27.74 23.93
C THR L 61 -64.69 -27.12 22.58
N ASP L 62 -65.29 -27.94 21.72
CA ASP L 62 -65.84 -27.53 20.43
C ASP L 62 -67.27 -27.00 20.55
N VAL L 63 -67.93 -27.28 21.67
CA VAL L 63 -69.25 -26.70 21.96
C VAL L 63 -69.15 -25.17 22.01
N SER L 64 -70.10 -24.48 21.36
CA SER L 64 -70.08 -23.02 21.30
C SER L 64 -70.51 -22.48 22.65
N ILE L 65 -70.14 -21.25 22.95
CA ILE L 65 -70.57 -20.62 24.20
C ILE L 65 -72.10 -20.54 24.31
N GLU L 66 -72.77 -20.36 23.17
CA GLU L 66 -74.23 -20.28 23.18
C GLU L 66 -74.88 -21.62 23.48
N ALA L 67 -74.44 -22.66 22.75
CA ALA L 67 -74.87 -24.02 23.02
C ALA L 67 -74.63 -24.43 24.47
N PHE L 68 -73.46 -24.04 25.02
CA PHE L 68 -73.19 -24.26 26.43
C PHE L 68 -74.24 -23.63 27.36
N TRP L 69 -74.52 -22.35 27.15
CA TRP L 69 -75.46 -21.65 28.03
C TRP L 69 -76.88 -22.26 27.94
N ALA L 70 -77.24 -22.74 26.76
CA ALA L 70 -78.54 -23.40 26.54
C ALA L 70 -78.66 -24.75 27.23
N MET L 71 -77.53 -25.41 27.52
CA MET L 71 -77.56 -26.72 28.18
C MET L 71 -78.09 -26.56 29.59
N SER L 72 -78.62 -27.65 30.15
CA SER L 72 -79.05 -27.65 31.55
C SER L 72 -77.80 -27.69 32.42
N LYS L 73 -77.98 -27.43 33.70
CA LYS L 73 -76.82 -27.43 34.60
C LYS L 73 -76.14 -28.81 34.67
N ARG L 74 -76.93 -29.87 34.71
CA ARG L 74 -76.40 -31.24 34.67
C ARG L 74 -75.60 -31.51 33.38
N GLU L 75 -76.11 -31.01 32.24
CA GLU L 75 -75.43 -31.18 30.96
C GLU L 75 -74.09 -30.41 30.95
N GLN L 76 -74.11 -29.20 31.49
CA GLN L 76 -72.92 -28.37 31.57
C GLN L 76 -71.87 -29.07 32.44
N ALA L 77 -72.31 -29.49 33.63
CA ALA L 77 -71.45 -30.27 34.52
C ALA L 77 -70.89 -31.52 33.82
N ASP L 78 -71.74 -32.26 33.09
CA ASP L 78 -71.29 -33.43 32.34
C ASP L 78 -70.19 -33.06 31.34
N LEU L 79 -70.40 -31.99 30.60
CA LEU L 79 -69.41 -31.55 29.61
C LEU L 79 -68.05 -31.22 30.29
N ILE L 80 -68.12 -30.41 31.34
CA ILE L 80 -66.93 -29.97 32.09
C ILE L 80 -66.13 -31.16 32.64
N TRP L 81 -66.83 -32.09 33.25
CA TRP L 81 -66.21 -33.33 33.71
C TRP L 81 -65.47 -34.09 32.60
N GLU L 82 -66.12 -34.31 31.46
CA GLU L 82 -65.47 -34.99 30.36
C GLU L 82 -64.25 -34.22 29.83
N GLU L 83 -64.42 -32.92 29.62
CA GLU L 83 -63.41 -32.11 28.93
C GLU L 83 -62.20 -31.83 29.82
N LEU L 84 -62.46 -31.63 31.10
CA LEU L 84 -61.37 -31.18 31.99
C LEU L 84 -60.81 -32.26 32.90
N PHE L 85 -61.56 -33.35 33.10
CA PHE L 85 -61.11 -34.39 34.04
C PHE L 85 -60.81 -35.70 33.33
N ILE L 86 -61.59 -36.00 32.28
CA ILE L 86 -61.41 -37.27 31.58
C ILE L 86 -60.47 -37.18 30.39
N LYS L 87 -60.70 -36.22 29.51
CA LYS L 87 -59.88 -36.08 28.31
C LYS L 87 -58.52 -35.41 28.56
N ARG L 88 -58.41 -34.67 29.66
CA ARG L 88 -57.09 -34.19 30.15
C ARG L 88 -57.08 -34.35 31.64
N SER L 89 -55.89 -34.55 32.22
CA SER L 89 -55.81 -34.68 33.70
C SER L 89 -56.21 -33.39 34.40
N PRO L 90 -57.01 -33.50 35.51
CA PRO L 90 -57.57 -32.31 36.15
C PRO L 90 -56.55 -31.59 37.03
N VAL L 91 -55.47 -31.12 36.39
CA VAL L 91 -54.35 -30.58 37.16
C VAL L 91 -54.47 -29.12 37.59
N SER L 92 -55.38 -28.35 36.98
CA SER L 92 -55.49 -26.92 37.31
C SER L 92 -55.95 -26.77 38.75
N GLU L 93 -55.65 -25.60 39.32
CA GLU L 93 -56.10 -25.33 40.69
C GLU L 93 -57.63 -25.53 40.84
N ALA L 94 -58.41 -24.99 39.91
CA ALA L 94 -59.88 -25.12 40.04
C ALA L 94 -60.35 -26.56 39.96
N CYS L 95 -59.77 -27.35 39.07
CA CYS L 95 -60.20 -28.74 38.92
C CYS L 95 -59.72 -29.56 40.12
N ARG L 96 -58.47 -29.37 40.52
CA ARG L 96 -58.00 -29.98 41.76
C ARG L 96 -58.94 -29.66 42.92
N GLY L 97 -59.45 -28.42 42.95
CA GLY L 97 -60.35 -28.03 44.03
C GLY L 97 -61.60 -28.89 44.08
N VAL L 98 -62.21 -29.16 42.92
CA VAL L 98 -63.40 -30.07 42.85
C VAL L 98 -63.09 -31.39 43.51
N LEU L 99 -61.92 -31.96 43.16
CA LEU L 99 -61.57 -33.27 43.70
C LEU L 99 -61.40 -33.20 45.22
N THR L 100 -60.68 -32.19 45.74
CA THR L 100 -60.49 -32.04 47.20
C THR L 100 -61.86 -31.98 47.89
N CYS L 101 -62.81 -31.26 47.27
CA CYS L 101 -64.18 -31.20 47.85
C CYS L 101 -64.82 -32.58 47.94
N LEU L 102 -64.85 -33.31 46.82
CA LEU L 102 -65.37 -34.69 46.83
C LEU L 102 -64.75 -35.56 47.91
N GLN L 103 -63.42 -35.52 48.01
CA GLN L 103 -62.74 -36.37 48.98
C GLN L 103 -63.12 -35.98 50.40
N GLY L 104 -63.23 -34.67 50.65
CA GLY L 104 -63.50 -34.16 52.00
C GLY L 104 -64.89 -34.59 52.47
N LEU L 105 -65.81 -34.69 51.52
CA LEU L 105 -67.18 -35.17 51.80
C LEU L 105 -67.23 -36.68 52.01
N GLY L 106 -66.11 -37.36 51.78
CA GLY L 106 -66.06 -38.82 51.94
C GLY L 106 -66.40 -39.54 50.66
N LEU L 107 -66.59 -38.80 49.57
CA LEU L 107 -66.73 -39.44 48.26
C LEU L 107 -65.37 -39.87 47.73
N ASP L 108 -65.35 -40.65 46.67
CA ASP L 108 -64.12 -41.27 46.25
C ASP L 108 -63.81 -40.91 44.80
N PRO L 109 -62.92 -39.90 44.59
CA PRO L 109 -62.55 -39.52 43.22
C PRO L 109 -61.90 -40.62 42.39
N ALA L 110 -61.39 -41.68 43.03
CA ALA L 110 -60.76 -42.79 42.29
C ALA L 110 -61.74 -43.43 41.32
N THR L 111 -63.01 -43.45 41.69
CA THR L 111 -64.05 -44.13 40.90
C THR L 111 -64.50 -43.32 39.68
N ARG L 112 -64.25 -42.01 39.71
CA ARG L 112 -64.75 -41.07 38.70
C ARG L 112 -66.27 -41.21 38.48
N ASP L 113 -66.96 -41.63 39.53
CA ASP L 113 -68.38 -41.97 39.43
C ASP L 113 -69.26 -40.79 39.76
N LEU L 114 -69.40 -39.90 38.78
CA LEU L 114 -70.19 -38.67 38.91
C LEU L 114 -71.64 -38.94 39.26
N GLN L 115 -72.25 -39.97 38.69
CA GLN L 115 -73.63 -40.31 39.07
C GLN L 115 -73.72 -40.61 40.56
N VAL L 116 -72.80 -41.43 41.06
CA VAL L 116 -72.68 -41.63 42.51
C VAL L 116 -72.40 -40.37 43.37
N TYR L 117 -71.54 -39.46 42.92
CA TYR L 117 -71.32 -38.22 43.69
C TYR L 117 -72.63 -37.45 43.84
N ARG L 118 -73.37 -37.39 42.74
CA ARG L 118 -74.65 -36.66 42.70
C ARG L 118 -75.64 -37.19 43.73
N GLU L 119 -75.67 -38.50 43.89
CA GLU L 119 -76.58 -39.14 44.86
C GLU L 119 -76.32 -38.65 46.29
N TYR L 120 -75.06 -38.35 46.62
CA TYR L 120 -74.75 -37.82 47.92
C TYR L 120 -75.56 -36.57 48.27
N PHE L 121 -75.65 -35.62 47.33
CA PHE L 121 -76.24 -34.30 47.61
C PHE L 121 -77.77 -34.33 47.56
N ALA L 122 -78.30 -35.30 46.82
CA ALA L 122 -79.74 -35.38 46.58
C ALA L 122 -80.48 -35.73 47.88
N LYS L 123 -79.75 -36.33 48.82
CA LYS L 123 -80.32 -36.82 50.06
C LYS L 123 -80.47 -35.72 51.13
N LYS L 124 -79.99 -34.52 50.84
CA LYS L 124 -79.71 -33.58 51.90
C LYS L 124 -80.46 -32.28 51.73
N THR L 125 -80.67 -31.57 52.84
CA THR L 125 -81.12 -30.20 52.76
C THR L 125 -79.93 -29.26 52.82
N SER L 126 -80.16 -28.00 52.44
CA SER L 126 -79.19 -26.92 52.53
C SER L 126 -78.63 -26.77 53.95
N GLU L 127 -79.52 -26.83 54.94
CA GLU L 127 -79.14 -26.71 56.34
C GLU L 127 -78.17 -27.82 56.76
N GLU L 128 -78.42 -29.04 56.30
CA GLU L 128 -77.59 -30.17 56.66
C GLU L 128 -76.20 -30.03 56.03
N GLN L 129 -76.18 -29.58 54.78
CA GLN L 129 -74.91 -29.39 54.03
C GLN L 129 -74.06 -28.25 54.64
N VAL L 130 -74.70 -27.15 55.01
CA VAL L 130 -74.00 -26.09 55.73
C VAL L 130 -73.34 -26.66 56.97
N ASP L 131 -74.09 -27.41 57.77
CA ASP L 131 -73.50 -28.07 58.93
C ASP L 131 -72.27 -28.91 58.57
N THR L 132 -72.43 -29.76 57.57
CA THR L 132 -71.36 -30.67 57.16
C THR L 132 -70.11 -29.90 56.69
N VAL L 133 -70.33 -28.92 55.83
CA VAL L 133 -69.25 -28.21 55.15
C VAL L 133 -68.48 -27.35 56.13
N LEU L 134 -69.19 -26.61 56.99
CA LEU L 134 -68.53 -25.77 57.98
C LEU L 134 -67.72 -26.61 58.97
N GLN L 135 -68.24 -27.79 59.32
CA GLN L 135 -67.49 -28.69 60.15
C GLN L 135 -66.21 -29.19 59.42
N LEU L 136 -66.36 -29.68 58.20
CA LEU L 136 -65.21 -30.19 57.41
C LEU L 136 -64.14 -29.14 57.11
N ALA L 137 -64.58 -27.95 56.73
CA ALA L 137 -63.67 -26.83 56.48
C ALA L 137 -63.19 -26.15 57.78
N ASN L 138 -63.79 -26.53 58.91
CA ASN L 138 -63.43 -25.87 60.19
C ASN L 138 -63.62 -24.35 60.08
N VAL L 139 -64.74 -23.94 59.50
CA VAL L 139 -65.06 -22.52 59.39
C VAL L 139 -66.17 -22.19 60.43
N SER L 140 -65.87 -21.24 61.31
CA SER L 140 -66.84 -20.84 62.34
C SER L 140 -67.69 -19.64 61.92
N ASP L 141 -67.15 -18.84 61.00
CA ASP L 141 -67.80 -17.58 60.63
C ASP L 141 -67.61 -17.33 59.14
N VAL L 142 -68.72 -17.05 58.45
CA VAL L 142 -68.75 -16.74 57.02
C VAL L 142 -69.22 -15.28 56.84
N VAL L 143 -68.47 -14.47 56.11
CA VAL L 143 -68.97 -13.13 55.80
C VAL L 143 -69.54 -13.21 54.40
N MET L 144 -70.77 -12.70 54.24
CA MET L 144 -71.46 -12.75 52.94
C MET L 144 -71.16 -11.45 52.16
N THR L 145 -71.62 -11.40 50.92
CA THR L 145 -71.66 -10.21 50.11
C THR L 145 -73.16 -9.94 49.88
N ASN L 146 -73.66 -8.88 50.50
CA ASN L 146 -75.11 -8.58 50.45
C ASN L 146 -75.35 -7.32 49.65
N ASP L 147 -76.08 -7.50 48.55
CA ASP L 147 -76.27 -6.44 47.58
C ASP L 147 -77.72 -5.98 47.64
N PRO L 148 -77.95 -4.78 48.20
CA PRO L 148 -79.33 -4.28 48.34
C PRO L 148 -79.93 -3.86 47.01
N PHE L 149 -79.11 -3.84 45.96
CA PHE L 149 -79.59 -3.51 44.63
C PHE L 149 -80.11 -4.73 43.91
N ASP L 150 -79.83 -5.93 44.44
CA ASP L 150 -80.34 -7.13 43.80
C ASP L 150 -81.77 -7.33 44.29
N ASP L 151 -82.72 -7.29 43.37
CA ASP L 151 -84.15 -7.34 43.72
C ASP L 151 -84.46 -8.53 44.57
N ASN L 152 -83.97 -9.69 44.18
CA ASN L 152 -84.21 -10.88 44.97
C ASN L 152 -83.67 -10.71 46.38
N GLU L 153 -82.35 -10.52 46.52
CA GLU L 153 -81.76 -10.32 47.85
C GLU L 153 -82.45 -9.26 48.69
N ARG L 154 -82.81 -8.14 48.05
CA ARG L 154 -83.44 -7.04 48.75
C ARG L 154 -84.75 -7.53 49.39
N ILE L 155 -85.50 -8.36 48.68
CA ILE L 155 -86.73 -8.98 49.22
C ILE L 155 -86.51 -9.48 50.63
N SER L 156 -85.59 -10.42 50.82
CA SER L 156 -85.42 -11.09 52.10
C SER L 156 -85.11 -10.14 53.26
N TRP L 157 -84.22 -9.16 53.02
CA TRP L 157 -83.91 -8.16 54.04
C TRP L 157 -85.11 -7.30 54.43
N LEU L 158 -85.90 -6.94 53.43
CA LEU L 158 -87.09 -6.10 53.63
C LEU L 158 -88.15 -6.92 54.36
N GLU L 159 -88.29 -8.18 53.95
CA GLU L 159 -89.19 -9.15 54.58
C GLU L 159 -88.69 -9.70 55.92
N GLY L 160 -87.75 -9.00 56.56
CA GLY L 160 -87.38 -9.26 57.96
C GLY L 160 -86.25 -10.24 58.30
N LYS L 161 -85.81 -11.05 57.32
CA LYS L 161 -84.83 -12.13 57.52
C LYS L 161 -83.49 -11.75 58.13
N GLN L 162 -83.10 -12.49 59.16
CA GLN L 162 -81.79 -12.44 59.80
C GLN L 162 -80.98 -13.64 59.36
N PRO L 163 -79.68 -13.45 59.09
CA PRO L 163 -78.89 -14.65 58.79
C PRO L 163 -78.71 -15.50 60.02
N ASP L 164 -78.53 -16.78 59.79
CA ASP L 164 -77.98 -17.70 60.77
C ASP L 164 -76.78 -17.03 61.47
N SER L 165 -76.61 -17.22 62.77
CA SER L 165 -75.57 -16.47 63.51
C SER L 165 -74.08 -16.74 63.09
N ARG L 166 -73.86 -17.80 62.31
CA ARG L 166 -72.50 -18.08 61.75
C ARG L 166 -72.22 -17.24 60.49
N PHE L 167 -73.26 -16.59 59.99
CA PHE L 167 -73.17 -15.78 58.78
C PHE L 167 -73.28 -14.27 59.11
N HIS L 168 -72.27 -13.51 58.72
CA HIS L 168 -72.25 -12.06 58.91
C HIS L 168 -72.44 -11.32 57.57
N ALA L 169 -73.11 -10.16 57.61
CA ALA L 169 -73.37 -9.41 56.38
C ALA L 169 -72.24 -8.43 56.08
N ALA L 170 -72.06 -8.15 54.80
CA ALA L 170 -71.24 -7.05 54.37
C ALA L 170 -71.99 -6.34 53.22
N LEU L 171 -71.99 -5.02 53.29
CA LEU L 171 -72.84 -4.21 52.42
C LEU L 171 -72.11 -3.85 51.14
N ARG L 172 -72.54 -4.46 50.03
CA ARG L 172 -71.91 -4.31 48.72
C ARG L 172 -72.51 -3.11 48.00
N LEU L 173 -71.65 -2.26 47.46
CA LEU L 173 -72.11 -0.95 47.00
C LEU L 173 -71.77 -0.64 45.56
N ASP L 174 -71.36 -1.65 44.78
CA ASP L 174 -70.90 -1.39 43.43
C ASP L 174 -71.87 -0.52 42.62
N PRO L 175 -73.18 -0.87 42.61
CA PRO L 175 -74.05 -0.05 41.76
C PRO L 175 -74.14 1.42 42.15
N LEU L 176 -74.10 1.72 43.44
CA LEU L 176 -74.11 3.09 43.94
C LEU L 176 -72.84 3.82 43.50
N LEU L 177 -71.69 3.20 43.77
CA LEU L 177 -70.39 3.85 43.56
C LEU L 177 -69.93 3.90 42.09
N ASN L 178 -70.19 2.84 41.32
CA ASN L 178 -69.67 2.69 39.96
C ASN L 178 -70.70 2.98 38.88
N GLU L 179 -71.96 2.93 39.26
CA GLU L 179 -73.06 3.07 38.28
C GLU L 179 -74.12 4.05 38.74
N TYR L 180 -73.69 5.15 39.36
CA TYR L 180 -74.61 6.04 40.03
C TYR L 180 -75.60 6.70 39.07
N GLU L 181 -75.20 6.98 37.83
CA GLU L 181 -76.14 7.62 36.87
C GLU L 181 -77.32 6.74 36.52
N GLN L 182 -77.12 5.42 36.54
CA GLN L 182 -78.24 4.51 36.39
C GLN L 182 -78.93 4.29 37.72
N THR L 183 -78.16 4.27 38.80
CA THR L 183 -78.72 3.90 40.11
C THR L 183 -79.49 5.04 40.77
N LYS L 184 -79.20 6.27 40.39
CA LYS L 184 -79.92 7.41 40.95
C LYS L 184 -81.45 7.29 40.78
N HIS L 185 -81.89 6.66 39.68
CA HIS L 185 -83.31 6.50 39.42
C HIS L 185 -83.98 5.52 40.38
N ARG L 186 -83.31 4.39 40.62
CA ARG L 186 -83.77 3.43 41.65
C ARG L 186 -83.82 4.05 43.05
N LEU L 187 -82.87 4.93 43.35
CA LEU L 187 -82.83 5.58 44.65
C LEU L 187 -84.05 6.47 44.85
N ARG L 188 -84.31 7.37 43.90
CA ARG L 188 -85.43 8.31 44.04
C ARG L 188 -86.77 7.54 44.09
N ASP L 189 -86.89 6.52 43.24
CA ASP L 189 -87.94 5.48 43.30
C ASP L 189 -88.18 4.89 44.69
N TRP L 190 -87.10 4.58 45.43
CA TRP L 190 -87.19 4.02 46.77
C TRP L 190 -87.32 5.12 47.80
N GLY L 191 -87.54 6.36 47.35
CA GLY L 191 -87.76 7.47 48.27
C GLY L 191 -86.57 8.29 48.69
N TYR L 192 -85.43 8.07 48.03
CA TYR L 192 -84.22 8.80 48.36
C TYR L 192 -84.14 9.93 47.38
N LYS L 193 -84.35 11.13 47.88
CA LYS L 193 -84.59 12.25 46.97
C LYS L 193 -83.27 12.89 46.57
N VAL L 194 -82.55 12.18 45.70
CA VAL L 194 -81.28 12.68 45.20
C VAL L 194 -81.50 13.61 44.02
N ASN L 195 -80.80 14.74 44.01
CA ASN L 195 -80.94 15.74 42.96
C ASN L 195 -79.94 15.52 41.85
N ASP L 196 -80.22 16.07 40.67
CA ASP L 196 -79.25 16.11 39.58
C ASP L 196 -77.97 16.83 40.04
N GLU L 197 -78.12 17.88 40.85
CA GLU L 197 -76.99 18.62 41.37
C GLU L 197 -76.43 17.88 42.57
N TRP L 198 -75.10 17.75 42.62
CA TRP L 198 -74.47 17.20 43.82
C TRP L 198 -74.48 18.25 44.94
N ASN L 199 -75.60 18.38 45.64
CA ASN L 199 -75.76 19.38 46.71
C ASN L 199 -76.03 18.71 48.04
N GLU L 200 -76.33 19.51 49.06
CA GLU L 200 -76.54 18.95 50.39
C GLU L 200 -77.65 17.93 50.50
N GLY L 201 -78.80 18.22 49.88
CA GLY L 201 -79.92 17.27 49.85
C GLY L 201 -79.47 15.92 49.32
N SER L 202 -78.77 15.94 48.20
CA SER L 202 -78.24 14.74 47.55
C SER L 202 -77.26 13.97 48.47
N ILE L 203 -76.32 14.70 49.05
CA ILE L 203 -75.36 14.15 50.03
C ILE L 203 -76.11 13.52 51.20
N GLN L 204 -77.04 14.28 51.78
CA GLN L 204 -77.84 13.76 52.90
C GLN L 204 -78.65 12.48 52.59
N GLU L 205 -79.24 12.41 51.39
CA GLU L 205 -80.07 11.29 51.01
C GLU L 205 -79.27 10.02 50.69
N VAL L 206 -78.10 10.19 50.06
CA VAL L 206 -77.19 9.08 49.82
C VAL L 206 -76.69 8.54 51.17
N LYS L 207 -76.32 9.43 52.09
CA LYS L 207 -75.99 9.03 53.45
C LYS L 207 -77.14 8.29 54.12
N ARG L 208 -78.38 8.71 53.85
CA ARG L 208 -79.55 8.10 54.47
C ARG L 208 -79.72 6.68 53.95
N PHE L 209 -79.54 6.51 52.64
CA PHE L 209 -79.51 5.17 52.01
C PHE L 209 -78.47 4.29 52.71
N LEU L 210 -77.25 4.80 52.89
CA LEU L 210 -76.22 4.00 53.56
C LEU L 210 -76.66 3.63 54.99
N THR L 211 -77.12 4.62 55.73
CA THR L 211 -77.54 4.41 57.13
C THR L 211 -78.70 3.42 57.28
N ASP L 212 -79.66 3.52 56.37
CA ASP L 212 -80.79 2.63 56.38
C ASP L 212 -80.33 1.18 56.21
N TRP L 213 -79.47 0.95 55.23
CA TRP L 213 -78.90 -0.37 55.03
C TRP L 213 -77.92 -0.87 56.12
N ILE L 214 -77.14 0.04 56.71
CA ILE L 214 -76.33 -0.31 57.87
C ILE L 214 -77.25 -0.79 58.99
N GLU L 215 -78.35 -0.07 59.17
CA GLU L 215 -79.32 -0.40 60.21
C GLU L 215 -79.94 -1.76 59.94
N ARG L 216 -80.29 -1.99 58.68
CA ARG L 216 -80.93 -3.21 58.26
C ARG L 216 -79.99 -4.44 58.32
N MET L 217 -78.75 -4.29 57.85
CA MET L 217 -77.86 -5.46 57.68
C MET L 217 -76.89 -5.76 58.83
N ASP L 218 -76.63 -4.74 59.63
CA ASP L 218 -75.55 -4.68 60.64
C ASP L 218 -74.26 -5.22 59.98
N PRO L 219 -73.78 -4.54 58.91
CA PRO L 219 -72.67 -5.12 58.11
C PRO L 219 -71.35 -5.03 58.86
N VAL L 220 -70.46 -6.02 58.71
CA VAL L 220 -69.10 -5.92 59.29
C VAL L 220 -68.18 -4.91 58.54
N TYR L 221 -68.49 -4.62 57.28
CA TYR L 221 -67.79 -3.64 56.45
C TYR L 221 -68.66 -3.31 55.24
N MET L 222 -68.36 -2.20 54.58
CA MET L 222 -68.98 -1.86 53.28
C MET L 222 -67.93 -2.08 52.20
N ALA L 223 -68.35 -2.59 51.05
CA ALA L 223 -67.41 -3.11 50.06
C ALA L 223 -67.70 -2.59 48.66
N VAL L 224 -66.64 -2.52 47.85
CA VAL L 224 -66.76 -2.17 46.43
C VAL L 224 -65.60 -2.85 45.68
N SER L 225 -65.87 -3.27 44.46
CA SER L 225 -64.81 -3.71 43.55
C SER L 225 -64.56 -2.63 42.50
N LEU L 226 -63.28 -2.43 42.16
CA LEU L 226 -62.86 -1.21 41.46
C LEU L 226 -61.89 -1.57 40.35
N PRO L 227 -61.93 -0.80 39.26
CA PRO L 227 -61.15 -1.13 38.09
C PRO L 227 -59.69 -0.71 38.26
N PRO L 228 -58.80 -1.15 37.34
CA PRO L 228 -57.37 -0.76 37.37
C PRO L 228 -57.15 0.74 37.33
N THR L 229 -58.09 1.46 36.69
CA THR L 229 -58.02 2.91 36.51
C THR L 229 -58.46 3.70 37.75
N PHE L 230 -58.83 2.99 38.81
CA PHE L 230 -59.33 3.64 40.03
C PHE L 230 -58.42 4.74 40.57
N SER L 231 -59.00 5.90 40.77
CA SER L 231 -58.22 7.03 41.24
C SER L 231 -59.04 7.79 42.30
N PHE L 232 -58.32 8.42 43.22
CA PHE L 232 -58.99 9.21 44.26
C PHE L 232 -57.99 10.20 44.82
N PRO L 233 -58.41 11.47 44.98
CA PRO L 233 -59.74 12.03 44.69
C PRO L 233 -60.05 12.06 43.23
N GLU L 234 -61.33 12.17 42.93
CA GLU L 234 -61.78 12.25 41.55
C GLU L 234 -63.10 12.98 41.50
N GLU L 235 -63.19 13.94 40.58
CA GLU L 235 -64.45 14.60 40.28
C GLU L 235 -65.28 13.71 39.38
N SER L 236 -65.90 12.72 39.99
CA SER L 236 -66.76 11.77 39.31
C SER L 236 -67.83 11.46 40.35
N ASN L 237 -68.87 10.75 39.98
CA ASN L 237 -69.84 10.37 41.00
C ASN L 237 -69.17 9.48 42.05
N ARG L 238 -68.36 8.51 41.60
CA ARG L 238 -67.69 7.66 42.56
C ARG L 238 -66.86 8.48 43.58
N GLY L 239 -66.06 9.42 43.07
CA GLY L 239 -65.19 10.23 43.90
C GLY L 239 -65.94 11.06 44.92
N ARG L 240 -67.07 11.63 44.50
CA ARG L 240 -67.85 12.49 45.40
C ARG L 240 -68.65 11.72 46.44
N ILE L 241 -69.17 10.57 46.03
CA ILE L 241 -69.92 9.76 46.97
C ILE L 241 -68.99 9.19 48.06
N ILE L 242 -67.82 8.69 47.66
CA ILE L 242 -66.84 8.24 48.64
C ILE L 242 -66.47 9.39 49.59
N ARG L 243 -66.10 10.54 49.06
CA ARG L 243 -65.65 11.68 49.89
C ARG L 243 -66.75 12.18 50.83
N ASP L 244 -67.95 12.38 50.27
CA ASP L 244 -69.00 13.11 50.97
C ASP L 244 -69.98 12.23 51.71
N CYS L 245 -70.11 10.97 51.30
CA CYS L 245 -71.12 10.13 51.91
C CYS L 245 -70.50 8.91 52.61
N LEU L 246 -69.76 8.10 51.86
CA LEU L 246 -69.33 6.78 52.36
C LEU L 246 -68.37 6.97 53.55
N LEU L 247 -67.34 7.78 53.35
CA LEU L 247 -66.31 7.90 54.38
C LEU L 247 -66.85 8.48 55.70
N PRO L 248 -67.55 9.65 55.63
CA PRO L 248 -68.18 10.13 56.87
C PRO L 248 -69.04 9.12 57.57
N VAL L 249 -69.92 8.43 56.86
CA VAL L 249 -70.80 7.42 57.45
C VAL L 249 -69.95 6.30 58.07
N ALA L 250 -68.96 5.81 57.31
CA ALA L 250 -68.09 4.73 57.81
C ALA L 250 -67.36 5.13 59.08
N GLU L 251 -66.83 6.36 59.11
CA GLU L 251 -66.18 6.87 60.31
C GLU L 251 -67.12 6.93 61.50
N LYS L 252 -68.31 7.49 61.27
CA LYS L 252 -69.30 7.66 62.32
C LYS L 252 -69.74 6.33 62.93
N HIS L 253 -69.89 5.31 62.09
CA HIS L 253 -70.28 4.00 62.57
C HIS L 253 -69.09 3.08 62.85
N ASN L 254 -67.87 3.55 62.58
CA ASN L 254 -66.66 2.78 62.77
C ASN L 254 -66.69 1.43 62.03
N ILE L 255 -67.11 1.51 60.77
CA ILE L 255 -67.22 0.37 59.87
C ILE L 255 -66.09 0.57 58.82
N PRO L 256 -65.23 -0.47 58.64
CA PRO L 256 -64.28 -0.39 57.52
C PRO L 256 -64.92 -0.37 56.13
N PHE L 257 -64.16 0.22 55.21
CA PHE L 257 -64.47 0.28 53.77
C PHE L 257 -63.53 -0.74 53.10
N ALA L 258 -64.09 -1.79 52.49
CA ALA L 258 -63.30 -2.77 51.75
C ALA L 258 -63.25 -2.39 50.27
N MET L 259 -62.04 -2.37 49.72
CA MET L 259 -61.85 -2.09 48.30
C MET L 259 -61.15 -3.25 47.65
N MET L 260 -61.79 -3.81 46.65
CA MET L 260 -61.24 -4.94 45.91
C MET L 260 -60.85 -4.41 44.53
N ILE L 261 -59.54 -4.21 44.33
CA ILE L 261 -59.12 -3.31 43.26
C ILE L 261 -58.43 -4.07 42.13
N GLY L 262 -58.86 -3.83 40.88
CA GLY L 262 -58.09 -4.32 39.76
C GLY L 262 -58.87 -5.13 38.73
N VAL L 263 -60.18 -5.30 38.91
CA VAL L 263 -60.96 -6.18 37.99
C VAL L 263 -61.43 -5.33 36.81
N LYS L 264 -61.24 -5.86 35.59
CA LYS L 264 -61.63 -5.18 34.37
C LYS L 264 -62.83 -5.98 33.87
N LYS L 265 -64.01 -5.38 34.00
CA LYS L 265 -65.26 -6.13 33.79
C LYS L 265 -65.55 -6.40 32.32
N ARG L 266 -66.00 -7.63 32.05
CA ARG L 266 -66.66 -8.02 30.81
C ARG L 266 -65.85 -7.71 29.55
N VAL L 267 -64.59 -8.14 29.53
CA VAL L 267 -63.78 -8.09 28.30
C VAL L 267 -64.20 -9.14 27.27
N HIS L 268 -64.91 -10.16 27.76
CA HIS L 268 -65.49 -11.22 26.94
C HIS L 268 -66.89 -11.36 27.48
N PRO L 269 -67.79 -10.48 27.02
CA PRO L 269 -69.13 -10.42 27.60
C PRO L 269 -69.86 -11.76 27.55
N ALA L 270 -69.75 -12.49 26.44
CA ALA L 270 -70.47 -13.80 26.28
C ALA L 270 -70.12 -14.85 27.36
N LEU L 271 -68.99 -14.68 28.04
CA LEU L 271 -68.61 -15.57 29.14
C LEU L 271 -69.31 -15.34 30.51
N GLY L 272 -70.10 -14.28 30.64
CA GLY L 272 -70.71 -13.98 31.93
C GLY L 272 -69.69 -13.59 32.98
N ASP L 273 -69.79 -14.20 34.17
CA ASP L 273 -68.82 -13.93 35.23
C ASP L 273 -67.44 -14.46 34.87
N ALA L 274 -67.34 -15.40 33.91
CA ALA L 274 -66.03 -15.85 33.39
C ALA L 274 -65.38 -14.86 32.38
N GLY L 275 -65.99 -13.70 32.21
CA GLY L 275 -65.53 -12.76 31.18
C GLY L 275 -64.74 -11.59 31.73
N ASP L 276 -64.38 -11.62 33.02
CA ASP L 276 -63.70 -10.46 33.63
C ASP L 276 -62.20 -10.68 33.57
N PHE L 277 -61.46 -9.59 33.39
CA PHE L 277 -59.99 -9.63 33.27
C PHE L 277 -59.35 -8.77 34.41
N VAL L 278 -58.06 -8.48 34.30
CA VAL L 278 -57.29 -7.84 35.39
C VAL L 278 -56.37 -6.75 34.83
N GLY L 279 -56.06 -5.76 35.67
CA GLY L 279 -55.06 -4.79 35.33
C GLY L 279 -54.38 -4.32 36.59
N LYS L 280 -53.14 -3.88 36.45
CA LYS L 280 -52.43 -3.24 37.55
C LYS L 280 -53.00 -1.84 37.79
N ALA L 281 -53.18 -1.52 39.07
CA ALA L 281 -53.69 -0.20 39.45
C ALA L 281 -52.57 0.68 40.01
N SER L 282 -52.76 2.00 39.97
CA SER L 282 -51.92 2.91 40.74
C SER L 282 -52.28 2.73 42.22
N MET L 283 -51.29 2.85 43.09
CA MET L 283 -51.53 2.86 44.53
C MET L 283 -51.88 4.27 45.06
N ASP L 284 -51.77 5.30 44.20
CA ASP L 284 -51.97 6.70 44.64
C ASP L 284 -53.31 6.94 45.33
N GLY L 285 -54.39 6.39 44.76
CA GLY L 285 -55.74 6.56 45.37
C GLY L 285 -55.83 5.93 46.74
N VAL L 286 -55.21 4.77 46.90
CA VAL L 286 -55.29 4.07 48.17
C VAL L 286 -54.43 4.81 49.17
N GLU L 287 -53.24 5.22 48.72
CA GLU L 287 -52.32 5.96 49.55
C GLU L 287 -53.03 7.23 50.05
N HIS L 288 -53.69 7.96 49.15
CA HIS L 288 -54.45 9.18 49.56
C HIS L 288 -55.49 8.90 50.62
N LEU L 289 -56.34 7.92 50.36
CA LEU L 289 -57.41 7.54 51.31
C LEU L 289 -56.85 7.23 52.70
N LEU L 290 -55.83 6.37 52.76
CA LEU L 290 -55.19 6.04 54.03
C LEU L 290 -54.65 7.23 54.80
N ARG L 291 -53.88 8.07 54.11
CA ARG L 291 -53.25 9.22 54.73
C ARG L 291 -54.25 10.28 55.16
N GLU L 292 -55.20 10.59 54.28
CA GLU L 292 -56.06 11.77 54.47
C GLU L 292 -57.29 11.44 55.28
N TYR L 293 -57.57 10.15 55.45
CA TYR L 293 -58.68 9.66 56.29
C TYR L 293 -58.22 8.72 57.43
N PRO L 294 -57.41 9.25 58.38
CA PRO L 294 -56.78 8.42 59.42
C PRO L 294 -57.78 7.84 60.40
N ASN L 295 -58.99 8.39 60.42
CA ASN L 295 -60.03 7.88 61.30
C ASN L 295 -60.96 6.91 60.57
N ASN L 296 -60.63 6.61 59.31
CA ASN L 296 -61.31 5.54 58.58
C ASN L 296 -60.41 4.32 58.48
N LYS L 297 -61.04 3.16 58.38
CA LYS L 297 -60.32 1.87 58.29
C LYS L 297 -60.60 1.28 56.94
N PHE L 298 -59.56 0.71 56.33
CA PHE L 298 -59.68 0.22 54.97
C PHE L 298 -59.18 -1.22 54.91
N LEU L 299 -60.02 -2.09 54.37
CA LEU L 299 -59.62 -3.45 53.99
C LEU L 299 -59.37 -3.47 52.49
N VAL L 300 -58.20 -3.97 52.06
CA VAL L 300 -57.85 -3.91 50.63
C VAL L 300 -57.31 -5.26 50.16
N THR L 301 -57.79 -5.69 49.00
CA THR L 301 -57.23 -6.83 48.29
C THR L 301 -57.10 -6.36 46.84
N MET L 302 -56.03 -6.79 46.15
CA MET L 302 -55.83 -6.34 44.76
C MET L 302 -55.68 -7.53 43.84
N LEU L 303 -56.05 -7.33 42.56
CA LEU L 303 -56.15 -8.45 41.63
C LEU L 303 -54.87 -8.75 40.81
N SER L 304 -54.07 -7.72 40.56
CA SER L 304 -52.82 -7.87 39.75
C SER L 304 -51.69 -8.44 40.57
N ARG L 305 -50.96 -9.37 39.98
CA ARG L 305 -49.77 -9.94 40.66
C ARG L 305 -48.79 -8.78 40.94
N GLU L 306 -48.75 -7.81 40.02
CA GLU L 306 -47.75 -6.73 40.07
C GLU L 306 -48.10 -5.62 41.05
N ASN L 307 -49.28 -5.71 41.67
CA ASN L 307 -49.60 -4.81 42.79
C ASN L 307 -49.25 -5.39 44.18
N GLN L 308 -48.86 -6.68 44.27
CA GLN L 308 -48.89 -7.31 45.57
C GLN L 308 -47.78 -6.82 46.50
N HIS L 309 -46.56 -6.72 45.97
CA HIS L 309 -45.43 -6.28 46.82
C HIS L 309 -45.65 -4.86 47.34
N GLU L 310 -46.07 -3.95 46.46
CA GLU L 310 -46.23 -2.54 46.89
C GLU L 310 -47.44 -2.39 47.82
N LEU L 311 -48.44 -3.25 47.64
CA LEU L 311 -49.54 -3.29 48.61
C LEU L 311 -49.01 -3.65 50.04
N VAL L 312 -48.11 -4.64 50.10
CA VAL L 312 -47.49 -4.98 51.39
C VAL L 312 -46.76 -3.77 51.99
N VAL L 313 -45.99 -3.07 51.16
CA VAL L 313 -45.21 -1.93 51.64
C VAL L 313 -46.16 -0.84 52.17
N LEU L 314 -47.28 -0.67 51.47
CA LEU L 314 -48.25 0.35 51.86
C LEU L 314 -48.84 0.02 53.22
N ALA L 315 -49.07 -1.26 53.52
CA ALA L 315 -49.51 -1.68 54.88
C ALA L 315 -48.46 -1.35 55.97
N ARG L 316 -47.16 -1.43 55.64
CA ARG L 316 -46.11 -0.97 56.55
C ARG L 316 -46.26 0.49 56.91
N LYS L 317 -46.79 1.29 55.97
CA LYS L 317 -46.88 2.74 56.17
C LYS L 317 -48.09 3.15 56.97
N PHE L 318 -49.18 2.37 56.87
CA PHE L 318 -50.51 2.75 57.45
C PHE L 318 -51.21 1.70 58.26
N SER L 319 -51.38 1.99 59.56
CA SER L 319 -52.06 1.03 60.44
C SER L 319 -53.58 0.97 60.28
N ASN L 320 -54.16 1.95 59.57
CA ASN L 320 -55.59 1.88 59.19
C ASN L 320 -55.81 1.10 57.88
N LEU L 321 -54.73 0.53 57.35
CA LEU L 321 -54.83 -0.44 56.27
C LEU L 321 -54.71 -1.89 56.80
N MET L 322 -55.68 -2.73 56.47
CA MET L 322 -55.57 -4.17 56.69
C MET L 322 -55.67 -4.84 55.33
N ILE L 323 -54.62 -5.54 54.96
CA ILE L 323 -54.68 -6.23 53.66
C ILE L 323 -55.17 -7.64 53.86
N PHE L 324 -55.88 -8.17 52.88
CA PHE L 324 -56.42 -9.51 53.02
C PHE L 324 -56.39 -10.31 51.76
N GLY L 325 -56.07 -11.61 51.93
CA GLY L 325 -56.45 -12.62 50.94
C GLY L 325 -55.68 -12.62 49.65
N CYS L 326 -55.84 -13.70 48.91
CA CYS L 326 -55.28 -13.81 47.61
C CYS L 326 -56.48 -13.99 46.67
N TRP L 327 -56.89 -12.88 46.07
CA TRP L 327 -58.15 -12.81 45.40
C TRP L 327 -58.03 -13.41 43.99
N TRP L 328 -58.86 -14.43 43.71
CA TRP L 328 -59.26 -14.78 42.33
C TRP L 328 -58.06 -15.25 41.48
N PHE L 329 -57.54 -14.39 40.60
CA PHE L 329 -56.38 -14.79 39.76
C PHE L 329 -55.11 -14.88 40.61
N MET L 330 -55.20 -14.39 41.87
CA MET L 330 -54.10 -14.54 42.82
C MET L 330 -54.25 -15.85 43.62
N ASN L 331 -55.39 -16.52 43.49
CA ASN L 331 -55.69 -17.64 44.39
C ASN L 331 -55.22 -18.96 43.80
N ASN L 332 -53.91 -18.99 43.46
CA ASN L 332 -53.24 -20.15 42.86
C ASN L 332 -51.96 -20.41 43.68
N PRO L 333 -51.62 -21.68 43.93
CA PRO L 333 -50.44 -22.00 44.84
C PRO L 333 -49.18 -21.17 44.62
N GLU L 334 -48.81 -20.96 43.37
CA GLU L 334 -47.58 -20.24 43.11
C GLU L 334 -47.66 -18.80 43.66
N ILE L 335 -48.81 -18.16 43.49
CA ILE L 335 -49.02 -16.81 43.91
C ILE L 335 -49.34 -16.73 45.41
N ILE L 336 -50.18 -17.63 45.93
CA ILE L 336 -50.49 -17.65 47.39
C ILE L 336 -49.18 -17.75 48.19
N ASN L 337 -48.26 -18.59 47.70
CA ASN L 337 -46.99 -18.78 48.38
C ASN L 337 -46.14 -17.50 48.36
N GLU L 338 -45.93 -16.92 47.18
CA GLU L 338 -45.08 -15.72 47.16
C GLU L 338 -45.72 -14.59 47.97
N MET L 339 -47.05 -14.46 47.90
CA MET L 339 -47.73 -13.36 48.57
C MET L 339 -47.63 -13.54 50.08
N THR L 340 -47.84 -14.76 50.56
CA THR L 340 -47.90 -15.00 52.00
C THR L 340 -46.47 -14.78 52.55
N ARG L 341 -45.47 -15.21 51.79
CA ARG L 341 -44.06 -15.02 52.25
C ARG L 341 -43.69 -13.54 52.28
N MET L 342 -43.92 -12.80 51.21
CA MET L 342 -43.67 -11.35 51.26
C MET L 342 -44.42 -10.68 52.42
N ARG L 343 -45.67 -11.06 52.60
CA ARG L 343 -46.49 -10.45 53.63
C ARG L 343 -45.90 -10.70 55.02
N MET L 344 -45.56 -11.94 55.32
CA MET L 344 -45.02 -12.24 56.66
C MET L 344 -43.68 -11.63 56.88
N GLU L 345 -42.85 -11.61 55.84
CA GLU L 345 -41.51 -11.01 55.94
C GLU L 345 -41.56 -9.53 56.31
N MET L 346 -42.54 -8.82 55.76
CA MET L 346 -42.68 -7.37 55.95
C MET L 346 -43.70 -6.93 56.99
N LEU L 347 -44.60 -7.84 57.40
CA LEU L 347 -45.70 -7.49 58.30
C LEU L 347 -45.80 -8.40 59.52
N GLY L 348 -44.91 -9.38 59.61
CA GLY L 348 -45.03 -10.38 60.68
C GLY L 348 -46.40 -11.04 60.60
N THR L 349 -47.18 -10.97 61.67
CA THR L 349 -48.51 -11.57 61.70
C THR L 349 -49.64 -10.54 61.54
N SER L 350 -49.29 -9.32 61.14
CA SER L 350 -50.30 -8.23 61.08
C SER L 350 -51.03 -8.12 59.74
N PHE L 351 -51.59 -9.23 59.29
CA PHE L 351 -52.38 -9.27 58.07
C PHE L 351 -53.34 -10.46 58.07
N ILE L 352 -54.27 -10.49 57.12
CA ILE L 352 -55.24 -11.59 56.96
C ILE L 352 -54.79 -12.37 55.70
N PRO L 353 -54.18 -13.56 55.89
CA PRO L 353 -53.60 -14.21 54.71
C PRO L 353 -54.59 -14.64 53.65
N GLN L 354 -55.81 -15.02 53.99
CA GLN L 354 -56.68 -15.64 53.01
C GLN L 354 -58.17 -15.43 53.33
N HIS L 355 -58.95 -15.43 52.24
CA HIS L 355 -60.43 -15.56 52.25
C HIS L 355 -60.73 -16.49 51.10
N SER L 356 -61.93 -17.08 51.05
CA SER L 356 -62.22 -18.06 50.02
C SER L 356 -62.92 -17.47 48.78
N ASP L 357 -63.69 -16.39 48.95
CA ASP L 357 -64.57 -15.89 47.86
C ASP L 357 -65.50 -17.01 47.32
N ALA L 358 -65.88 -17.96 48.17
CA ALA L 358 -66.63 -19.13 47.75
C ALA L 358 -67.97 -18.67 47.18
N ARG L 359 -68.29 -19.14 45.98
CA ARG L 359 -69.60 -18.91 45.36
C ARG L 359 -70.48 -20.13 45.54
N VAL L 360 -69.86 -21.29 45.72
CA VAL L 360 -70.58 -22.55 45.92
C VAL L 360 -70.11 -23.08 47.28
N LEU L 361 -71.07 -23.48 48.13
CA LEU L 361 -70.80 -23.83 49.51
C LEU L 361 -69.61 -24.76 49.71
N GLU L 362 -69.56 -25.85 48.93
CA GLU L 362 -68.56 -26.90 49.14
C GLU L 362 -67.14 -26.39 48.88
N GLN L 363 -67.05 -25.26 48.19
CA GLN L 363 -65.72 -24.68 47.91
C GLN L 363 -64.97 -24.29 49.17
N LEU L 364 -65.68 -24.08 50.28
CA LEU L 364 -65.01 -23.83 51.54
C LEU L 364 -64.01 -24.92 51.87
N ILE L 365 -64.35 -26.13 51.49
CA ILE L 365 -63.52 -27.28 51.79
C ILE L 365 -62.16 -27.11 51.08
N TYR L 366 -62.16 -26.94 49.76
CA TYR L 366 -60.86 -26.90 49.03
C TYR L 366 -60.15 -25.60 49.23
N LYS L 367 -60.90 -24.49 49.30
CA LYS L 367 -60.26 -23.18 49.42
C LYS L 367 -59.44 -23.12 50.70
N TRP L 368 -60.04 -23.57 51.81
CA TRP L 368 -59.31 -23.64 53.07
C TRP L 368 -58.26 -24.75 53.15
N HIS L 369 -58.55 -25.96 52.67
CA HIS L 369 -57.53 -27.06 52.74
C HIS L 369 -56.27 -26.61 51.96
N HIS L 370 -56.48 -26.14 50.73
CA HIS L 370 -55.32 -25.85 49.84
C HIS L 370 -54.53 -24.67 50.42
N SER L 371 -55.23 -23.67 50.93
CA SER L 371 -54.59 -22.51 51.51
C SER L 371 -53.89 -22.79 52.83
N LYS L 372 -54.53 -23.59 53.69
CA LYS L 372 -53.94 -23.87 55.03
C LYS L 372 -52.62 -24.60 54.85
N SER L 373 -52.54 -25.52 53.87
CA SER L 373 -51.33 -26.29 53.75
C SER L 373 -50.16 -25.36 53.41
N ILE L 374 -50.41 -24.41 52.51
CA ILE L 374 -49.37 -23.39 52.16
C ILE L 374 -49.04 -22.47 53.32
N ILE L 375 -50.04 -21.95 54.01
CA ILE L 375 -49.77 -21.08 55.15
C ILE L 375 -49.00 -21.80 56.27
N ALA L 376 -49.30 -23.06 56.50
CA ALA L 376 -48.54 -23.86 57.46
C ALA L 376 -47.07 -23.97 57.04
N GLU L 377 -46.81 -24.22 55.77
CA GLU L 377 -45.42 -24.33 55.28
C GLU L 377 -44.68 -23.02 55.56
N VAL L 378 -45.31 -21.90 55.25
CA VAL L 378 -44.68 -20.57 55.48
C VAL L 378 -44.38 -20.36 56.98
N LEU L 379 -45.39 -20.61 57.83
CA LEU L 379 -45.23 -20.52 59.30
C LEU L 379 -44.05 -21.39 59.76
N ILE L 380 -44.03 -22.65 59.32
CA ILE L 380 -42.90 -23.55 59.71
C ILE L 380 -41.52 -22.93 59.41
N ASP L 381 -41.34 -22.42 58.19
CA ASP L 381 -40.06 -21.83 57.78
C ASP L 381 -39.72 -20.64 58.68
N LYS L 382 -40.73 -19.82 58.93
CA LYS L 382 -40.53 -18.60 59.70
C LYS L 382 -40.17 -18.88 61.15
N TYR L 383 -40.89 -19.81 61.76
CA TYR L 383 -40.56 -20.22 63.13
C TYR L 383 -39.21 -20.90 63.15
N ASP L 384 -38.95 -21.76 62.18
CA ASP L 384 -37.64 -22.42 62.13
C ASP L 384 -36.48 -21.43 62.04
N ASP L 385 -36.68 -20.34 61.29
CA ASP L 385 -35.66 -19.34 61.17
C ASP L 385 -35.34 -18.69 62.52
N ILE L 386 -36.36 -18.36 63.31
CA ILE L 386 -36.09 -17.72 64.61
C ILE L 386 -35.63 -18.71 65.65
N LEU L 387 -36.04 -19.98 65.54
CA LEU L 387 -35.45 -21.04 66.36
C LEU L 387 -33.96 -21.14 66.10
N GLN L 388 -33.54 -21.06 64.82
CA GLN L 388 -32.11 -21.12 64.46
CA GLN L 388 -32.11 -21.12 64.48
C GLN L 388 -31.34 -19.97 65.09
N ALA L 389 -32.04 -18.84 65.27
CA ALA L 389 -31.45 -17.60 65.80
C ALA L 389 -31.44 -17.64 67.33
N GLY L 390 -31.94 -18.74 67.88
CA GLY L 390 -31.85 -19.01 69.31
C GLY L 390 -33.11 -18.73 70.07
N TRP L 391 -34.14 -18.26 69.37
CA TRP L 391 -35.45 -18.03 70.02
C TRP L 391 -36.15 -19.32 70.38
N GLU L 392 -36.94 -19.26 71.44
CA GLU L 392 -37.68 -20.41 71.90
C GLU L 392 -39.17 -20.18 71.68
N VAL L 393 -39.80 -21.04 70.90
CA VAL L 393 -41.22 -20.88 70.68
C VAL L 393 -42.04 -21.97 71.35
N THR L 394 -43.20 -21.57 71.87
CA THR L 394 -44.08 -22.48 72.60
C THR L 394 -45.32 -22.74 71.76
N GLU L 395 -45.97 -23.86 72.02
CA GLU L 395 -47.16 -24.22 71.27
C GLU L 395 -48.29 -23.22 71.52
N GLU L 396 -48.33 -22.64 72.71
CA GLU L 396 -49.37 -21.65 72.97
C GLU L 396 -49.15 -20.39 72.13
N GLU L 397 -47.88 -20.03 71.93
CA GLU L 397 -47.53 -18.87 71.10
C GLU L 397 -47.92 -19.17 69.64
N ILE L 398 -47.63 -20.38 69.18
CA ILE L 398 -48.02 -20.76 67.81
C ILE L 398 -49.55 -20.68 67.69
N LYS L 399 -50.27 -21.24 68.65
CA LYS L 399 -51.75 -21.22 68.58
C LYS L 399 -52.30 -19.80 68.58
N ARG L 400 -51.63 -18.88 69.29
CA ARG L 400 -52.05 -17.49 69.36
C ARG L 400 -51.86 -16.88 67.98
N ASP L 401 -50.65 -17.02 67.44
CA ASP L 401 -50.32 -16.44 66.10
C ASP L 401 -51.30 -16.92 65.00
N VAL L 402 -51.60 -18.21 65.01
CA VAL L 402 -52.49 -18.82 64.04
C VAL L 402 -53.91 -18.26 64.21
N ALA L 403 -54.33 -18.09 65.46
CA ALA L 403 -55.65 -17.49 65.69
C ALA L 403 -55.70 -16.06 65.14
N ASP L 404 -54.60 -15.30 65.27
CA ASP L 404 -54.55 -13.91 64.77
C ASP L 404 -54.77 -13.95 63.24
N LEU L 405 -54.01 -14.81 62.59
CA LEU L 405 -54.07 -14.91 61.12
C LEU L 405 -55.45 -15.30 60.60
N PHE L 406 -56.06 -16.30 61.22
CA PHE L 406 -57.26 -16.92 60.65
C PHE L 406 -58.58 -16.33 61.17
N SER L 407 -58.51 -15.47 62.18
CA SER L 407 -59.75 -15.00 62.82
C SER L 407 -59.58 -13.67 63.54
N ARG L 408 -58.66 -13.60 64.49
CA ARG L 408 -58.65 -12.47 65.39
C ARG L 408 -58.30 -11.18 64.72
N ASN L 409 -57.41 -11.21 63.72
CA ASN L 409 -56.99 -9.96 63.10
C ASN L 409 -58.16 -9.28 62.42
N PHE L 410 -59.06 -10.07 61.87
CA PHE L 410 -60.23 -9.54 61.19
C PHE L 410 -61.18 -8.90 62.21
N TRP L 411 -61.51 -9.65 63.24
CA TRP L 411 -62.49 -9.16 64.22
C TRP L 411 -61.96 -7.94 64.95
N ARG L 412 -60.66 -7.91 65.24
CA ARG L 412 -60.07 -6.76 65.92
C ARG L 412 -60.13 -5.54 64.98
N PHE L 413 -59.90 -5.75 63.69
CA PHE L 413 -59.90 -4.64 62.77
C PHE L 413 -61.27 -4.03 62.56
N VAL L 414 -62.28 -4.87 62.48
CA VAL L 414 -63.65 -4.40 62.18
C VAL L 414 -64.36 -3.97 63.46
N GLY L 415 -63.77 -4.28 64.61
CA GLY L 415 -64.31 -3.87 65.90
C GLY L 415 -65.52 -4.68 66.31
N ARG L 416 -65.52 -5.96 65.97
CA ARG L 416 -66.72 -6.79 66.16
C ARG L 416 -66.36 -8.12 66.75
N ASN L 417 -67.39 -8.95 66.99
CA ASN L 417 -67.28 -10.26 67.64
C ASN L 417 -67.75 -11.41 66.73
N ASP L 418 -67.11 -12.56 66.86
CA ASP L 418 -67.49 -13.75 66.10
C ASP L 418 -68.73 -14.53 66.63
N HIS L 419 -68.87 -14.61 67.95
CA HIS L 419 -69.90 -15.44 68.68
C HIS L 419 -69.36 -16.76 69.24
#